data_1KS0
#
_entry.id   1KS0
#
_entity_poly.entity_id   1
_entity_poly.type   'polypeptide(L)'
_entity_poly.pdbx_seq_one_letter_code
;RIPVKYGNADGEYCKFPFLFNGKEYNSCTDTGRSDGFLWCSTTYNFEKDGKYGFCPHEALFTM
;
_entity_poly.pdbx_strand_id   A
#
# COMPACT_ATOMS: atom_id res chain seq x y z
N ARG A 1 -5.59 13.65 0.10
CA ARG A 1 -4.94 12.32 0.23
C ARG A 1 -5.33 11.43 -0.95
N ILE A 2 -6.37 10.60 -0.74
CA ILE A 2 -6.90 9.65 -1.75
C ILE A 2 -5.78 8.96 -2.57
N PRO A 3 -4.85 8.28 -1.89
CA PRO A 3 -3.73 7.62 -2.53
C PRO A 3 -3.96 6.12 -2.76
N VAL A 4 -5.18 5.66 -2.54
CA VAL A 4 -5.52 4.25 -2.70
C VAL A 4 -6.80 4.08 -3.52
N LYS A 5 -6.80 3.10 -4.42
CA LYS A 5 -7.99 2.85 -5.21
C LYS A 5 -8.24 1.34 -5.35
N TYR A 6 -7.49 0.70 -6.25
CA TYR A 6 -7.64 -0.73 -6.50
C TYR A 6 -7.19 -1.56 -5.28
N GLY A 7 -7.77 -2.74 -5.12
CA GLY A 7 -7.45 -3.60 -4.00
C GLY A 7 -8.64 -3.82 -3.10
N ASN A 8 -8.39 -4.15 -1.84
CA ASN A 8 -9.49 -4.39 -0.90
C ASN A 8 -9.68 -3.21 0.06
N ALA A 9 -9.13 -2.06 -0.31
CA ALA A 9 -9.24 -0.84 0.47
C ALA A 9 -10.41 -0.01 -0.02
N ASP A 10 -10.24 0.63 -1.18
CA ASP A 10 -11.27 1.47 -1.80
C ASP A 10 -11.73 2.59 -0.87
N GLY A 11 -11.05 3.72 -0.93
CA GLY A 11 -11.42 4.84 -0.08
C GLY A 11 -10.43 5.07 1.03
N GLU A 12 -9.62 4.06 1.34
CA GLU A 12 -8.63 4.17 2.39
C GLU A 12 -7.41 4.96 1.90
N TYR A 13 -6.58 5.39 2.83
CA TYR A 13 -5.43 6.20 2.52
C TYR A 13 -4.12 5.46 2.80
N CYS A 14 -3.03 5.95 2.23
CA CYS A 14 -1.73 5.34 2.44
C CYS A 14 -1.21 5.70 3.82
N LYS A 15 -1.04 4.68 4.66
CA LYS A 15 -0.56 4.89 6.01
C LYS A 15 0.96 4.79 6.02
N PHE A 16 1.60 5.93 6.22
CA PHE A 16 3.05 5.99 6.22
C PHE A 16 3.59 6.27 7.63
N PRO A 17 4.55 5.45 8.09
CA PRO A 17 5.09 4.34 7.33
C PRO A 17 4.39 3.00 7.64
N PHE A 18 4.25 2.15 6.62
CA PHE A 18 3.63 0.85 6.85
C PHE A 18 4.71 -0.21 6.94
N LEU A 19 4.42 -1.30 7.63
CA LEU A 19 5.40 -2.37 7.81
C LEU A 19 5.21 -3.48 6.79
N PHE A 20 6.25 -3.72 5.99
CA PHE A 20 6.22 -4.78 4.99
C PHE A 20 7.37 -5.73 5.23
N ASN A 21 7.07 -6.87 5.83
CA ASN A 21 8.07 -7.89 6.13
C ASN A 21 9.21 -7.36 6.99
N GLY A 22 8.93 -6.33 7.78
CA GLY A 22 9.95 -5.76 8.65
C GLY A 22 10.55 -4.46 8.13
N LYS A 23 10.09 -4.01 6.98
CA LYS A 23 10.59 -2.78 6.39
C LYS A 23 9.49 -1.72 6.32
N GLU A 24 9.75 -0.56 6.89
CA GLU A 24 8.78 0.52 6.89
C GLU A 24 8.96 1.38 5.64
N TYR A 25 7.87 1.59 4.92
CA TYR A 25 7.90 2.41 3.70
C TYR A 25 7.18 3.73 3.93
N ASN A 26 7.82 4.82 3.52
CA ASN A 26 7.22 6.14 3.66
C ASN A 26 6.57 6.55 2.34
N SER A 27 6.34 5.58 1.47
CA SER A 27 5.73 5.82 0.17
C SER A 27 5.21 4.52 -0.44
N CYS A 28 4.74 4.58 -1.68
CA CYS A 28 4.22 3.40 -2.36
C CYS A 28 5.36 2.62 -3.00
N THR A 29 5.39 1.32 -2.77
CA THR A 29 6.43 0.47 -3.33
C THR A 29 5.83 -0.61 -4.21
N ASP A 30 6.63 -1.19 -5.10
CA ASP A 30 6.15 -2.25 -5.98
C ASP A 30 6.69 -3.58 -5.48
N THR A 31 7.23 -3.57 -4.26
CA THR A 31 7.79 -4.77 -3.64
C THR A 31 6.70 -5.81 -3.45
N GLY A 32 7.00 -7.06 -3.73
CA GLY A 32 6.03 -8.12 -3.60
C GLY A 32 5.15 -8.21 -4.83
N ARG A 33 5.15 -7.14 -5.61
CA ARG A 33 4.38 -7.06 -6.85
C ARG A 33 5.28 -7.27 -8.05
N SER A 34 5.17 -8.43 -8.68
CA SER A 34 5.98 -8.71 -9.87
C SER A 34 5.36 -8.04 -11.09
N ASP A 35 4.28 -7.30 -10.86
CA ASP A 35 3.59 -6.59 -11.91
C ASP A 35 4.09 -5.17 -12.04
N GLY A 36 4.92 -4.78 -11.08
CA GLY A 36 5.46 -3.44 -11.07
C GLY A 36 4.45 -2.41 -10.63
N PHE A 37 3.43 -2.85 -9.90
CA PHE A 37 2.39 -1.94 -9.41
C PHE A 37 2.74 -1.41 -8.03
N LEU A 38 2.69 -0.09 -7.89
CA LEU A 38 2.99 0.54 -6.61
C LEU A 38 1.79 0.44 -5.68
N TRP A 39 2.03 0.06 -4.45
CA TRP A 39 0.95 -0.08 -3.49
C TRP A 39 1.36 0.44 -2.12
N CYS A 40 0.41 0.50 -1.22
CA CYS A 40 0.64 0.95 0.14
C CYS A 40 -0.38 0.31 1.05
N SER A 41 -0.18 0.40 2.35
CA SER A 41 -1.12 -0.19 3.28
C SER A 41 -1.82 0.90 4.06
N THR A 42 -2.95 0.55 4.66
CA THR A 42 -3.73 1.48 5.46
C THR A 42 -3.72 1.00 6.91
N THR A 43 -2.84 0.05 7.16
CA THR A 43 -2.67 -0.54 8.49
C THR A 43 -1.20 -0.54 8.87
N TYR A 44 -0.88 -1.07 10.06
CA TYR A 44 0.50 -1.13 10.52
C TYR A 44 1.22 -2.29 9.85
N ASN A 45 0.95 -3.51 10.33
CA ASN A 45 1.56 -4.69 9.75
C ASN A 45 0.66 -5.21 8.64
N PHE A 46 1.09 -5.00 7.39
CA PHE A 46 0.30 -5.41 6.23
C PHE A 46 0.01 -6.91 6.19
N GLU A 47 0.95 -7.73 6.63
CA GLU A 47 0.78 -9.17 6.59
C GLU A 47 -0.41 -9.67 7.44
N LYS A 48 -0.52 -9.21 8.68
CA LYS A 48 -1.59 -9.66 9.56
C LYS A 48 -2.97 -9.14 9.12
N ASP A 49 -3.06 -7.86 8.78
CA ASP A 49 -4.34 -7.28 8.38
C ASP A 49 -4.66 -7.58 6.92
N GLY A 50 -3.77 -7.19 6.02
CA GLY A 50 -3.97 -7.47 4.61
C GLY A 50 -4.66 -6.35 3.84
N LYS A 51 -4.87 -5.21 4.50
CA LYS A 51 -5.51 -4.07 3.84
C LYS A 51 -4.51 -3.31 2.99
N TYR A 52 -4.77 -3.22 1.69
CA TYR A 52 -3.88 -2.54 0.78
C TYR A 52 -4.63 -1.98 -0.41
N GLY A 53 -3.89 -1.31 -1.27
CA GLY A 53 -4.44 -0.75 -2.46
C GLY A 53 -3.37 -0.14 -3.33
N PHE A 54 -3.67 0.08 -4.59
CA PHE A 54 -2.69 0.64 -5.49
C PHE A 54 -2.83 2.15 -5.57
N CYS A 55 -1.69 2.83 -5.49
CA CYS A 55 -1.67 4.29 -5.51
C CYS A 55 -1.87 4.80 -6.93
N PRO A 56 -2.98 5.52 -7.19
CA PRO A 56 -3.28 6.07 -8.51
C PRO A 56 -2.51 7.36 -8.80
N HIS A 57 -1.19 7.25 -8.84
CA HIS A 57 -0.35 8.42 -9.10
C HIS A 57 -0.27 8.66 -10.60
N GLU A 58 0.63 7.98 -11.27
CA GLU A 58 0.77 8.11 -12.71
C GLU A 58 0.05 6.96 -13.42
N ALA A 59 -0.32 7.16 -14.67
CA ALA A 59 -1.02 6.13 -15.43
C ALA A 59 -0.02 5.29 -16.23
N ARG A 1 -4.21 13.83 -1.12
CA ARG A 1 -4.14 12.38 -0.79
C ARG A 1 -5.41 11.67 -1.23
N ILE A 2 -5.31 10.92 -2.33
CA ILE A 2 -6.44 10.20 -2.88
C ILE A 2 -6.83 9.03 -1.99
N PRO A 3 -8.12 8.61 -2.06
CA PRO A 3 -8.65 7.51 -1.26
C PRO A 3 -8.29 6.12 -1.78
N VAL A 4 -7.10 5.99 -2.38
CA VAL A 4 -6.61 4.71 -2.92
C VAL A 4 -7.41 4.32 -4.17
N LYS A 5 -6.88 3.42 -5.00
CA LYS A 5 -7.58 3.03 -6.22
C LYS A 5 -8.15 1.63 -6.12
N TYR A 6 -7.33 0.63 -6.44
CA TYR A 6 -7.77 -0.76 -6.43
C TYR A 6 -7.29 -1.49 -5.19
N GLY A 7 -7.88 -2.66 -4.95
CA GLY A 7 -7.51 -3.49 -3.81
C GLY A 7 -8.67 -3.75 -2.88
N ASN A 8 -8.37 -4.07 -1.63
CA ASN A 8 -9.41 -4.37 -0.65
C ASN A 8 -9.55 -3.27 0.41
N ALA A 9 -8.82 -2.18 0.24
CA ALA A 9 -8.88 -1.05 1.17
C ALA A 9 -10.25 -0.37 1.07
N ASP A 10 -10.80 0.04 2.21
CA ASP A 10 -12.11 0.67 2.23
C ASP A 10 -12.05 2.19 2.13
N GLY A 11 -11.68 2.69 0.95
CA GLY A 11 -11.62 4.12 0.71
C GLY A 11 -10.73 4.89 1.66
N GLU A 12 -9.73 4.22 2.24
CA GLU A 12 -8.82 4.90 3.16
C GLU A 12 -7.65 5.49 2.37
N TYR A 13 -6.56 5.81 3.04
CA TYR A 13 -5.42 6.39 2.37
C TYR A 13 -4.16 5.58 2.63
N CYS A 14 -3.10 5.90 1.89
CA CYS A 14 -1.82 5.24 2.06
C CYS A 14 -1.20 5.70 3.37
N LYS A 15 -1.13 4.79 4.33
CA LYS A 15 -0.60 5.13 5.64
C LYS A 15 0.91 4.98 5.67
N PHE A 16 1.59 6.09 5.91
CA PHE A 16 3.05 6.10 5.93
C PHE A 16 3.56 6.47 7.31
N PRO A 17 4.53 5.71 7.85
CA PRO A 17 5.09 4.54 7.17
C PRO A 17 4.35 3.25 7.51
N PHE A 18 4.31 2.33 6.57
CA PHE A 18 3.65 1.05 6.80
C PHE A 18 4.69 -0.05 6.92
N LEU A 19 4.31 -1.19 7.50
CA LEU A 19 5.24 -2.28 7.69
C LEU A 19 4.98 -3.41 6.71
N PHE A 20 6.02 -3.79 5.96
CA PHE A 20 5.93 -4.85 4.98
C PHE A 20 6.98 -5.91 5.29
N ASN A 21 6.54 -7.00 5.91
CA ASN A 21 7.42 -8.11 6.29
C ASN A 21 8.56 -7.65 7.21
N GLY A 22 8.41 -6.48 7.83
CA GLY A 22 9.43 -5.97 8.72
C GLY A 22 10.08 -4.70 8.24
N LYS A 23 9.85 -4.34 6.99
CA LYS A 23 10.42 -3.12 6.44
C LYS A 23 9.39 -2.01 6.39
N GLU A 24 9.81 -0.80 6.78
CA GLU A 24 8.93 0.35 6.80
C GLU A 24 9.07 1.17 5.52
N TYR A 25 7.95 1.51 4.89
CA TYR A 25 7.96 2.29 3.66
C TYR A 25 7.32 3.66 3.88
N ASN A 26 7.97 4.69 3.37
CA ASN A 26 7.48 6.06 3.50
C ASN A 26 6.71 6.48 2.25
N SER A 27 6.55 5.54 1.32
CA SER A 27 5.83 5.80 0.06
C SER A 27 5.32 4.49 -0.52
N CYS A 28 4.79 4.55 -1.74
CA CYS A 28 4.28 3.35 -2.40
C CYS A 28 5.45 2.52 -2.93
N THR A 29 5.40 1.21 -2.73
CA THR A 29 6.46 0.35 -3.20
C THR A 29 5.92 -0.69 -4.15
N ASP A 30 6.77 -1.21 -5.02
CA ASP A 30 6.36 -2.22 -5.97
C ASP A 30 6.87 -3.57 -5.51
N THR A 31 7.39 -3.60 -4.29
CA THR A 31 7.92 -4.81 -3.69
C THR A 31 6.81 -5.84 -3.52
N GLY A 32 7.14 -7.10 -3.76
CA GLY A 32 6.13 -8.14 -3.66
C GLY A 32 5.39 -8.32 -4.97
N ARG A 33 5.28 -7.22 -5.72
CA ARG A 33 4.61 -7.23 -7.01
C ARG A 33 5.64 -7.42 -8.11
N SER A 34 5.35 -8.28 -9.07
CA SER A 34 6.27 -8.54 -10.16
C SER A 34 5.99 -7.60 -11.33
N ASP A 35 4.82 -6.97 -11.30
CA ASP A 35 4.39 -6.07 -12.36
C ASP A 35 4.93 -4.67 -12.19
N GLY A 36 5.72 -4.47 -11.15
CA GLY A 36 6.26 -3.16 -10.87
C GLY A 36 5.19 -2.18 -10.46
N PHE A 37 4.06 -2.69 -9.99
CA PHE A 37 2.95 -1.85 -9.58
C PHE A 37 3.15 -1.38 -8.15
N LEU A 38 3.10 -0.07 -7.96
CA LEU A 38 3.28 0.51 -6.65
C LEU A 38 2.00 0.40 -5.83
N TRP A 39 2.15 -0.07 -4.60
CA TRP A 39 1.02 -0.23 -3.70
C TRP A 39 1.34 0.36 -2.33
N CYS A 40 0.35 0.42 -1.46
CA CYS A 40 0.55 0.95 -0.13
C CYS A 40 -0.38 0.24 0.84
N SER A 41 0.08 0.03 2.06
CA SER A 41 -0.75 -0.63 3.05
C SER A 41 -1.67 0.39 3.71
N THR A 42 -2.84 -0.04 4.13
CA THR A 42 -3.79 0.87 4.77
C THR A 42 -3.62 0.83 6.28
N THR A 43 -3.03 -0.25 6.75
CA THR A 43 -2.80 -0.42 8.17
C THR A 43 -1.31 -0.32 8.49
N TYR A 44 -0.94 -0.72 9.70
CA TYR A 44 0.45 -0.67 10.11
C TYR A 44 1.15 -1.96 9.70
N ASN A 45 0.59 -3.09 10.11
CA ASN A 45 1.15 -4.38 9.75
C ASN A 45 0.34 -4.99 8.61
N PHE A 46 0.93 -5.04 7.42
CA PHE A 46 0.24 -5.56 6.24
C PHE A 46 -0.07 -7.07 6.36
N GLU A 47 0.82 -7.81 6.98
CA GLU A 47 0.64 -9.27 7.11
C GLU A 47 -0.63 -9.66 7.88
N LYS A 48 -0.88 -9.03 9.02
CA LYS A 48 -2.04 -9.38 9.84
C LYS A 48 -3.36 -8.83 9.30
N ASP A 49 -3.32 -7.65 8.69
CA ASP A 49 -4.55 -7.05 8.17
C ASP A 49 -4.82 -7.43 6.73
N GLY A 50 -3.91 -7.04 5.84
CA GLY A 50 -4.09 -7.37 4.44
C GLY A 50 -4.74 -6.26 3.64
N LYS A 51 -5.04 -5.14 4.29
CA LYS A 51 -5.66 -4.02 3.58
C LYS A 51 -4.60 -3.23 2.82
N TYR A 52 -4.74 -3.20 1.50
CA TYR A 52 -3.79 -2.50 0.65
C TYR A 52 -4.51 -1.86 -0.53
N GLY A 53 -3.75 -1.14 -1.33
CA GLY A 53 -4.29 -0.49 -2.50
C GLY A 53 -3.20 -0.11 -3.46
N PHE A 54 -3.55 0.20 -4.69
CA PHE A 54 -2.56 0.56 -5.68
C PHE A 54 -2.47 2.06 -5.89
N CYS A 55 -1.26 2.53 -6.08
CA CYS A 55 -1.01 3.93 -6.32
C CYS A 55 -0.90 4.15 -7.82
N PRO A 56 -1.85 4.89 -8.41
CA PRO A 56 -1.88 5.13 -9.86
C PRO A 56 -0.78 6.08 -10.33
N HIS A 57 -0.83 6.40 -11.62
CA HIS A 57 0.13 7.32 -12.24
C HIS A 57 -0.08 8.72 -11.67
N GLU A 58 -1.35 9.08 -11.51
CA GLU A 58 -1.71 10.39 -10.97
C GLU A 58 -1.73 10.37 -9.44
N ALA A 59 -0.76 9.69 -8.84
CA ALA A 59 -0.68 9.59 -7.38
C ALA A 59 0.28 10.63 -6.82
N ARG A 1 -11.47 8.32 1.46
CA ARG A 1 -10.15 8.88 1.07
C ARG A 1 -9.95 8.65 -0.43
N ILE A 2 -8.77 9.00 -0.96
CA ILE A 2 -8.53 8.83 -2.39
C ILE A 2 -7.11 8.29 -2.76
N PRO A 3 -6.03 8.51 -1.96
CA PRO A 3 -4.68 8.01 -2.30
C PRO A 3 -4.62 6.50 -2.56
N VAL A 4 -5.60 5.77 -2.04
CA VAL A 4 -5.66 4.34 -2.25
C VAL A 4 -6.79 4.05 -3.23
N LYS A 5 -6.43 3.43 -4.34
CA LYS A 5 -7.39 3.12 -5.38
C LYS A 5 -8.07 1.77 -5.20
N TYR A 6 -7.62 0.81 -5.99
CA TYR A 6 -8.21 -0.52 -6.02
C TYR A 6 -7.60 -1.43 -4.95
N GLY A 7 -8.09 -2.65 -4.89
CA GLY A 7 -7.63 -3.62 -3.90
C GLY A 7 -8.74 -3.93 -2.91
N ASN A 8 -8.37 -4.34 -1.71
CA ASN A 8 -9.39 -4.65 -0.70
C ASN A 8 -9.64 -3.47 0.24
N ALA A 9 -8.96 -2.35 -0.02
CA ALA A 9 -9.11 -1.13 0.73
C ALA A 9 -10.26 -0.32 0.15
N ASP A 10 -10.07 0.10 -1.11
CA ASP A 10 -11.04 0.89 -1.87
C ASP A 10 -11.62 2.02 -1.05
N GLY A 11 -10.90 3.13 -0.98
CA GLY A 11 -11.37 4.27 -0.23
C GLY A 11 -10.52 4.57 0.99
N GLU A 12 -9.49 3.77 1.23
CA GLU A 12 -8.61 3.98 2.37
C GLU A 12 -7.49 4.95 2.03
N TYR A 13 -6.62 5.20 2.99
CA TYR A 13 -5.52 6.12 2.82
C TYR A 13 -4.19 5.42 3.10
N CYS A 14 -3.13 5.87 2.45
CA CYS A 14 -1.83 5.27 2.63
C CYS A 14 -1.21 5.73 3.95
N LYS A 15 -0.95 4.78 4.84
CA LYS A 15 -0.34 5.11 6.12
C LYS A 15 1.17 5.05 5.99
N PHE A 16 1.81 6.19 6.17
CA PHE A 16 3.26 6.29 6.06
C PHE A 16 3.89 6.61 7.40
N PRO A 17 4.82 5.75 7.85
CA PRO A 17 5.24 4.56 7.12
C PRO A 17 4.42 3.32 7.49
N PHE A 18 4.46 2.31 6.63
CA PHE A 18 3.76 1.06 6.89
C PHE A 18 4.77 -0.09 6.94
N LEU A 19 4.42 -1.16 7.63
CA LEU A 19 5.32 -2.31 7.78
C LEU A 19 5.05 -3.40 6.76
N PHE A 20 6.09 -3.77 6.02
CA PHE A 20 6.02 -4.83 5.03
C PHE A 20 7.20 -5.78 5.22
N ASN A 21 6.95 -6.95 5.78
CA ASN A 21 7.99 -7.95 6.02
C ASN A 21 9.17 -7.38 6.80
N GLY A 22 8.88 -6.55 7.81
CA GLY A 22 9.92 -5.98 8.64
C GLY A 22 10.53 -4.69 8.08
N LYS A 23 10.03 -4.24 6.95
CA LYS A 23 10.55 -3.02 6.34
C LYS A 23 9.45 -1.97 6.31
N GLU A 24 9.82 -0.73 6.59
CA GLU A 24 8.85 0.37 6.60
C GLU A 24 9.02 1.25 5.37
N TYR A 25 7.91 1.53 4.70
CA TYR A 25 7.92 2.36 3.50
C TYR A 25 7.26 3.70 3.75
N ASN A 26 7.91 4.76 3.34
CA ASN A 26 7.38 6.12 3.52
C ASN A 26 6.61 6.53 2.27
N SER A 27 6.43 5.58 1.37
CA SER A 27 5.74 5.81 0.12
C SER A 27 5.25 4.49 -0.47
N CYS A 28 4.62 4.55 -1.64
CA CYS A 28 4.13 3.35 -2.30
C CYS A 28 5.28 2.59 -2.95
N THR A 29 5.36 1.30 -2.66
CA THR A 29 6.41 0.46 -3.20
C THR A 29 5.82 -0.57 -4.16
N ASP A 30 6.68 -1.20 -4.95
CA ASP A 30 6.23 -2.22 -5.89
C ASP A 30 6.71 -3.58 -5.43
N THR A 31 7.24 -3.62 -4.21
CA THR A 31 7.76 -4.85 -3.63
C THR A 31 6.61 -5.84 -3.44
N GLY A 32 6.88 -7.11 -3.73
CA GLY A 32 5.85 -8.11 -3.59
C GLY A 32 5.00 -8.22 -4.84
N ARG A 33 4.87 -7.09 -5.54
CA ARG A 33 4.10 -7.02 -6.77
C ARG A 33 4.97 -7.46 -7.94
N SER A 34 4.52 -8.44 -8.69
CA SER A 34 5.27 -8.93 -9.83
C SER A 34 5.10 -8.01 -11.04
N ASP A 35 4.10 -7.12 -10.96
CA ASP A 35 3.81 -6.20 -12.04
C ASP A 35 4.48 -4.85 -11.87
N GLY A 36 5.30 -4.72 -10.84
CA GLY A 36 5.97 -3.45 -10.58
C GLY A 36 4.98 -2.32 -10.37
N PHE A 37 3.91 -2.62 -9.65
CA PHE A 37 2.87 -1.63 -9.37
C PHE A 37 3.03 -1.09 -7.97
N LEU A 38 2.85 0.21 -7.81
CA LEU A 38 3.00 0.85 -6.51
C LEU A 38 1.75 0.66 -5.65
N TRP A 39 1.96 0.20 -4.43
CA TRP A 39 0.87 -0.04 -3.49
C TRP A 39 1.25 0.45 -2.09
N CYS A 40 0.29 0.46 -1.19
CA CYS A 40 0.52 0.88 0.18
C CYS A 40 -0.45 0.19 1.11
N SER A 41 -0.22 0.29 2.41
CA SER A 41 -1.11 -0.33 3.38
C SER A 41 -1.82 0.75 4.19
N THR A 42 -2.92 0.38 4.81
CA THR A 42 -3.71 1.29 5.61
C THR A 42 -3.67 0.90 7.09
N THR A 43 -3.43 -0.38 7.33
CA THR A 43 -3.39 -0.90 8.68
C THR A 43 -1.97 -0.98 9.22
N TYR A 44 -1.01 -0.40 8.49
CA TYR A 44 0.40 -0.40 8.87
C TYR A 44 1.00 -1.80 8.70
N ASN A 45 0.55 -2.75 9.52
CA ASN A 45 1.04 -4.12 9.42
C ASN A 45 0.27 -4.85 8.31
N PHE A 46 0.94 -5.07 7.19
CA PHE A 46 0.30 -5.73 6.04
C PHE A 46 0.13 -7.24 6.26
N GLU A 47 0.99 -7.83 7.06
CA GLU A 47 0.95 -9.27 7.31
C GLU A 47 -0.34 -9.71 8.00
N LYS A 48 -0.63 -9.12 9.16
CA LYS A 48 -1.82 -9.52 9.93
C LYS A 48 -3.14 -9.10 9.28
N ASP A 49 -3.21 -7.88 8.74
CA ASP A 49 -4.44 -7.39 8.14
C ASP A 49 -4.51 -7.67 6.64
N GLY A 50 -3.60 -7.10 5.89
CA GLY A 50 -3.59 -7.30 4.47
C GLY A 50 -4.36 -6.25 3.70
N LYS A 51 -4.69 -5.15 4.37
CA LYS A 51 -5.41 -4.07 3.72
C LYS A 51 -4.43 -3.24 2.90
N TYR A 52 -4.63 -3.25 1.59
CA TYR A 52 -3.76 -2.54 0.69
C TYR A 52 -4.56 -1.98 -0.48
N GLY A 53 -3.88 -1.17 -1.26
CA GLY A 53 -4.46 -0.60 -2.43
C GLY A 53 -3.39 -0.06 -3.33
N PHE A 54 -3.75 0.31 -4.53
CA PHE A 54 -2.76 0.80 -5.45
C PHE A 54 -2.73 2.31 -5.56
N CYS A 55 -1.55 2.82 -5.85
CA CYS A 55 -1.30 4.24 -6.05
C CYS A 55 -0.50 4.43 -7.32
N PRO A 56 -1.13 4.17 -8.50
CA PRO A 56 -0.46 4.26 -9.80
C PRO A 56 -0.21 5.69 -10.26
N HIS A 57 0.67 5.83 -11.24
CA HIS A 57 0.98 7.13 -11.79
C HIS A 57 -0.04 7.48 -12.86
N GLU A 58 -0.69 8.62 -12.70
CA GLU A 58 -1.69 9.08 -13.65
C GLU A 58 -1.03 9.44 -14.97
N ALA A 59 -1.36 8.69 -16.00
CA ALA A 59 -0.81 8.92 -17.32
C ALA A 59 -1.88 9.43 -18.26
N ARG A 1 -6.94 13.38 1.28
CA ARG A 1 -5.85 12.40 1.05
C ARG A 1 -6.07 11.68 -0.30
N ILE A 2 -7.15 10.86 -0.37
CA ILE A 2 -7.53 10.10 -1.60
C ILE A 2 -6.30 9.55 -2.39
N PRO A 3 -5.47 8.73 -1.75
CA PRO A 3 -4.26 8.18 -2.34
C PRO A 3 -4.35 6.70 -2.71
N VAL A 4 -5.57 6.19 -2.94
CA VAL A 4 -5.72 4.78 -3.26
C VAL A 4 -6.69 4.57 -4.42
N LYS A 5 -6.49 3.50 -5.18
CA LYS A 5 -7.36 3.21 -6.31
C LYS A 5 -7.91 1.78 -6.24
N TYR A 6 -7.09 0.82 -6.62
CA TYR A 6 -7.52 -0.58 -6.62
C TYR A 6 -7.08 -1.30 -5.36
N GLY A 7 -7.77 -2.40 -5.06
CA GLY A 7 -7.45 -3.20 -3.87
C GLY A 7 -8.63 -3.32 -2.94
N ASN A 8 -8.37 -3.61 -1.67
CA ASN A 8 -9.45 -3.76 -0.71
C ASN A 8 -9.52 -2.57 0.27
N ALA A 9 -8.80 -1.51 -0.03
CA ALA A 9 -8.79 -0.31 0.79
C ALA A 9 -9.80 0.70 0.23
N ASP A 10 -11.04 0.24 0.05
CA ASP A 10 -12.11 1.06 -0.49
C ASP A 10 -12.43 2.23 0.41
N GLY A 11 -12.08 3.44 -0.03
CA GLY A 11 -12.33 4.64 0.75
C GLY A 11 -11.20 4.97 1.69
N GLU A 12 -10.38 3.98 2.00
CA GLU A 12 -9.25 4.15 2.91
C GLU A 12 -8.07 4.82 2.21
N TYR A 13 -7.10 5.27 2.99
CA TYR A 13 -5.93 5.93 2.47
C TYR A 13 -4.64 5.19 2.83
N CYS A 14 -3.52 5.63 2.28
CA CYS A 14 -2.23 5.00 2.57
C CYS A 14 -1.68 5.44 3.91
N LYS A 15 -1.17 4.47 4.67
CA LYS A 15 -0.58 4.74 5.96
C LYS A 15 0.94 4.73 5.84
N PHE A 16 1.56 5.87 6.05
CA PHE A 16 3.01 5.98 5.95
C PHE A 16 3.63 6.34 7.29
N PRO A 17 4.66 5.61 7.73
CA PRO A 17 5.20 4.47 6.98
C PRO A 17 4.51 3.16 7.33
N PHE A 18 4.32 2.29 6.35
CA PHE A 18 3.67 1.01 6.61
C PHE A 18 4.70 -0.10 6.71
N LEU A 19 4.43 -1.09 7.55
CA LEU A 19 5.37 -2.20 7.74
C LEU A 19 5.14 -3.33 6.75
N PHE A 20 6.15 -3.59 5.92
CA PHE A 20 6.08 -4.67 4.96
C PHE A 20 7.13 -5.71 5.29
N ASN A 21 6.71 -6.73 6.03
CA ASN A 21 7.58 -7.83 6.45
C ASN A 21 8.86 -7.34 7.12
N GLY A 22 8.77 -6.20 7.81
CA GLY A 22 9.92 -5.68 8.51
C GLY A 22 10.54 -4.44 7.88
N LYS A 23 9.95 -3.96 6.80
CA LYS A 23 10.46 -2.78 6.13
C LYS A 23 9.38 -1.72 6.01
N GLU A 24 9.58 -0.57 6.66
CA GLU A 24 8.60 0.51 6.63
C GLU A 24 8.83 1.41 5.42
N TYR A 25 7.78 1.58 4.60
CA TYR A 25 7.87 2.42 3.40
C TYR A 25 7.21 3.77 3.62
N ASN A 26 7.90 4.81 3.19
CA ASN A 26 7.38 6.17 3.31
C ASN A 26 6.55 6.50 2.08
N SER A 27 6.73 5.72 1.04
CA SER A 27 6.02 5.89 -0.21
C SER A 27 5.60 4.54 -0.75
N CYS A 28 4.75 4.54 -1.77
CA CYS A 28 4.28 3.30 -2.37
C CYS A 28 5.44 2.54 -3.02
N THR A 29 5.47 1.23 -2.83
CA THR A 29 6.53 0.40 -3.39
C THR A 29 5.95 -0.67 -4.32
N ASP A 30 6.81 -1.29 -5.12
CA ASP A 30 6.38 -2.35 -6.02
C ASP A 30 6.83 -3.69 -5.48
N THR A 31 7.43 -3.65 -4.31
CA THR A 31 7.93 -4.86 -3.66
C THR A 31 6.79 -5.82 -3.37
N GLY A 32 7.01 -7.09 -3.67
CA GLY A 32 5.99 -8.09 -3.47
C GLY A 32 5.13 -8.27 -4.69
N ARG A 33 5.15 -7.28 -5.57
CA ARG A 33 4.39 -7.31 -6.80
C ARG A 33 5.30 -7.75 -7.94
N SER A 34 4.81 -8.66 -8.77
CA SER A 34 5.57 -9.15 -9.90
C SER A 34 5.40 -8.23 -11.11
N ASP A 35 4.35 -7.39 -11.06
CA ASP A 35 4.06 -6.47 -12.15
C ASP A 35 4.64 -5.09 -11.92
N GLY A 36 5.35 -4.93 -10.83
CA GLY A 36 5.95 -3.65 -10.51
C GLY A 36 4.90 -2.57 -10.32
N PHE A 37 3.88 -2.86 -9.53
CA PHE A 37 2.81 -1.90 -9.27
C PHE A 37 3.01 -1.25 -7.91
N LEU A 38 2.78 0.05 -7.83
CA LEU A 38 2.95 0.78 -6.58
C LEU A 38 1.76 0.57 -5.67
N TRP A 39 2.01 0.07 -4.47
CA TRP A 39 0.94 -0.17 -3.51
C TRP A 39 1.31 0.35 -2.13
N CYS A 40 0.34 0.35 -1.23
CA CYS A 40 0.54 0.82 0.13
C CYS A 40 -0.38 0.05 1.06
N SER A 41 -0.13 0.12 2.35
CA SER A 41 -0.98 -0.55 3.32
C SER A 41 -1.87 0.48 3.99
N THR A 42 -2.94 0.02 4.60
CA THR A 42 -3.89 0.92 5.25
C THR A 42 -3.78 0.80 6.77
N THR A 43 -3.25 -0.33 7.22
CA THR A 43 -3.09 -0.59 8.63
C THR A 43 -1.63 -0.47 9.06
N TYR A 44 -1.22 -1.28 10.03
CA TYR A 44 0.15 -1.24 10.52
C TYR A 44 1.00 -2.31 9.86
N ASN A 45 0.61 -3.56 10.01
CA ASN A 45 1.34 -4.67 9.41
C ASN A 45 0.54 -5.29 8.30
N PHE A 46 1.03 -5.17 7.07
CA PHE A 46 0.36 -5.73 5.89
C PHE A 46 0.07 -7.23 6.04
N GLU A 47 1.05 -7.97 6.53
CA GLU A 47 0.93 -9.41 6.73
C GLU A 47 -0.23 -9.77 7.66
N LYS A 48 -0.25 -9.14 8.82
CA LYS A 48 -1.28 -9.39 9.83
C LYS A 48 -2.68 -8.96 9.39
N ASP A 49 -2.80 -7.79 8.78
CA ASP A 49 -4.12 -7.29 8.38
C ASP A 49 -4.50 -7.68 6.96
N GLY A 50 -3.71 -7.29 5.99
CA GLY A 50 -4.00 -7.62 4.60
C GLY A 50 -4.59 -6.47 3.82
N LYS A 51 -4.70 -5.31 4.46
CA LYS A 51 -5.24 -4.12 3.81
C LYS A 51 -4.20 -3.44 2.95
N TYR A 52 -4.55 -3.21 1.69
CA TYR A 52 -3.65 -2.58 0.75
C TYR A 52 -4.42 -1.92 -0.38
N GLY A 53 -3.70 -1.18 -1.18
CA GLY A 53 -4.27 -0.52 -2.32
C GLY A 53 -3.19 0.05 -3.20
N PHE A 54 -3.50 0.30 -4.46
CA PHE A 54 -2.51 0.81 -5.38
C PHE A 54 -2.50 2.32 -5.37
N CYS A 55 -1.31 2.91 -5.33
CA CYS A 55 -1.19 4.37 -5.26
C CYS A 55 -0.08 4.93 -6.15
N PRO A 56 -0.28 4.95 -7.47
CA PRO A 56 0.71 5.52 -8.38
C PRO A 56 0.52 7.03 -8.51
N HIS A 57 1.51 7.74 -9.03
CA HIS A 57 1.36 9.19 -9.16
C HIS A 57 0.47 9.52 -10.35
N GLU A 58 0.37 8.58 -11.28
CA GLU A 58 -0.47 8.75 -12.45
C GLU A 58 -1.62 7.74 -12.40
N ALA A 59 -2.19 7.42 -13.56
CA ALA A 59 -3.29 6.47 -13.61
C ALA A 59 -2.85 5.16 -14.26
N ARG A 1 -11.88 10.25 0.78
CA ARG A 1 -10.48 9.80 0.56
C ARG A 1 -10.25 9.50 -0.92
N ILE A 2 -8.99 9.37 -1.32
CA ILE A 2 -8.67 9.11 -2.74
C ILE A 2 -7.25 8.53 -2.99
N PRO A 3 -6.22 8.73 -2.11
CA PRO A 3 -4.85 8.22 -2.36
C PRO A 3 -4.77 6.71 -2.69
N VAL A 4 -5.80 5.97 -2.34
CA VAL A 4 -5.84 4.54 -2.63
C VAL A 4 -6.89 4.28 -3.71
N LYS A 5 -6.64 3.31 -4.58
CA LYS A 5 -7.58 3.03 -5.66
C LYS A 5 -8.19 1.64 -5.60
N TYR A 6 -7.48 0.65 -6.15
CA TYR A 6 -8.00 -0.72 -6.22
C TYR A 6 -7.40 -1.60 -5.13
N GLY A 7 -8.09 -2.70 -4.86
CA GLY A 7 -7.67 -3.64 -3.84
C GLY A 7 -8.76 -3.88 -2.84
N ASN A 8 -8.42 -4.21 -1.61
CA ASN A 8 -9.45 -4.46 -0.61
C ASN A 8 -9.45 -3.37 0.48
N ALA A 9 -8.77 -2.27 0.20
CA ALA A 9 -8.68 -1.14 1.11
C ALA A 9 -9.57 0.00 0.61
N ASP A 10 -10.25 -0.25 -0.51
CA ASP A 10 -11.11 0.74 -1.14
C ASP A 10 -10.27 1.91 -1.62
N GLY A 11 -10.63 3.12 -1.21
CA GLY A 11 -9.88 4.28 -1.62
C GLY A 11 -9.54 5.19 -0.45
N GLU A 12 -9.00 4.60 0.61
CA GLU A 12 -8.65 5.35 1.82
C GLU A 12 -7.27 6.01 1.69
N TYR A 13 -6.69 6.35 2.84
CA TYR A 13 -5.37 6.98 2.89
C TYR A 13 -4.27 5.92 2.96
N CYS A 14 -3.09 6.27 2.46
CA CYS A 14 -1.94 5.37 2.53
C CYS A 14 -1.25 5.57 3.86
N LYS A 15 -1.07 4.49 4.60
CA LYS A 15 -0.45 4.58 5.92
C LYS A 15 1.07 4.56 5.82
N PHE A 16 1.69 5.66 6.22
CA PHE A 16 3.14 5.78 6.18
C PHE A 16 3.68 6.08 7.58
N PRO A 17 4.66 5.31 8.04
CA PRO A 17 5.23 4.20 7.28
C PRO A 17 4.56 2.86 7.60
N PHE A 18 4.27 2.07 6.57
CA PHE A 18 3.64 0.78 6.80
C PHE A 18 4.70 -0.32 6.88
N LEU A 19 4.41 -1.38 7.61
CA LEU A 19 5.35 -2.47 7.81
C LEU A 19 5.23 -3.56 6.75
N PHE A 20 6.29 -3.75 5.98
CA PHE A 20 6.33 -4.79 4.96
C PHE A 20 7.57 -5.65 5.16
N ASN A 21 7.38 -6.85 5.71
CA ASN A 21 8.49 -7.78 5.95
C ASN A 21 9.61 -7.16 6.78
N GLY A 22 9.24 -6.26 7.69
CA GLY A 22 10.24 -5.63 8.53
C GLY A 22 10.73 -4.29 8.02
N LYS A 23 10.21 -3.83 6.90
CA LYS A 23 10.62 -2.54 6.35
C LYS A 23 9.45 -1.58 6.31
N GLU A 24 9.61 -0.42 6.92
CA GLU A 24 8.57 0.58 6.93
C GLU A 24 8.74 1.54 5.76
N TYR A 25 7.77 1.51 4.86
CA TYR A 25 7.81 2.36 3.67
C TYR A 25 7.19 3.72 3.93
N ASN A 26 7.91 4.76 3.53
CA ASN A 26 7.43 6.12 3.68
C ASN A 26 6.71 6.55 2.42
N SER A 27 6.78 5.68 1.41
CA SER A 27 6.15 5.92 0.12
C SER A 27 5.68 4.61 -0.49
N CYS A 28 4.90 4.68 -1.55
CA CYS A 28 4.39 3.50 -2.22
C CYS A 28 5.52 2.73 -2.88
N THR A 29 5.45 1.40 -2.83
CA THR A 29 6.47 0.56 -3.42
C THR A 29 5.84 -0.51 -4.29
N ASP A 30 6.66 -1.16 -5.13
CA ASP A 30 6.17 -2.23 -6.00
C ASP A 30 6.66 -3.57 -5.46
N THR A 31 7.26 -3.52 -4.28
CA THR A 31 7.79 -4.71 -3.64
C THR A 31 6.66 -5.70 -3.36
N GLY A 32 6.90 -6.95 -3.67
CA GLY A 32 5.89 -7.97 -3.46
C GLY A 32 5.02 -8.14 -4.69
N ARG A 33 4.91 -7.07 -5.47
CA ARG A 33 4.12 -7.08 -6.69
C ARG A 33 4.98 -7.51 -7.86
N SER A 34 4.47 -8.44 -8.65
CA SER A 34 5.19 -8.96 -9.80
C SER A 34 4.99 -8.07 -11.02
N ASP A 35 3.99 -7.18 -10.98
CA ASP A 35 3.70 -6.31 -12.11
C ASP A 35 4.21 -4.89 -11.90
N GLY A 36 5.00 -4.70 -10.86
CA GLY A 36 5.56 -3.39 -10.58
C GLY A 36 4.50 -2.33 -10.32
N PHE A 37 3.46 -2.68 -9.57
CA PHE A 37 2.39 -1.74 -9.26
C PHE A 37 2.68 -1.06 -7.92
N LEU A 38 2.45 0.24 -7.86
CA LEU A 38 2.66 1.00 -6.63
C LEU A 38 1.50 0.77 -5.68
N TRP A 39 1.80 0.29 -4.48
CA TRP A 39 0.74 0.04 -3.51
C TRP A 39 1.13 0.57 -2.13
N CYS A 40 0.16 0.59 -1.24
CA CYS A 40 0.36 1.06 0.12
C CYS A 40 -0.61 0.33 1.03
N SER A 41 -0.21 0.11 2.27
CA SER A 41 -1.07 -0.59 3.21
C SER A 41 -1.92 0.43 3.97
N THR A 42 -3.14 0.04 4.33
CA THR A 42 -4.03 0.93 5.06
C THR A 42 -3.77 0.79 6.55
N THR A 43 -3.20 -0.35 6.92
CA THR A 43 -2.89 -0.65 8.30
C THR A 43 -1.38 -0.60 8.51
N TYR A 44 -0.95 -0.71 9.76
CA TYR A 44 0.46 -0.72 10.09
C TYR A 44 1.02 -2.10 9.75
N ASN A 45 0.33 -3.11 10.23
CA ASN A 45 0.73 -4.50 10.00
C ASN A 45 0.01 -5.02 8.76
N PHE A 46 0.75 -5.16 7.66
CA PHE A 46 0.16 -5.65 6.41
C PHE A 46 0.05 -7.16 6.41
N GLU A 47 0.98 -7.81 7.09
CA GLU A 47 1.01 -9.28 7.17
C GLU A 47 -0.27 -9.83 7.79
N LYS A 48 -0.63 -9.31 8.96
CA LYS A 48 -1.80 -9.77 9.68
C LYS A 48 -3.12 -9.26 9.10
N ASP A 49 -3.19 -7.95 8.84
CA ASP A 49 -4.42 -7.36 8.31
C ASP A 49 -4.64 -7.72 6.85
N GLY A 50 -3.66 -7.42 6.02
CA GLY A 50 -3.75 -7.73 4.60
C GLY A 50 -4.54 -6.73 3.78
N LYS A 51 -4.79 -5.54 4.32
CA LYS A 51 -5.52 -4.53 3.57
C LYS A 51 -4.56 -3.70 2.74
N TYR A 52 -4.72 -3.76 1.42
CA TYR A 52 -3.85 -3.03 0.52
C TYR A 52 -4.64 -2.33 -0.58
N GLY A 53 -3.97 -1.43 -1.27
CA GLY A 53 -4.57 -0.71 -2.36
C GLY A 53 -3.53 -0.08 -3.22
N PHE A 54 -3.85 0.18 -4.47
CA PHE A 54 -2.89 0.77 -5.40
C PHE A 54 -2.90 2.28 -5.34
N CYS A 55 -1.72 2.86 -5.37
CA CYS A 55 -1.55 4.31 -5.30
C CYS A 55 -1.82 4.92 -6.69
N PRO A 56 -2.00 6.25 -6.76
CA PRO A 56 -2.29 6.94 -8.03
C PRO A 56 -1.21 6.75 -9.10
N HIS A 57 -1.57 6.08 -10.18
CA HIS A 57 -0.65 5.85 -11.30
C HIS A 57 -1.45 5.63 -12.58
N GLU A 58 -0.90 4.87 -13.52
CA GLU A 58 -1.60 4.60 -14.78
C GLU A 58 -2.59 3.43 -14.63
N ALA A 59 -3.61 3.60 -13.79
CA ALA A 59 -4.61 2.57 -13.57
C ALA A 59 -6.02 3.15 -13.64
N ARG A 1 -0.06 11.82 -0.33
CA ARG A 1 -0.92 10.79 0.31
C ARG A 1 -2.28 10.73 -0.37
N ILE A 2 -2.43 9.84 -1.34
CA ILE A 2 -3.68 9.70 -2.07
C ILE A 2 -4.65 8.74 -1.39
N PRO A 3 -5.94 8.81 -1.81
CA PRO A 3 -7.03 7.98 -1.27
C PRO A 3 -6.94 6.49 -1.61
N VAL A 4 -5.86 6.06 -2.29
CA VAL A 4 -5.69 4.65 -2.68
C VAL A 4 -6.58 4.29 -3.86
N LYS A 5 -6.09 3.38 -4.70
CA LYS A 5 -6.81 2.95 -5.88
C LYS A 5 -7.47 1.59 -5.67
N TYR A 6 -7.18 0.67 -6.58
CA TYR A 6 -7.74 -0.69 -6.57
C TYR A 6 -7.16 -1.53 -5.44
N GLY A 7 -7.87 -2.61 -5.12
CA GLY A 7 -7.47 -3.51 -4.06
C GLY A 7 -8.63 -3.83 -3.15
N ASN A 8 -8.35 -4.17 -1.90
CA ASN A 8 -9.42 -4.50 -0.96
C ASN A 8 -9.64 -3.39 0.06
N ALA A 9 -9.09 -2.21 -0.22
CA ALA A 9 -9.22 -1.06 0.64
C ALA A 9 -10.48 -0.27 0.28
N ASP A 10 -11.08 0.36 1.27
CA ASP A 10 -12.34 1.10 1.06
C ASP A 10 -12.11 2.56 0.66
N GLY A 11 -10.91 3.06 0.82
CA GLY A 11 -10.63 4.44 0.45
C GLY A 11 -9.74 5.18 1.43
N GLU A 12 -9.28 4.50 2.47
CA GLU A 12 -8.42 5.13 3.46
C GLU A 12 -7.09 5.50 2.81
N TYR A 13 -6.65 6.74 3.00
CA TYR A 13 -5.39 7.19 2.42
C TYR A 13 -4.23 6.30 2.87
N CYS A 14 -3.20 6.22 2.02
CA CYS A 14 -2.04 5.38 2.30
C CYS A 14 -1.48 5.64 3.70
N LYS A 15 -1.23 4.56 4.44
CA LYS A 15 -0.71 4.66 5.80
C LYS A 15 0.81 4.63 5.76
N PHE A 16 1.43 5.76 6.09
CA PHE A 16 2.89 5.84 6.10
C PHE A 16 3.38 6.15 7.50
N PRO A 17 4.36 5.39 8.00
CA PRO A 17 4.99 4.30 7.27
C PRO A 17 4.28 2.96 7.50
N PHE A 18 4.20 2.14 6.46
CA PHE A 18 3.57 0.83 6.59
C PHE A 18 4.65 -0.24 6.72
N LEU A 19 4.32 -1.31 7.42
CA LEU A 19 5.28 -2.39 7.65
C LEU A 19 5.17 -3.49 6.60
N PHE A 20 6.31 -3.79 5.97
CA PHE A 20 6.39 -4.84 4.96
C PHE A 20 7.69 -5.60 5.16
N ASN A 21 7.59 -6.85 5.61
CA ASN A 21 8.78 -7.67 5.85
C ASN A 21 9.76 -6.99 6.80
N GLY A 22 9.23 -6.35 7.83
CA GLY A 22 10.07 -5.68 8.81
C GLY A 22 10.56 -4.31 8.38
N LYS A 23 10.14 -3.84 7.22
CA LYS A 23 10.55 -2.53 6.73
C LYS A 23 9.37 -1.59 6.64
N GLU A 24 9.56 -0.35 7.11
CA GLU A 24 8.51 0.65 7.06
C GLU A 24 8.68 1.54 5.84
N TYR A 25 7.63 1.65 5.04
CA TYR A 25 7.68 2.45 3.82
C TYR A 25 6.90 3.74 3.97
N ASN A 26 7.51 4.84 3.57
CA ASN A 26 6.86 6.15 3.61
C ASN A 26 6.42 6.55 2.22
N SER A 27 6.51 5.59 1.30
CA SER A 27 6.12 5.80 -0.07
C SER A 27 5.57 4.50 -0.63
N CYS A 28 4.79 4.59 -1.70
CA CYS A 28 4.20 3.39 -2.30
C CYS A 28 5.27 2.65 -3.10
N THR A 29 5.39 1.34 -2.84
CA THR A 29 6.40 0.52 -3.48
C THR A 29 5.78 -0.61 -4.31
N ASP A 30 6.60 -1.21 -5.19
CA ASP A 30 6.14 -2.31 -6.03
C ASP A 30 6.71 -3.62 -5.49
N THR A 31 7.26 -3.55 -4.28
CA THR A 31 7.88 -4.72 -3.64
C THR A 31 6.83 -5.81 -3.44
N GLY A 32 7.23 -7.05 -3.70
CA GLY A 32 6.33 -8.18 -3.54
C GLY A 32 5.51 -8.39 -4.80
N ARG A 33 5.26 -7.31 -5.52
CA ARG A 33 4.50 -7.36 -6.76
C ARG A 33 5.39 -7.81 -7.90
N SER A 34 4.83 -8.56 -8.84
CA SER A 34 5.60 -9.04 -9.97
C SER A 34 5.35 -8.21 -11.23
N ASP A 35 4.32 -7.35 -11.19
CA ASP A 35 3.98 -6.54 -12.34
C ASP A 35 4.30 -5.07 -12.17
N GLY A 36 5.19 -4.77 -11.24
CA GLY A 36 5.59 -3.39 -11.01
C GLY A 36 4.45 -2.48 -10.60
N PHE A 37 3.59 -2.97 -9.73
CA PHE A 37 2.46 -2.19 -9.25
C PHE A 37 2.79 -1.59 -7.88
N LEU A 38 2.85 -0.27 -7.81
CA LEU A 38 3.14 0.40 -6.56
C LEU A 38 1.90 0.41 -5.70
N TRP A 39 2.07 0.03 -4.44
CA TRP A 39 0.96 -0.09 -3.52
C TRP A 39 1.30 0.49 -2.15
N CYS A 40 0.28 0.57 -1.31
CA CYS A 40 0.42 1.07 0.05
C CYS A 40 -0.59 0.36 0.94
N SER A 41 -0.23 0.10 2.18
CA SER A 41 -1.14 -0.59 3.09
C SER A 41 -2.09 0.41 3.76
N THR A 42 -3.30 -0.05 4.09
CA THR A 42 -4.27 0.81 4.74
C THR A 42 -3.96 0.84 6.24
N THR A 43 -3.41 -0.27 6.71
CA THR A 43 -3.04 -0.41 8.10
C THR A 43 -1.53 -0.34 8.26
N TYR A 44 -1.03 -0.62 9.46
CA TYR A 44 0.40 -0.61 9.70
C TYR A 44 0.99 -1.97 9.36
N ASN A 45 0.42 -3.01 9.93
CA ASN A 45 0.90 -4.36 9.67
C ASN A 45 0.13 -4.98 8.50
N PHE A 46 0.75 -5.02 7.34
CA PHE A 46 0.13 -5.57 6.14
C PHE A 46 0.03 -7.10 6.20
N GLU A 47 1.01 -7.71 6.85
CA GLU A 47 1.09 -9.17 6.95
C GLU A 47 -0.19 -9.80 7.53
N LYS A 48 -0.68 -9.26 8.64
CA LYS A 48 -1.88 -9.82 9.28
C LYS A 48 -3.17 -9.16 8.82
N ASP A 49 -3.15 -7.86 8.58
CA ASP A 49 -4.37 -7.14 8.19
C ASP A 49 -4.74 -7.44 6.74
N GLY A 50 -3.78 -7.34 5.84
CA GLY A 50 -4.05 -7.63 4.44
C GLY A 50 -4.71 -6.50 3.67
N LYS A 51 -5.02 -5.39 4.33
CA LYS A 51 -5.66 -4.26 3.64
C LYS A 51 -4.61 -3.46 2.88
N TYR A 52 -4.80 -3.38 1.56
CA TYR A 52 -3.88 -2.68 0.69
C TYR A 52 -4.61 -2.06 -0.47
N GLY A 53 -3.87 -1.33 -1.28
CA GLY A 53 -4.41 -0.71 -2.45
C GLY A 53 -3.31 -0.18 -3.33
N PHE A 54 -3.62 0.09 -4.59
CA PHE A 54 -2.62 0.59 -5.51
C PHE A 54 -2.47 2.09 -5.34
N CYS A 55 -1.28 2.59 -5.59
CA CYS A 55 -1.03 4.01 -5.39
C CYS A 55 0.04 4.55 -6.32
N PRO A 56 -0.38 5.19 -7.42
CA PRO A 56 0.53 5.79 -8.38
C PRO A 56 0.86 7.24 -7.99
N HIS A 57 1.39 7.39 -6.78
CA HIS A 57 1.73 8.71 -6.24
C HIS A 57 2.96 9.30 -6.93
N GLU A 58 4.04 8.53 -6.95
CA GLU A 58 5.28 8.98 -7.54
C GLU A 58 5.19 8.95 -9.08
N ALA A 59 6.14 8.26 -9.71
CA ALA A 59 6.17 8.14 -11.15
C ALA A 59 6.73 6.79 -11.56
N ARG A 1 0.36 12.26 1.19
CA ARG A 1 -0.90 11.58 1.58
C ARG A 1 -1.15 10.34 0.72
N ILE A 2 -1.35 10.57 -0.58
CA ILE A 2 -1.59 9.55 -1.58
C ILE A 2 -2.84 8.72 -1.28
N PRO A 3 -3.72 8.56 -2.31
CA PRO A 3 -4.96 7.82 -2.18
C PRO A 3 -4.83 6.32 -2.46
N VAL A 4 -5.92 5.61 -2.22
CA VAL A 4 -5.98 4.16 -2.46
C VAL A 4 -7.26 3.87 -3.24
N LYS A 5 -7.19 2.96 -4.20
CA LYS A 5 -8.37 2.65 -5.00
C LYS A 5 -8.63 1.16 -5.12
N TYR A 6 -7.80 0.47 -5.90
CA TYR A 6 -8.01 -0.96 -6.12
C TYR A 6 -7.30 -1.82 -5.08
N GLY A 7 -7.85 -3.01 -4.86
CA GLY A 7 -7.33 -3.93 -3.87
C GLY A 7 -8.41 -4.24 -2.87
N ASN A 8 -8.06 -4.56 -1.64
CA ASN A 8 -9.12 -4.85 -0.66
C ASN A 8 -9.43 -3.63 0.18
N ALA A 9 -8.72 -2.53 -0.09
CA ALA A 9 -8.95 -1.26 0.56
C ALA A 9 -9.94 -0.49 -0.30
N ASP A 10 -11.03 -0.02 0.27
CA ASP A 10 -12.04 0.70 -0.51
C ASP A 10 -11.51 2.03 -1.05
N GLY A 11 -11.35 3.01 -0.17
CA GLY A 11 -10.88 4.30 -0.63
C GLY A 11 -10.25 5.15 0.45
N GLU A 12 -9.36 4.55 1.23
CA GLU A 12 -8.67 5.29 2.27
C GLU A 12 -7.38 5.88 1.70
N TYR A 13 -6.51 6.37 2.56
CA TYR A 13 -5.26 6.96 2.13
C TYR A 13 -4.09 6.09 2.61
N CYS A 14 -2.93 6.25 1.97
CA CYS A 14 -1.76 5.45 2.33
C CYS A 14 -1.25 5.79 3.73
N LYS A 15 -0.94 4.75 4.49
CA LYS A 15 -0.42 4.92 5.84
C LYS A 15 1.10 4.87 5.81
N PHE A 16 1.74 6.02 5.98
CA PHE A 16 3.20 6.11 5.95
C PHE A 16 3.74 6.44 7.34
N PRO A 17 4.67 5.62 7.84
CA PRO A 17 5.16 4.44 7.15
C PRO A 17 4.37 3.19 7.49
N PHE A 18 4.45 2.19 6.62
CA PHE A 18 3.76 0.93 6.85
C PHE A 18 4.76 -0.21 6.94
N LEU A 19 4.42 -1.25 7.69
CA LEU A 19 5.31 -2.39 7.88
C LEU A 19 4.97 -3.53 6.93
N PHE A 20 5.89 -3.80 6.02
CA PHE A 20 5.73 -4.88 5.06
C PHE A 20 6.62 -6.05 5.42
N ASN A 21 6.04 -7.01 6.14
CA ASN A 21 6.73 -8.22 6.58
C ASN A 21 8.09 -7.97 7.26
N GLY A 22 8.32 -6.75 7.76
CA GLY A 22 9.57 -6.47 8.42
C GLY A 22 10.29 -5.23 7.92
N LYS A 23 9.67 -4.49 7.02
CA LYS A 23 10.28 -3.28 6.48
C LYS A 23 9.26 -2.16 6.42
N GLU A 24 9.64 -0.97 6.88
CA GLU A 24 8.72 0.17 6.89
C GLU A 24 8.94 1.06 5.66
N TYR A 25 7.85 1.37 4.97
CA TYR A 25 7.92 2.21 3.77
C TYR A 25 7.16 3.52 3.95
N ASN A 26 7.79 4.63 3.58
CA ASN A 26 7.14 5.95 3.66
C ASN A 26 6.67 6.37 2.28
N SER A 27 6.51 5.38 1.42
CA SER A 27 6.07 5.60 0.04
C SER A 27 5.48 4.30 -0.50
N CYS A 28 4.91 4.36 -1.71
CA CYS A 28 4.35 3.17 -2.31
C CYS A 28 5.49 2.33 -2.88
N THR A 29 5.42 1.03 -2.70
CA THR A 29 6.48 0.17 -3.18
C THR A 29 5.96 -0.86 -4.17
N ASP A 30 6.87 -1.41 -4.96
CA ASP A 30 6.50 -2.43 -5.93
C ASP A 30 7.00 -3.78 -5.44
N THR A 31 7.32 -3.84 -4.16
CA THR A 31 7.81 -5.07 -3.54
C THR A 31 6.64 -6.04 -3.36
N GLY A 32 6.93 -7.32 -3.34
CA GLY A 32 5.88 -8.30 -3.18
C GLY A 32 5.38 -8.77 -4.53
N ARG A 33 4.68 -7.90 -5.24
CA ARG A 33 4.20 -8.22 -6.56
C ARG A 33 5.28 -7.85 -7.58
N SER A 34 5.03 -8.01 -8.88
CA SER A 34 6.07 -7.69 -9.86
C SER A 34 5.51 -7.12 -11.18
N ASP A 35 4.42 -6.34 -11.11
CA ASP A 35 3.82 -5.78 -12.30
C ASP A 35 4.26 -4.35 -12.59
N GLY A 36 5.25 -3.84 -11.88
CA GLY A 36 5.71 -2.48 -12.10
C GLY A 36 4.70 -1.43 -11.65
N PHE A 37 3.87 -1.86 -10.73
CA PHE A 37 2.81 -1.07 -10.11
C PHE A 37 3.39 -0.21 -8.99
N LEU A 38 2.53 0.11 -8.02
CA LEU A 38 2.91 0.87 -6.84
C LEU A 38 1.83 0.68 -5.78
N TRP A 39 2.13 -0.02 -4.68
CA TRP A 39 1.11 -0.25 -3.65
C TRP A 39 1.53 0.23 -2.27
N CYS A 40 0.54 0.38 -1.40
CA CYS A 40 0.73 0.81 -0.02
C CYS A 40 -0.35 0.13 0.82
N SER A 41 -0.18 0.04 2.13
CA SER A 41 -1.20 -0.60 2.95
C SER A 41 -2.04 0.45 3.68
N THR A 42 -3.21 0.04 4.14
CA THR A 42 -4.11 0.94 4.86
C THR A 42 -3.82 0.88 6.35
N THR A 43 -3.27 -0.24 6.77
CA THR A 43 -2.92 -0.45 8.16
C THR A 43 -1.41 -0.38 8.33
N TYR A 44 -0.95 -0.36 9.58
CA TYR A 44 0.48 -0.32 9.84
C TYR A 44 1.09 -1.68 9.53
N ASN A 45 0.55 -2.71 10.14
CA ASN A 45 1.04 -4.06 9.90
C ASN A 45 0.30 -4.66 8.72
N PHE A 46 0.94 -4.72 7.56
CA PHE A 46 0.32 -5.27 6.36
C PHE A 46 0.26 -6.80 6.44
N GLU A 47 1.28 -7.37 7.05
CA GLU A 47 1.39 -8.83 7.20
C GLU A 47 0.20 -9.40 7.96
N LYS A 48 -0.15 -8.76 9.07
CA LYS A 48 -1.23 -9.23 9.92
C LYS A 48 -2.62 -8.82 9.42
N ASP A 49 -2.80 -7.56 9.06
CA ASP A 49 -4.11 -7.07 8.62
C ASP A 49 -4.40 -7.45 7.17
N GLY A 50 -3.51 -7.09 6.26
CA GLY A 50 -3.68 -7.45 4.86
C GLY A 50 -4.36 -6.38 4.01
N LYS A 51 -4.64 -5.22 4.58
CA LYS A 51 -5.28 -4.15 3.80
C LYS A 51 -4.27 -3.44 2.92
N TYR A 52 -4.46 -3.53 1.60
CA TYR A 52 -3.56 -2.91 0.66
C TYR A 52 -4.35 -2.31 -0.50
N GLY A 53 -3.67 -1.46 -1.26
CA GLY A 53 -4.29 -0.84 -2.39
C GLY A 53 -3.26 -0.12 -3.24
N PHE A 54 -3.65 0.24 -4.44
CA PHE A 54 -2.74 0.92 -5.34
C PHE A 54 -2.92 2.43 -5.18
N CYS A 55 -1.81 3.13 -5.04
CA CYS A 55 -1.84 4.56 -4.84
C CYS A 55 -1.56 5.37 -6.11
N PRO A 56 -0.31 5.38 -6.66
CA PRO A 56 0.01 6.13 -7.86
C PRO A 56 -0.20 5.31 -9.12
N HIS A 57 -1.36 4.69 -9.22
CA HIS A 57 -1.71 3.87 -10.37
C HIS A 57 -3.07 4.30 -10.88
N GLU A 58 -3.80 3.39 -11.51
CA GLU A 58 -5.12 3.69 -12.02
C GLU A 58 -6.10 3.87 -10.85
N ALA A 59 -7.05 4.79 -11.02
CA ALA A 59 -8.03 5.06 -9.97
C ALA A 59 -9.43 5.11 -10.54
N ARG A 1 -1.41 12.19 0.97
CA ARG A 1 -2.29 11.06 1.35
C ARG A 1 -3.23 10.73 0.19
N ILE A 2 -2.76 9.91 -0.74
CA ILE A 2 -3.56 9.55 -1.92
C ILE A 2 -4.79 8.72 -1.54
N PRO A 3 -5.89 8.94 -2.29
CA PRO A 3 -7.18 8.27 -2.05
C PRO A 3 -7.24 6.79 -2.48
N VAL A 4 -6.10 6.22 -2.90
CA VAL A 4 -6.03 4.81 -3.34
C VAL A 4 -6.68 4.62 -4.71
N LYS A 5 -6.26 3.58 -5.42
CA LYS A 5 -6.80 3.29 -6.74
C LYS A 5 -7.67 2.05 -6.72
N TYR A 6 -7.03 0.88 -6.69
CA TYR A 6 -7.74 -0.39 -6.69
C TYR A 6 -7.40 -1.23 -5.47
N GLY A 7 -8.01 -2.41 -5.39
CA GLY A 7 -7.79 -3.32 -4.28
C GLY A 7 -9.05 -3.50 -3.47
N ASN A 8 -8.90 -3.85 -2.20
CA ASN A 8 -10.08 -4.04 -1.35
C ASN A 8 -10.30 -2.86 -0.41
N ALA A 9 -9.34 -1.93 -0.39
CA ALA A 9 -9.45 -0.73 0.43
C ALA A 9 -10.34 0.27 -0.29
N ASP A 10 -11.20 0.95 0.45
CA ASP A 10 -12.11 1.93 -0.15
C ASP A 10 -11.57 3.35 0.04
N GLY A 11 -11.95 3.99 1.14
CA GLY A 11 -11.48 5.33 1.40
C GLY A 11 -10.36 5.35 2.42
N GLU A 12 -9.64 4.25 2.51
CA GLU A 12 -8.54 4.12 3.44
C GLU A 12 -7.24 4.56 2.78
N TYR A 13 -6.95 5.86 2.86
CA TYR A 13 -5.73 6.42 2.25
C TYR A 13 -4.48 5.77 2.85
N CYS A 14 -3.47 5.57 2.00
CA CYS A 14 -2.21 4.93 2.41
C CYS A 14 -1.69 5.45 3.74
N LYS A 15 -1.48 4.54 4.69
CA LYS A 15 -0.98 4.94 6.00
C LYS A 15 0.52 4.70 6.06
N PHE A 16 1.27 5.78 6.19
CA PHE A 16 2.72 5.72 6.22
C PHE A 16 3.26 5.99 7.62
N PRO A 17 4.32 5.28 8.04
CA PRO A 17 5.00 4.25 7.26
C PRO A 17 4.45 2.86 7.52
N PHE A 18 4.15 2.12 6.47
CA PHE A 18 3.63 0.77 6.64
C PHE A 18 4.77 -0.24 6.66
N LEU A 19 4.57 -1.32 7.41
CA LEU A 19 5.58 -2.37 7.55
C LEU A 19 5.36 -3.50 6.56
N PHE A 20 6.43 -3.86 5.86
CA PHE A 20 6.39 -4.92 4.87
C PHE A 20 7.62 -5.79 5.02
N ASN A 21 7.45 -7.02 5.52
CA ASN A 21 8.58 -7.95 5.70
C ASN A 21 9.65 -7.35 6.60
N GLY A 22 9.26 -6.45 7.48
CA GLY A 22 10.21 -5.83 8.38
C GLY A 22 10.77 -4.52 7.87
N LYS A 23 10.19 -3.97 6.80
CA LYS A 23 10.67 -2.72 6.23
C LYS A 23 9.53 -1.70 6.22
N GLU A 24 9.79 -0.51 6.76
CA GLU A 24 8.79 0.54 6.80
C GLU A 24 8.90 1.46 5.59
N TYR A 25 7.81 1.56 4.84
CA TYR A 25 7.78 2.39 3.65
C TYR A 25 7.08 3.71 3.94
N ASN A 26 7.73 4.80 3.57
CA ASN A 26 7.16 6.12 3.78
C ASN A 26 6.32 6.52 2.56
N SER A 27 6.23 5.59 1.61
CA SER A 27 5.46 5.80 0.40
C SER A 27 5.04 4.46 -0.20
N CYS A 28 4.56 4.49 -1.43
CA CYS A 28 4.14 3.27 -2.11
C CYS A 28 5.36 2.54 -2.67
N THR A 29 5.27 1.21 -2.77
CA THR A 29 6.37 0.42 -3.28
C THR A 29 5.85 -0.63 -4.26
N ASP A 30 6.76 -1.23 -5.04
CA ASP A 30 6.37 -2.26 -5.98
C ASP A 30 6.83 -3.61 -5.48
N THR A 31 7.42 -3.61 -4.28
CA THR A 31 7.94 -4.81 -3.66
C THR A 31 6.83 -5.86 -3.53
N GLY A 32 7.20 -7.12 -3.75
CA GLY A 32 6.22 -8.18 -3.67
C GLY A 32 5.52 -8.40 -5.00
N ARG A 33 5.10 -7.29 -5.61
CA ARG A 33 4.44 -7.34 -6.90
C ARG A 33 5.46 -7.59 -8.00
N SER A 34 5.21 -8.58 -8.82
CA SER A 34 6.13 -8.92 -9.89
C SER A 34 5.97 -7.98 -11.08
N ASP A 35 4.80 -7.36 -11.20
CA ASP A 35 4.54 -6.46 -12.30
C ASP A 35 4.90 -5.02 -11.99
N GLY A 36 5.66 -4.82 -10.93
CA GLY A 36 6.10 -3.48 -10.53
C GLY A 36 4.94 -2.52 -10.30
N PHE A 37 3.92 -2.96 -9.59
CA PHE A 37 2.78 -2.10 -9.30
C PHE A 37 2.97 -1.41 -7.96
N LEU A 38 2.73 -0.10 -7.94
CA LEU A 38 2.87 0.68 -6.71
C LEU A 38 1.67 0.46 -5.82
N TRP A 39 1.90 -0.06 -4.63
CA TRP A 39 0.82 -0.32 -3.69
C TRP A 39 1.18 0.18 -2.30
N CYS A 40 0.21 0.15 -1.40
CA CYS A 40 0.41 0.59 -0.03
C CYS A 40 -0.53 -0.19 0.89
N SER A 41 -0.33 -0.07 2.19
CA SER A 41 -1.18 -0.76 3.15
C SER A 41 -2.07 0.23 3.88
N THR A 42 -3.12 -0.27 4.49
CA THR A 42 -4.04 0.54 5.25
C THR A 42 -3.58 0.59 6.70
N THR A 43 -3.12 -0.56 7.17
CA THR A 43 -2.63 -0.72 8.51
C THR A 43 -1.10 -0.64 8.49
N TYR A 44 -0.48 -0.58 9.65
CA TYR A 44 0.97 -0.54 9.69
C TYR A 44 1.54 -1.91 9.41
N ASN A 45 1.14 -2.91 10.17
CA ASN A 45 1.62 -4.26 9.92
C ASN A 45 0.71 -4.89 8.88
N PHE A 46 1.20 -4.93 7.64
CA PHE A 46 0.44 -5.49 6.51
C PHE A 46 0.13 -6.97 6.69
N GLU A 47 1.04 -7.67 7.34
CA GLU A 47 0.91 -9.11 7.57
C GLU A 47 -0.35 -9.48 8.36
N LYS A 48 -0.57 -8.80 9.49
CA LYS A 48 -1.71 -9.10 10.36
C LYS A 48 -3.08 -8.75 9.76
N ASP A 49 -3.15 -7.68 8.96
CA ASP A 49 -4.43 -7.28 8.38
C ASP A 49 -4.58 -7.71 6.93
N GLY A 50 -3.75 -7.18 6.05
CA GLY A 50 -3.82 -7.53 4.66
C GLY A 50 -4.61 -6.54 3.83
N LYS A 51 -4.90 -5.39 4.41
CA LYS A 51 -5.63 -4.34 3.72
C LYS A 51 -4.67 -3.54 2.85
N TYR A 52 -4.96 -3.46 1.56
CA TYR A 52 -4.06 -2.77 0.64
C TYR A 52 -4.80 -2.08 -0.48
N GLY A 53 -4.05 -1.34 -1.28
CA GLY A 53 -4.58 -0.63 -2.41
C GLY A 53 -3.47 -0.14 -3.30
N PHE A 54 -3.77 0.10 -4.57
CA PHE A 54 -2.76 0.57 -5.50
C PHE A 54 -2.69 2.08 -5.50
N CYS A 55 -1.53 2.61 -5.83
CA CYS A 55 -1.33 4.04 -5.86
C CYS A 55 -1.34 4.53 -7.29
N PRO A 56 -1.99 5.68 -7.56
CA PRO A 56 -2.08 6.24 -8.91
C PRO A 56 -0.71 6.58 -9.50
N HIS A 57 -0.24 5.72 -10.39
CA HIS A 57 1.06 5.94 -11.03
C HIS A 57 0.86 6.31 -12.50
N GLU A 58 -0.33 6.80 -12.81
CA GLU A 58 -0.67 7.23 -14.16
C GLU A 58 -0.64 8.76 -14.26
N ALA A 59 0.35 9.37 -13.63
CA ALA A 59 0.49 10.81 -13.64
C ALA A 59 1.07 11.30 -14.95
N ARG A 1 -7.62 14.13 -2.76
CA ARG A 1 -6.73 13.04 -2.28
C ARG A 1 -7.19 11.71 -2.88
N ILE A 2 -6.25 10.85 -3.23
CA ILE A 2 -6.57 9.54 -3.82
C ILE A 2 -5.35 8.61 -3.82
N PRO A 3 -4.85 8.25 -2.63
CA PRO A 3 -3.66 7.39 -2.49
C PRO A 3 -3.97 5.90 -2.62
N VAL A 4 -5.24 5.53 -2.41
CA VAL A 4 -5.65 4.14 -2.53
C VAL A 4 -6.92 4.04 -3.37
N LYS A 5 -7.00 3.02 -4.22
CA LYS A 5 -8.19 2.83 -5.05
C LYS A 5 -8.47 1.34 -5.23
N TYR A 6 -7.64 0.68 -6.01
CA TYR A 6 -7.82 -0.75 -6.28
C TYR A 6 -7.36 -1.60 -5.10
N GLY A 7 -7.83 -2.84 -5.05
CA GLY A 7 -7.48 -3.75 -3.96
C GLY A 7 -8.67 -4.00 -3.07
N ASN A 8 -8.42 -4.36 -1.82
CA ASN A 8 -9.53 -4.62 -0.89
C ASN A 8 -9.84 -3.39 -0.03
N ALA A 9 -9.04 -2.34 -0.17
CA ALA A 9 -9.26 -1.09 0.55
C ALA A 9 -10.34 -0.28 -0.16
N ASP A 10 -11.22 0.33 0.59
CA ASP A 10 -12.31 1.12 0.01
C ASP A 10 -11.79 2.37 -0.67
N GLY A 11 -10.70 2.91 -0.16
CA GLY A 11 -10.13 4.11 -0.75
C GLY A 11 -9.63 5.09 0.28
N GLU A 12 -8.90 4.59 1.27
CA GLU A 12 -8.32 5.44 2.31
C GLU A 12 -7.07 6.13 1.81
N TYR A 13 -6.23 6.57 2.72
CA TYR A 13 -5.01 7.23 2.37
C TYR A 13 -3.85 6.40 2.93
N CYS A 14 -2.83 6.19 2.09
CA CYS A 14 -1.67 5.38 2.46
C CYS A 14 -1.14 5.72 3.86
N LYS A 15 -0.96 4.70 4.68
CA LYS A 15 -0.44 4.90 6.02
C LYS A 15 1.07 4.85 5.99
N PHE A 16 1.69 6.00 6.18
CA PHE A 16 3.14 6.12 6.15
C PHE A 16 3.69 6.42 7.53
N PRO A 17 4.65 5.60 8.00
CA PRO A 17 5.18 4.47 7.25
C PRO A 17 4.42 3.18 7.53
N PHE A 18 4.34 2.31 6.53
CA PHE A 18 3.66 1.03 6.70
C PHE A 18 4.70 -0.08 6.84
N LEU A 19 4.28 -1.20 7.39
CA LEU A 19 5.20 -2.31 7.62
C LEU A 19 5.01 -3.44 6.61
N PHE A 20 6.08 -3.75 5.89
CA PHE A 20 6.07 -4.81 4.89
C PHE A 20 7.20 -5.80 5.19
N ASN A 21 6.84 -6.96 5.70
CA ASN A 21 7.83 -8.00 6.04
C ASN A 21 8.91 -7.49 6.98
N GLY A 22 8.59 -6.47 7.76
CA GLY A 22 9.54 -5.91 8.71
C GLY A 22 10.20 -4.63 8.26
N LYS A 23 9.81 -4.12 7.09
CA LYS A 23 10.40 -2.88 6.59
C LYS A 23 9.34 -1.79 6.49
N GLU A 24 9.67 -0.60 6.94
CA GLU A 24 8.72 0.52 6.90
C GLU A 24 8.92 1.34 5.62
N TYR A 25 7.82 1.64 4.95
CA TYR A 25 7.89 2.42 3.71
C TYR A 25 7.21 3.76 3.89
N ASN A 26 7.88 4.81 3.43
CA ASN A 26 7.35 6.16 3.52
C ASN A 26 6.66 6.55 2.21
N SER A 27 6.52 5.58 1.32
CA SER A 27 5.88 5.82 0.04
C SER A 27 5.32 4.52 -0.54
N CYS A 28 4.81 4.58 -1.76
CA CYS A 28 4.27 3.41 -2.41
C CYS A 28 5.41 2.62 -3.04
N THR A 29 5.41 1.31 -2.83
CA THR A 29 6.46 0.47 -3.37
C THR A 29 5.88 -0.61 -4.28
N ASP A 30 6.71 -1.13 -5.17
CA ASP A 30 6.29 -2.19 -6.07
C ASP A 30 6.83 -3.51 -5.59
N THR A 31 7.38 -3.50 -4.37
CA THR A 31 7.94 -4.68 -3.75
C THR A 31 6.85 -5.73 -3.54
N GLY A 32 7.17 -6.99 -3.79
CA GLY A 32 6.20 -8.05 -3.64
C GLY A 32 5.39 -8.22 -4.90
N ARG A 33 5.41 -7.20 -5.74
CA ARG A 33 4.70 -7.21 -7.01
C ARG A 33 5.67 -7.53 -8.13
N SER A 34 5.22 -8.30 -9.10
CA SER A 34 6.08 -8.66 -10.23
C SER A 34 5.75 -7.80 -11.45
N ASP A 35 4.68 -7.03 -11.36
CA ASP A 35 4.25 -6.18 -12.46
C ASP A 35 4.56 -4.71 -12.21
N GLY A 36 5.44 -4.45 -11.26
CA GLY A 36 5.82 -3.08 -10.94
C GLY A 36 4.63 -2.20 -10.57
N PHE A 37 3.74 -2.72 -9.73
CA PHE A 37 2.59 -1.94 -9.29
C PHE A 37 2.84 -1.37 -7.91
N LEU A 38 2.71 -0.05 -7.78
CA LEU A 38 2.95 0.61 -6.51
C LEU A 38 1.74 0.46 -5.61
N TRP A 39 1.99 0.06 -4.38
CA TRP A 39 0.91 -0.15 -3.43
C TRP A 39 1.30 0.35 -2.05
N CYS A 40 0.33 0.37 -1.16
CA CYS A 40 0.52 0.80 0.22
C CYS A 40 -0.57 0.16 1.06
N SER A 41 -0.37 0.04 2.36
CA SER A 41 -1.39 -0.56 3.19
C SER A 41 -2.12 0.52 4.00
N THR A 42 -3.38 0.27 4.33
CA THR A 42 -4.17 1.21 5.11
C THR A 42 -3.85 0.99 6.58
N THR A 43 -3.30 -0.17 6.86
CA THR A 43 -2.93 -0.54 8.21
C THR A 43 -1.42 -0.51 8.36
N TYR A 44 -0.92 -0.87 9.54
CA TYR A 44 0.51 -0.88 9.77
C TYR A 44 1.12 -2.18 9.28
N ASN A 45 0.77 -3.29 9.91
CA ASN A 45 1.30 -4.58 9.52
C ASN A 45 0.45 -5.17 8.40
N PHE A 46 1.02 -5.27 7.20
CA PHE A 46 0.29 -5.80 6.05
C PHE A 46 -0.08 -7.27 6.24
N GLU A 47 0.89 -8.08 6.63
CA GLU A 47 0.68 -9.52 6.83
C GLU A 47 -0.43 -9.81 7.83
N LYS A 48 -0.45 -9.03 8.91
CA LYS A 48 -1.43 -9.21 9.97
C LYS A 48 -2.85 -8.80 9.55
N ASP A 49 -3.01 -7.59 9.02
CA ASP A 49 -4.33 -7.09 8.64
C ASP A 49 -4.74 -7.56 7.24
N GLY A 50 -3.90 -7.29 6.26
CA GLY A 50 -4.20 -7.70 4.91
C GLY A 50 -4.86 -6.61 4.08
N LYS A 51 -5.02 -5.43 4.65
CA LYS A 51 -5.64 -4.31 3.93
C LYS A 51 -4.60 -3.58 3.09
N TYR A 52 -4.85 -3.49 1.80
CA TYR A 52 -3.92 -2.83 0.89
C TYR A 52 -4.67 -2.20 -0.27
N GLY A 53 -3.93 -1.47 -1.08
CA GLY A 53 -4.51 -0.84 -2.23
C GLY A 53 -3.44 -0.24 -3.10
N PHE A 54 -3.76 0.03 -4.34
CA PHE A 54 -2.77 0.59 -5.25
C PHE A 54 -2.88 2.10 -5.32
N CYS A 55 -1.72 2.75 -5.41
CA CYS A 55 -1.66 4.20 -5.49
C CYS A 55 -1.91 4.66 -6.92
N PRO A 56 -3.05 5.31 -7.17
CA PRO A 56 -3.43 5.77 -8.50
C PRO A 56 -2.73 7.05 -8.93
N HIS A 57 -1.83 6.92 -9.90
CA HIS A 57 -1.13 8.08 -10.43
C HIS A 57 -2.00 8.74 -11.49
N GLU A 58 -2.56 7.90 -12.35
CA GLU A 58 -3.44 8.34 -13.41
C GLU A 58 -4.55 7.33 -13.61
N ALA A 59 -5.76 7.70 -13.21
CA ALA A 59 -6.91 6.82 -13.33
C ALA A 59 -8.20 7.63 -13.46
N ARG A 1 -4.27 15.02 -3.00
CA ARG A 1 -3.73 13.88 -2.22
C ARG A 1 -4.71 12.71 -2.25
N ILE A 2 -4.50 11.79 -3.18
CA ILE A 2 -5.37 10.64 -3.31
C ILE A 2 -5.08 9.58 -2.26
N PRO A 3 -6.09 8.75 -1.96
CA PRO A 3 -6.00 7.70 -0.96
C PRO A 3 -5.53 6.37 -1.57
N VAL A 4 -6.49 5.57 -2.03
CA VAL A 4 -6.22 4.27 -2.64
C VAL A 4 -7.08 4.12 -3.89
N LYS A 5 -6.62 3.32 -4.86
CA LYS A 5 -7.36 3.12 -6.08
C LYS A 5 -8.01 1.75 -6.17
N TYR A 6 -7.26 0.77 -6.66
CA TYR A 6 -7.76 -0.59 -6.82
C TYR A 6 -7.34 -1.47 -5.66
N GLY A 7 -8.01 -2.61 -5.51
CA GLY A 7 -7.68 -3.54 -4.45
C GLY A 7 -8.84 -3.85 -3.55
N ASN A 8 -8.53 -4.27 -2.33
CA ASN A 8 -9.55 -4.64 -1.35
C ASN A 8 -9.57 -3.72 -0.13
N ALA A 9 -8.75 -2.67 -0.16
CA ALA A 9 -8.67 -1.71 0.94
C ALA A 9 -9.98 -0.95 1.10
N ASP A 10 -10.31 -0.64 2.35
CA ASP A 10 -11.55 0.07 2.68
C ASP A 10 -11.63 1.45 2.01
N GLY A 11 -10.85 2.41 2.49
CA GLY A 11 -10.89 3.74 1.91
C GLY A 11 -9.97 4.73 2.60
N GLU A 12 -8.88 4.25 3.18
CA GLU A 12 -7.93 5.13 3.85
C GLU A 12 -6.92 5.66 2.85
N TYR A 13 -6.07 6.57 3.31
CA TYR A 13 -5.02 7.12 2.49
C TYR A 13 -3.76 6.32 2.83
N CYS A 14 -2.82 6.21 1.89
CA CYS A 14 -1.59 5.44 2.11
C CYS A 14 -1.02 5.66 3.51
N LYS A 15 -0.93 4.58 4.28
CA LYS A 15 -0.42 4.65 5.65
C LYS A 15 1.09 4.73 5.61
N PHE A 16 1.61 5.91 5.91
CA PHE A 16 3.05 6.13 5.89
C PHE A 16 3.59 6.40 7.28
N PRO A 17 4.50 5.53 7.76
CA PRO A 17 4.97 4.38 7.02
C PRO A 17 4.19 3.10 7.34
N PHE A 18 4.23 2.14 6.45
CA PHE A 18 3.54 0.88 6.68
C PHE A 18 4.56 -0.25 6.79
N LEU A 19 4.25 -1.23 7.64
CA LEU A 19 5.15 -2.34 7.87
C LEU A 19 4.98 -3.45 6.84
N PHE A 20 5.98 -3.60 5.98
CA PHE A 20 5.96 -4.65 4.97
C PHE A 20 7.03 -5.69 5.29
N ASN A 21 6.60 -6.79 5.87
CA ASN A 21 7.50 -7.91 6.24
C ASN A 21 8.71 -7.44 7.05
N GLY A 22 8.57 -6.37 7.82
CA GLY A 22 9.67 -5.90 8.65
C GLY A 22 10.29 -4.58 8.23
N LYS A 23 9.78 -3.97 7.16
CA LYS A 23 10.32 -2.69 6.72
C LYS A 23 9.21 -1.66 6.54
N GLU A 24 9.43 -0.45 7.06
CA GLU A 24 8.45 0.62 6.96
C GLU A 24 8.72 1.49 5.73
N TYR A 25 7.71 1.62 4.89
CA TYR A 25 7.85 2.42 3.67
C TYR A 25 7.16 3.76 3.81
N ASN A 26 7.85 4.81 3.41
CA ASN A 26 7.32 6.17 3.48
C ASN A 26 6.59 6.53 2.19
N SER A 27 6.58 5.60 1.25
CA SER A 27 5.92 5.82 -0.04
C SER A 27 5.43 4.51 -0.64
N CYS A 28 4.97 4.56 -1.89
CA CYS A 28 4.49 3.38 -2.58
C CYS A 28 5.66 2.59 -3.17
N THR A 29 5.68 1.29 -2.93
CA THR A 29 6.74 0.44 -3.43
C THR A 29 6.16 -0.65 -4.34
N ASP A 30 7.00 -1.24 -5.19
CA ASP A 30 6.53 -2.30 -6.07
C ASP A 30 6.99 -3.64 -5.53
N THR A 31 7.53 -3.60 -4.31
CA THR A 31 8.03 -4.79 -3.64
C THR A 31 6.88 -5.77 -3.41
N GLY A 32 7.14 -7.03 -3.69
CA GLY A 32 6.11 -8.03 -3.51
C GLY A 32 5.26 -8.16 -4.75
N ARG A 33 5.25 -7.10 -5.57
CA ARG A 33 4.49 -7.07 -6.80
C ARG A 33 5.38 -7.41 -7.98
N SER A 34 5.09 -8.51 -8.64
CA SER A 34 5.88 -8.93 -9.79
C SER A 34 5.45 -8.16 -11.05
N ASP A 35 4.39 -7.37 -10.90
CA ASP A 35 3.85 -6.59 -12.01
C ASP A 35 4.43 -5.19 -12.05
N GLY A 36 5.26 -4.89 -11.07
CA GLY A 36 5.87 -3.57 -10.99
C GLY A 36 4.84 -2.48 -10.72
N PHE A 37 3.94 -2.77 -9.79
CA PHE A 37 2.90 -1.82 -9.42
C PHE A 37 3.18 -1.24 -8.05
N LEU A 38 3.05 0.08 -7.94
CA LEU A 38 3.28 0.77 -6.67
C LEU A 38 2.07 0.62 -5.78
N TRP A 39 2.29 0.19 -4.55
CA TRP A 39 1.18 0.00 -3.63
C TRP A 39 1.53 0.48 -2.23
N CYS A 40 0.50 0.53 -1.40
CA CYS A 40 0.63 0.94 -0.01
C CYS A 40 -0.47 0.27 0.78
N SER A 41 -0.38 0.29 2.09
CA SER A 41 -1.42 -0.32 2.91
C SER A 41 -2.20 0.76 3.64
N THR A 42 -3.38 0.40 4.10
CA THR A 42 -4.24 1.32 4.81
C THR A 42 -3.98 1.20 6.31
N THR A 43 -3.39 0.08 6.70
CA THR A 43 -3.05 -0.20 8.08
C THR A 43 -1.54 -0.22 8.22
N TYR A 44 -1.05 -0.41 9.44
CA TYR A 44 0.39 -0.46 9.68
C TYR A 44 0.93 -1.83 9.31
N ASN A 45 0.58 -2.84 10.10
CA ASN A 45 1.01 -4.20 9.82
C ASN A 45 0.19 -4.75 8.67
N PHE A 46 0.80 -4.78 7.49
CA PHE A 46 0.13 -5.23 6.27
C PHE A 46 -0.31 -6.70 6.34
N GLU A 47 0.64 -7.59 6.62
CA GLU A 47 0.37 -9.03 6.68
C GLU A 47 -0.80 -9.39 7.60
N LYS A 48 -0.87 -8.72 8.75
CA LYS A 48 -1.91 -8.99 9.73
C LYS A 48 -3.32 -8.71 9.18
N ASP A 49 -3.51 -7.51 8.63
CA ASP A 49 -4.81 -7.13 8.10
C ASP A 49 -5.06 -7.66 6.70
N GLY A 50 -4.13 -7.40 5.79
CA GLY A 50 -4.25 -7.88 4.43
C GLY A 50 -4.95 -6.90 3.50
N LYS A 51 -4.94 -5.62 3.87
CA LYS A 51 -5.58 -4.60 3.03
C LYS A 51 -4.54 -3.89 2.18
N TYR A 52 -4.69 -3.97 0.87
CA TYR A 52 -3.76 -3.33 -0.04
C TYR A 52 -4.49 -2.54 -1.12
N GLY A 53 -3.73 -1.77 -1.86
CA GLY A 53 -4.28 -0.97 -2.93
C GLY A 53 -3.18 -0.28 -3.68
N PHE A 54 -3.48 0.20 -4.89
CA PHE A 54 -2.47 0.87 -5.68
C PHE A 54 -2.60 2.38 -5.52
N CYS A 55 -1.46 3.06 -5.49
CA CYS A 55 -1.45 4.51 -5.29
C CYS A 55 -0.72 5.24 -6.41
N PRO A 56 -1.43 5.67 -7.45
CA PRO A 56 -0.85 6.42 -8.56
C PRO A 56 -0.75 7.90 -8.20
N HIS A 57 0.07 8.18 -7.19
CA HIS A 57 0.28 9.53 -6.66
C HIS A 57 0.74 10.50 -7.74
N GLU A 58 1.68 10.09 -8.57
CA GLU A 58 2.20 10.95 -9.63
C GLU A 58 1.29 10.90 -10.87
N ALA A 59 0.35 11.82 -10.92
CA ALA A 59 -0.59 11.90 -12.04
C ALA A 59 -0.80 13.35 -12.45
N ARG A 1 0.33 12.01 2.90
CA ARG A 1 -0.62 10.91 2.69
C ARG A 1 -1.28 11.03 1.33
N ILE A 2 -1.53 9.89 0.67
CA ILE A 2 -2.14 9.89 -0.64
C ILE A 2 -3.20 8.79 -0.74
N PRO A 3 -4.33 9.05 -1.44
CA PRO A 3 -5.44 8.10 -1.58
C PRO A 3 -5.05 6.74 -2.17
N VAL A 4 -6.05 5.88 -2.32
CA VAL A 4 -5.85 4.54 -2.86
C VAL A 4 -6.80 4.31 -4.04
N LYS A 5 -6.44 3.36 -4.93
CA LYS A 5 -7.27 3.08 -6.10
C LYS A 5 -7.88 1.68 -6.03
N TYR A 6 -7.23 0.71 -6.65
CA TYR A 6 -7.74 -0.65 -6.70
C TYR A 6 -7.34 -1.48 -5.47
N GLY A 7 -7.74 -2.75 -5.47
CA GLY A 7 -7.45 -3.63 -4.36
C GLY A 7 -8.70 -3.88 -3.54
N ASN A 8 -8.52 -4.23 -2.29
CA ASN A 8 -9.67 -4.48 -1.41
C ASN A 8 -9.95 -3.30 -0.50
N ALA A 9 -9.03 -2.35 -0.47
CA ALA A 9 -9.18 -1.17 0.36
C ALA A 9 -10.29 -0.27 -0.16
N ASP A 10 -11.07 0.28 0.77
CA ASP A 10 -12.19 1.14 0.43
C ASP A 10 -11.72 2.53 0.02
N GLY A 11 -11.54 3.41 0.99
CA GLY A 11 -11.11 4.76 0.70
C GLY A 11 -10.07 5.28 1.66
N GLU A 12 -9.53 4.39 2.48
CA GLU A 12 -8.50 4.79 3.44
C GLU A 12 -7.20 5.07 2.71
N TYR A 13 -6.70 6.29 2.82
CA TYR A 13 -5.46 6.67 2.13
C TYR A 13 -4.27 5.88 2.65
N CYS A 14 -3.21 5.83 1.85
CA CYS A 14 -1.99 5.11 2.20
C CYS A 14 -1.47 5.53 3.56
N LYS A 15 -1.15 4.55 4.38
CA LYS A 15 -0.63 4.81 5.71
C LYS A 15 0.89 4.80 5.69
N PHE A 16 1.49 5.97 5.83
CA PHE A 16 2.95 6.09 5.82
C PHE A 16 3.46 6.46 7.20
N PRO A 17 4.43 5.69 7.72
CA PRO A 17 5.01 4.55 7.04
C PRO A 17 4.30 3.24 7.39
N PHE A 18 4.20 2.33 6.42
CA PHE A 18 3.56 1.05 6.67
C PHE A 18 4.62 -0.05 6.80
N LEU A 19 4.30 -1.10 7.53
CA LEU A 19 5.24 -2.19 7.75
C LEU A 19 4.98 -3.37 6.81
N PHE A 20 5.89 -3.56 5.86
CA PHE A 20 5.80 -4.66 4.92
C PHE A 20 6.78 -5.75 5.30
N ASN A 21 6.26 -6.79 5.94
CA ASN A 21 7.09 -7.92 6.37
C ASN A 21 8.32 -7.50 7.17
N GLY A 22 8.23 -6.38 7.88
CA GLY A 22 9.35 -5.91 8.66
C GLY A 22 10.09 -4.73 8.07
N LYS A 23 9.56 -4.15 6.99
CA LYS A 23 10.21 -2.99 6.38
C LYS A 23 9.23 -1.84 6.25
N GLU A 24 9.57 -0.70 6.83
CA GLU A 24 8.71 0.48 6.79
C GLU A 24 8.94 1.28 5.51
N TYR A 25 7.85 1.62 4.83
CA TYR A 25 7.94 2.41 3.60
C TYR A 25 7.29 3.77 3.79
N ASN A 26 8.00 4.80 3.40
CA ASN A 26 7.49 6.17 3.52
C ASN A 26 6.75 6.54 2.25
N SER A 27 6.91 5.70 1.24
CA SER A 27 6.27 5.89 -0.05
C SER A 27 5.73 4.56 -0.54
N CYS A 28 4.98 4.59 -1.63
CA CYS A 28 4.43 3.37 -2.21
C CYS A 28 5.53 2.60 -2.93
N THR A 29 5.57 1.29 -2.74
CA THR A 29 6.60 0.47 -3.35
C THR A 29 6.00 -0.60 -4.25
N ASP A 30 6.83 -1.23 -5.07
CA ASP A 30 6.40 -2.29 -5.97
C ASP A 30 6.88 -3.64 -5.45
N THR A 31 7.47 -3.61 -4.26
CA THR A 31 8.01 -4.80 -3.63
C THR A 31 6.90 -5.81 -3.36
N GLY A 32 7.18 -7.07 -3.65
CA GLY A 32 6.22 -8.12 -3.41
C GLY A 32 5.22 -8.25 -4.55
N ARG A 33 5.26 -7.33 -5.51
CA ARG A 33 4.35 -7.35 -6.64
C ARG A 33 4.95 -8.14 -7.79
N SER A 34 4.26 -8.14 -8.93
CA SER A 34 4.74 -8.87 -10.10
C SER A 34 4.88 -7.96 -11.32
N ASP A 35 4.03 -6.94 -11.41
CA ASP A 35 4.07 -6.05 -12.55
C ASP A 35 4.60 -4.65 -12.21
N GLY A 36 5.30 -4.54 -11.10
CA GLY A 36 5.85 -3.26 -10.70
C GLY A 36 4.80 -2.21 -10.39
N PHE A 37 3.73 -2.62 -9.73
CA PHE A 37 2.68 -1.68 -9.37
C PHE A 37 2.94 -1.13 -7.98
N LEU A 38 2.81 0.17 -7.82
CA LEU A 38 3.03 0.80 -6.53
C LEU A 38 1.84 0.58 -5.63
N TRP A 39 2.09 0.10 -4.43
CA TRP A 39 1.02 -0.15 -3.48
C TRP A 39 1.39 0.33 -2.09
N CYS A 40 0.41 0.28 -1.20
CA CYS A 40 0.59 0.70 0.17
C CYS A 40 -0.38 -0.09 1.05
N SER A 41 -0.23 0.02 2.36
CA SER A 41 -1.11 -0.69 3.26
C SER A 41 -2.06 0.30 3.93
N THR A 42 -3.17 -0.22 4.42
CA THR A 42 -4.17 0.60 5.09
C THR A 42 -3.89 0.59 6.59
N THR A 43 -3.37 -0.54 7.05
CA THR A 43 -3.02 -0.71 8.44
C THR A 43 -1.52 -0.54 8.62
N TYR A 44 -1.02 -0.75 9.82
CA TYR A 44 0.41 -0.62 10.05
C TYR A 44 1.12 -1.90 9.64
N ASN A 45 0.65 -3.03 10.15
CA ASN A 45 1.24 -4.32 9.81
C ASN A 45 0.46 -4.94 8.65
N PHE A 46 1.06 -4.90 7.44
CA PHE A 46 0.41 -5.46 6.26
C PHE A 46 0.29 -6.98 6.32
N GLU A 47 1.31 -7.63 6.88
CA GLU A 47 1.29 -9.09 6.99
C GLU A 47 0.13 -9.59 7.85
N LYS A 48 -0.07 -8.94 8.99
CA LYS A 48 -1.12 -9.32 9.93
C LYS A 48 -2.52 -9.04 9.39
N ASP A 49 -2.78 -7.79 9.00
CA ASP A 49 -4.10 -7.40 8.50
C ASP A 49 -4.31 -7.80 7.05
N GLY A 50 -3.47 -7.30 6.16
CA GLY A 50 -3.58 -7.64 4.76
C GLY A 50 -4.33 -6.61 3.93
N LYS A 51 -4.52 -5.42 4.49
CA LYS A 51 -5.21 -4.35 3.77
C LYS A 51 -4.23 -3.59 2.89
N TYR A 52 -4.53 -3.49 1.59
CA TYR A 52 -3.66 -2.80 0.65
C TYR A 52 -4.47 -2.21 -0.49
N GLY A 53 -3.77 -1.49 -1.35
CA GLY A 53 -4.35 -0.91 -2.52
C GLY A 53 -3.28 -0.29 -3.37
N PHE A 54 -3.59 0.11 -4.60
CA PHE A 54 -2.59 0.69 -5.47
C PHE A 54 -2.47 2.18 -5.27
N CYS A 55 -1.27 2.68 -5.54
CA CYS A 55 -0.95 4.09 -5.36
C CYS A 55 -1.19 4.90 -6.62
N PRO A 56 -2.17 5.80 -6.59
CA PRO A 56 -2.49 6.67 -7.72
C PRO A 56 -1.69 7.97 -7.64
N HIS A 57 -1.96 8.91 -8.53
CA HIS A 57 -1.26 10.19 -8.48
C HIS A 57 -2.27 11.32 -8.34
N GLU A 58 -1.83 12.43 -7.77
CA GLU A 58 -2.71 13.58 -7.56
C GLU A 58 -2.42 14.67 -8.57
N ALA A 59 -1.16 14.78 -8.99
CA ALA A 59 -0.76 15.78 -9.96
C ALA A 59 0.62 15.44 -10.54
N ARG A 1 0.92 11.62 2.33
CA ARG A 1 -0.23 10.72 2.03
C ARG A 1 -0.53 10.72 0.52
N ILE A 2 -1.04 9.62 0.00
CA ILE A 2 -1.38 9.54 -1.42
C ILE A 2 -2.60 8.63 -1.64
N PRO A 3 -3.52 9.04 -2.53
CA PRO A 3 -4.77 8.31 -2.83
C PRO A 3 -4.60 6.84 -3.20
N VAL A 4 -5.71 6.10 -3.09
CA VAL A 4 -5.79 4.67 -3.43
C VAL A 4 -6.97 4.46 -4.34
N LYS A 5 -6.91 3.42 -5.17
CA LYS A 5 -8.02 3.17 -6.07
C LYS A 5 -8.46 1.70 -6.10
N TYR A 6 -7.57 0.79 -6.50
CA TYR A 6 -7.95 -0.63 -6.56
C TYR A 6 -7.39 -1.41 -5.38
N GLY A 7 -8.01 -2.56 -5.10
CA GLY A 7 -7.59 -3.41 -3.99
C GLY A 7 -8.72 -3.70 -3.04
N ASN A 8 -8.40 -3.98 -1.78
CA ASN A 8 -9.42 -4.30 -0.79
C ASN A 8 -9.49 -3.25 0.33
N ALA A 9 -8.70 -2.18 0.17
CA ALA A 9 -8.63 -1.10 1.14
C ALA A 9 -10.00 -0.47 1.37
N ASP A 10 -10.26 -0.08 2.61
CA ASP A 10 -11.53 0.53 2.99
C ASP A 10 -11.80 1.80 2.21
N GLY A 11 -10.76 2.61 2.03
CA GLY A 11 -10.92 3.86 1.30
C GLY A 11 -9.94 4.92 1.76
N GLU A 12 -9.14 4.58 2.77
CA GLU A 12 -8.14 5.49 3.30
C GLU A 12 -6.93 5.53 2.38
N TYR A 13 -6.20 6.63 2.40
CA TYR A 13 -5.02 6.76 1.57
C TYR A 13 -3.87 5.96 2.17
N CYS A 14 -2.76 5.91 1.46
CA CYS A 14 -1.58 5.17 1.91
C CYS A 14 -1.15 5.54 3.31
N LYS A 15 -1.05 4.53 4.17
CA LYS A 15 -0.61 4.73 5.54
C LYS A 15 0.91 4.73 5.58
N PHE A 16 1.50 5.85 5.95
CA PHE A 16 2.95 5.97 6.01
C PHE A 16 3.42 6.27 7.42
N PRO A 17 4.34 5.45 7.95
CA PRO A 17 4.89 4.31 7.23
C PRO A 17 4.11 3.02 7.48
N PHE A 18 4.13 2.10 6.52
CA PHE A 18 3.44 0.83 6.68
C PHE A 18 4.46 -0.29 6.80
N LEU A 19 4.11 -1.37 7.50
CA LEU A 19 5.02 -2.48 7.70
C LEU A 19 4.87 -3.57 6.65
N PHE A 20 5.96 -3.82 5.94
CA PHE A 20 6.01 -4.86 4.91
C PHE A 20 7.19 -5.76 5.19
N ASN A 21 6.94 -6.95 5.72
CA ASN A 21 8.00 -7.92 6.04
C ASN A 21 9.09 -7.30 6.93
N GLY A 22 8.67 -6.44 7.84
CA GLY A 22 9.62 -5.83 8.76
C GLY A 22 10.20 -4.51 8.26
N LYS A 23 9.72 -4.03 7.11
CA LYS A 23 10.22 -2.77 6.57
C LYS A 23 9.09 -1.75 6.48
N GLU A 24 9.30 -0.57 7.05
CA GLU A 24 8.30 0.48 7.03
C GLU A 24 8.54 1.41 5.85
N TYR A 25 7.54 1.53 4.98
CA TYR A 25 7.63 2.37 3.80
C TYR A 25 6.90 3.69 3.97
N ASN A 26 7.53 4.77 3.53
CA ASN A 26 6.92 6.09 3.58
C ASN A 26 6.53 6.52 2.18
N SER A 27 6.45 5.54 1.29
CA SER A 27 6.09 5.76 -0.09
C SER A 27 5.53 4.48 -0.69
N CYS A 28 5.06 4.55 -1.92
CA CYS A 28 4.52 3.38 -2.60
C CYS A 28 5.66 2.56 -3.16
N THR A 29 5.62 1.25 -2.97
CA THR A 29 6.68 0.40 -3.47
C THR A 29 6.12 -0.68 -4.40
N ASP A 30 6.98 -1.27 -5.23
CA ASP A 30 6.56 -2.33 -6.13
C ASP A 30 7.00 -3.67 -5.57
N THR A 31 7.56 -3.62 -4.37
CA THR A 31 8.03 -4.81 -3.68
C THR A 31 6.88 -5.78 -3.49
N GLY A 32 7.12 -7.04 -3.79
CA GLY A 32 6.08 -8.04 -3.67
C GLY A 32 5.29 -8.16 -4.96
N ARG A 33 5.30 -7.10 -5.76
CA ARG A 33 4.61 -7.07 -7.04
C ARG A 33 5.61 -7.30 -8.16
N SER A 34 5.51 -8.44 -8.82
CA SER A 34 6.40 -8.74 -9.94
C SER A 34 5.93 -7.99 -11.18
N ASP A 35 4.79 -7.34 -11.04
CA ASP A 35 4.18 -6.57 -12.11
C ASP A 35 4.68 -5.14 -12.12
N GLY A 36 5.46 -4.82 -11.11
CA GLY A 36 6.01 -3.48 -10.98
C GLY A 36 4.94 -2.42 -10.76
N PHE A 37 4.05 -2.67 -9.81
CA PHE A 37 2.99 -1.71 -9.51
C PHE A 37 3.16 -1.13 -8.11
N LEU A 38 2.89 0.16 -7.98
CA LEU A 38 3.02 0.85 -6.70
C LEU A 38 1.82 0.59 -5.81
N TRP A 39 2.07 0.14 -4.59
CA TRP A 39 0.99 -0.14 -3.65
C TRP A 39 1.39 0.28 -2.23
N CYS A 40 0.42 0.18 -1.33
CA CYS A 40 0.61 0.53 0.07
C CYS A 40 -0.50 -0.13 0.88
N SER A 41 -0.36 -0.16 2.20
CA SER A 41 -1.40 -0.77 3.02
C SER A 41 -2.21 0.31 3.72
N THR A 42 -3.40 -0.06 4.18
CA THR A 42 -4.29 0.87 4.86
C THR A 42 -4.03 0.81 6.37
N THR A 43 -3.51 -0.32 6.81
CA THR A 43 -3.20 -0.54 8.21
C THR A 43 -1.71 -0.44 8.44
N TYR A 44 -1.28 -0.57 9.69
CA TYR A 44 0.14 -0.52 10.01
C TYR A 44 0.81 -1.83 9.64
N ASN A 45 0.23 -2.94 10.08
CA ASN A 45 0.78 -4.25 9.77
C ASN A 45 0.03 -4.85 8.58
N PHE A 46 0.68 -4.87 7.42
CA PHE A 46 0.07 -5.41 6.21
C PHE A 46 -0.06 -6.93 6.27
N GLU A 47 1.00 -7.57 6.75
CA GLU A 47 1.06 -9.02 6.87
C GLU A 47 -0.13 -9.58 7.64
N LYS A 48 -0.52 -8.89 8.70
CA LYS A 48 -1.62 -9.33 9.55
C LYS A 48 -3.00 -8.96 8.99
N ASP A 49 -3.21 -7.67 8.71
CA ASP A 49 -4.51 -7.20 8.21
C ASP A 49 -4.74 -7.58 6.76
N GLY A 50 -3.82 -7.19 5.90
CA GLY A 50 -3.95 -7.51 4.50
C GLY A 50 -4.66 -6.43 3.70
N LYS A 51 -4.90 -5.27 4.31
CA LYS A 51 -5.57 -4.18 3.62
C LYS A 51 -4.57 -3.40 2.79
N TYR A 52 -4.81 -3.31 1.49
CA TYR A 52 -3.90 -2.62 0.59
C TYR A 52 -4.66 -2.04 -0.59
N GLY A 53 -3.93 -1.32 -1.41
CA GLY A 53 -4.49 -0.74 -2.60
C GLY A 53 -3.41 -0.18 -3.48
N PHE A 54 -3.75 0.15 -4.71
CA PHE A 54 -2.77 0.69 -5.63
C PHE A 54 -2.73 2.19 -5.56
N CYS A 55 -1.53 2.73 -5.49
CA CYS A 55 -1.36 4.17 -5.40
C CYS A 55 -0.43 4.72 -6.49
N PRO A 56 -0.66 4.39 -7.78
CA PRO A 56 0.18 4.89 -8.85
C PRO A 56 -0.22 6.31 -9.25
N HIS A 57 0.78 7.14 -9.54
CA HIS A 57 0.52 8.51 -9.93
C HIS A 57 0.66 8.64 -11.44
N GLU A 58 -0.26 7.99 -12.15
CA GLU A 58 -0.24 7.99 -13.61
C GLU A 58 -0.59 9.37 -14.18
N ALA A 59 -1.64 9.98 -13.64
CA ALA A 59 -2.07 11.30 -14.08
C ALA A 59 -2.92 11.97 -13.02
N ARG A 1 -2.93 12.53 2.07
CA ARG A 1 -2.79 11.07 2.27
C ARG A 1 -4.14 10.38 2.13
N ILE A 2 -4.47 9.93 0.92
CA ILE A 2 -5.74 9.27 0.67
C ILE A 2 -5.91 8.66 -0.76
N PRO A 3 -5.00 8.92 -1.78
CA PRO A 3 -5.20 8.36 -3.13
C PRO A 3 -4.98 6.85 -3.26
N VAL A 4 -5.90 6.06 -2.74
CA VAL A 4 -5.84 4.61 -2.88
C VAL A 4 -6.91 4.19 -3.88
N LYS A 5 -6.57 3.31 -4.82
CA LYS A 5 -7.55 2.92 -5.83
C LYS A 5 -7.86 1.43 -5.80
N TYR A 6 -7.24 0.70 -6.71
CA TYR A 6 -7.46 -0.74 -6.87
C TYR A 6 -7.08 -1.52 -5.62
N GLY A 7 -7.70 -2.68 -5.45
CA GLY A 7 -7.46 -3.52 -4.28
C GLY A 7 -8.71 -3.62 -3.45
N ASN A 8 -8.56 -3.88 -2.17
CA ASN A 8 -9.76 -3.97 -1.32
C ASN A 8 -9.93 -2.74 -0.43
N ALA A 9 -8.93 -1.88 -0.40
CA ALA A 9 -8.97 -0.67 0.41
C ALA A 9 -9.75 0.43 -0.33
N ASP A 10 -11.07 0.26 -0.43
CA ASP A 10 -11.91 1.22 -1.13
C ASP A 10 -12.18 2.44 -0.27
N GLY A 11 -11.53 3.55 -0.60
CA GLY A 11 -11.71 4.78 0.15
C GLY A 11 -10.77 4.90 1.33
N GLU A 12 -9.80 3.99 1.42
CA GLU A 12 -8.84 4.01 2.51
C GLU A 12 -7.62 4.87 2.15
N TYR A 13 -6.77 5.12 3.15
CA TYR A 13 -5.60 5.94 2.98
C TYR A 13 -4.31 5.13 3.15
N CYS A 14 -3.23 5.57 2.51
CA CYS A 14 -1.95 4.88 2.63
C CYS A 14 -1.34 5.17 3.98
N LYS A 15 -1.03 4.14 4.74
CA LYS A 15 -0.46 4.29 6.06
C LYS A 15 1.06 4.28 5.98
N PHE A 16 1.67 5.44 6.15
CA PHE A 16 3.12 5.55 6.11
C PHE A 16 3.67 5.88 7.48
N PRO A 17 4.70 5.14 7.94
CA PRO A 17 5.29 4.04 7.19
C PRO A 17 4.67 2.70 7.55
N PHE A 18 4.34 1.91 6.55
CA PHE A 18 3.76 0.60 6.80
C PHE A 18 4.83 -0.47 6.85
N LEU A 19 4.70 -1.39 7.80
CA LEU A 19 5.66 -2.47 7.99
C LEU A 19 5.42 -3.62 7.02
N PHE A 20 6.38 -3.81 6.12
CA PHE A 20 6.32 -4.89 5.14
C PHE A 20 7.57 -5.74 5.28
N ASN A 21 7.42 -6.94 5.81
CA ASN A 21 8.54 -7.87 6.00
C ASN A 21 9.64 -7.25 6.87
N GLY A 22 9.27 -6.30 7.71
CA GLY A 22 10.23 -5.66 8.58
C GLY A 22 10.73 -4.33 8.05
N LYS A 23 10.24 -3.92 6.89
CA LYS A 23 10.65 -2.65 6.30
C LYS A 23 9.46 -1.70 6.24
N GLU A 24 9.62 -0.53 6.85
CA GLU A 24 8.56 0.46 6.86
C GLU A 24 8.70 1.42 5.68
N TYR A 25 7.70 1.39 4.79
CA TYR A 25 7.70 2.25 3.62
C TYR A 25 6.92 3.53 3.85
N ASN A 26 7.52 4.64 3.47
CA ASN A 26 6.88 5.95 3.59
C ASN A 26 6.34 6.37 2.23
N SER A 27 6.45 5.46 1.28
CA SER A 27 5.98 5.68 -0.08
C SER A 27 5.49 4.36 -0.66
N CYS A 28 4.73 4.43 -1.73
CA CYS A 28 4.20 3.24 -2.38
C CYS A 28 5.33 2.40 -2.97
N THR A 29 5.32 1.10 -2.72
CA THR A 29 6.35 0.21 -3.22
C THR A 29 5.78 -0.81 -4.20
N ASP A 30 6.66 -1.50 -4.93
CA ASP A 30 6.24 -2.51 -5.88
C ASP A 30 6.58 -3.89 -5.34
N THR A 31 7.17 -3.90 -4.16
CA THR A 31 7.57 -5.13 -3.49
C THR A 31 6.36 -6.04 -3.28
N GLY A 32 6.53 -7.32 -3.55
CA GLY A 32 5.43 -8.25 -3.40
C GLY A 32 4.68 -8.43 -4.70
N ARG A 33 4.80 -7.42 -5.58
CA ARG A 33 4.17 -7.46 -6.88
C ARG A 33 5.18 -7.94 -7.91
N SER A 34 4.73 -8.12 -9.15
CA SER A 34 5.62 -8.61 -10.20
C SER A 34 5.61 -7.71 -11.43
N ASP A 35 4.66 -6.79 -11.50
CA ASP A 35 4.56 -5.90 -12.65
C ASP A 35 4.90 -4.45 -12.30
N GLY A 36 5.63 -4.28 -11.21
CA GLY A 36 6.05 -2.95 -10.80
C GLY A 36 4.91 -2.03 -10.41
N PHE A 37 3.81 -2.59 -9.92
CA PHE A 37 2.69 -1.76 -9.50
C PHE A 37 2.90 -1.27 -8.07
N LEU A 38 2.83 0.04 -7.89
CA LEU A 38 3.02 0.65 -6.58
C LEU A 38 1.77 0.53 -5.73
N TRP A 39 1.94 0.01 -4.52
CA TRP A 39 0.82 -0.17 -3.59
C TRP A 39 1.20 0.32 -2.20
N CYS A 40 0.22 0.33 -1.32
CA CYS A 40 0.41 0.77 0.05
C CYS A 40 -0.56 0.05 0.95
N SER A 41 -0.30 0.03 2.25
CA SER A 41 -1.20 -0.62 3.18
C SER A 41 -1.98 0.45 3.94
N THR A 42 -3.09 0.07 4.52
CA THR A 42 -3.91 0.99 5.30
C THR A 42 -3.61 0.82 6.78
N THR A 43 -2.89 -0.24 7.09
CA THR A 43 -2.53 -0.55 8.47
C THR A 43 -1.03 -0.45 8.69
N TYR A 44 -0.62 -0.43 9.96
CA TYR A 44 0.76 -0.34 10.33
C TYR A 44 1.51 -1.62 9.98
N ASN A 45 0.82 -2.76 10.05
CA ASN A 45 1.42 -4.05 9.73
C ASN A 45 0.55 -4.75 8.69
N PHE A 46 1.02 -4.78 7.45
CA PHE A 46 0.29 -5.41 6.34
C PHE A 46 0.11 -6.90 6.55
N GLU A 47 1.05 -7.52 7.25
CA GLU A 47 1.01 -8.96 7.50
C GLU A 47 -0.20 -9.39 8.33
N LYS A 48 -0.57 -8.59 9.34
CA LYS A 48 -1.68 -8.93 10.22
C LYS A 48 -3.05 -8.62 9.62
N ASP A 49 -3.21 -7.45 9.02
CA ASP A 49 -4.50 -7.05 8.47
C ASP A 49 -4.63 -7.40 6.99
N GLY A 50 -3.71 -6.92 6.18
CA GLY A 50 -3.76 -7.22 4.76
C GLY A 50 -4.49 -6.18 3.93
N LYS A 51 -4.75 -5.02 4.52
CA LYS A 51 -5.43 -3.96 3.80
C LYS A 51 -4.46 -3.27 2.87
N TYR A 52 -4.73 -3.31 1.56
CA TYR A 52 -3.84 -2.70 0.59
C TYR A 52 -4.60 -2.09 -0.58
N GLY A 53 -3.94 -1.19 -1.27
CA GLY A 53 -4.51 -0.55 -2.42
C GLY A 53 -3.44 0.05 -3.28
N PHE A 54 -3.74 0.26 -4.56
CA PHE A 54 -2.76 0.83 -5.46
C PHE A 54 -2.89 2.33 -5.52
N CYS A 55 -1.78 3.01 -5.31
CA CYS A 55 -1.73 4.46 -5.32
C CYS A 55 -2.08 5.04 -6.70
N PRO A 56 -1.47 4.54 -7.80
CA PRO A 56 -1.78 5.05 -9.15
C PRO A 56 -3.24 4.76 -9.53
N HIS A 57 -3.92 5.78 -10.01
CA HIS A 57 -5.32 5.66 -10.42
C HIS A 57 -5.40 5.07 -11.82
N GLU A 58 -4.30 5.14 -12.55
CA GLU A 58 -4.25 4.62 -13.91
C GLU A 58 -3.76 3.18 -13.92
N ALA A 59 -4.29 2.41 -14.86
CA ALA A 59 -3.93 1.01 -15.02
C ALA A 59 -4.20 0.57 -16.46
N ARG A 1 -9.73 7.82 -0.20
CA ARG A 1 -8.92 9.01 -0.55
C ARG A 1 -8.51 8.97 -2.02
N ILE A 2 -7.29 9.39 -2.32
CA ILE A 2 -6.81 9.38 -3.70
C ILE A 2 -5.53 8.52 -3.90
N PRO A 3 -4.59 8.44 -2.92
CA PRO A 3 -3.38 7.61 -3.08
C PRO A 3 -3.68 6.12 -3.09
N VAL A 4 -4.93 5.77 -2.80
CA VAL A 4 -5.36 4.37 -2.79
C VAL A 4 -6.69 4.24 -3.51
N LYS A 5 -6.82 3.22 -4.34
CA LYS A 5 -8.06 3.02 -5.07
C LYS A 5 -8.37 1.53 -5.22
N TYR A 6 -7.55 0.86 -6.01
CA TYR A 6 -7.74 -0.57 -6.27
C TYR A 6 -7.31 -1.41 -5.08
N GLY A 7 -7.83 -2.62 -5.02
CA GLY A 7 -7.54 -3.52 -3.90
C GLY A 7 -8.73 -3.56 -2.99
N ASN A 8 -8.51 -3.77 -1.71
CA ASN A 8 -9.63 -3.82 -0.77
C ASN A 8 -9.65 -2.60 0.16
N ALA A 9 -8.77 -1.63 -0.11
CA ALA A 9 -8.72 -0.41 0.67
C ALA A 9 -9.48 0.70 -0.06
N ASP A 10 -10.60 0.35 -0.69
CA ASP A 10 -11.40 1.32 -1.43
C ASP A 10 -11.94 2.39 -0.50
N GLY A 11 -11.50 3.62 -0.71
CA GLY A 11 -11.94 4.73 0.13
C GLY A 11 -10.96 5.02 1.25
N GLU A 12 -9.94 4.18 1.35
CA GLU A 12 -8.92 4.36 2.39
C GLU A 12 -7.79 5.27 1.92
N TYR A 13 -6.79 5.42 2.79
CA TYR A 13 -5.65 6.26 2.54
C TYR A 13 -4.35 5.49 2.82
N CYS A 14 -3.23 5.95 2.28
CA CYS A 14 -1.96 5.26 2.50
C CYS A 14 -1.42 5.54 3.89
N LYS A 15 -1.10 4.47 4.61
CA LYS A 15 -0.58 4.61 5.97
C LYS A 15 0.94 4.65 5.90
N PHE A 16 1.51 5.84 6.00
CA PHE A 16 2.96 6.01 5.93
C PHE A 16 3.54 6.34 7.30
N PRO A 17 4.56 5.58 7.74
CA PRO A 17 5.11 4.47 6.99
C PRO A 17 4.46 3.14 7.35
N PHE A 18 4.33 2.25 6.38
CA PHE A 18 3.72 0.95 6.65
C PHE A 18 4.81 -0.09 6.82
N LEU A 19 4.49 -1.18 7.50
CA LEU A 19 5.47 -2.23 7.74
C LEU A 19 5.27 -3.41 6.79
N PHE A 20 6.29 -3.71 6.00
CA PHE A 20 6.26 -4.83 5.08
C PHE A 20 7.44 -5.74 5.35
N ASN A 21 7.18 -6.86 5.99
CA ASN A 21 8.22 -7.84 6.32
C ASN A 21 9.36 -7.19 7.10
N GLY A 22 9.04 -6.27 8.00
CA GLY A 22 10.04 -5.62 8.81
C GLY A 22 10.63 -4.36 8.19
N LYS A 23 10.16 -3.99 7.01
CA LYS A 23 10.66 -2.79 6.34
C LYS A 23 9.55 -1.74 6.25
N GLU A 24 9.83 -0.55 6.76
CA GLU A 24 8.85 0.52 6.73
C GLU A 24 8.97 1.35 5.46
N TYR A 25 7.85 1.63 4.82
CA TYR A 25 7.83 2.42 3.61
C TYR A 25 7.02 3.70 3.80
N ASN A 26 7.66 4.83 3.54
CA ASN A 26 7.00 6.13 3.64
C ASN A 26 6.45 6.53 2.28
N SER A 27 6.40 5.55 1.39
CA SER A 27 5.90 5.75 0.04
C SER A 27 5.36 4.42 -0.49
N CYS A 28 4.79 4.45 -1.68
CA CYS A 28 4.25 3.25 -2.30
C CYS A 28 5.40 2.44 -2.90
N THR A 29 5.33 1.12 -2.78
CA THR A 29 6.40 0.27 -3.30
C THR A 29 5.85 -0.81 -4.22
N ASP A 30 6.72 -1.43 -5.02
CA ASP A 30 6.30 -2.49 -5.93
C ASP A 30 6.73 -3.82 -5.37
N THR A 31 7.28 -3.80 -4.17
CA THR A 31 7.77 -4.99 -3.50
C THR A 31 6.63 -5.99 -3.31
N GLY A 32 6.92 -7.25 -3.54
CA GLY A 32 5.90 -8.27 -3.41
C GLY A 32 5.13 -8.43 -4.71
N ARG A 33 4.95 -7.32 -5.41
CA ARG A 33 4.25 -7.29 -6.70
C ARG A 33 5.19 -7.71 -7.81
N SER A 34 4.63 -8.21 -8.90
CA SER A 34 5.42 -8.64 -10.03
C SER A 34 5.18 -7.71 -11.22
N ASP A 35 4.11 -6.93 -11.12
CA ASP A 35 3.73 -5.99 -12.16
C ASP A 35 4.42 -4.65 -11.99
N GLY A 36 5.24 -4.54 -10.98
CA GLY A 36 5.92 -3.29 -10.70
C GLY A 36 4.92 -2.20 -10.37
N PHE A 37 3.86 -2.61 -9.69
CA PHE A 37 2.77 -1.71 -9.32
C PHE A 37 3.00 -1.21 -7.89
N LEU A 38 2.95 0.11 -7.70
CA LEU A 38 3.16 0.70 -6.39
C LEU A 38 1.92 0.57 -5.52
N TRP A 39 2.09 0.04 -4.32
CA TRP A 39 0.99 -0.14 -3.40
C TRP A 39 1.38 0.27 -1.98
N CYS A 40 0.39 0.32 -1.10
CA CYS A 40 0.60 0.67 0.28
C CYS A 40 -0.47 -0.04 1.11
N SER A 41 -0.23 -0.25 2.39
CA SER A 41 -1.23 -0.90 3.22
C SER A 41 -2.04 0.12 3.99
N THR A 42 -3.25 -0.27 4.39
CA THR A 42 -4.12 0.63 5.13
C THR A 42 -3.71 0.66 6.60
N THR A 43 -3.27 -0.48 7.08
CA THR A 43 -2.84 -0.62 8.45
C THR A 43 -1.33 -0.52 8.55
N TYR A 44 -0.79 -0.77 9.73
CA TYR A 44 0.64 -0.71 9.94
C TYR A 44 1.31 -1.95 9.35
N ASN A 45 1.01 -3.11 9.91
CA ASN A 45 1.59 -4.35 9.42
C ASN A 45 0.65 -5.00 8.41
N PHE A 46 1.07 -5.02 7.14
CA PHE A 46 0.27 -5.61 6.07
C PHE A 46 0.04 -7.11 6.26
N GLU A 47 1.05 -7.80 6.78
CA GLU A 47 0.98 -9.25 6.99
C GLU A 47 -0.24 -9.70 7.81
N LYS A 48 -0.51 -9.01 8.91
CA LYS A 48 -1.62 -9.39 9.78
C LYS A 48 -3.00 -8.93 9.29
N ASP A 49 -3.08 -7.72 8.75
CA ASP A 49 -4.37 -7.19 8.30
C ASP A 49 -4.70 -7.59 6.87
N GLY A 50 -3.77 -7.40 5.96
CA GLY A 50 -3.98 -7.76 4.57
C GLY A 50 -4.65 -6.68 3.75
N LYS A 51 -4.85 -5.50 4.35
CA LYS A 51 -5.47 -4.40 3.65
C LYS A 51 -4.44 -3.62 2.84
N TYR A 52 -4.71 -3.48 1.55
CA TYR A 52 -3.80 -2.79 0.65
C TYR A 52 -4.56 -2.11 -0.50
N GLY A 53 -3.83 -1.30 -1.25
CA GLY A 53 -4.38 -0.61 -2.39
C GLY A 53 -3.29 -0.05 -3.26
N PHE A 54 -3.60 0.20 -4.53
CA PHE A 54 -2.61 0.72 -5.44
C PHE A 54 -2.69 2.24 -5.53
N CYS A 55 -1.53 2.87 -5.71
CA CYS A 55 -1.44 4.31 -5.75
C CYS A 55 -1.43 4.92 -7.17
N PRO A 56 -0.51 4.49 -8.08
CA PRO A 56 -0.43 5.05 -9.42
C PRO A 56 -1.55 4.60 -10.35
N HIS A 57 -2.50 5.50 -10.60
CA HIS A 57 -3.61 5.22 -11.49
C HIS A 57 -3.47 6.01 -12.79
N GLU A 58 -2.38 6.76 -12.89
CA GLU A 58 -2.10 7.57 -14.06
C GLU A 58 -0.99 6.94 -14.91
N ALA A 59 -0.81 5.64 -14.76
CA ALA A 59 0.21 4.92 -15.51
C ALA A 59 -0.41 3.79 -16.31
N ARG A 1 0.28 12.29 1.22
CA ARG A 1 -0.33 10.97 1.53
C ARG A 1 -1.29 10.56 0.43
N ILE A 2 -0.76 9.93 -0.63
CA ILE A 2 -1.56 9.51 -1.77
C ILE A 2 -2.68 8.55 -1.32
N PRO A 3 -3.84 8.62 -2.01
CA PRO A 3 -5.00 7.79 -1.70
C PRO A 3 -4.84 6.32 -2.12
N VAL A 4 -5.94 5.58 -2.06
CA VAL A 4 -5.96 4.18 -2.44
C VAL A 4 -7.11 3.93 -3.41
N LYS A 5 -6.96 2.96 -4.31
CA LYS A 5 -8.02 2.67 -5.26
C LYS A 5 -8.37 1.18 -5.32
N TYR A 6 -7.70 0.44 -6.19
CA TYR A 6 -7.98 -0.99 -6.36
C TYR A 6 -7.37 -1.82 -5.24
N GLY A 7 -8.07 -2.90 -4.88
CA GLY A 7 -7.63 -3.79 -3.84
C GLY A 7 -8.79 -4.12 -2.92
N ASN A 8 -8.49 -4.47 -1.68
CA ASN A 8 -9.55 -4.81 -0.73
C ASN A 8 -9.85 -3.65 0.24
N ALA A 9 -9.19 -2.50 0.02
CA ALA A 9 -9.41 -1.31 0.82
C ALA A 9 -10.52 -0.48 0.21
N ASP A 10 -10.86 0.63 0.82
CA ASP A 10 -11.90 1.50 0.30
C ASP A 10 -11.30 2.68 -0.43
N GLY A 11 -11.40 3.86 0.18
CA GLY A 11 -10.87 5.06 -0.42
C GLY A 11 -9.98 5.84 0.54
N GLU A 12 -9.31 5.13 1.44
CA GLU A 12 -8.41 5.75 2.41
C GLU A 12 -7.12 6.18 1.71
N TYR A 13 -6.17 6.69 2.48
CA TYR A 13 -4.88 7.08 1.93
C TYR A 13 -3.79 6.23 2.55
N CYS A 14 -2.73 6.00 1.78
CA CYS A 14 -1.61 5.17 2.20
C CYS A 14 -1.14 5.52 3.62
N LYS A 15 -0.93 4.50 4.44
CA LYS A 15 -0.46 4.72 5.80
C LYS A 15 1.05 4.80 5.79
N PHE A 16 1.57 5.98 6.09
CA PHE A 16 3.02 6.18 6.09
C PHE A 16 3.52 6.47 7.49
N PRO A 17 4.41 5.63 8.01
CA PRO A 17 4.93 4.46 7.31
C PRO A 17 4.16 3.17 7.63
N PHE A 18 4.28 2.18 6.74
CA PHE A 18 3.63 0.90 6.96
C PHE A 18 4.70 -0.20 7.02
N LEU A 19 4.41 -1.28 7.71
CA LEU A 19 5.36 -2.38 7.87
C LEU A 19 5.10 -3.49 6.86
N PHE A 20 6.11 -3.78 6.05
CA PHE A 20 6.03 -4.83 5.04
C PHE A 20 7.19 -5.81 5.20
N ASN A 21 6.90 -6.96 5.77
CA ASN A 21 7.90 -8.02 5.98
C ASN A 21 9.14 -7.51 6.71
N GLY A 22 8.95 -6.59 7.66
CA GLY A 22 10.08 -6.09 8.43
C GLY A 22 10.63 -4.76 7.94
N LYS A 23 10.05 -4.20 6.89
CA LYS A 23 10.51 -2.91 6.36
C LYS A 23 9.38 -1.89 6.34
N GLU A 24 9.66 -0.69 6.83
CA GLU A 24 8.68 0.38 6.84
C GLU A 24 8.85 1.25 5.60
N TYR A 25 7.74 1.54 4.93
CA TYR A 25 7.77 2.36 3.73
C TYR A 25 7.12 3.71 3.96
N ASN A 26 7.74 4.75 3.43
CA ASN A 26 7.21 6.10 3.56
C ASN A 26 6.52 6.51 2.27
N SER A 27 6.50 5.59 1.31
CA SER A 27 5.88 5.84 0.01
C SER A 27 5.37 4.53 -0.60
N CYS A 28 4.88 4.60 -1.83
CA CYS A 28 4.37 3.41 -2.51
C CYS A 28 5.54 2.59 -3.05
N THR A 29 5.52 1.30 -2.79
CA THR A 29 6.58 0.43 -3.26
C THR A 29 6.05 -0.60 -4.26
N ASP A 30 6.97 -1.24 -4.98
CA ASP A 30 6.61 -2.26 -5.95
C ASP A 30 6.97 -3.63 -5.42
N THR A 31 7.47 -3.64 -4.18
CA THR A 31 7.88 -4.87 -3.52
C THR A 31 6.70 -5.82 -3.38
N GLY A 32 6.93 -7.09 -3.67
CA GLY A 32 5.87 -8.06 -3.58
C GLY A 32 5.08 -8.14 -4.87
N ARG A 33 5.14 -7.06 -5.65
CA ARG A 33 4.44 -6.98 -6.93
C ARG A 33 5.42 -7.23 -8.05
N SER A 34 5.21 -8.29 -8.81
CA SER A 34 6.08 -8.63 -9.91
C SER A 34 5.78 -7.75 -11.13
N ASP A 35 4.72 -6.97 -11.04
CA ASP A 35 4.30 -6.11 -12.12
C ASP A 35 4.84 -4.70 -11.96
N GLY A 36 5.62 -4.49 -10.90
CA GLY A 36 6.18 -3.19 -10.64
C GLY A 36 5.10 -2.16 -10.32
N PHE A 37 4.00 -2.62 -9.75
CA PHE A 37 2.90 -1.72 -9.41
C PHE A 37 3.11 -1.10 -8.05
N LEU A 38 2.83 0.19 -7.96
CA LEU A 38 2.97 0.93 -6.72
C LEU A 38 1.78 0.67 -5.81
N TRP A 39 2.04 0.19 -4.60
CA TRP A 39 0.97 -0.08 -3.66
C TRP A 39 1.34 0.36 -2.25
N CYS A 40 0.37 0.29 -1.35
CA CYS A 40 0.55 0.68 0.03
C CYS A 40 -0.56 0.02 0.86
N SER A 41 -0.42 0.01 2.17
CA SER A 41 -1.45 -0.57 3.01
C SER A 41 -2.10 0.50 3.87
N THR A 42 -3.32 0.25 4.33
CA THR A 42 -4.03 1.21 5.16
C THR A 42 -3.66 0.99 6.63
N THR A 43 -3.28 -0.24 6.94
CA THR A 43 -2.90 -0.61 8.29
C THR A 43 -1.38 -0.60 8.44
N TYR A 44 -0.90 -0.78 9.67
CA TYR A 44 0.52 -0.79 9.93
C TYR A 44 1.16 -2.09 9.43
N ASN A 45 0.80 -3.20 10.05
CA ASN A 45 1.34 -4.49 9.67
C ASN A 45 0.49 -5.11 8.57
N PHE A 46 1.02 -5.14 7.35
CA PHE A 46 0.30 -5.69 6.21
C PHE A 46 0.11 -7.22 6.33
N GLU A 47 1.09 -7.89 6.91
CA GLU A 47 1.05 -9.34 7.07
C GLU A 47 -0.23 -9.83 7.78
N LYS A 48 -0.51 -9.24 8.93
CA LYS A 48 -1.68 -9.66 9.73
C LYS A 48 -3.00 -9.08 9.24
N ASP A 49 -2.99 -7.87 8.70
CA ASP A 49 -4.22 -7.24 8.25
C ASP A 49 -4.54 -7.58 6.81
N GLY A 50 -3.68 -7.20 5.89
CA GLY A 50 -3.90 -7.49 4.49
C GLY A 50 -4.68 -6.41 3.76
N LYS A 51 -5.02 -5.32 4.47
CA LYS A 51 -5.76 -4.22 3.83
C LYS A 51 -4.80 -3.38 3.01
N TYR A 52 -4.94 -3.44 1.69
CA TYR A 52 -4.07 -2.70 0.80
C TYR A 52 -4.82 -2.17 -0.40
N GLY A 53 -4.10 -1.47 -1.24
CA GLY A 53 -4.65 -0.94 -2.46
C GLY A 53 -3.57 -0.34 -3.31
N PHE A 54 -3.88 -0.08 -4.57
CA PHE A 54 -2.90 0.49 -5.47
C PHE A 54 -2.98 2.01 -5.46
N CYS A 55 -1.81 2.63 -5.46
CA CYS A 55 -1.71 4.08 -5.46
C CYS A 55 -2.13 4.62 -6.83
N PRO A 56 -3.03 5.63 -6.87
CA PRO A 56 -3.51 6.22 -8.12
C PRO A 56 -2.48 7.12 -8.79
N HIS A 57 -1.24 7.02 -8.35
CA HIS A 57 -0.15 7.79 -8.90
C HIS A 57 0.91 6.86 -9.45
N GLU A 58 0.52 6.04 -10.43
CA GLU A 58 1.45 5.09 -11.02
C GLU A 58 2.54 5.82 -11.81
N ALA A 59 3.77 5.68 -11.35
CA ALA A 59 4.90 6.33 -11.99
C ALA A 59 6.15 5.46 -11.87
N ARG A 1 0.60 11.68 3.10
CA ARG A 1 -0.38 10.63 2.73
C ARG A 1 -0.74 10.77 1.25
N ILE A 2 -1.02 9.65 0.59
CA ILE A 2 -1.37 9.69 -0.84
C ILE A 2 -2.58 8.79 -1.12
N PRO A 3 -3.50 9.22 -2.00
CA PRO A 3 -4.73 8.47 -2.35
C PRO A 3 -4.50 7.01 -2.75
N VAL A 4 -5.58 6.23 -2.66
CA VAL A 4 -5.56 4.82 -3.02
C VAL A 4 -6.57 4.54 -4.14
N LYS A 5 -6.22 3.65 -5.06
CA LYS A 5 -7.12 3.34 -6.16
C LYS A 5 -7.72 1.94 -6.04
N TYR A 6 -7.12 0.97 -6.74
CA TYR A 6 -7.61 -0.41 -6.73
C TYR A 6 -7.13 -1.18 -5.51
N GLY A 7 -7.73 -2.33 -5.28
CA GLY A 7 -7.38 -3.19 -4.16
C GLY A 7 -8.57 -3.53 -3.30
N ASN A 8 -8.31 -3.82 -2.04
CA ASN A 8 -9.38 -4.19 -1.10
C ASN A 8 -9.39 -3.30 0.15
N ALA A 9 -8.68 -2.17 0.07
CA ALA A 9 -8.57 -1.23 1.19
C ALA A 9 -9.95 -0.70 1.64
N ASP A 10 -10.00 -0.24 2.89
CA ASP A 10 -11.24 0.28 3.48
C ASP A 10 -11.73 1.55 2.79
N GLY A 11 -10.80 2.30 2.21
CA GLY A 11 -11.17 3.54 1.55
C GLY A 11 -10.26 4.68 1.97
N GLU A 12 -9.41 4.41 2.95
CA GLU A 12 -8.47 5.41 3.44
C GLU A 12 -7.31 5.54 2.47
N TYR A 13 -6.42 6.49 2.72
CA TYR A 13 -5.27 6.68 1.88
C TYR A 13 -4.13 5.79 2.33
N CYS A 14 -3.00 5.92 1.66
CA CYS A 14 -1.83 5.12 2.00
C CYS A 14 -1.32 5.46 3.38
N LYS A 15 -1.10 4.44 4.20
CA LYS A 15 -0.61 4.64 5.55
C LYS A 15 0.90 4.71 5.53
N PHE A 16 1.43 5.88 5.85
CA PHE A 16 2.88 6.09 5.85
C PHE A 16 3.37 6.41 7.25
N PRO A 17 4.30 5.59 7.77
CA PRO A 17 4.83 4.44 7.06
C PRO A 17 4.07 3.15 7.36
N PHE A 18 4.14 2.20 6.43
CA PHE A 18 3.46 0.93 6.63
C PHE A 18 4.50 -0.18 6.72
N LEU A 19 4.19 -1.23 7.49
CA LEU A 19 5.13 -2.33 7.69
C LEU A 19 4.93 -3.46 6.69
N PHE A 20 6.01 -3.78 5.98
CA PHE A 20 6.00 -4.85 5.00
C PHE A 20 7.17 -5.79 5.27
N ASN A 21 6.89 -6.97 5.79
CA ASN A 21 7.92 -7.97 6.11
C ASN A 21 8.96 -7.43 7.10
N GLY A 22 8.60 -6.37 7.81
CA GLY A 22 9.51 -5.79 8.79
C GLY A 22 10.12 -4.48 8.33
N LYS A 23 9.77 -4.04 7.12
CA LYS A 23 10.30 -2.78 6.59
C LYS A 23 9.18 -1.76 6.46
N GLU A 24 9.42 -0.54 6.93
CA GLU A 24 8.42 0.52 6.86
C GLU A 24 8.65 1.39 5.64
N TYR A 25 7.61 1.57 4.83
CA TYR A 25 7.69 2.37 3.61
C TYR A 25 6.98 3.70 3.76
N ASN A 26 7.63 4.76 3.28
CA ASN A 26 7.06 6.10 3.34
C ASN A 26 6.41 6.45 2.01
N SER A 27 6.31 5.48 1.12
CA SER A 27 5.72 5.69 -0.20
C SER A 27 5.28 4.35 -0.80
N CYS A 28 4.58 4.40 -1.93
CA CYS A 28 4.13 3.17 -2.58
C CYS A 28 5.33 2.40 -3.13
N THR A 29 5.37 1.11 -2.84
CA THR A 29 6.47 0.28 -3.31
C THR A 29 5.93 -0.79 -4.26
N ASP A 30 6.82 -1.38 -5.05
CA ASP A 30 6.43 -2.43 -5.97
C ASP A 30 6.91 -3.77 -5.45
N THR A 31 7.40 -3.75 -4.22
CA THR A 31 7.92 -4.94 -3.56
C THR A 31 6.79 -5.95 -3.34
N GLY A 32 7.10 -7.22 -3.48
CA GLY A 32 6.10 -8.26 -3.32
C GLY A 32 5.36 -8.52 -4.61
N ARG A 33 5.44 -7.56 -5.53
CA ARG A 33 4.80 -7.67 -6.82
C ARG A 33 5.82 -8.13 -7.86
N SER A 34 5.42 -8.20 -9.12
CA SER A 34 6.32 -8.61 -10.18
C SER A 34 6.19 -7.71 -11.40
N ASP A 35 5.03 -7.07 -11.53
CA ASP A 35 4.79 -6.18 -12.66
C ASP A 35 5.14 -4.75 -12.32
N GLY A 36 5.78 -4.56 -11.19
CA GLY A 36 6.18 -3.23 -10.76
C GLY A 36 5.00 -2.33 -10.48
N PHE A 37 3.97 -2.87 -9.84
CA PHE A 37 2.80 -2.07 -9.50
C PHE A 37 2.98 -1.48 -8.11
N LEU A 38 2.84 -0.17 -8.02
CA LEU A 38 3.00 0.54 -6.76
C LEU A 38 1.77 0.40 -5.90
N TRP A 39 1.98 -0.07 -4.68
CA TRP A 39 0.87 -0.26 -3.74
C TRP A 39 1.25 0.25 -2.36
N CYS A 40 0.28 0.26 -1.47
CA CYS A 40 0.48 0.71 -0.10
C CYS A 40 -0.52 0.02 0.82
N SER A 41 -0.24 0.01 2.10
CA SER A 41 -1.14 -0.63 3.06
C SER A 41 -2.07 0.41 3.67
N THR A 42 -3.15 -0.06 4.24
CA THR A 42 -4.14 0.80 4.89
C THR A 42 -3.91 0.76 6.39
N THR A 43 -3.46 -0.39 6.87
CA THR A 43 -3.16 -0.59 8.28
C THR A 43 -1.65 -0.51 8.48
N TYR A 44 -1.19 -0.75 9.70
CA TYR A 44 0.25 -0.69 9.96
C TYR A 44 0.93 -1.96 9.45
N ASN A 45 0.53 -3.11 9.99
CA ASN A 45 1.11 -4.37 9.56
C ASN A 45 0.26 -4.97 8.44
N PHE A 46 0.77 -4.89 7.20
CA PHE A 46 0.06 -5.40 6.04
C PHE A 46 -0.21 -6.89 6.13
N GLU A 47 0.81 -7.65 6.51
CA GLU A 47 0.69 -9.11 6.63
C GLU A 47 -0.41 -9.49 7.62
N LYS A 48 -0.52 -8.73 8.70
CA LYS A 48 -1.51 -8.99 9.73
C LYS A 48 -2.95 -8.76 9.26
N ASP A 49 -3.23 -7.55 8.77
CA ASP A 49 -4.59 -7.21 8.33
C ASP A 49 -4.83 -7.57 6.87
N GLY A 50 -4.07 -7.00 5.97
CA GLY A 50 -4.22 -7.33 4.56
C GLY A 50 -4.94 -6.29 3.73
N LYS A 51 -5.22 -5.12 4.31
CA LYS A 51 -5.90 -4.06 3.58
C LYS A 51 -4.87 -3.23 2.81
N TYR A 52 -4.97 -3.26 1.48
CA TYR A 52 -4.03 -2.54 0.65
C TYR A 52 -4.72 -1.92 -0.56
N GLY A 53 -3.96 -1.14 -1.30
CA GLY A 53 -4.46 -0.54 -2.50
C GLY A 53 -3.32 0.02 -3.34
N PHE A 54 -3.60 0.34 -4.58
CA PHE A 54 -2.56 0.86 -5.47
C PHE A 54 -2.51 2.37 -5.45
N CYS A 55 -1.35 2.91 -5.79
CA CYS A 55 -1.15 4.36 -5.83
C CYS A 55 -1.91 4.94 -7.02
N PRO A 56 -2.21 6.25 -7.01
CA PRO A 56 -2.96 6.90 -8.09
C PRO A 56 -2.36 6.66 -9.47
N HIS A 57 -1.07 6.94 -9.61
CA HIS A 57 -0.34 6.76 -10.87
C HIS A 57 -0.96 7.61 -11.98
N GLU A 58 -1.67 6.96 -12.91
CA GLU A 58 -2.31 7.68 -14.01
C GLU A 58 -3.79 7.91 -13.76
N ALA A 59 -4.25 7.57 -12.56
CA ALA A 59 -5.65 7.77 -12.21
C ALA A 59 -5.77 8.51 -10.88
N ARG A 1 -0.02 12.88 1.49
CA ARG A 1 -1.13 11.91 1.66
C ARG A 1 -1.82 11.62 0.33
N ILE A 2 -1.86 10.35 -0.06
CA ILE A 2 -2.52 9.96 -1.29
C ILE A 2 -3.62 8.95 -1.07
N PRO A 3 -4.64 9.04 -1.92
CA PRO A 3 -5.81 8.15 -1.92
C PRO A 3 -5.46 6.72 -2.29
N VAL A 4 -6.45 5.84 -2.17
CA VAL A 4 -6.28 4.44 -2.52
C VAL A 4 -7.18 4.11 -3.70
N LYS A 5 -6.73 3.25 -4.59
CA LYS A 5 -7.52 2.91 -5.76
C LYS A 5 -8.07 1.49 -5.71
N TYR A 6 -7.36 0.56 -6.34
CA TYR A 6 -7.81 -0.82 -6.44
C TYR A 6 -7.23 -1.67 -5.31
N GLY A 7 -7.74 -2.88 -5.15
CA GLY A 7 -7.28 -3.77 -4.11
C GLY A 7 -8.42 -4.22 -3.24
N ASN A 8 -8.15 -4.51 -1.97
CA ASN A 8 -9.22 -4.95 -1.08
C ASN A 8 -9.60 -3.87 -0.05
N ALA A 9 -9.03 -2.68 -0.22
CA ALA A 9 -9.31 -1.54 0.64
C ALA A 9 -10.45 -0.72 0.05
N ASP A 10 -10.51 0.55 0.45
CA ASP A 10 -11.53 1.46 -0.05
C ASP A 10 -10.84 2.78 -0.41
N GLY A 11 -11.55 3.88 -0.29
CA GLY A 11 -10.96 5.17 -0.60
C GLY A 11 -10.25 5.76 0.60
N GLU A 12 -9.29 5.02 1.16
CA GLU A 12 -8.54 5.50 2.32
C GLU A 12 -7.29 6.26 1.91
N TYR A 13 -6.41 6.48 2.88
CA TYR A 13 -5.18 7.20 2.65
C TYR A 13 -3.98 6.30 2.98
N CYS A 14 -2.98 6.29 2.09
CA CYS A 14 -1.79 5.45 2.29
C CYS A 14 -1.10 5.74 3.61
N LYS A 15 -1.05 4.74 4.47
CA LYS A 15 -0.44 4.88 5.78
C LYS A 15 1.07 4.81 5.68
N PHE A 16 1.73 5.88 6.07
CA PHE A 16 3.19 5.95 6.04
C PHE A 16 3.71 6.26 7.43
N PRO A 17 4.68 5.46 7.93
CA PRO A 17 5.23 4.34 7.20
C PRO A 17 4.46 3.04 7.45
N PHE A 18 4.47 2.14 6.48
CA PHE A 18 3.78 0.88 6.63
C PHE A 18 4.80 -0.25 6.68
N LEU A 19 4.53 -1.26 7.50
CA LEU A 19 5.45 -2.37 7.69
C LEU A 19 5.27 -3.47 6.64
N PHE A 20 6.36 -3.79 5.93
CA PHE A 20 6.36 -4.84 4.92
C PHE A 20 7.60 -5.69 5.12
N ASN A 21 7.41 -6.89 5.66
CA ASN A 21 8.52 -7.82 5.91
C ASN A 21 9.62 -7.19 6.77
N GLY A 22 9.23 -6.31 7.69
CA GLY A 22 10.18 -5.68 8.57
C GLY A 22 10.65 -4.31 8.12
N LYS A 23 10.22 -3.88 6.94
CA LYS A 23 10.63 -2.58 6.43
C LYS A 23 9.44 -1.62 6.42
N GLU A 24 9.66 -0.40 6.91
CA GLU A 24 8.61 0.61 6.95
C GLU A 24 8.75 1.56 5.77
N TYR A 25 7.75 1.56 4.90
CA TYR A 25 7.76 2.40 3.71
C TYR A 25 7.02 3.72 3.92
N ASN A 26 7.68 4.81 3.56
CA ASN A 26 7.08 6.13 3.66
C ASN A 26 6.58 6.56 2.29
N SER A 27 6.56 5.60 1.38
CA SER A 27 6.12 5.81 0.03
C SER A 27 5.62 4.49 -0.55
N CYS A 28 4.87 4.55 -1.63
CA CYS A 28 4.36 3.34 -2.26
C CYS A 28 5.48 2.60 -2.98
N THR A 29 5.53 1.29 -2.82
CA THR A 29 6.56 0.48 -3.45
C THR A 29 5.94 -0.60 -4.32
N ASP A 30 6.75 -1.22 -5.17
CA ASP A 30 6.27 -2.29 -6.04
C ASP A 30 6.73 -3.63 -5.48
N THR A 31 7.33 -3.58 -4.30
CA THR A 31 7.85 -4.78 -3.64
C THR A 31 6.71 -5.74 -3.31
N GLY A 32 6.94 -7.02 -3.57
CA GLY A 32 5.92 -8.01 -3.31
C GLY A 32 5.08 -8.26 -4.54
N ARG A 33 4.95 -7.23 -5.36
CA ARG A 33 4.20 -7.31 -6.60
C ARG A 33 5.09 -7.84 -7.71
N SER A 34 4.49 -8.48 -8.70
CA SER A 34 5.23 -9.02 -9.81
C SER A 34 5.15 -8.11 -11.03
N ASP A 35 4.12 -7.28 -11.07
CA ASP A 35 3.92 -6.38 -12.19
C ASP A 35 4.45 -4.98 -11.91
N GLY A 36 5.17 -4.85 -10.81
CA GLY A 36 5.75 -3.57 -10.44
C GLY A 36 4.72 -2.46 -10.27
N PHE A 37 3.77 -2.67 -9.38
CA PHE A 37 2.74 -1.66 -9.13
C PHE A 37 2.94 -1.02 -7.76
N LEU A 38 2.68 0.28 -7.68
CA LEU A 38 2.84 1.02 -6.44
C LEU A 38 1.65 0.77 -5.52
N TRP A 39 1.91 0.23 -4.33
CA TRP A 39 0.84 -0.04 -3.39
C TRP A 39 1.20 0.45 -1.99
N CYS A 40 0.21 0.44 -1.11
CA CYS A 40 0.39 0.87 0.26
C CYS A 40 -0.63 0.14 1.11
N SER A 41 -0.38 0.00 2.40
CA SER A 41 -1.34 -0.69 3.25
C SER A 41 -2.20 0.33 4.00
N THR A 42 -3.41 -0.08 4.36
CA THR A 42 -4.32 0.79 5.09
C THR A 42 -4.05 0.66 6.58
N THR A 43 -3.32 -0.37 6.95
CA THR A 43 -2.97 -0.65 8.32
C THR A 43 -1.46 -0.54 8.52
N TYR A 44 -1.01 -0.64 9.77
CA TYR A 44 0.42 -0.57 10.07
C TYR A 44 1.06 -1.91 9.73
N ASN A 45 0.31 -2.98 9.94
CA ASN A 45 0.79 -4.31 9.64
C ASN A 45 0.09 -4.81 8.38
N PHE A 46 0.83 -5.34 7.43
CA PHE A 46 0.23 -5.82 6.19
C PHE A 46 0.14 -7.34 6.15
N GLU A 47 1.00 -7.99 6.92
CA GLU A 47 1.06 -9.44 6.96
C GLU A 47 -0.25 -10.06 7.46
N LYS A 48 -0.69 -9.67 8.65
CA LYS A 48 -1.91 -10.23 9.22
C LYS A 48 -3.17 -9.48 8.80
N ASP A 49 -3.07 -8.17 8.61
CA ASP A 49 -4.23 -7.37 8.21
C ASP A 49 -4.56 -7.60 6.74
N GLY A 50 -3.57 -7.43 5.88
CA GLY A 50 -3.77 -7.65 4.46
C GLY A 50 -4.48 -6.52 3.74
N LYS A 51 -4.72 -5.42 4.44
CA LYS A 51 -5.39 -4.28 3.87
C LYS A 51 -4.44 -3.46 3.02
N TYR A 52 -4.65 -3.45 1.70
CA TYR A 52 -3.79 -2.72 0.80
C TYR A 52 -4.58 -2.13 -0.36
N GLY A 53 -3.90 -1.30 -1.13
CA GLY A 53 -4.50 -0.69 -2.29
C GLY A 53 -3.45 -0.11 -3.18
N PHE A 54 -3.81 0.17 -4.43
CA PHE A 54 -2.85 0.72 -5.36
C PHE A 54 -2.82 2.23 -5.30
N CYS A 55 -1.64 2.80 -5.45
CA CYS A 55 -1.47 4.25 -5.37
C CYS A 55 -1.48 4.89 -6.75
N PRO A 56 -2.18 6.02 -6.89
CA PRO A 56 -2.23 6.77 -8.14
C PRO A 56 -1.01 7.66 -8.27
N HIS A 57 -0.97 8.49 -9.32
CA HIS A 57 0.19 9.36 -9.52
C HIS A 57 0.14 10.54 -8.54
N GLU A 58 -0.93 11.31 -8.59
CA GLU A 58 -1.09 12.47 -7.72
C GLU A 58 -2.33 12.35 -6.85
N ALA A 59 -2.66 13.43 -6.16
CA ALA A 59 -3.82 13.46 -5.28
C ALA A 59 -4.87 14.42 -5.82
N ARG A 1 -11.87 10.67 -0.85
CA ARG A 1 -10.42 10.36 -0.80
C ARG A 1 -9.86 10.18 -2.20
N ILE A 2 -8.59 9.74 -2.31
CA ILE A 2 -7.95 9.57 -3.62
C ILE A 2 -6.64 8.74 -3.61
N PRO A 3 -5.77 8.82 -2.56
CA PRO A 3 -4.48 8.07 -2.53
C PRO A 3 -4.58 6.56 -2.81
N VAL A 4 -5.72 5.95 -2.51
CA VAL A 4 -5.87 4.52 -2.75
C VAL A 4 -7.02 4.30 -3.72
N LYS A 5 -6.88 3.33 -4.62
CA LYS A 5 -7.92 3.06 -5.62
C LYS A 5 -8.35 1.60 -5.67
N TYR A 6 -7.53 0.77 -6.33
CA TYR A 6 -7.86 -0.64 -6.50
C TYR A 6 -7.26 -1.51 -5.40
N GLY A 7 -7.92 -2.63 -5.11
CA GLY A 7 -7.47 -3.53 -4.07
C GLY A 7 -8.57 -3.80 -3.07
N ASN A 8 -8.22 -4.17 -1.86
CA ASN A 8 -9.23 -4.45 -0.84
C ASN A 8 -9.23 -3.40 0.28
N ALA A 9 -8.39 -2.38 0.13
CA ALA A 9 -8.33 -1.29 1.10
C ALA A 9 -9.32 -0.20 0.71
N ASP A 10 -9.88 -0.35 -0.49
CA ASP A 10 -10.85 0.60 -1.06
C ASP A 10 -10.17 1.93 -1.38
N GLY A 11 -9.99 2.76 -0.37
CA GLY A 11 -9.33 4.04 -0.59
C GLY A 11 -9.15 4.85 0.67
N GLU A 12 -8.99 4.19 1.82
CA GLU A 12 -8.81 4.89 3.10
C GLU A 12 -7.39 5.45 3.29
N TYR A 13 -6.84 6.08 2.23
CA TYR A 13 -5.51 6.68 2.27
C TYR A 13 -4.39 5.66 2.53
N CYS A 14 -3.15 6.08 2.27
CA CYS A 14 -2.00 5.24 2.49
C CYS A 14 -1.47 5.47 3.89
N LYS A 15 -1.02 4.41 4.56
CA LYS A 15 -0.48 4.54 5.90
C LYS A 15 1.03 4.70 5.83
N PHE A 16 1.50 5.91 6.09
CA PHE A 16 2.92 6.21 6.04
C PHE A 16 3.45 6.58 7.42
N PRO A 17 4.42 5.82 7.95
CA PRO A 17 4.99 4.66 7.27
C PRO A 17 4.24 3.37 7.60
N PHE A 18 4.38 2.37 6.75
CA PHE A 18 3.74 1.08 6.97
C PHE A 18 4.79 -0.02 7.06
N LEU A 19 4.40 -1.17 7.60
CA LEU A 19 5.33 -2.28 7.77
C LEU A 19 5.08 -3.38 6.75
N PHE A 20 6.13 -3.77 6.03
CA PHE A 20 6.05 -4.82 5.03
C PHE A 20 7.22 -5.79 5.19
N ASN A 21 6.94 -6.97 5.74
CA ASN A 21 7.96 -7.99 5.95
C ASN A 21 9.14 -7.46 6.79
N GLY A 22 8.85 -6.54 7.69
CA GLY A 22 9.90 -5.99 8.54
C GLY A 22 10.54 -4.72 7.98
N LYS A 23 10.00 -4.20 6.89
CA LYS A 23 10.53 -3.00 6.28
C LYS A 23 9.50 -1.88 6.29
N GLU A 24 9.92 -0.69 6.67
CA GLU A 24 9.02 0.46 6.73
C GLU A 24 9.10 1.28 5.44
N TYR A 25 7.96 1.68 4.93
CA TYR A 25 7.90 2.47 3.70
C TYR A 25 7.26 3.83 3.95
N ASN A 26 7.92 4.87 3.48
CA ASN A 26 7.41 6.23 3.64
C ASN A 26 6.67 6.66 2.38
N SER A 27 6.70 5.77 1.39
CA SER A 27 6.02 6.00 0.13
C SER A 27 5.49 4.68 -0.42
N CYS A 28 4.95 4.69 -1.62
CA CYS A 28 4.43 3.47 -2.21
C CYS A 28 5.56 2.63 -2.78
N THR A 29 5.36 1.32 -2.83
CA THR A 29 6.38 0.42 -3.32
C THR A 29 5.75 -0.65 -4.21
N ASP A 30 6.57 -1.28 -5.04
CA ASP A 30 6.09 -2.33 -5.92
C ASP A 30 6.61 -3.66 -5.41
N THR A 31 7.20 -3.63 -4.21
CA THR A 31 7.74 -4.82 -3.57
C THR A 31 6.64 -5.86 -3.39
N GLY A 32 6.95 -7.11 -3.70
CA GLY A 32 5.96 -8.16 -3.59
C GLY A 32 5.18 -8.32 -4.88
N ARG A 33 4.90 -7.19 -5.51
CA ARG A 33 4.16 -7.15 -6.77
C ARG A 33 5.10 -7.38 -7.95
N SER A 34 4.94 -8.50 -8.64
CA SER A 34 5.77 -8.79 -9.80
C SER A 34 5.27 -8.01 -11.01
N ASP A 35 4.15 -7.32 -10.83
CA ASP A 35 3.53 -6.55 -11.89
C ASP A 35 4.04 -5.12 -11.95
N GLY A 36 4.93 -4.79 -11.04
CA GLY A 36 5.50 -3.45 -11.00
C GLY A 36 4.46 -2.39 -10.66
N PHE A 37 3.56 -2.70 -9.73
CA PHE A 37 2.54 -1.74 -9.35
C PHE A 37 2.79 -1.24 -7.93
N LEU A 38 2.75 0.07 -7.76
CA LEU A 38 2.96 0.69 -6.47
C LEU A 38 1.72 0.57 -5.61
N TRP A 39 1.90 0.16 -4.36
CA TRP A 39 0.78 0.00 -3.44
C TRP A 39 1.15 0.49 -2.05
N CYS A 40 0.16 0.50 -1.16
CA CYS A 40 0.33 0.91 0.22
C CYS A 40 -0.73 0.21 1.07
N SER A 41 -0.46 -0.02 2.34
CA SER A 41 -1.43 -0.67 3.19
C SER A 41 -2.22 0.38 3.97
N THR A 42 -3.45 0.04 4.36
CA THR A 42 -4.28 0.95 5.11
C THR A 42 -3.94 0.87 6.60
N THR A 43 -3.39 -0.26 6.98
CA THR A 43 -3.00 -0.51 8.35
C THR A 43 -1.48 -0.43 8.47
N TYR A 44 -0.96 -0.55 9.68
CA TYR A 44 0.49 -0.48 9.88
C TYR A 44 1.13 -1.80 9.47
N ASN A 45 0.67 -2.90 10.06
CA ASN A 45 1.23 -4.21 9.71
C ASN A 45 0.37 -4.86 8.63
N PHE A 46 0.89 -4.86 7.41
CA PHE A 46 0.18 -5.44 6.26
C PHE A 46 0.00 -6.96 6.39
N GLU A 47 0.95 -7.61 7.04
CA GLU A 47 0.94 -9.06 7.20
C GLU A 47 -0.34 -9.57 7.87
N LYS A 48 -0.67 -9.02 9.03
CA LYS A 48 -1.85 -9.47 9.79
C LYS A 48 -3.18 -8.97 9.22
N ASP A 49 -3.20 -7.77 8.65
CA ASP A 49 -4.45 -7.23 8.13
C ASP A 49 -4.71 -7.66 6.68
N GLY A 50 -3.76 -7.40 5.79
CA GLY A 50 -3.93 -7.79 4.41
C GLY A 50 -4.67 -6.76 3.57
N LYS A 51 -4.91 -5.58 4.13
CA LYS A 51 -5.61 -4.53 3.40
C LYS A 51 -4.61 -3.67 2.64
N TYR A 52 -4.70 -3.68 1.31
CA TYR A 52 -3.81 -2.91 0.47
C TYR A 52 -4.56 -2.28 -0.69
N GLY A 53 -3.94 -1.30 -1.32
CA GLY A 53 -4.53 -0.65 -2.46
C GLY A 53 -3.47 0.05 -3.28
N PHE A 54 -3.77 0.30 -4.54
CA PHE A 54 -2.82 0.96 -5.40
C PHE A 54 -2.95 2.46 -5.26
N CYS A 55 -1.81 3.15 -5.20
CA CYS A 55 -1.82 4.58 -5.03
C CYS A 55 -1.54 5.31 -6.34
N PRO A 56 -2.59 5.77 -7.03
CA PRO A 56 -2.49 6.49 -8.27
C PRO A 56 -2.56 8.00 -8.06
N HIS A 57 -1.93 8.47 -6.98
CA HIS A 57 -1.94 9.88 -6.64
C HIS A 57 -0.94 10.65 -7.50
N GLU A 58 -1.28 10.86 -8.75
CA GLU A 58 -0.44 11.59 -9.69
C GLU A 58 -1.29 12.61 -10.44
N ALA A 59 -2.33 13.09 -9.76
CA ALA A 59 -3.24 14.06 -10.34
C ALA A 59 -2.65 15.45 -10.28
N ARG A 1 -2.39 11.86 2.99
CA ARG A 1 -2.96 10.49 3.04
C ARG A 1 -4.20 10.39 2.16
N ILE A 2 -4.05 9.84 0.95
CA ILE A 2 -5.18 9.73 0.01
C ILE A 2 -4.90 8.93 -1.29
N PRO A 3 -3.64 8.75 -1.77
CA PRO A 3 -3.39 8.05 -3.06
C PRO A 3 -3.67 6.53 -3.10
N VAL A 4 -4.94 6.14 -3.07
CA VAL A 4 -5.29 4.72 -3.19
C VAL A 4 -6.39 4.54 -4.24
N LYS A 5 -6.26 3.53 -5.08
CA LYS A 5 -7.22 3.26 -6.12
C LYS A 5 -7.92 1.92 -5.92
N TYR A 6 -7.38 0.89 -6.58
CA TYR A 6 -7.94 -0.45 -6.52
C TYR A 6 -7.36 -1.25 -5.35
N GLY A 7 -7.89 -2.46 -5.16
CA GLY A 7 -7.46 -3.31 -4.07
C GLY A 7 -8.57 -3.51 -3.08
N ASN A 8 -8.24 -3.79 -1.84
CA ASN A 8 -9.29 -4.00 -0.84
C ASN A 8 -9.28 -2.90 0.24
N ALA A 9 -8.51 -1.83 0.00
CA ALA A 9 -8.44 -0.69 0.90
C ALA A 9 -9.36 0.41 0.38
N ASP A 10 -10.44 0.02 -0.28
CA ASP A 10 -11.38 0.98 -0.85
C ASP A 10 -12.07 1.76 0.25
N GLY A 11 -11.73 3.03 0.36
CA GLY A 11 -12.29 3.88 1.38
C GLY A 11 -11.23 4.52 2.23
N GLU A 12 -10.24 3.73 2.61
CA GLU A 12 -9.14 4.21 3.42
C GLU A 12 -7.99 4.69 2.52
N TYR A 13 -6.95 5.24 3.13
CA TYR A 13 -5.81 5.74 2.37
C TYR A 13 -4.51 5.07 2.81
N CYS A 14 -3.39 5.58 2.32
CA CYS A 14 -2.08 5.02 2.63
C CYS A 14 -1.57 5.43 4.01
N LYS A 15 -1.03 4.47 4.75
CA LYS A 15 -0.45 4.73 6.05
C LYS A 15 1.06 4.70 5.93
N PHE A 16 1.68 5.86 6.03
CA PHE A 16 3.12 5.97 5.92
C PHE A 16 3.74 6.32 7.27
N PRO A 17 4.67 5.49 7.77
CA PRO A 17 5.15 4.30 7.08
C PRO A 17 4.35 3.05 7.45
N PHE A 18 4.44 2.04 6.59
CA PHE A 18 3.77 0.77 6.83
C PHE A 18 4.80 -0.34 6.90
N LEU A 19 4.49 -1.42 7.59
CA LEU A 19 5.42 -2.53 7.76
C LEU A 19 5.22 -3.64 6.73
N PHE A 20 6.28 -3.94 5.99
CA PHE A 20 6.28 -4.99 5.00
C PHE A 20 7.52 -5.85 5.18
N ASN A 21 7.36 -7.05 5.70
CA ASN A 21 8.49 -7.95 5.94
C ASN A 21 9.56 -7.30 6.81
N GLY A 22 9.13 -6.43 7.72
CA GLY A 22 10.07 -5.76 8.61
C GLY A 22 10.59 -4.44 8.07
N LYS A 23 10.24 -4.12 6.84
CA LYS A 23 10.68 -2.86 6.23
C LYS A 23 9.53 -1.85 6.25
N GLU A 24 9.83 -0.62 6.66
CA GLU A 24 8.82 0.42 6.74
C GLU A 24 8.90 1.37 5.56
N TYR A 25 7.80 1.45 4.79
CA TYR A 25 7.74 2.30 3.61
C TYR A 25 6.98 3.58 3.87
N ASN A 26 7.61 4.71 3.56
CA ASN A 26 6.97 6.01 3.72
C ASN A 26 6.41 6.47 2.38
N SER A 27 6.09 5.49 1.54
CA SER A 27 5.55 5.71 0.21
C SER A 27 5.15 4.38 -0.39
N CYS A 28 4.62 4.39 -1.61
CA CYS A 28 4.21 3.15 -2.26
C CYS A 28 5.42 2.40 -2.82
N THR A 29 5.36 1.08 -2.77
CA THR A 29 6.44 0.25 -3.26
C THR A 29 5.91 -0.80 -4.22
N ASP A 30 6.80 -1.41 -5.01
CA ASP A 30 6.40 -2.44 -5.94
C ASP A 30 6.82 -3.80 -5.39
N THR A 31 7.35 -3.78 -4.18
CA THR A 31 7.81 -5.00 -3.52
C THR A 31 6.67 -5.98 -3.35
N GLY A 32 6.91 -7.24 -3.68
CA GLY A 32 5.89 -8.23 -3.57
C GLY A 32 5.08 -8.32 -4.86
N ARG A 33 5.08 -7.22 -5.60
CA ARG A 33 4.37 -7.13 -6.88
C ARG A 33 5.35 -7.32 -8.02
N SER A 34 5.20 -8.41 -8.74
CA SER A 34 6.09 -8.68 -9.87
C SER A 34 5.66 -7.90 -11.10
N ASP A 35 4.54 -7.20 -10.99
CA ASP A 35 4.01 -6.40 -12.09
C ASP A 35 4.55 -4.98 -12.07
N GLY A 36 5.31 -4.66 -11.04
CA GLY A 36 5.86 -3.33 -10.91
C GLY A 36 4.82 -2.29 -10.60
N PHE A 37 3.79 -2.69 -9.85
CA PHE A 37 2.71 -1.77 -9.48
C PHE A 37 2.96 -1.19 -8.10
N LEU A 38 2.73 0.11 -7.96
CA LEU A 38 2.91 0.80 -6.69
C LEU A 38 1.71 0.57 -5.79
N TRP A 39 1.96 0.04 -4.59
CA TRP A 39 0.87 -0.20 -3.66
C TRP A 39 1.23 0.27 -2.25
N CYS A 40 0.23 0.32 -1.39
CA CYS A 40 0.41 0.73 0.00
C CYS A 40 -0.65 0.04 0.85
N SER A 41 -0.49 0.07 2.17
CA SER A 41 -1.47 -0.55 3.04
C SER A 41 -2.12 0.51 3.93
N THR A 42 -3.29 0.18 4.44
CA THR A 42 -4.03 1.09 5.32
C THR A 42 -3.56 0.93 6.76
N THR A 43 -3.24 -0.30 7.11
CA THR A 43 -2.79 -0.61 8.45
C THR A 43 -1.27 -0.64 8.52
N TYR A 44 -0.73 -0.50 9.72
CA TYR A 44 0.71 -0.52 9.91
C TYR A 44 1.25 -1.90 9.60
N ASN A 45 0.63 -2.92 10.18
CA ASN A 45 1.04 -4.29 9.93
C ASN A 45 0.23 -4.83 8.75
N PHE A 46 0.87 -4.93 7.59
CA PHE A 46 0.19 -5.42 6.39
C PHE A 46 -0.05 -6.92 6.45
N GLU A 47 0.90 -7.65 7.00
CA GLU A 47 0.79 -9.10 7.10
C GLU A 47 -0.40 -9.48 8.00
N LYS A 48 -0.67 -8.66 9.01
CA LYS A 48 -1.77 -8.91 9.94
C LYS A 48 -3.13 -8.63 9.31
N ASP A 49 -3.38 -7.38 8.90
CA ASP A 49 -4.66 -7.00 8.31
C ASP A 49 -4.73 -7.35 6.84
N GLY A 50 -3.85 -6.77 6.04
CA GLY A 50 -3.83 -7.07 4.62
C GLY A 50 -4.58 -6.08 3.75
N LYS A 51 -4.98 -4.95 4.31
CA LYS A 51 -5.69 -3.94 3.53
C LYS A 51 -4.71 -3.13 2.71
N TYR A 52 -4.78 -3.28 1.39
CA TYR A 52 -3.86 -2.60 0.48
C TYR A 52 -4.60 -1.98 -0.70
N GLY A 53 -3.90 -1.10 -1.40
CA GLY A 53 -4.45 -0.47 -2.57
C GLY A 53 -3.36 0.05 -3.47
N PHE A 54 -3.68 0.24 -4.74
CA PHE A 54 -2.67 0.71 -5.69
C PHE A 54 -2.66 2.23 -5.79
N CYS A 55 -1.47 2.78 -5.93
CA CYS A 55 -1.30 4.22 -6.04
C CYS A 55 -0.66 4.58 -7.38
N PRO A 56 -1.49 4.86 -8.40
CA PRO A 56 -1.00 5.20 -9.72
C PRO A 56 -0.67 6.69 -9.86
N HIS A 57 0.54 6.99 -10.29
CA HIS A 57 0.95 8.37 -10.46
C HIS A 57 0.63 8.86 -11.88
N GLU A 58 -0.59 8.60 -12.31
CA GLU A 58 -1.04 9.01 -13.63
C GLU A 58 -1.41 10.48 -13.65
N ALA A 59 -0.74 11.23 -14.55
CA ALA A 59 -0.96 12.66 -14.70
C ALA A 59 -0.76 13.41 -13.40
N ARG A 1 -7.71 13.24 1.52
CA ARG A 1 -6.72 12.13 1.40
C ARG A 1 -7.38 10.91 0.78
N ILE A 2 -6.84 10.45 -0.34
CA ILE A 2 -7.37 9.28 -1.03
C ILE A 2 -6.34 8.70 -2.02
N PRO A 3 -5.15 8.33 -1.54
CA PRO A 3 -4.08 7.78 -2.37
C PRO A 3 -4.22 6.27 -2.60
N VAL A 4 -5.46 5.79 -2.65
CA VAL A 4 -5.72 4.37 -2.88
C VAL A 4 -6.87 4.21 -3.84
N LYS A 5 -6.72 3.28 -4.77
CA LYS A 5 -7.74 3.05 -5.76
C LYS A 5 -8.29 1.62 -5.75
N TYR A 6 -7.50 0.64 -6.19
CA TYR A 6 -7.99 -0.75 -6.22
C TYR A 6 -7.45 -1.54 -5.05
N GLY A 7 -7.78 -2.83 -5.03
CA GLY A 7 -7.36 -3.71 -3.95
C GLY A 7 -8.51 -4.04 -3.04
N ASN A 8 -8.22 -4.26 -1.78
CA ASN A 8 -9.29 -4.59 -0.82
C ASN A 8 -9.48 -3.47 0.20
N ALA A 9 -9.01 -2.28 -0.16
CA ALA A 9 -9.15 -1.10 0.68
C ALA A 9 -10.33 -0.26 0.22
N ASP A 10 -10.22 0.33 -0.99
CA ASP A 10 -11.28 1.15 -1.59
C ASP A 10 -11.79 2.26 -0.68
N GLY A 11 -11.28 3.47 -0.86
CA GLY A 11 -11.73 4.60 -0.07
C GLY A 11 -10.79 4.94 1.08
N GLU A 12 -9.86 4.04 1.37
CA GLU A 12 -8.90 4.27 2.45
C GLU A 12 -7.67 5.02 1.95
N TYR A 13 -6.78 5.36 2.87
CA TYR A 13 -5.57 6.09 2.54
C TYR A 13 -4.31 5.28 2.87
N CYS A 14 -3.17 5.71 2.34
CA CYS A 14 -1.91 5.03 2.59
C CYS A 14 -1.38 5.39 3.96
N LYS A 15 -0.87 4.41 4.69
CA LYS A 15 -0.33 4.66 6.02
C LYS A 15 1.19 4.69 5.96
N PHE A 16 1.76 5.88 6.04
CA PHE A 16 3.22 6.02 5.99
C PHE A 16 3.77 6.41 7.35
N PRO A 17 4.77 5.66 7.85
CA PRO A 17 5.33 4.51 7.16
C PRO A 17 4.63 3.21 7.55
N PHE A 18 4.54 2.27 6.62
CA PHE A 18 3.91 0.99 6.93
C PHE A 18 4.96 -0.09 7.06
N LEU A 19 4.59 -1.18 7.71
CA LEU A 19 5.51 -2.29 7.93
C LEU A 19 5.25 -3.44 6.95
N PHE A 20 6.22 -3.70 6.10
CA PHE A 20 6.13 -4.78 5.12
C PHE A 20 7.23 -5.79 5.35
N ASN A 21 6.88 -6.91 5.97
CA ASN A 21 7.85 -7.98 6.25
C ASN A 21 9.08 -7.47 7.01
N GLY A 22 8.90 -6.44 7.83
CA GLY A 22 10.00 -5.92 8.60
C GLY A 22 10.64 -4.67 8.01
N LYS A 23 10.08 -4.16 6.92
CA LYS A 23 10.61 -2.95 6.29
C LYS A 23 9.56 -1.84 6.30
N GLU A 24 9.96 -0.64 6.69
CA GLU A 24 9.04 0.49 6.74
C GLU A 24 9.15 1.34 5.47
N TYR A 25 8.00 1.60 4.85
CA TYR A 25 7.95 2.41 3.63
C TYR A 25 7.24 3.73 3.85
N ASN A 26 7.87 4.82 3.44
CA ASN A 26 7.27 6.14 3.55
C ASN A 26 6.70 6.55 2.19
N SER A 27 6.70 5.60 1.28
CA SER A 27 6.18 5.80 -0.06
C SER A 27 5.67 4.47 -0.61
N CYS A 28 4.89 4.54 -1.67
CA CYS A 28 4.34 3.34 -2.29
C CYS A 28 5.48 2.54 -2.94
N THR A 29 5.48 1.23 -2.73
CA THR A 29 6.53 0.39 -3.29
C THR A 29 5.93 -0.67 -4.21
N ASP A 30 6.77 -1.28 -5.04
CA ASP A 30 6.32 -2.33 -5.95
C ASP A 30 6.76 -3.68 -5.43
N THR A 31 7.31 -3.67 -4.21
CA THR A 31 7.79 -4.88 -3.57
C THR A 31 6.64 -5.84 -3.30
N GLY A 32 6.88 -7.12 -3.54
CA GLY A 32 5.85 -8.10 -3.33
C GLY A 32 4.95 -8.27 -4.54
N ARG A 33 5.01 -7.30 -5.45
CA ARG A 33 4.21 -7.34 -6.67
C ARG A 33 5.02 -7.90 -7.82
N SER A 34 4.34 -8.29 -8.89
CA SER A 34 5.02 -8.85 -10.05
C SER A 34 5.02 -7.88 -11.22
N ASP A 35 4.04 -6.99 -11.25
CA ASP A 35 3.92 -6.04 -12.35
C ASP A 35 4.46 -4.66 -12.00
N GLY A 36 5.22 -4.57 -10.92
CA GLY A 36 5.79 -3.31 -10.51
C GLY A 36 4.76 -2.22 -10.28
N PHE A 37 3.74 -2.52 -9.49
CA PHE A 37 2.71 -1.55 -9.19
C PHE A 37 2.94 -0.96 -7.81
N LEU A 38 2.80 0.35 -7.69
CA LEU A 38 3.00 1.03 -6.42
C LEU A 38 1.79 0.85 -5.53
N TRP A 39 2.00 0.19 -4.40
CA TRP A 39 0.91 -0.04 -3.47
C TRP A 39 1.28 0.42 -2.07
N CYS A 40 0.27 0.46 -1.22
CA CYS A 40 0.44 0.88 0.16
C CYS A 40 -0.62 0.20 1.02
N SER A 41 -0.38 0.10 2.31
CA SER A 41 -1.37 -0.52 3.19
C SER A 41 -2.04 0.57 4.02
N THR A 42 -3.27 0.33 4.44
CA THR A 42 -3.99 1.29 5.25
C THR A 42 -3.65 1.06 6.71
N THR A 43 -3.21 -0.15 7.00
CA THR A 43 -2.82 -0.53 8.35
C THR A 43 -1.31 -0.50 8.49
N TYR A 44 -0.81 -0.62 9.71
CA TYR A 44 0.62 -0.60 9.94
C TYR A 44 1.25 -1.90 9.49
N ASN A 45 0.70 -3.02 9.96
CA ASN A 45 1.24 -4.32 9.60
C ASN A 45 0.41 -4.92 8.47
N PHE A 46 1.01 -5.03 7.28
CA PHE A 46 0.31 -5.57 6.12
C PHE A 46 0.12 -7.09 6.23
N GLU A 47 0.99 -7.75 6.96
CA GLU A 47 0.94 -9.20 7.12
C GLU A 47 -0.37 -9.67 7.78
N LYS A 48 -0.67 -9.13 8.96
CA LYS A 48 -1.87 -9.55 9.70
C LYS A 48 -3.17 -9.02 9.09
N ASP A 49 -3.22 -7.73 8.76
CA ASP A 49 -4.44 -7.13 8.22
C ASP A 49 -4.64 -7.50 6.75
N GLY A 50 -3.64 -7.20 5.93
CA GLY A 50 -3.73 -7.51 4.52
C GLY A 50 -4.46 -6.43 3.73
N LYS A 51 -4.77 -5.31 4.39
CA LYS A 51 -5.45 -4.20 3.73
C LYS A 51 -4.48 -3.37 2.91
N TYR A 52 -4.68 -3.34 1.60
CA TYR A 52 -3.79 -2.61 0.72
C TYR A 52 -4.57 -2.06 -0.47
N GLY A 53 -3.87 -1.27 -1.25
CA GLY A 53 -4.44 -0.70 -2.44
C GLY A 53 -3.38 -0.06 -3.29
N PHE A 54 -3.72 0.21 -4.53
CA PHE A 54 -2.74 0.80 -5.44
C PHE A 54 -2.77 2.32 -5.32
N CYS A 55 -1.62 2.93 -5.51
CA CYS A 55 -1.51 4.39 -5.39
C CYS A 55 -1.72 5.07 -6.74
N PRO A 56 -2.49 6.16 -6.75
CA PRO A 56 -2.77 6.94 -7.94
C PRO A 56 -1.74 8.05 -8.08
N HIS A 57 -2.18 9.22 -8.58
CA HIS A 57 -1.33 10.42 -8.79
C HIS A 57 0.02 10.11 -9.45
N GLU A 58 0.96 9.54 -8.71
CA GLU A 58 2.26 9.20 -9.25
C GLU A 58 2.15 8.01 -10.21
N ALA A 59 1.08 7.22 -10.05
CA ALA A 59 0.84 6.05 -10.90
C ALA A 59 -0.65 5.79 -11.06
N ARG A 1 -11.55 10.94 -0.24
CA ARG A 1 -10.24 10.24 -0.38
C ARG A 1 -9.96 9.88 -1.83
N ILE A 2 -8.68 9.76 -2.18
CA ILE A 2 -8.30 9.44 -3.56
C ILE A 2 -6.92 8.74 -3.73
N PRO A 3 -5.91 8.93 -2.83
CA PRO A 3 -4.57 8.31 -3.00
C PRO A 3 -4.57 6.79 -3.21
N VAL A 4 -5.61 6.10 -2.76
CA VAL A 4 -5.67 4.65 -2.94
C VAL A 4 -6.64 4.26 -4.04
N LYS A 5 -6.17 3.43 -4.96
CA LYS A 5 -6.95 2.97 -6.10
C LYS A 5 -7.88 1.82 -5.73
N TYR A 6 -7.48 0.59 -6.10
CA TYR A 6 -8.30 -0.58 -5.86
C TYR A 6 -7.68 -1.50 -4.83
N GLY A 7 -8.48 -2.43 -4.32
CA GLY A 7 -8.06 -3.40 -3.33
C GLY A 7 -8.93 -3.36 -2.11
N ASN A 8 -8.78 -4.38 -1.29
CA ASN A 8 -9.57 -4.54 -0.04
C ASN A 8 -9.45 -3.35 0.93
N ALA A 9 -8.45 -2.52 0.75
CA ALA A 9 -8.23 -1.33 1.60
C ALA A 9 -9.29 -0.27 1.35
N ASP A 10 -10.01 -0.41 0.24
CA ASP A 10 -11.06 0.53 -0.18
C ASP A 10 -10.41 1.84 -0.63
N GLY A 11 -9.98 2.64 0.33
CA GLY A 11 -9.33 3.88 0.01
C GLY A 11 -9.10 4.77 1.22
N GLU A 12 -8.88 4.18 2.39
CA GLU A 12 -8.64 4.96 3.61
C GLU A 12 -7.22 5.53 3.66
N TYR A 13 -6.77 6.12 2.55
CA TYR A 13 -5.45 6.73 2.45
C TYR A 13 -4.30 5.73 2.62
N CYS A 14 -3.10 6.16 2.27
CA CYS A 14 -1.92 5.33 2.41
C CYS A 14 -1.28 5.56 3.77
N LYS A 15 -0.91 4.48 4.43
CA LYS A 15 -0.29 4.57 5.75
C LYS A 15 1.21 4.75 5.59
N PHE A 16 1.69 5.94 5.93
CA PHE A 16 3.11 6.25 5.83
C PHE A 16 3.67 6.58 7.20
N PRO A 17 4.57 5.72 7.72
CA PRO A 17 5.03 4.54 7.01
C PRO A 17 4.24 3.28 7.37
N PHE A 18 4.18 2.33 6.45
CA PHE A 18 3.49 1.08 6.71
C PHE A 18 4.50 -0.03 6.92
N LEU A 19 4.11 -1.05 7.65
CA LEU A 19 5.00 -2.17 7.95
C LEU A 19 4.83 -3.32 6.97
N PHE A 20 5.88 -3.56 6.18
CA PHE A 20 5.89 -4.63 5.21
C PHE A 20 6.99 -5.62 5.56
N ASN A 21 6.60 -6.75 6.15
CA ASN A 21 7.55 -7.80 6.56
C ASN A 21 8.59 -7.30 7.57
N GLY A 22 8.33 -6.13 8.15
CA GLY A 22 9.26 -5.58 9.13
C GLY A 22 9.91 -4.29 8.68
N LYS A 23 9.65 -3.88 7.45
CA LYS A 23 10.21 -2.64 6.93
C LYS A 23 9.12 -1.58 6.74
N GLU A 24 9.39 -0.36 7.17
CA GLU A 24 8.43 0.73 7.04
C GLU A 24 8.68 1.56 5.79
N TYR A 25 7.64 1.72 4.98
CA TYR A 25 7.74 2.51 3.74
C TYR A 25 6.94 3.79 3.84
N ASN A 26 7.59 4.91 3.61
CA ASN A 26 6.92 6.20 3.63
C ASN A 26 6.51 6.59 2.22
N SER A 27 6.42 5.60 1.36
CA SER A 27 6.05 5.78 -0.02
C SER A 27 5.56 4.47 -0.61
N CYS A 28 4.95 4.53 -1.78
CA CYS A 28 4.46 3.33 -2.44
C CYS A 28 5.62 2.51 -3.00
N THR A 29 5.54 1.19 -2.84
CA THR A 29 6.58 0.30 -3.33
C THR A 29 5.96 -0.79 -4.21
N ASP A 30 6.79 -1.42 -5.05
CA ASP A 30 6.31 -2.49 -5.92
C ASP A 30 6.73 -3.83 -5.35
N THR A 31 7.29 -3.78 -4.15
CA THR A 31 7.77 -4.96 -3.47
C THR A 31 6.62 -5.91 -3.18
N GLY A 32 6.83 -7.18 -3.48
CA GLY A 32 5.80 -8.17 -3.26
C GLY A 32 4.87 -8.28 -4.46
N ARG A 33 5.00 -7.35 -5.39
CA ARG A 33 4.18 -7.35 -6.59
C ARG A 33 4.94 -7.95 -7.77
N SER A 34 4.24 -8.11 -8.89
CA SER A 34 4.85 -8.69 -10.08
C SER A 34 4.69 -7.76 -11.28
N ASP A 35 3.67 -6.92 -11.23
CA ASP A 35 3.36 -5.99 -12.31
C ASP A 35 4.12 -4.69 -12.20
N GLY A 36 4.94 -4.56 -11.19
CA GLY A 36 5.69 -3.34 -11.00
C GLY A 36 4.80 -2.21 -10.53
N PHE A 37 3.58 -2.54 -10.11
CA PHE A 37 2.62 -1.57 -9.63
C PHE A 37 2.91 -1.20 -8.18
N LEU A 38 2.94 0.08 -7.89
CA LEU A 38 3.21 0.54 -6.54
C LEU A 38 1.96 0.45 -5.69
N TRP A 39 2.13 0.07 -4.44
CA TRP A 39 1.01 -0.05 -3.52
C TRP A 39 1.37 0.48 -2.14
N CYS A 40 0.37 0.57 -1.29
CA CYS A 40 0.55 1.04 0.06
C CYS A 40 -0.42 0.31 0.98
N SER A 41 -0.08 0.18 2.25
CA SER A 41 -0.97 -0.50 3.19
C SER A 41 -1.82 0.53 3.94
N THR A 42 -3.01 0.12 4.37
CA THR A 42 -3.90 1.02 5.09
C THR A 42 -3.97 0.64 6.57
N THR A 43 -3.82 -0.65 6.84
CA THR A 43 -3.85 -1.14 8.22
C THR A 43 -2.46 -1.18 8.84
N TYR A 44 -1.52 -0.43 8.25
CA TYR A 44 -0.14 -0.37 8.72
C TYR A 44 0.58 -1.71 8.47
N ASN A 45 0.27 -2.71 9.28
CA ASN A 45 0.91 -4.02 9.13
C ASN A 45 0.20 -4.81 8.02
N PHE A 46 0.88 -4.98 6.89
CA PHE A 46 0.29 -5.70 5.76
C PHE A 46 0.37 -7.22 5.93
N GLU A 47 1.36 -7.68 6.68
CA GLU A 47 1.57 -9.11 6.90
C GLU A 47 0.37 -9.81 7.53
N LYS A 48 -0.23 -9.21 8.55
CA LYS A 48 -1.36 -9.84 9.24
C LYS A 48 -2.72 -9.40 8.70
N ASP A 49 -2.86 -8.13 8.37
CA ASP A 49 -4.13 -7.61 7.89
C ASP A 49 -4.34 -7.89 6.41
N GLY A 50 -3.40 -7.46 5.58
CA GLY A 50 -3.50 -7.69 4.16
C GLY A 50 -4.28 -6.62 3.40
N LYS A 51 -4.58 -5.51 4.06
CA LYS A 51 -5.31 -4.42 3.42
C LYS A 51 -4.37 -3.58 2.58
N TYR A 52 -4.55 -3.62 1.27
CA TYR A 52 -3.69 -2.89 0.36
C TYR A 52 -4.50 -2.19 -0.73
N GLY A 53 -3.84 -1.26 -1.38
CA GLY A 53 -4.43 -0.52 -2.46
C GLY A 53 -3.35 0.02 -3.36
N PHE A 54 -3.68 0.30 -4.61
CA PHE A 54 -2.69 0.79 -5.55
C PHE A 54 -2.53 2.30 -5.50
N CYS A 55 -1.35 2.76 -5.91
CA CYS A 55 -1.04 4.18 -5.94
C CYS A 55 0.05 4.45 -6.99
N PRO A 56 0.19 5.71 -7.45
CA PRO A 56 1.18 6.06 -8.47
C PRO A 56 2.60 6.09 -7.92
N HIS A 57 3.57 6.32 -8.79
CA HIS A 57 4.97 6.37 -8.37
C HIS A 57 5.33 7.77 -7.92
N GLU A 58 5.88 7.87 -6.71
CA GLU A 58 6.28 9.14 -6.16
C GLU A 58 7.79 9.18 -5.94
N ALA A 59 8.37 8.00 -5.71
CA ALA A 59 9.81 7.86 -5.50
C ALA A 59 10.23 6.44 -5.81
N ARG A 1 -0.04 11.02 3.31
CA ARG A 1 -1.16 10.07 3.18
C ARG A 1 -1.83 10.21 1.81
N ILE A 2 -1.21 9.66 0.78
CA ILE A 2 -1.74 9.75 -0.58
C ILE A 2 -2.90 8.80 -0.82
N PRO A 3 -3.70 9.09 -1.86
CA PRO A 3 -4.89 8.31 -2.25
C PRO A 3 -4.61 6.84 -2.57
N VAL A 4 -5.69 6.06 -2.62
CA VAL A 4 -5.64 4.64 -2.95
C VAL A 4 -6.63 4.38 -4.09
N LYS A 5 -6.34 3.39 -4.93
CA LYS A 5 -7.23 3.11 -6.05
C LYS A 5 -7.80 1.69 -6.03
N TYR A 6 -7.00 0.73 -6.52
CA TYR A 6 -7.44 -0.65 -6.61
C TYR A 6 -7.07 -1.44 -5.36
N GLY A 7 -7.76 -2.56 -5.16
CA GLY A 7 -7.50 -3.41 -4.02
C GLY A 7 -8.73 -3.61 -3.17
N ASN A 8 -8.52 -3.93 -1.90
CA ASN A 8 -9.64 -4.17 -0.98
C ASN A 8 -9.78 -3.07 0.07
N ALA A 9 -8.96 -2.03 -0.04
CA ALA A 9 -9.01 -0.90 0.90
C ALA A 9 -10.22 -0.02 0.63
N ASP A 10 -10.78 0.55 1.70
CA ASP A 10 -11.94 1.42 1.59
C ASP A 10 -11.52 2.82 1.16
N GLY A 11 -11.10 3.63 2.12
CA GLY A 11 -10.68 4.98 1.81
C GLY A 11 -9.87 5.63 2.91
N GLU A 12 -9.01 4.86 3.57
CA GLU A 12 -8.17 5.41 4.63
C GLU A 12 -6.85 5.92 4.06
N TYR A 13 -6.76 5.93 2.72
CA TYR A 13 -5.58 6.37 2.00
C TYR A 13 -4.37 5.51 2.37
N CYS A 14 -3.22 5.84 1.82
CA CYS A 14 -2.01 5.08 2.12
C CYS A 14 -1.54 5.36 3.53
N LYS A 15 -1.34 4.29 4.30
CA LYS A 15 -0.89 4.42 5.68
C LYS A 15 0.64 4.48 5.71
N PHE A 16 1.16 5.66 5.97
CA PHE A 16 2.60 5.88 6.00
C PHE A 16 3.08 6.19 7.41
N PRO A 17 4.09 5.45 7.89
CA PRO A 17 4.73 4.39 7.13
C PRO A 17 4.09 3.03 7.39
N PHE A 18 4.09 2.17 6.39
CA PHE A 18 3.50 0.86 6.57
C PHE A 18 4.59 -0.21 6.69
N LEU A 19 4.34 -1.18 7.56
CA LEU A 19 5.29 -2.25 7.81
C LEU A 19 5.13 -3.39 6.83
N PHE A 20 6.09 -3.52 5.92
CA PHE A 20 6.10 -4.58 4.92
C PHE A 20 7.16 -5.59 5.29
N ASN A 21 6.72 -6.66 5.96
CA ASN A 21 7.61 -7.75 6.40
C ASN A 21 8.79 -7.24 7.22
N GLY A 22 8.63 -6.09 7.86
CA GLY A 22 9.69 -5.55 8.69
C GLY A 22 10.24 -4.22 8.21
N LYS A 23 9.94 -3.85 6.97
CA LYS A 23 10.42 -2.59 6.42
C LYS A 23 9.28 -1.60 6.28
N GLU A 24 9.42 -0.43 6.88
CA GLU A 24 8.39 0.59 6.80
C GLU A 24 8.64 1.52 5.61
N TYR A 25 7.63 1.66 4.76
CA TYR A 25 7.74 2.52 3.57
C TYR A 25 6.98 3.81 3.77
N ASN A 26 7.61 4.92 3.40
CA ASN A 26 6.98 6.23 3.52
C ASN A 26 6.24 6.59 2.23
N SER A 27 6.16 5.61 1.34
CA SER A 27 5.49 5.77 0.06
C SER A 27 5.13 4.40 -0.50
N CYS A 28 4.52 4.36 -1.67
CA CYS A 28 4.15 3.08 -2.28
C CYS A 28 5.38 2.41 -2.88
N THR A 29 5.38 1.09 -2.92
CA THR A 29 6.49 0.35 -3.47
C THR A 29 5.98 -0.74 -4.41
N ASP A 30 6.86 -1.28 -5.25
CA ASP A 30 6.46 -2.35 -6.17
C ASP A 30 6.97 -3.67 -5.63
N THR A 31 7.57 -3.60 -4.46
CA THR A 31 8.13 -4.79 -3.80
C THR A 31 7.03 -5.82 -3.56
N GLY A 32 7.34 -7.08 -3.81
CA GLY A 32 6.37 -8.13 -3.63
C GLY A 32 5.61 -8.42 -4.91
N ARG A 33 5.45 -7.39 -5.73
CA ARG A 33 4.74 -7.51 -7.00
C ARG A 33 5.73 -7.92 -8.09
N SER A 34 5.24 -8.59 -9.12
CA SER A 34 6.10 -9.02 -10.21
C SER A 34 6.06 -8.00 -11.35
N ASP A 35 4.91 -7.37 -11.55
CA ASP A 35 4.73 -6.41 -12.62
C ASP A 35 5.13 -4.99 -12.20
N GLY A 36 5.75 -4.87 -11.05
CA GLY A 36 6.19 -3.58 -10.58
C GLY A 36 5.07 -2.59 -10.36
N PHE A 37 3.97 -3.03 -9.76
CA PHE A 37 2.87 -2.11 -9.50
C PHE A 37 3.09 -1.42 -8.15
N LEU A 38 2.84 -0.11 -8.12
CA LEU A 38 3.04 0.69 -6.93
C LEU A 38 1.87 0.50 -5.95
N TRP A 39 2.14 -0.07 -4.78
CA TRP A 39 1.09 -0.32 -3.78
C TRP A 39 1.50 0.10 -2.37
N CYS A 40 0.52 0.13 -1.49
CA CYS A 40 0.70 0.49 -0.09
C CYS A 40 -0.37 -0.23 0.72
N SER A 41 -0.26 -0.27 2.03
CA SER A 41 -1.28 -0.90 2.84
C SER A 41 -2.11 0.15 3.56
N THR A 42 -3.35 -0.18 3.89
CA THR A 42 -4.24 0.75 4.58
C THR A 42 -4.03 0.66 6.08
N THR A 43 -3.31 -0.36 6.49
CA THR A 43 -3.02 -0.59 7.89
C THR A 43 -1.52 -0.55 8.11
N TYR A 44 -1.09 -0.64 9.36
CA TYR A 44 0.33 -0.62 9.65
C TYR A 44 1.00 -1.91 9.24
N ASN A 45 0.49 -3.04 9.72
CA ASN A 45 1.06 -4.33 9.37
C ASN A 45 0.26 -4.94 8.23
N PHE A 46 0.84 -4.98 7.03
CA PHE A 46 0.17 -5.54 5.86
C PHE A 46 -0.15 -7.03 6.03
N GLU A 47 0.82 -7.79 6.53
CA GLU A 47 0.65 -9.23 6.71
C GLU A 47 -0.48 -9.55 7.70
N LYS A 48 -0.42 -8.93 8.88
CA LYS A 48 -1.41 -9.18 9.92
C LYS A 48 -2.84 -8.76 9.53
N ASP A 49 -3.00 -7.60 8.90
CA ASP A 49 -4.34 -7.13 8.53
C ASP A 49 -4.76 -7.58 7.13
N GLY A 50 -3.92 -7.34 6.13
CA GLY A 50 -4.23 -7.75 4.77
C GLY A 50 -4.95 -6.70 3.94
N LYS A 51 -4.99 -5.47 4.43
CA LYS A 51 -5.66 -4.39 3.69
C LYS A 51 -4.63 -3.62 2.87
N TYR A 52 -4.87 -3.48 1.58
CA TYR A 52 -3.92 -2.79 0.71
C TYR A 52 -4.63 -2.12 -0.45
N GLY A 53 -3.85 -1.37 -1.22
CA GLY A 53 -4.34 -0.68 -2.37
C GLY A 53 -3.22 -0.11 -3.20
N PHE A 54 -3.48 0.16 -4.47
CA PHE A 54 -2.45 0.68 -5.34
C PHE A 54 -2.47 2.20 -5.34
N CYS A 55 -1.29 2.82 -5.46
CA CYS A 55 -1.19 4.28 -5.47
C CYS A 55 -1.75 4.87 -6.77
N PRO A 56 -1.21 4.47 -7.95
CA PRO A 56 -1.69 5.00 -9.22
C PRO A 56 -2.78 4.13 -9.84
N HIS A 57 -3.22 4.51 -11.02
CA HIS A 57 -4.26 3.77 -11.74
C HIS A 57 -3.83 3.51 -13.17
N GLU A 58 -4.60 2.72 -13.89
CA GLU A 58 -4.29 2.43 -15.28
C GLU A 58 -5.42 2.90 -16.18
N ALA A 59 -5.15 3.94 -16.94
CA ALA A 59 -6.14 4.51 -17.85
C ALA A 59 -5.86 4.09 -19.27
N ARG A 1 -0.30 10.36 -1.99
CA ARG A 1 -1.20 9.77 -0.97
C ARG A 1 -2.51 10.56 -0.88
N ILE A 2 -3.61 10.02 -1.42
CA ILE A 2 -4.88 10.72 -1.36
C ILE A 2 -6.10 9.77 -1.48
N PRO A 3 -6.27 9.02 -2.60
CA PRO A 3 -7.47 8.20 -2.80
C PRO A 3 -7.36 6.69 -2.59
N VAL A 4 -6.26 6.07 -3.01
CA VAL A 4 -6.09 4.61 -2.98
C VAL A 4 -7.02 3.97 -4.01
N LYS A 5 -6.48 3.11 -4.85
CA LYS A 5 -7.28 2.47 -5.87
C LYS A 5 -7.83 1.12 -5.44
N TYR A 6 -7.81 0.17 -6.38
CA TYR A 6 -8.34 -1.17 -6.16
C TYR A 6 -7.65 -1.89 -5.00
N GLY A 7 -8.29 -2.95 -4.55
CA GLY A 7 -7.78 -3.75 -3.47
C GLY A 7 -8.82 -3.95 -2.40
N ASN A 8 -8.39 -4.13 -1.16
CA ASN A 8 -9.34 -4.33 -0.07
C ASN A 8 -9.20 -3.27 1.01
N ALA A 9 -8.62 -2.13 0.66
CA ALA A 9 -8.46 -1.00 1.58
C ALA A 9 -9.50 0.08 1.27
N ASP A 10 -10.52 -0.29 0.49
CA ASP A 10 -11.59 0.62 0.09
C ASP A 10 -11.03 1.83 -0.64
N GLY A 11 -11.20 3.01 -0.05
CA GLY A 11 -10.71 4.23 -0.65
C GLY A 11 -10.18 5.19 0.37
N GLU A 12 -9.26 4.71 1.21
CA GLU A 12 -8.68 5.55 2.25
C GLU A 12 -7.44 6.27 1.72
N TYR A 13 -6.36 6.22 2.47
CA TYR A 13 -5.12 6.85 2.10
C TYR A 13 -3.95 5.92 2.43
N CYS A 14 -2.80 6.17 1.81
CA CYS A 14 -1.62 5.34 2.07
C CYS A 14 -1.05 5.65 3.46
N LYS A 15 -1.00 4.64 4.31
CA LYS A 15 -0.48 4.83 5.66
C LYS A 15 1.03 4.74 5.68
N PHE A 16 1.67 5.85 6.03
CA PHE A 16 3.13 5.91 6.08
C PHE A 16 3.62 6.19 7.49
N PRO A 17 4.54 5.38 8.00
CA PRO A 17 5.09 4.22 7.29
C PRO A 17 4.33 2.92 7.58
N PHE A 18 4.13 2.09 6.57
CA PHE A 18 3.46 0.82 6.78
C PHE A 18 4.49 -0.29 6.90
N LEU A 19 4.15 -1.34 7.63
CA LEU A 19 5.07 -2.44 7.85
C LEU A 19 4.89 -3.57 6.84
N PHE A 20 5.94 -3.82 6.05
CA PHE A 20 5.94 -4.88 5.05
C PHE A 20 7.13 -5.80 5.30
N ASN A 21 6.86 -6.98 5.85
CA ASN A 21 7.92 -7.96 6.15
C ASN A 21 8.98 -7.38 7.07
N GLY A 22 8.60 -6.43 7.92
CA GLY A 22 9.53 -5.84 8.85
C GLY A 22 10.11 -4.52 8.38
N LYS A 23 9.83 -4.14 7.15
CA LYS A 23 10.35 -2.87 6.64
C LYS A 23 9.23 -1.84 6.58
N GLU A 24 9.53 -0.61 7.01
CA GLU A 24 8.55 0.45 7.01
C GLU A 24 8.75 1.36 5.81
N TYR A 25 7.76 1.41 4.92
CA TYR A 25 7.85 2.24 3.73
C TYR A 25 7.23 3.60 3.97
N ASN A 26 7.97 4.63 3.61
CA ASN A 26 7.49 6.00 3.78
C ASN A 26 6.82 6.48 2.50
N SER A 27 6.77 5.58 1.51
CA SER A 27 6.14 5.86 0.23
C SER A 27 5.59 4.57 -0.38
N CYS A 28 5.03 4.66 -1.58
CA CYS A 28 4.48 3.49 -2.24
C CYS A 28 5.60 2.66 -2.86
N THR A 29 5.49 1.35 -2.80
CA THR A 29 6.50 0.47 -3.35
C THR A 29 5.88 -0.57 -4.28
N ASP A 30 6.71 -1.18 -5.12
CA ASP A 30 6.25 -2.22 -6.03
C ASP A 30 6.67 -3.57 -5.51
N THR A 31 7.22 -3.59 -4.30
CA THR A 31 7.68 -4.81 -3.68
C THR A 31 6.53 -5.79 -3.50
N GLY A 32 6.77 -7.05 -3.82
CA GLY A 32 5.74 -8.05 -3.71
C GLY A 32 4.92 -8.13 -4.99
N ARG A 33 4.97 -7.07 -5.79
CA ARG A 33 4.26 -7.00 -7.05
C ARG A 33 5.21 -7.29 -8.20
N SER A 34 4.95 -8.36 -8.94
CA SER A 34 5.79 -8.70 -10.07
C SER A 34 5.42 -7.86 -11.28
N ASP A 35 4.32 -7.12 -11.16
CA ASP A 35 3.82 -6.28 -12.24
C ASP A 35 4.43 -4.90 -12.20
N GLY A 36 5.20 -4.65 -11.16
CA GLY A 36 5.83 -3.35 -11.00
C GLY A 36 4.82 -2.25 -10.73
N PHE A 37 3.84 -2.54 -9.89
CA PHE A 37 2.80 -1.56 -9.57
C PHE A 37 2.99 -1.05 -8.15
N LEU A 38 2.82 0.26 -7.99
CA LEU A 38 2.96 0.89 -6.69
C LEU A 38 1.72 0.66 -5.85
N TRP A 39 1.92 0.25 -4.61
CA TRP A 39 0.81 0.02 -3.70
C TRP A 39 1.18 0.53 -2.31
N CYS A 40 0.24 0.47 -1.39
CA CYS A 40 0.45 0.94 -0.04
C CYS A 40 -0.56 0.31 0.89
N SER A 41 -0.23 0.25 2.18
CA SER A 41 -1.13 -0.31 3.17
C SER A 41 -1.90 0.80 3.85
N THR A 42 -2.99 0.44 4.50
CA THR A 42 -3.81 1.42 5.21
C THR A 42 -3.75 1.11 6.69
N THR A 43 -3.19 -0.05 7.00
CA THR A 43 -3.02 -0.49 8.37
C THR A 43 -1.53 -0.53 8.70
N TYR A 44 -1.20 -0.60 9.98
CA TYR A 44 0.19 -0.64 10.42
C TYR A 44 0.84 -1.94 9.95
N ASN A 45 0.36 -3.06 10.46
CA ASN A 45 0.91 -4.35 10.08
C ASN A 45 0.12 -4.93 8.91
N PHE A 46 0.68 -4.80 7.72
CA PHE A 46 0.04 -5.30 6.51
C PHE A 46 0.12 -6.82 6.42
N GLU A 47 1.19 -7.38 6.96
CA GLU A 47 1.43 -8.82 6.94
C GLU A 47 0.26 -9.62 7.48
N LYS A 48 -0.25 -9.26 8.66
CA LYS A 48 -1.35 -9.99 9.28
C LYS A 48 -2.72 -9.52 8.79
N ASP A 49 -2.83 -8.27 8.38
CA ASP A 49 -4.11 -7.74 7.92
C ASP A 49 -4.34 -8.03 6.45
N GLY A 50 -3.51 -7.46 5.60
CA GLY A 50 -3.64 -7.68 4.18
C GLY A 50 -4.44 -6.60 3.47
N LYS A 51 -4.74 -5.51 4.17
CA LYS A 51 -5.50 -4.41 3.57
C LYS A 51 -4.56 -3.52 2.77
N TYR A 52 -4.70 -3.54 1.45
CA TYR A 52 -3.87 -2.74 0.58
C TYR A 52 -4.67 -2.08 -0.52
N GLY A 53 -4.05 -1.11 -1.16
CA GLY A 53 -4.67 -0.41 -2.25
C GLY A 53 -3.62 0.09 -3.21
N PHE A 54 -3.99 0.28 -4.46
CA PHE A 54 -3.04 0.73 -5.45
C PHE A 54 -2.71 2.20 -5.32
N CYS A 55 -1.47 2.53 -5.62
CA CYS A 55 -0.99 3.89 -5.54
C CYS A 55 -0.99 4.55 -6.91
N PRO A 56 -1.71 5.67 -7.07
CA PRO A 56 -1.79 6.38 -8.35
C PRO A 56 -0.43 6.89 -8.82
N HIS A 57 0.17 6.15 -9.73
CA HIS A 57 1.48 6.52 -10.27
C HIS A 57 1.33 7.01 -11.72
N GLU A 58 2.31 7.76 -12.18
CA GLU A 58 2.29 8.29 -13.53
C GLU A 58 2.46 7.17 -14.56
N ALA A 59 1.56 7.13 -15.52
CA ALA A 59 1.59 6.11 -16.56
C ALA A 59 0.87 6.61 -17.80
N ARG A 1 -3.83 12.71 2.75
CA ARG A 1 -3.71 12.68 1.27
C ARG A 1 -4.95 12.07 0.64
N ILE A 2 -4.92 11.93 -0.69
CA ILE A 2 -6.02 11.35 -1.43
C ILE A 2 -6.16 9.87 -1.12
N PRO A 3 -7.35 9.30 -1.43
CA PRO A 3 -7.68 7.89 -1.18
C PRO A 3 -6.80 6.89 -1.92
N VAL A 4 -7.19 5.62 -1.80
CA VAL A 4 -6.51 4.51 -2.44
C VAL A 4 -7.33 4.04 -3.63
N LYS A 5 -6.64 3.48 -4.62
CA LYS A 5 -7.27 3.02 -5.83
C LYS A 5 -7.84 1.61 -5.71
N TYR A 6 -7.35 0.73 -6.58
CA TYR A 6 -7.81 -0.65 -6.65
C TYR A 6 -7.21 -1.50 -5.54
N GLY A 7 -7.83 -2.65 -5.29
CA GLY A 7 -7.38 -3.55 -4.26
C GLY A 7 -8.52 -3.94 -3.34
N ASN A 8 -8.22 -4.28 -2.11
CA ASN A 8 -9.27 -4.68 -1.19
C ASN A 8 -9.68 -3.52 -0.28
N ALA A 9 -9.00 -2.39 -0.43
CA ALA A 9 -9.32 -1.19 0.32
C ALA A 9 -10.48 -0.48 -0.38
N ASP A 10 -11.47 -0.02 0.37
CA ASP A 10 -12.64 0.61 -0.26
C ASP A 10 -12.80 2.09 0.04
N GLY A 11 -11.81 2.74 0.65
CA GLY A 11 -11.97 4.16 0.92
C GLY A 11 -10.90 4.78 1.79
N GLU A 12 -9.91 4.00 2.20
CA GLU A 12 -8.85 4.54 3.04
C GLU A 12 -7.70 5.07 2.20
N TYR A 13 -6.71 5.66 2.85
CA TYR A 13 -5.56 6.24 2.17
C TYR A 13 -4.30 5.44 2.47
N CYS A 14 -3.20 5.79 1.80
CA CYS A 14 -1.93 5.12 2.01
C CYS A 14 -1.33 5.52 3.34
N LYS A 15 -1.06 4.55 4.20
CA LYS A 15 -0.49 4.84 5.50
C LYS A 15 1.02 4.75 5.47
N PHE A 16 1.66 5.86 5.81
CA PHE A 16 3.11 5.93 5.83
C PHE A 16 3.61 6.25 7.23
N PRO A 17 4.51 5.42 7.77
CA PRO A 17 5.05 4.26 7.08
C PRO A 17 4.27 2.98 7.38
N PHE A 18 4.39 2.01 6.49
CA PHE A 18 3.73 0.73 6.67
C PHE A 18 4.79 -0.36 6.79
N LEU A 19 4.46 -1.43 7.51
CA LEU A 19 5.42 -2.50 7.71
C LEU A 19 5.27 -3.61 6.68
N PHE A 20 6.35 -3.89 5.96
CA PHE A 20 6.37 -4.93 4.94
C PHE A 20 7.57 -5.83 5.17
N ASN A 21 7.33 -7.04 5.66
CA ASN A 21 8.41 -8.01 5.93
C ASN A 21 9.49 -7.42 6.84
N GLY A 22 9.09 -6.55 7.76
CA GLY A 22 10.04 -5.96 8.68
C GLY A 22 10.61 -4.62 8.23
N LYS A 23 10.12 -4.09 7.11
CA LYS A 23 10.61 -2.80 6.61
C LYS A 23 9.48 -1.79 6.57
N GLU A 24 9.75 -0.57 7.00
CA GLU A 24 8.76 0.49 6.99
C GLU A 24 8.96 1.40 5.79
N TYR A 25 7.94 1.46 4.94
CA TYR A 25 8.02 2.30 3.75
C TYR A 25 7.34 3.62 3.97
N ASN A 26 8.07 4.70 3.69
CA ASN A 26 7.54 6.04 3.84
C ASN A 26 6.84 6.46 2.55
N SER A 27 6.89 5.59 1.57
CA SER A 27 6.27 5.81 0.27
C SER A 27 5.83 4.48 -0.31
N CYS A 28 5.18 4.52 -1.47
CA CYS A 28 4.72 3.30 -2.12
C CYS A 28 5.88 2.55 -2.77
N THR A 29 5.75 1.23 -2.83
CA THR A 29 6.77 0.38 -3.40
C THR A 29 6.14 -0.66 -4.33
N ASP A 30 6.96 -1.30 -5.17
CA ASP A 30 6.47 -2.33 -6.07
C ASP A 30 6.87 -3.69 -5.53
N THR A 31 7.47 -3.68 -4.36
CA THR A 31 7.94 -4.89 -3.70
C THR A 31 6.78 -5.84 -3.47
N GLY A 32 6.99 -7.12 -3.76
CA GLY A 32 5.95 -8.11 -3.58
C GLY A 32 5.06 -8.21 -4.80
N ARG A 33 4.96 -7.13 -5.56
CA ARG A 33 4.14 -7.10 -6.76
C ARG A 33 4.94 -7.59 -7.95
N SER A 34 4.36 -8.51 -8.71
CA SER A 34 5.03 -9.06 -9.88
C SER A 34 4.89 -8.11 -11.06
N ASP A 35 3.93 -7.21 -10.98
CA ASP A 35 3.67 -6.25 -12.05
C ASP A 35 4.42 -4.96 -11.89
N GLY A 36 5.24 -4.88 -10.85
CA GLY A 36 5.98 -3.66 -10.60
C GLY A 36 5.05 -2.48 -10.40
N PHE A 37 4.01 -2.70 -9.60
CA PHE A 37 3.01 -1.68 -9.36
C PHE A 37 3.23 -1.02 -8.00
N LEU A 38 3.06 0.29 -7.96
CA LEU A 38 3.24 1.04 -6.73
C LEU A 38 2.02 0.87 -5.84
N TRP A 39 2.20 0.20 -4.71
CA TRP A 39 1.10 -0.02 -3.77
C TRP A 39 1.46 0.48 -2.38
N CYS A 40 0.47 0.50 -1.51
CA CYS A 40 0.65 0.96 -0.15
C CYS A 40 -0.28 0.18 0.76
N SER A 41 0.03 0.15 2.04
CA SER A 41 -0.81 -0.54 2.99
C SER A 41 -1.75 0.45 3.66
N THR A 42 -2.82 -0.07 4.22
CA THR A 42 -3.80 0.76 4.91
C THR A 42 -3.49 0.74 6.40
N THR A 43 -3.12 -0.43 6.89
CA THR A 43 -2.77 -0.60 8.28
C THR A 43 -1.26 -0.59 8.44
N TYR A 44 -0.78 -0.47 9.68
CA TYR A 44 0.65 -0.46 9.94
C TYR A 44 1.23 -1.82 9.58
N ASN A 45 0.71 -2.86 10.23
CA ASN A 45 1.14 -4.22 9.96
C ASN A 45 0.34 -4.76 8.77
N PHE A 46 0.99 -4.86 7.61
CA PHE A 46 0.34 -5.33 6.39
C PHE A 46 -0.05 -6.80 6.50
N GLU A 47 0.87 -7.61 7.00
CA GLU A 47 0.67 -9.05 7.16
C GLU A 47 -0.61 -9.38 7.93
N LYS A 48 -0.76 -8.74 9.08
CA LYS A 48 -1.90 -8.97 9.97
C LYS A 48 -3.26 -8.68 9.31
N ASP A 49 -3.50 -7.43 8.93
CA ASP A 49 -4.77 -7.04 8.33
C ASP A 49 -4.87 -7.41 6.86
N GLY A 50 -3.93 -6.93 6.08
CA GLY A 50 -3.92 -7.25 4.67
C GLY A 50 -4.62 -6.20 3.82
N LYS A 51 -4.93 -5.05 4.41
CA LYS A 51 -5.58 -3.98 3.68
C LYS A 51 -4.54 -3.23 2.85
N TYR A 52 -4.72 -3.20 1.53
CA TYR A 52 -3.80 -2.52 0.65
C TYR A 52 -4.54 -1.96 -0.55
N GLY A 53 -3.78 -1.31 -1.42
CA GLY A 53 -4.33 -0.76 -2.63
C GLY A 53 -3.27 -0.09 -3.44
N PHE A 54 -3.64 0.49 -4.57
CA PHE A 54 -2.65 1.15 -5.42
C PHE A 54 -2.67 2.65 -5.17
N CYS A 55 -1.50 3.26 -5.29
CA CYS A 55 -1.32 4.68 -5.02
C CYS A 55 -1.62 5.60 -6.21
N PRO A 56 -1.06 5.35 -7.41
CA PRO A 56 -1.26 6.22 -8.59
C PRO A 56 -2.73 6.53 -8.86
N HIS A 57 -3.02 7.83 -9.02
CA HIS A 57 -4.36 8.31 -9.31
C HIS A 57 -4.82 7.71 -10.64
N GLU A 58 -6.08 7.28 -10.70
CA GLU A 58 -6.58 6.66 -11.94
C GLU A 58 -6.63 7.69 -13.08
N ALA A 59 -6.18 7.25 -14.25
CA ALA A 59 -6.14 8.08 -15.44
C ALA A 59 -5.71 7.25 -16.63
N ARG A 1 0.82 12.82 1.38
CA ARG A 1 -0.47 12.08 1.37
C ARG A 1 -0.80 11.60 -0.03
N ILE A 2 -1.15 10.33 -0.15
CA ILE A 2 -1.51 9.76 -1.44
C ILE A 2 -2.69 8.78 -1.25
N PRO A 3 -3.66 8.81 -2.18
CA PRO A 3 -4.86 7.96 -2.08
C PRO A 3 -4.63 6.49 -2.40
N VAL A 4 -5.68 5.70 -2.14
CA VAL A 4 -5.68 4.26 -2.43
C VAL A 4 -6.77 3.96 -3.45
N LYS A 5 -6.46 3.10 -4.41
CA LYS A 5 -7.42 2.76 -5.44
C LYS A 5 -7.91 1.31 -5.35
N TYR A 6 -7.39 0.47 -6.25
CA TYR A 6 -7.77 -0.94 -6.33
C TYR A 6 -7.17 -1.77 -5.19
N GLY A 7 -7.72 -2.96 -5.01
CA GLY A 7 -7.26 -3.86 -3.96
C GLY A 7 -8.39 -4.25 -3.03
N ASN A 8 -8.06 -4.63 -1.81
CA ASN A 8 -9.09 -5.03 -0.84
C ASN A 8 -9.39 -3.91 0.16
N ALA A 9 -8.86 -2.72 -0.14
CA ALA A 9 -9.08 -1.54 0.68
C ALA A 9 -10.33 -0.81 0.21
N ASP A 10 -10.87 0.06 1.03
CA ASP A 10 -12.08 0.80 0.66
C ASP A 10 -11.73 2.17 0.08
N GLY A 11 -10.55 2.26 -0.52
CA GLY A 11 -10.12 3.51 -1.11
C GLY A 11 -9.75 4.54 -0.06
N GLU A 12 -9.05 4.10 0.97
CA GLU A 12 -8.64 4.99 2.05
C GLU A 12 -7.40 5.79 1.66
N TYR A 13 -6.54 6.04 2.63
CA TYR A 13 -5.33 6.80 2.44
C TYR A 13 -4.12 5.94 2.81
N CYS A 14 -3.00 6.15 2.12
CA CYS A 14 -1.79 5.37 2.37
C CYS A 14 -1.18 5.70 3.74
N LYS A 15 -1.04 4.67 4.56
CA LYS A 15 -0.47 4.83 5.90
C LYS A 15 1.06 4.73 5.83
N PHE A 16 1.73 5.84 6.10
CA PHE A 16 3.19 5.87 6.07
C PHE A 16 3.74 6.21 7.45
N PRO A 17 4.73 5.44 7.91
CA PRO A 17 5.28 4.31 7.17
C PRO A 17 4.49 3.02 7.41
N PHE A 18 4.39 2.18 6.39
CA PHE A 18 3.68 0.92 6.53
C PHE A 18 4.68 -0.22 6.66
N LEU A 19 4.29 -1.29 7.34
CA LEU A 19 5.18 -2.42 7.56
C LEU A 19 4.97 -3.54 6.55
N PHE A 20 6.04 -3.90 5.86
CA PHE A 20 6.03 -4.96 4.87
C PHE A 20 7.16 -5.93 5.15
N ASN A 21 6.83 -7.11 5.65
CA ASN A 21 7.83 -8.13 5.97
C ASN A 21 8.90 -7.59 6.93
N GLY A 22 8.51 -6.62 7.75
CA GLY A 22 9.45 -6.04 8.70
C GLY A 22 10.15 -4.79 8.19
N LYS A 23 9.76 -4.32 7.01
CA LYS A 23 10.35 -3.13 6.42
C LYS A 23 9.32 -2.01 6.33
N GLU A 24 9.67 -0.84 6.85
CA GLU A 24 8.77 0.30 6.83
C GLU A 24 8.99 1.16 5.59
N TYR A 25 7.92 1.41 4.85
CA TYR A 25 8.00 2.22 3.65
C TYR A 25 7.37 3.57 3.89
N ASN A 26 8.09 4.62 3.52
CA ASN A 26 7.61 5.98 3.69
C ASN A 26 6.81 6.41 2.46
N SER A 27 6.76 5.52 1.47
CA SER A 27 6.04 5.78 0.24
C SER A 27 5.56 4.47 -0.38
N CYS A 28 4.95 4.55 -1.55
CA CYS A 28 4.46 3.36 -2.23
C CYS A 28 5.62 2.56 -2.83
N THR A 29 5.54 1.24 -2.77
CA THR A 29 6.58 0.39 -3.31
C THR A 29 6.00 -0.62 -4.29
N ASP A 30 6.86 -1.20 -5.11
CA ASP A 30 6.42 -2.20 -6.09
C ASP A 30 6.80 -3.59 -5.60
N THR A 31 7.41 -3.62 -4.43
CA THR A 31 7.87 -4.85 -3.81
C THR A 31 6.70 -5.83 -3.63
N GLY A 32 6.93 -7.09 -3.96
CA GLY A 32 5.89 -8.08 -3.85
C GLY A 32 5.04 -8.17 -5.09
N ARG A 33 4.79 -7.02 -5.72
CA ARG A 33 3.99 -6.97 -6.94
C ARG A 33 4.84 -7.34 -8.14
N SER A 34 4.27 -8.13 -9.02
CA SER A 34 4.98 -8.57 -10.22
C SER A 34 4.89 -7.50 -11.32
N ASP A 35 3.83 -6.70 -11.26
CA ASP A 35 3.58 -5.67 -12.26
C ASP A 35 4.37 -4.39 -12.00
N GLY A 36 5.14 -4.39 -10.95
CA GLY A 36 5.90 -3.21 -10.61
C GLY A 36 4.99 -2.06 -10.24
N PHE A 37 3.80 -2.39 -9.75
CA PHE A 37 2.82 -1.38 -9.37
C PHE A 37 3.09 -0.88 -7.96
N LEU A 38 2.98 0.43 -7.78
CA LEU A 38 3.21 1.04 -6.48
C LEU A 38 1.98 0.87 -5.60
N TRP A 39 2.16 0.26 -4.44
CA TRP A 39 1.06 0.03 -3.53
C TRP A 39 1.42 0.44 -2.11
N CYS A 40 0.42 0.41 -1.24
CA CYS A 40 0.59 0.77 0.15
C CYS A 40 -0.48 0.04 0.96
N SER A 41 -0.38 0.08 2.27
CA SER A 41 -1.39 -0.57 3.11
C SER A 41 -2.19 0.49 3.86
N THR A 42 -3.46 0.21 4.13
CA THR A 42 -4.30 1.15 4.85
C THR A 42 -3.99 1.07 6.34
N THR A 43 -3.53 -0.09 6.76
CA THR A 43 -3.19 -0.33 8.14
C THR A 43 -1.67 -0.27 8.33
N TYR A 44 -1.24 -0.23 9.59
CA TYR A 44 0.16 -0.16 9.91
C TYR A 44 0.86 -1.50 9.68
N ASN A 45 0.14 -2.59 9.89
CA ASN A 45 0.69 -3.93 9.71
C ASN A 45 0.01 -4.62 8.54
N PHE A 46 0.72 -4.72 7.42
CA PHE A 46 0.16 -5.35 6.22
C PHE A 46 0.05 -6.87 6.39
N GLU A 47 1.03 -7.46 7.05
CA GLU A 47 1.06 -8.92 7.24
C GLU A 47 -0.09 -9.41 8.12
N LYS A 48 -0.44 -8.64 9.15
CA LYS A 48 -1.49 -9.03 10.07
C LYS A 48 -2.89 -8.64 9.57
N ASP A 49 -3.02 -7.42 9.07
CA ASP A 49 -4.32 -6.95 8.58
C ASP A 49 -4.58 -7.44 7.17
N GLY A 50 -3.69 -7.11 6.24
CA GLY A 50 -3.84 -7.56 4.87
C GLY A 50 -4.50 -6.53 3.97
N LYS A 51 -4.81 -5.36 4.49
CA LYS A 51 -5.45 -4.31 3.71
C LYS A 51 -4.43 -3.52 2.91
N TYR A 52 -4.57 -3.53 1.58
CA TYR A 52 -3.67 -2.82 0.70
C TYR A 52 -4.43 -2.25 -0.47
N GLY A 53 -3.76 -1.40 -1.22
CA GLY A 53 -4.36 -0.81 -2.39
C GLY A 53 -3.34 -0.15 -3.26
N PHE A 54 -3.70 0.11 -4.50
CA PHE A 54 -2.79 0.71 -5.45
C PHE A 54 -2.90 2.23 -5.40
N CYS A 55 -1.78 2.86 -5.10
CA CYS A 55 -1.73 4.31 -5.02
C CYS A 55 -1.26 4.89 -6.35
N PRO A 56 -2.07 5.78 -6.95
CA PRO A 56 -1.73 6.40 -8.24
C PRO A 56 -0.54 7.35 -8.14
N HIS A 57 0.65 6.77 -8.18
CA HIS A 57 1.87 7.56 -8.08
C HIS A 57 2.67 7.44 -9.37
N GLU A 58 2.78 8.53 -10.11
CA GLU A 58 3.54 8.52 -11.35
C GLU A 58 5.04 8.56 -11.06
N ALA A 59 5.64 7.38 -10.98
CA ALA A 59 7.06 7.28 -10.69
C ALA A 59 7.88 7.24 -11.97
N ARG A 1 -6.10 13.80 1.05
CA ARG A 1 -5.38 12.51 1.11
C ARG A 1 -6.05 11.48 0.18
N ILE A 2 -6.62 10.41 0.77
CA ILE A 2 -7.30 9.32 0.02
C ILE A 2 -6.55 8.92 -1.28
N PRO A 3 -5.26 8.54 -1.18
CA PRO A 3 -4.45 8.15 -2.32
C PRO A 3 -4.52 6.66 -2.61
N VAL A 4 -5.69 6.06 -2.40
CA VAL A 4 -5.89 4.64 -2.63
C VAL A 4 -7.17 4.42 -3.44
N LYS A 5 -7.16 3.43 -4.31
CA LYS A 5 -8.34 3.13 -5.12
C LYS A 5 -8.53 1.63 -5.27
N TYR A 6 -7.70 1.02 -6.11
CA TYR A 6 -7.79 -0.41 -6.37
C TYR A 6 -7.38 -1.22 -5.15
N GLY A 7 -8.12 -2.29 -4.92
CA GLY A 7 -7.90 -3.17 -3.79
C GLY A 7 -9.02 -3.02 -2.80
N ASN A 8 -9.07 -3.91 -1.84
CA ASN A 8 -10.15 -3.89 -0.84
C ASN A 8 -10.23 -2.57 -0.06
N ALA A 9 -9.13 -1.86 0.02
CA ALA A 9 -9.06 -0.55 0.72
C ALA A 9 -9.68 0.57 -0.12
N ASP A 10 -10.82 0.30 -0.74
CA ASP A 10 -11.48 1.30 -1.59
C ASP A 10 -11.97 2.50 -0.77
N GLY A 11 -11.30 3.64 -0.95
CA GLY A 11 -11.69 4.84 -0.24
C GLY A 11 -10.78 5.17 0.93
N GLU A 12 -9.80 4.32 1.17
CA GLU A 12 -8.87 4.53 2.27
C GLU A 12 -7.65 5.34 1.82
N TYR A 13 -6.70 5.50 2.74
CA TYR A 13 -5.50 6.23 2.48
C TYR A 13 -4.26 5.40 2.81
N CYS A 14 -3.10 5.82 2.30
CA CYS A 14 -1.86 5.10 2.52
C CYS A 14 -1.30 5.37 3.92
N LYS A 15 -0.90 4.30 4.59
CA LYS A 15 -0.33 4.41 5.93
C LYS A 15 1.19 4.61 5.82
N PHE A 16 1.64 5.81 6.17
CA PHE A 16 3.07 6.11 6.08
C PHE A 16 3.63 6.42 7.46
N PRO A 17 4.61 5.62 7.91
CA PRO A 17 5.14 4.48 7.16
C PRO A 17 4.47 3.16 7.53
N PHE A 18 4.31 2.28 6.55
CA PHE A 18 3.69 0.99 6.81
C PHE A 18 4.77 -0.08 6.97
N LEU A 19 4.42 -1.18 7.61
CA LEU A 19 5.37 -2.26 7.84
C LEU A 19 5.19 -3.38 6.82
N PHE A 20 6.24 -3.62 6.03
CA PHE A 20 6.23 -4.67 5.03
C PHE A 20 7.40 -5.61 5.27
N ASN A 21 7.11 -6.80 5.79
CA ASN A 21 8.14 -7.80 6.07
C ASN A 21 9.21 -7.26 7.02
N GLY A 22 8.83 -6.28 7.83
CA GLY A 22 9.78 -5.70 8.77
C GLY A 22 10.45 -4.44 8.25
N LYS A 23 9.92 -3.85 7.18
CA LYS A 23 10.50 -2.64 6.62
C LYS A 23 9.43 -1.57 6.48
N GLU A 24 9.74 -0.36 6.92
CA GLU A 24 8.80 0.75 6.85
C GLU A 24 9.00 1.58 5.59
N TYR A 25 7.92 1.75 4.83
CA TYR A 25 7.98 2.54 3.61
C TYR A 25 7.25 3.87 3.81
N ASN A 26 7.94 4.96 3.49
CA ASN A 26 7.37 6.30 3.63
C ASN A 26 6.58 6.66 2.39
N SER A 27 6.56 5.75 1.43
CA SER A 27 5.86 5.95 0.18
C SER A 27 5.34 4.61 -0.32
N CYS A 28 4.81 4.60 -1.53
CA CYS A 28 4.31 3.38 -2.12
C CYS A 28 5.47 2.61 -2.73
N THR A 29 5.37 1.29 -2.75
CA THR A 29 6.43 0.46 -3.31
C THR A 29 5.85 -0.59 -4.24
N ASP A 30 6.69 -1.18 -5.08
CA ASP A 30 6.23 -2.23 -5.99
C ASP A 30 6.70 -3.58 -5.48
N THR A 31 7.32 -3.55 -4.30
CA THR A 31 7.85 -4.75 -3.66
C THR A 31 6.72 -5.73 -3.39
N GLY A 32 7.01 -7.02 -3.55
CA GLY A 32 6.00 -8.03 -3.34
C GLY A 32 5.21 -8.28 -4.61
N ARG A 33 4.88 -7.20 -5.30
CA ARG A 33 4.14 -7.29 -6.56
C ARG A 33 5.07 -7.77 -7.66
N SER A 34 4.67 -8.81 -8.37
CA SER A 34 5.49 -9.36 -9.44
C SER A 34 5.36 -8.49 -10.70
N ASP A 35 4.33 -7.65 -10.74
CA ASP A 35 4.09 -6.78 -11.87
C ASP A 35 4.69 -5.40 -11.67
N GLY A 36 5.37 -5.21 -10.55
CA GLY A 36 5.98 -3.94 -10.26
C GLY A 36 4.98 -2.81 -10.19
N PHE A 37 3.83 -3.05 -9.58
CA PHE A 37 2.82 -2.01 -9.47
C PHE A 37 2.97 -1.28 -8.15
N LEU A 38 2.68 0.01 -8.15
CA LEU A 38 2.81 0.84 -6.96
C LEU A 38 1.66 0.65 -5.99
N TRP A 39 1.97 0.16 -4.78
CA TRP A 39 0.94 -0.04 -3.76
C TRP A 39 1.40 0.46 -2.40
N CYS A 40 0.45 0.54 -1.49
CA CYS A 40 0.73 0.99 -0.13
C CYS A 40 -0.20 0.24 0.82
N SER A 41 0.21 0.07 2.07
CA SER A 41 -0.64 -0.61 3.03
C SER A 41 -1.61 0.39 3.62
N THR A 42 -2.70 -0.12 4.16
CA THR A 42 -3.72 0.72 4.77
C THR A 42 -3.60 0.63 6.28
N THR A 43 -3.00 -0.45 6.73
CA THR A 43 -2.82 -0.70 8.15
C THR A 43 -1.35 -0.63 8.55
N TYR A 44 -1.05 -1.13 9.75
CA TYR A 44 0.30 -1.13 10.27
C TYR A 44 1.13 -2.25 9.63
N ASN A 45 0.80 -3.50 9.97
CA ASN A 45 1.51 -4.66 9.43
C ASN A 45 0.67 -5.30 8.33
N PHE A 46 1.07 -5.08 7.08
CA PHE A 46 0.36 -5.62 5.92
C PHE A 46 0.20 -7.14 5.96
N GLU A 47 1.23 -7.86 6.42
CA GLU A 47 1.20 -9.32 6.47
C GLU A 47 0.00 -9.86 7.26
N LYS A 48 -0.13 -9.43 8.50
CA LYS A 48 -1.21 -9.92 9.36
C LYS A 48 -2.56 -9.24 9.11
N ASP A 49 -2.56 -8.01 8.60
CA ASP A 49 -3.82 -7.31 8.35
C ASP A 49 -4.41 -7.71 6.99
N GLY A 50 -3.63 -7.51 5.93
CA GLY A 50 -4.08 -7.88 4.60
C GLY A 50 -4.70 -6.73 3.81
N LYS A 51 -4.92 -5.58 4.44
CA LYS A 51 -5.52 -4.44 3.76
C LYS A 51 -4.50 -3.72 2.89
N TYR A 52 -4.77 -3.64 1.59
CA TYR A 52 -3.88 -2.99 0.67
C TYR A 52 -4.65 -2.21 -0.39
N GLY A 53 -3.91 -1.41 -1.13
CA GLY A 53 -4.48 -0.65 -2.21
C GLY A 53 -3.40 0.00 -3.03
N PHE A 54 -3.73 0.39 -4.24
CA PHE A 54 -2.75 1.00 -5.12
C PHE A 54 -2.87 2.51 -5.04
N CYS A 55 -1.76 3.21 -5.28
CA CYS A 55 -1.76 4.67 -5.21
C CYS A 55 -1.43 5.34 -6.54
N PRO A 56 -2.18 5.04 -7.63
CA PRO A 56 -1.95 5.61 -8.94
C PRO A 56 -3.01 6.65 -9.29
N HIS A 57 -2.99 7.11 -10.54
CA HIS A 57 -3.99 8.07 -11.00
C HIS A 57 -5.11 7.28 -11.68
N GLU A 58 -4.70 6.39 -12.58
CA GLU A 58 -5.62 5.52 -13.28
C GLU A 58 -5.19 4.07 -13.05
N ALA A 59 -5.41 3.21 -14.04
CA ALA A 59 -5.02 1.81 -13.91
C ALA A 59 -3.85 1.49 -14.83
N ARG A 1 -4.77 14.06 0.08
CA ARG A 1 -4.58 12.63 0.44
C ARG A 1 -5.45 11.75 -0.44
N ILE A 2 -4.80 10.92 -1.26
CA ILE A 2 -5.53 10.03 -2.16
C ILE A 2 -6.37 9.02 -1.41
N PRO A 3 -7.53 8.65 -1.99
CA PRO A 3 -8.45 7.68 -1.40
C PRO A 3 -8.14 6.24 -1.75
N VAL A 4 -6.95 6.00 -2.33
CA VAL A 4 -6.54 4.65 -2.74
C VAL A 4 -7.34 4.22 -3.97
N LYS A 5 -6.72 3.42 -4.83
CA LYS A 5 -7.40 2.97 -6.03
C LYS A 5 -8.10 1.63 -5.81
N TYR A 6 -7.59 0.61 -6.48
CA TYR A 6 -8.18 -0.73 -6.41
C TYR A 6 -7.60 -1.54 -5.24
N GLY A 7 -8.21 -2.69 -4.99
CA GLY A 7 -7.77 -3.55 -3.90
C GLY A 7 -8.87 -3.78 -2.87
N ASN A 8 -8.48 -4.15 -1.67
CA ASN A 8 -9.45 -4.42 -0.61
C ASN A 8 -9.34 -3.43 0.55
N ALA A 9 -8.79 -2.25 0.27
CA ALA A 9 -8.63 -1.23 1.30
C ALA A 9 -9.72 -0.18 1.23
N ASP A 10 -10.79 -0.48 0.50
CA ASP A 10 -11.93 0.42 0.33
C ASP A 10 -11.50 1.77 -0.26
N GLY A 11 -11.62 2.83 0.52
CA GLY A 11 -11.24 4.14 0.03
C GLY A 11 -10.65 5.03 1.11
N GLU A 12 -9.66 4.51 1.82
CA GLU A 12 -9.01 5.28 2.88
C GLU A 12 -7.81 6.07 2.34
N TYR A 13 -6.62 5.79 2.86
CA TYR A 13 -5.42 6.48 2.46
C TYR A 13 -4.20 5.58 2.62
N CYS A 14 -3.07 6.00 2.07
CA CYS A 14 -1.83 5.25 2.21
C CYS A 14 -1.23 5.50 3.59
N LYS A 15 -1.00 4.44 4.34
CA LYS A 15 -0.44 4.58 5.68
C LYS A 15 1.08 4.61 5.62
N PHE A 16 1.66 5.68 6.13
CA PHE A 16 3.11 5.83 6.15
C PHE A 16 3.60 6.11 7.56
N PRO A 17 4.56 5.31 8.05
CA PRO A 17 5.16 4.22 7.29
C PRO A 17 4.49 2.87 7.57
N PHE A 18 4.16 2.13 6.52
CA PHE A 18 3.54 0.82 6.71
C PHE A 18 4.63 -0.26 6.84
N LEU A 19 4.28 -1.40 7.42
CA LEU A 19 5.23 -2.47 7.62
C LEU A 19 5.12 -3.57 6.57
N PHE A 20 6.22 -3.85 5.90
CA PHE A 20 6.26 -4.91 4.89
C PHE A 20 7.50 -5.78 5.11
N ASN A 21 7.30 -7.00 5.57
CA ASN A 21 8.40 -7.94 5.81
C ASN A 21 9.45 -7.35 6.75
N GLY A 22 9.03 -6.51 7.68
CA GLY A 22 9.96 -5.89 8.61
C GLY A 22 10.56 -4.60 8.10
N LYS A 23 10.17 -4.19 6.89
CA LYS A 23 10.67 -2.95 6.32
C LYS A 23 9.55 -1.92 6.27
N GLU A 24 9.79 -0.77 6.84
CA GLU A 24 8.81 0.30 6.86
C GLU A 24 9.00 1.22 5.66
N TYR A 25 7.93 1.47 4.93
CA TYR A 25 7.99 2.32 3.74
C TYR A 25 7.35 3.67 4.01
N ASN A 26 8.09 4.73 3.71
CA ASN A 26 7.58 6.09 3.90
C ASN A 26 6.84 6.53 2.64
N SER A 27 6.92 5.69 1.61
CA SER A 27 6.27 5.95 0.34
C SER A 27 5.79 4.63 -0.26
N CYS A 28 5.09 4.71 -1.39
CA CYS A 28 4.56 3.51 -2.04
C CYS A 28 5.68 2.74 -2.75
N THR A 29 5.58 1.41 -2.76
CA THR A 29 6.58 0.58 -3.38
C THR A 29 5.93 -0.45 -4.31
N ASP A 30 6.76 -1.14 -5.09
CA ASP A 30 6.27 -2.17 -6.01
C ASP A 30 6.70 -3.53 -5.51
N THR A 31 7.36 -3.54 -4.35
CA THR A 31 7.87 -4.75 -3.74
C THR A 31 6.75 -5.76 -3.52
N GLY A 32 7.05 -7.04 -3.74
CA GLY A 32 6.05 -8.06 -3.56
C GLY A 32 5.22 -8.24 -4.82
N ARG A 33 5.07 -7.16 -5.56
CA ARG A 33 4.32 -7.17 -6.80
C ARG A 33 5.24 -7.51 -7.95
N SER A 34 4.94 -8.59 -8.66
CA SER A 34 5.75 -9.00 -9.79
C SER A 34 5.42 -8.16 -11.01
N ASP A 35 4.35 -7.38 -10.91
CA ASP A 35 3.90 -6.54 -12.00
C ASP A 35 4.55 -5.17 -11.95
N GLY A 36 5.25 -4.90 -10.89
CA GLY A 36 5.90 -3.61 -10.73
C GLY A 36 4.89 -2.49 -10.53
N PHE A 37 3.83 -2.77 -9.76
CA PHE A 37 2.80 -1.78 -9.49
C PHE A 37 3.01 -1.13 -8.13
N LEU A 38 2.73 0.15 -8.05
CA LEU A 38 2.90 0.91 -6.81
C LEU A 38 1.73 0.66 -5.87
N TRP A 39 2.02 0.22 -4.66
CA TRP A 39 0.97 -0.03 -3.67
C TRP A 39 1.37 0.51 -2.30
N CYS A 40 0.40 0.52 -1.41
CA CYS A 40 0.57 0.99 -0.06
C CYS A 40 -0.45 0.26 0.81
N SER A 41 -0.23 0.20 2.11
CA SER A 41 -1.18 -0.45 2.99
C SER A 41 -1.97 0.62 3.74
N THR A 42 -3.23 0.34 4.04
CA THR A 42 -4.07 1.28 4.75
C THR A 42 -3.83 1.18 6.25
N THR A 43 -3.34 0.03 6.68
CA THR A 43 -3.06 -0.22 8.06
C THR A 43 -1.56 -0.14 8.32
N TYR A 44 -1.16 -0.43 9.56
CA TYR A 44 0.25 -0.41 9.93
C TYR A 44 0.87 -1.75 9.60
N ASN A 45 0.24 -2.80 10.08
CA ASN A 45 0.71 -4.16 9.85
C ASN A 45 0.02 -4.73 8.61
N PHE A 46 0.75 -4.83 7.51
CA PHE A 46 0.18 -5.34 6.26
C PHE A 46 -0.06 -6.85 6.34
N GLU A 47 0.87 -7.56 6.95
CA GLU A 47 0.79 -9.02 7.09
C GLU A 47 -0.47 -9.45 7.84
N LYS A 48 -0.67 -8.88 9.02
CA LYS A 48 -1.81 -9.25 9.87
C LYS A 48 -3.15 -8.74 9.33
N ASP A 49 -3.16 -7.56 8.71
CA ASP A 49 -4.42 -7.02 8.19
C ASP A 49 -4.71 -7.53 6.80
N GLY A 50 -3.77 -7.37 5.89
CA GLY A 50 -3.94 -7.84 4.53
C GLY A 50 -4.69 -6.87 3.65
N LYS A 51 -4.77 -5.61 4.07
CA LYS A 51 -5.46 -4.60 3.28
C LYS A 51 -4.44 -3.79 2.48
N TYR A 52 -4.62 -3.77 1.17
CA TYR A 52 -3.70 -3.05 0.29
C TYR A 52 -4.46 -2.28 -0.78
N GLY A 53 -3.79 -1.32 -1.37
CA GLY A 53 -4.37 -0.54 -2.43
C GLY A 53 -3.28 0.02 -3.31
N PHE A 54 -3.63 0.40 -4.53
CA PHE A 54 -2.66 0.94 -5.44
C PHE A 54 -2.44 2.42 -5.20
N CYS A 55 -1.22 2.87 -5.44
CA CYS A 55 -0.82 4.25 -5.21
C CYS A 55 -1.08 5.13 -6.42
N PRO A 56 -2.12 5.98 -6.36
CA PRO A 56 -2.46 6.89 -7.44
C PRO A 56 -1.80 8.26 -7.29
N HIS A 57 -0.53 8.26 -6.89
CA HIS A 57 0.21 9.51 -6.71
C HIS A 57 0.80 10.00 -8.03
N GLU A 58 0.44 9.34 -9.12
CA GLU A 58 0.93 9.70 -10.44
C GLU A 58 0.22 10.96 -10.95
N ALA A 59 0.57 11.37 -12.16
CA ALA A 59 -0.03 12.55 -12.76
C ALA A 59 -0.65 12.20 -14.11
N ARG A 1 -8.08 13.18 1.02
CA ARG A 1 -6.90 12.28 0.88
C ARG A 1 -7.23 11.13 -0.08
N ILE A 2 -7.55 9.97 0.49
CA ILE A 2 -7.91 8.74 -0.27
C ILE A 2 -7.09 8.58 -1.58
N PRO A 3 -5.74 8.54 -1.49
CA PRO A 3 -4.89 8.39 -2.66
C PRO A 3 -4.70 6.90 -3.00
N VAL A 4 -5.79 6.17 -2.91
CA VAL A 4 -5.83 4.73 -3.17
C VAL A 4 -7.01 4.41 -4.07
N LYS A 5 -6.95 3.30 -4.81
CA LYS A 5 -8.06 2.93 -5.68
C LYS A 5 -8.32 1.42 -5.64
N TYR A 6 -7.53 0.67 -6.39
CA TYR A 6 -7.71 -0.77 -6.48
C TYR A 6 -7.25 -1.47 -5.21
N GLY A 7 -7.90 -2.60 -4.93
CA GLY A 7 -7.61 -3.38 -3.74
C GLY A 7 -8.82 -3.44 -2.85
N ASN A 8 -8.61 -3.58 -1.56
CA ASN A 8 -9.74 -3.65 -0.64
C ASN A 8 -9.73 -2.50 0.36
N ALA A 9 -8.96 -1.46 0.06
CA ALA A 9 -8.86 -0.26 0.90
C ALA A 9 -9.73 0.85 0.31
N ASP A 10 -10.98 0.51 -0.01
CA ASP A 10 -11.92 1.48 -0.58
C ASP A 10 -12.21 2.60 0.38
N GLY A 11 -11.68 3.78 0.10
CA GLY A 11 -11.90 4.92 0.97
C GLY A 11 -10.73 5.18 1.91
N GLU A 12 -9.88 4.18 2.07
CA GLU A 12 -8.71 4.31 2.93
C GLU A 12 -7.57 5.03 2.24
N TYR A 13 -6.62 5.50 3.02
CA TYR A 13 -5.49 6.25 2.52
C TYR A 13 -4.18 5.49 2.76
N CYS A 14 -3.11 5.89 2.08
CA CYS A 14 -1.83 5.25 2.27
C CYS A 14 -1.23 5.69 3.59
N LYS A 15 -1.04 4.75 4.51
CA LYS A 15 -0.49 5.07 5.81
C LYS A 15 1.03 5.00 5.75
N PHE A 16 1.66 6.14 5.92
CA PHE A 16 3.11 6.21 5.87
C PHE A 16 3.70 6.63 7.21
N PRO A 17 4.66 5.86 7.72
CA PRO A 17 5.16 4.65 7.06
C PRO A 17 4.41 3.40 7.48
N PHE A 18 4.33 2.43 6.58
CA PHE A 18 3.67 1.17 6.90
C PHE A 18 4.72 0.07 7.01
N LEU A 19 4.33 -1.08 7.57
CA LEU A 19 5.27 -2.17 7.76
C LEU A 19 5.04 -3.32 6.78
N PHE A 20 6.10 -3.68 6.05
CA PHE A 20 6.03 -4.76 5.08
C PHE A 20 7.14 -5.77 5.35
N ASN A 21 6.79 -6.87 6.01
CA ASN A 21 7.73 -7.93 6.35
C ASN A 21 8.94 -7.40 7.11
N GLY A 22 8.74 -6.34 7.90
CA GLY A 22 9.82 -5.79 8.70
C GLY A 22 10.44 -4.54 8.11
N LYS A 23 9.96 -4.11 6.95
CA LYS A 23 10.50 -2.91 6.32
C LYS A 23 9.44 -1.81 6.28
N GLU A 24 9.83 -0.61 6.69
CA GLU A 24 8.92 0.52 6.70
C GLU A 24 9.05 1.34 5.42
N TYR A 25 7.91 1.69 4.83
CA TYR A 25 7.90 2.47 3.59
C TYR A 25 7.22 3.81 3.78
N ASN A 26 7.86 4.87 3.31
CA ASN A 26 7.31 6.21 3.39
C ASN A 26 6.58 6.53 2.09
N SER A 27 6.73 5.62 1.14
CA SER A 27 6.12 5.76 -0.18
C SER A 27 5.58 4.41 -0.64
N CYS A 28 4.85 4.41 -1.75
CA CYS A 28 4.31 3.18 -2.29
C CYS A 28 5.41 2.37 -2.96
N THR A 29 5.45 1.07 -2.70
CA THR A 29 6.49 0.23 -3.26
C THR A 29 5.91 -0.85 -4.17
N ASP A 30 6.77 -1.44 -4.98
CA ASP A 30 6.34 -2.51 -5.89
C ASP A 30 6.77 -3.85 -5.33
N THR A 31 7.36 -3.81 -4.15
CA THR A 31 7.82 -5.01 -3.46
C THR A 31 6.65 -5.96 -3.21
N GLY A 32 6.90 -7.24 -3.35
CA GLY A 32 5.84 -8.22 -3.18
C GLY A 32 5.14 -8.48 -4.50
N ARG A 33 4.98 -7.43 -5.28
CA ARG A 33 4.38 -7.51 -6.60
C ARG A 33 5.46 -7.88 -7.61
N SER A 34 5.06 -8.18 -8.84
CA SER A 34 6.03 -8.55 -9.86
C SER A 34 5.81 -7.74 -11.15
N ASP A 35 4.71 -7.00 -11.20
CA ASP A 35 4.36 -6.21 -12.38
C ASP A 35 4.84 -4.78 -12.28
N GLY A 36 5.63 -4.50 -11.26
CA GLY A 36 6.15 -3.16 -11.06
C GLY A 36 5.07 -2.19 -10.62
N PHE A 37 4.03 -2.72 -9.97
CA PHE A 37 2.93 -1.89 -9.49
C PHE A 37 3.16 -1.45 -8.05
N LEU A 38 3.08 -0.15 -7.83
CA LEU A 38 3.29 0.42 -6.50
C LEU A 38 2.00 0.32 -5.68
N TRP A 39 2.11 -0.15 -4.46
CA TRP A 39 0.97 -0.29 -3.58
C TRP A 39 1.30 0.25 -2.19
N CYS A 40 0.31 0.31 -1.33
CA CYS A 40 0.50 0.80 0.02
C CYS A 40 -0.51 0.13 0.93
N SER A 41 -0.33 0.27 2.24
CA SER A 41 -1.26 -0.33 3.18
C SER A 41 -1.87 0.77 4.05
N THR A 42 -2.98 0.44 4.69
CA THR A 42 -3.68 1.38 5.55
C THR A 42 -3.83 0.80 6.95
N THR A 43 -3.57 -0.49 7.07
CA THR A 43 -3.69 -1.18 8.34
C THR A 43 -2.34 -1.35 9.02
N TYR A 44 -1.36 -0.56 8.56
CA TYR A 44 0.01 -0.59 9.10
C TYR A 44 0.72 -1.90 8.73
N ASN A 45 0.42 -2.96 9.46
CA ASN A 45 1.07 -4.25 9.21
C ASN A 45 0.29 -5.03 8.15
N PHE A 46 0.92 -5.20 6.98
CA PHE A 46 0.31 -5.90 5.86
C PHE A 46 0.34 -7.43 6.05
N GLU A 47 1.25 -7.87 6.90
CA GLU A 47 1.44 -9.30 7.17
C GLU A 47 0.21 -9.96 7.82
N LYS A 48 -0.20 -9.43 8.97
CA LYS A 48 -1.32 -10.03 9.71
C LYS A 48 -2.70 -9.62 9.20
N ASP A 49 -2.88 -8.35 8.81
CA ASP A 49 -4.19 -7.91 8.34
C ASP A 49 -4.34 -8.18 6.84
N GLY A 50 -3.49 -7.56 6.04
CA GLY A 50 -3.54 -7.80 4.60
C GLY A 50 -4.32 -6.78 3.80
N LYS A 51 -4.77 -5.69 4.40
CA LYS A 51 -5.52 -4.69 3.63
C LYS A 51 -4.54 -3.80 2.89
N TYR A 52 -4.87 -3.47 1.64
CA TYR A 52 -3.97 -2.67 0.81
C TYR A 52 -4.71 -2.00 -0.34
N GLY A 53 -3.96 -1.24 -1.13
CA GLY A 53 -4.51 -0.57 -2.28
C GLY A 53 -3.42 -0.02 -3.17
N PHE A 54 -3.73 0.21 -4.43
CA PHE A 54 -2.75 0.73 -5.38
C PHE A 54 -2.77 2.25 -5.38
N CYS A 55 -1.60 2.85 -5.57
CA CYS A 55 -1.50 4.31 -5.57
C CYS A 55 -1.39 4.91 -6.98
N PRO A 56 -0.36 4.52 -7.78
CA PRO A 56 -0.18 5.08 -9.12
C PRO A 56 -0.99 4.39 -10.21
N HIS A 57 -2.18 4.89 -10.43
CA HIS A 57 -3.08 4.38 -11.46
C HIS A 57 -3.68 5.56 -12.21
N GLU A 58 -4.41 6.39 -11.48
CA GLU A 58 -5.00 7.60 -12.02
C GLU A 58 -4.48 8.80 -11.22
N ALA A 59 -3.57 8.52 -10.30
CA ALA A 59 -2.99 9.56 -9.47
C ALA A 59 -1.51 9.75 -9.80
N ARG A 1 -1.33 11.96 3.76
CA ARG A 1 -2.39 11.03 3.30
C ARG A 1 -2.55 11.13 1.79
N ILE A 2 -2.46 9.99 1.10
CA ILE A 2 -2.59 9.97 -0.36
C ILE A 2 -3.61 8.93 -0.81
N PRO A 3 -4.49 9.29 -1.77
CA PRO A 3 -5.57 8.42 -2.29
C PRO A 3 -5.13 7.01 -2.69
N VAL A 4 -6.10 6.11 -2.64
CA VAL A 4 -5.91 4.71 -3.01
C VAL A 4 -6.86 4.35 -4.15
N LYS A 5 -6.44 3.43 -5.01
CA LYS A 5 -7.26 3.04 -6.15
C LYS A 5 -7.84 1.64 -6.02
N TYR A 6 -7.13 0.68 -6.62
CA TYR A 6 -7.57 -0.71 -6.65
C TYR A 6 -7.00 -1.51 -5.49
N GLY A 7 -7.53 -2.71 -5.30
CA GLY A 7 -7.08 -3.58 -4.23
C GLY A 7 -8.23 -3.96 -3.33
N ASN A 8 -7.94 -4.20 -2.06
CA ASN A 8 -9.00 -4.58 -1.13
C ASN A 8 -9.30 -3.46 -0.14
N ALA A 9 -8.83 -2.26 -0.46
CA ALA A 9 -9.08 -1.07 0.35
C ALA A 9 -10.35 -0.40 -0.14
N ASP A 10 -11.23 -0.08 0.80
CA ASP A 10 -12.52 0.51 0.47
C ASP A 10 -12.39 1.97 0.04
N GLY A 11 -11.83 2.80 0.89
CA GLY A 11 -11.69 4.20 0.55
C GLY A 11 -10.68 4.93 1.42
N GLU A 12 -9.91 4.17 2.18
CA GLU A 12 -8.90 4.75 3.04
C GLU A 12 -7.69 5.18 2.22
N TYR A 13 -6.83 5.99 2.81
CA TYR A 13 -5.64 6.47 2.11
C TYR A 13 -4.39 5.79 2.64
N CYS A 14 -3.26 6.03 1.99
CA CYS A 14 -2.00 5.40 2.42
C CYS A 14 -1.56 5.92 3.77
N LYS A 15 -1.05 5.00 4.60
CA LYS A 15 -0.55 5.35 5.92
C LYS A 15 0.95 5.13 5.96
N PHE A 16 1.70 6.21 5.76
CA PHE A 16 3.16 6.13 5.77
C PHE A 16 3.72 6.51 7.13
N PRO A 17 4.65 5.70 7.66
CA PRO A 17 5.14 4.51 7.00
C PRO A 17 4.35 3.26 7.38
N PHE A 18 4.39 2.25 6.52
CA PHE A 18 3.69 1.00 6.79
C PHE A 18 4.70 -0.12 6.93
N LEU A 19 4.33 -1.17 7.65
CA LEU A 19 5.23 -2.29 7.89
C LEU A 19 5.00 -3.42 6.89
N PHE A 20 5.99 -3.64 6.03
CA PHE A 20 5.94 -4.70 5.04
C PHE A 20 7.05 -5.70 5.32
N ASN A 21 6.67 -6.86 5.86
CA ASN A 21 7.62 -7.92 6.16
C ASN A 21 8.76 -7.45 7.07
N GLY A 22 8.54 -6.39 7.83
CA GLY A 22 9.57 -5.90 8.72
C GLY A 22 10.24 -4.63 8.23
N LYS A 23 9.83 -4.13 7.09
CA LYS A 23 10.43 -2.91 6.54
C LYS A 23 9.38 -1.81 6.42
N GLU A 24 9.73 -0.60 6.82
CA GLU A 24 8.79 0.52 6.76
C GLU A 24 8.99 1.33 5.48
N TYR A 25 7.87 1.62 4.81
CA TYR A 25 7.93 2.40 3.57
C TYR A 25 7.17 3.71 3.72
N ASN A 26 7.79 4.79 3.29
CA ASN A 26 7.16 6.10 3.36
C ASN A 26 6.62 6.51 2.00
N SER A 27 6.56 5.54 1.10
CA SER A 27 6.06 5.77 -0.25
C SER A 27 5.52 4.46 -0.81
N CYS A 28 4.79 4.55 -1.91
CA CYS A 28 4.23 3.36 -2.55
C CYS A 28 5.36 2.52 -3.14
N THR A 29 5.34 1.22 -2.87
CA THR A 29 6.37 0.34 -3.37
C THR A 29 5.77 -0.74 -4.26
N ASP A 30 6.60 -1.36 -5.10
CA ASP A 30 6.13 -2.44 -5.96
C ASP A 30 6.63 -3.77 -5.44
N THR A 31 7.19 -3.72 -4.23
CA THR A 31 7.72 -4.91 -3.58
C THR A 31 6.59 -5.91 -3.35
N GLY A 32 6.86 -7.18 -3.66
CA GLY A 32 5.85 -8.20 -3.51
C GLY A 32 4.97 -8.30 -4.75
N ARG A 33 5.01 -7.25 -5.56
CA ARG A 33 4.24 -7.20 -6.79
C ARG A 33 5.15 -7.51 -7.96
N SER A 34 4.85 -8.60 -8.64
CA SER A 34 5.66 -9.00 -9.79
C SER A 34 5.28 -8.17 -11.01
N ASP A 35 4.18 -7.45 -10.89
CA ASP A 35 3.69 -6.61 -11.97
C ASP A 35 4.33 -5.25 -11.99
N GLY A 36 5.07 -4.96 -10.94
CA GLY A 36 5.73 -3.68 -10.82
C GLY A 36 4.74 -2.57 -10.52
N PHE A 37 3.75 -2.88 -9.70
CA PHE A 37 2.72 -1.90 -9.34
C PHE A 37 2.96 -1.34 -7.94
N LEU A 38 2.90 -0.02 -7.82
CA LEU A 38 3.10 0.64 -6.54
C LEU A 38 1.85 0.57 -5.67
N TRP A 39 2.02 0.10 -4.44
CA TRP A 39 0.92 -0.03 -3.51
C TRP A 39 1.32 0.48 -2.13
N CYS A 40 0.37 0.51 -1.21
CA CYS A 40 0.63 0.98 0.14
C CYS A 40 -0.35 0.30 1.09
N SER A 41 -0.09 0.39 2.40
CA SER A 41 -0.99 -0.20 3.37
C SER A 41 -1.61 0.90 4.21
N THR A 42 -2.69 0.57 4.89
CA THR A 42 -3.39 1.55 5.72
C THR A 42 -3.34 1.15 7.19
N THR A 43 -2.91 -0.06 7.45
CA THR A 43 -2.83 -0.56 8.82
C THR A 43 -1.38 -0.54 9.30
N TYR A 44 -1.12 -1.27 10.38
CA TYR A 44 0.22 -1.33 10.95
C TYR A 44 1.03 -2.41 10.25
N ASN A 45 0.67 -3.68 10.46
CA ASN A 45 1.38 -4.80 9.84
C ASN A 45 0.56 -5.31 8.66
N PHE A 46 1.07 -5.09 7.45
CA PHE A 46 0.38 -5.51 6.23
C PHE A 46 0.18 -7.03 6.16
N GLU A 47 1.13 -7.78 6.70
CA GLU A 47 1.05 -9.24 6.67
C GLU A 47 -0.23 -9.78 7.31
N LYS A 48 -0.53 -9.31 8.51
CA LYS A 48 -1.70 -9.78 9.24
C LYS A 48 -3.01 -9.18 8.72
N ASP A 49 -3.02 -7.88 8.45
CA ASP A 49 -4.23 -7.22 7.97
C ASP A 49 -4.50 -7.51 6.51
N GLY A 50 -3.52 -7.28 5.67
CA GLY A 50 -3.67 -7.53 4.26
C GLY A 50 -4.37 -6.40 3.53
N LYS A 51 -4.53 -5.26 4.19
CA LYS A 51 -5.19 -4.11 3.56
C LYS A 51 -4.19 -3.30 2.75
N TYR A 52 -4.51 -3.12 1.49
CA TYR A 52 -3.63 -2.40 0.60
C TYR A 52 -4.41 -1.84 -0.58
N GLY A 53 -3.72 -1.07 -1.39
CA GLY A 53 -4.29 -0.50 -2.57
C GLY A 53 -3.22 0.16 -3.40
N PHE A 54 -3.51 0.41 -4.66
CA PHE A 54 -2.52 1.04 -5.53
C PHE A 54 -2.65 2.55 -5.43
N CYS A 55 -1.52 3.23 -5.32
CA CYS A 55 -1.53 4.68 -5.16
C CYS A 55 -0.71 5.41 -6.23
N PRO A 56 -1.22 5.48 -7.46
CA PRO A 56 -0.56 6.16 -8.56
C PRO A 56 -1.00 7.61 -8.67
N HIS A 57 -0.37 8.37 -9.55
CA HIS A 57 -0.73 9.76 -9.75
C HIS A 57 -1.97 9.84 -10.61
N GLU A 58 -1.86 9.28 -11.82
CA GLU A 58 -2.97 9.25 -12.75
C GLU A 58 -2.99 7.93 -13.51
N ALA A 59 -4.17 7.39 -13.73
CA ALA A 59 -4.32 6.13 -14.44
C ALA A 59 -4.81 6.34 -15.87
N ARG A 1 -3.93 14.27 0.66
CA ARG A 1 -2.98 13.18 0.98
C ARG A 1 -2.63 12.41 -0.29
N ILE A 2 -3.23 11.23 -0.44
CA ILE A 2 -3.01 10.39 -1.61
C ILE A 2 -4.10 9.31 -1.62
N PRO A 3 -4.72 9.05 -2.78
CA PRO A 3 -5.80 8.08 -2.88
C PRO A 3 -5.37 6.62 -3.02
N VAL A 4 -6.19 5.74 -2.47
CA VAL A 4 -5.98 4.30 -2.57
C VAL A 4 -7.03 3.76 -3.53
N LYS A 5 -6.57 3.10 -4.56
CA LYS A 5 -7.47 2.57 -5.57
C LYS A 5 -7.93 1.14 -5.30
N TYR A 6 -7.63 0.28 -6.25
CA TYR A 6 -8.03 -1.13 -6.23
C TYR A 6 -7.40 -1.91 -5.10
N GLY A 7 -8.03 -3.03 -4.75
CA GLY A 7 -7.55 -3.89 -3.69
C GLY A 7 -8.65 -4.18 -2.69
N ASN A 8 -8.26 -4.50 -1.47
CA ASN A 8 -9.24 -4.81 -0.43
C ASN A 8 -9.34 -3.68 0.61
N ALA A 9 -8.76 -2.53 0.27
CA ALA A 9 -8.79 -1.38 1.14
C ALA A 9 -10.11 -0.63 0.99
N ASP A 10 -10.44 0.16 1.98
CA ASP A 10 -11.69 0.91 1.98
C ASP A 10 -11.56 2.19 1.15
N GLY A 11 -10.52 2.26 0.32
CA GLY A 11 -10.30 3.43 -0.52
C GLY A 11 -9.89 4.67 0.27
N GLU A 12 -9.13 4.45 1.34
CA GLU A 12 -8.68 5.55 2.19
C GLU A 12 -7.38 6.17 1.67
N TYR A 13 -6.45 6.42 2.59
CA TYR A 13 -5.17 7.01 2.28
C TYR A 13 -4.05 6.01 2.47
N CYS A 14 -2.90 6.29 1.88
CA CYS A 14 -1.74 5.43 2.04
C CYS A 14 -1.13 5.72 3.40
N LYS A 15 -1.02 4.69 4.23
CA LYS A 15 -0.48 4.87 5.57
C LYS A 15 1.04 4.77 5.56
N PHE A 16 1.69 5.85 5.97
CA PHE A 16 3.14 5.89 6.01
C PHE A 16 3.63 6.19 7.41
N PRO A 17 4.57 5.39 7.93
CA PRO A 17 5.12 4.24 7.23
C PRO A 17 4.31 2.98 7.48
N PHE A 18 4.33 2.06 6.52
CA PHE A 18 3.61 0.80 6.70
C PHE A 18 4.59 -0.35 6.81
N LEU A 19 4.25 -1.33 7.64
CA LEU A 19 5.11 -2.48 7.89
C LEU A 19 4.89 -3.59 6.88
N PHE A 20 5.87 -3.79 6.02
CA PHE A 20 5.84 -4.83 5.01
C PHE A 20 6.88 -5.89 5.34
N ASN A 21 6.43 -6.99 5.92
CA ASN A 21 7.32 -8.09 6.30
C ASN A 21 8.47 -7.64 7.21
N GLY A 22 8.28 -6.54 7.93
CA GLY A 22 9.31 -6.05 8.81
C GLY A 22 10.04 -4.83 8.27
N LYS A 23 9.58 -4.28 7.15
CA LYS A 23 10.21 -3.10 6.56
C LYS A 23 9.16 -1.99 6.43
N GLU A 24 9.46 -0.83 6.99
CA GLU A 24 8.53 0.30 6.95
C GLU A 24 8.77 1.17 5.73
N TYR A 25 7.71 1.41 4.96
CA TYR A 25 7.80 2.23 3.76
C TYR A 25 7.07 3.56 3.94
N ASN A 26 7.74 4.64 3.60
CA ASN A 26 7.15 5.96 3.68
C ASN A 26 6.71 6.41 2.29
N SER A 27 6.76 5.47 1.36
CA SER A 27 6.38 5.70 -0.02
C SER A 27 5.83 4.42 -0.63
N CYS A 28 5.14 4.53 -1.75
CA CYS A 28 4.57 3.35 -2.41
C CYS A 28 5.68 2.50 -3.02
N THR A 29 5.65 1.20 -2.75
CA THR A 29 6.65 0.29 -3.26
C THR A 29 6.03 -0.72 -4.21
N ASP A 30 6.85 -1.32 -5.07
CA ASP A 30 6.38 -2.33 -6.01
C ASP A 30 6.81 -3.69 -5.52
N THR A 31 7.32 -3.71 -4.29
CA THR A 31 7.79 -4.93 -3.66
C THR A 31 6.61 -5.86 -3.39
N GLY A 32 6.82 -7.16 -3.59
CA GLY A 32 5.76 -8.10 -3.38
C GLY A 32 4.93 -8.29 -4.64
N ARG A 33 5.05 -7.34 -5.56
CA ARG A 33 4.30 -7.39 -6.81
C ARG A 33 5.16 -8.04 -7.89
N SER A 34 4.64 -8.11 -9.10
CA SER A 34 5.36 -8.69 -10.21
C SER A 34 5.32 -7.79 -11.45
N ASP A 35 4.40 -6.83 -11.45
CA ASP A 35 4.27 -5.92 -12.57
C ASP A 35 4.77 -4.52 -12.26
N GLY A 36 5.58 -4.39 -11.21
CA GLY A 36 6.13 -3.09 -10.85
C GLY A 36 5.08 -2.07 -10.47
N PHE A 37 3.96 -2.52 -9.89
CA PHE A 37 2.90 -1.60 -9.48
C PHE A 37 3.14 -1.13 -8.05
N LEU A 38 3.23 0.18 -7.87
CA LEU A 38 3.45 0.74 -6.56
C LEU A 38 2.17 0.74 -5.75
N TRP A 39 2.25 0.22 -4.54
CA TRP A 39 1.08 0.12 -3.67
C TRP A 39 1.40 0.59 -2.25
N CYS A 40 0.37 0.60 -1.42
CA CYS A 40 0.48 1.00 -0.02
C CYS A 40 -0.59 0.28 0.77
N SER A 41 -0.51 0.32 2.09
CA SER A 41 -1.52 -0.33 2.90
C SER A 41 -2.35 0.70 3.66
N THR A 42 -3.51 0.28 4.14
CA THR A 42 -4.40 1.16 4.88
C THR A 42 -4.11 1.03 6.37
N THR A 43 -3.59 -0.13 6.73
CA THR A 43 -3.23 -0.43 8.11
C THR A 43 -1.72 -0.37 8.27
N TYR A 44 -1.24 -0.34 9.51
CA TYR A 44 0.20 -0.31 9.75
C TYR A 44 0.83 -1.65 9.40
N ASN A 45 0.24 -2.72 9.93
CA ASN A 45 0.75 -4.06 9.67
C ASN A 45 0.08 -4.65 8.42
N PHE A 46 0.81 -4.69 7.32
CA PHE A 46 0.28 -5.21 6.07
C PHE A 46 0.27 -6.74 6.06
N GLU A 47 1.34 -7.33 6.58
CA GLU A 47 1.49 -8.78 6.61
C GLU A 47 0.31 -9.45 7.31
N LYS A 48 -0.13 -8.87 8.42
CA LYS A 48 -1.23 -9.45 9.19
C LYS A 48 -2.61 -9.00 8.72
N ASP A 49 -2.84 -7.68 8.65
CA ASP A 49 -4.14 -7.16 8.24
C ASP A 49 -4.43 -7.46 6.78
N GLY A 50 -3.46 -7.20 5.92
CA GLY A 50 -3.60 -7.47 4.51
C GLY A 50 -4.36 -6.41 3.74
N LYS A 51 -4.67 -5.28 4.40
CA LYS A 51 -5.40 -4.19 3.74
C LYS A 51 -4.45 -3.37 2.88
N TYR A 52 -4.61 -3.46 1.56
CA TYR A 52 -3.75 -2.73 0.65
C TYR A 52 -4.55 -2.15 -0.50
N GLY A 53 -3.88 -1.30 -1.25
CA GLY A 53 -4.47 -0.67 -2.40
C GLY A 53 -3.41 -0.01 -3.23
N PHE A 54 -3.75 0.33 -4.46
CA PHE A 54 -2.80 0.96 -5.36
C PHE A 54 -2.85 2.47 -5.22
N CYS A 55 -1.69 3.09 -5.28
CA CYS A 55 -1.58 4.54 -5.15
C CYS A 55 -2.10 5.27 -6.40
N PRO A 56 -1.59 4.95 -7.61
CA PRO A 56 -2.04 5.61 -8.83
C PRO A 56 -3.33 4.99 -9.39
N HIS A 57 -3.85 5.58 -10.45
CA HIS A 57 -5.07 5.08 -11.07
C HIS A 57 -4.73 3.92 -12.01
N GLU A 58 -5.64 3.64 -12.94
CA GLU A 58 -5.43 2.54 -13.90
C GLU A 58 -4.10 2.70 -14.64
N ALA A 59 -3.43 1.57 -14.88
CA ALA A 59 -2.15 1.59 -15.56
C ALA A 59 -1.94 0.30 -16.34
N ARG A 1 -2.02 12.07 4.03
CA ARG A 1 -2.33 10.78 3.38
C ARG A 1 -2.23 10.89 1.87
N ILE A 2 -2.54 9.80 1.17
CA ILE A 2 -2.51 9.80 -0.29
C ILE A 2 -3.64 8.90 -0.81
N PRO A 3 -4.31 9.28 -1.91
CA PRO A 3 -5.43 8.51 -2.48
C PRO A 3 -5.04 7.07 -2.85
N VAL A 4 -6.05 6.27 -3.13
CA VAL A 4 -5.84 4.88 -3.50
C VAL A 4 -6.54 4.56 -4.82
N LYS A 5 -5.96 3.63 -5.58
CA LYS A 5 -6.49 3.21 -6.87
C LYS A 5 -7.63 2.22 -6.63
N TYR A 6 -7.29 0.96 -6.38
CA TYR A 6 -8.29 -0.06 -6.08
C TYR A 6 -7.75 -1.04 -5.05
N GLY A 7 -8.55 -2.05 -4.72
CA GLY A 7 -8.13 -3.05 -3.75
C GLY A 7 -9.18 -3.25 -2.67
N ASN A 8 -8.74 -3.72 -1.52
CA ASN A 8 -9.65 -3.99 -0.39
C ASN A 8 -9.32 -3.10 0.81
N ALA A 9 -8.79 -1.92 0.52
CA ALA A 9 -8.41 -0.97 1.56
C ALA A 9 -9.60 -0.25 2.20
N ASP A 10 -10.81 -0.65 1.81
CA ASP A 10 -12.07 -0.10 2.35
C ASP A 10 -12.30 1.39 2.06
N GLY A 11 -11.36 2.04 1.39
CA GLY A 11 -11.53 3.44 1.08
C GLY A 11 -10.54 4.36 1.77
N GLU A 12 -9.87 3.85 2.81
CA GLU A 12 -8.88 4.65 3.52
C GLU A 12 -7.67 4.95 2.64
N TYR A 13 -6.95 6.02 2.96
CA TYR A 13 -5.78 6.40 2.20
C TYR A 13 -4.57 5.58 2.66
N CYS A 14 -3.48 5.62 1.90
CA CYS A 14 -2.29 4.86 2.27
C CYS A 14 -1.66 5.40 3.55
N LYS A 15 -1.18 4.49 4.38
CA LYS A 15 -0.55 4.85 5.64
C LYS A 15 0.96 4.81 5.51
N PHE A 16 1.61 5.91 5.86
CA PHE A 16 3.05 6.00 5.79
C PHE A 16 3.64 6.33 7.15
N PRO A 17 4.60 5.53 7.64
CA PRO A 17 5.11 4.36 6.93
C PRO A 17 4.36 3.08 7.29
N PHE A 18 4.23 2.18 6.31
CA PHE A 18 3.56 0.92 6.56
C PHE A 18 4.60 -0.20 6.74
N LEU A 19 4.21 -1.27 7.41
CA LEU A 19 5.12 -2.37 7.68
C LEU A 19 4.99 -3.52 6.68
N PHE A 20 6.06 -3.74 5.93
CA PHE A 20 6.11 -4.80 4.96
C PHE A 20 7.32 -5.69 5.25
N ASN A 21 7.08 -6.88 5.76
CA ASN A 21 8.16 -7.83 6.08
C ASN A 21 9.20 -7.21 6.99
N GLY A 22 8.76 -6.44 7.97
CA GLY A 22 9.69 -5.81 8.92
C GLY A 22 10.31 -4.52 8.39
N LYS A 23 9.83 -4.03 7.26
CA LYS A 23 10.37 -2.80 6.70
C LYS A 23 9.26 -1.76 6.55
N GLU A 24 9.54 -0.52 6.93
CA GLU A 24 8.55 0.55 6.85
C GLU A 24 8.78 1.40 5.61
N TYR A 25 7.72 1.63 4.86
CA TYR A 25 7.80 2.46 3.65
C TYR A 25 7.00 3.73 3.81
N ASN A 26 7.64 4.86 3.56
CA ASN A 26 6.98 6.16 3.65
C ASN A 26 6.46 6.58 2.29
N SER A 27 6.51 5.64 1.35
CA SER A 27 6.04 5.88 0.01
C SER A 27 5.75 4.55 -0.68
N CYS A 28 5.04 4.61 -1.80
CA CYS A 28 4.68 3.42 -2.56
C CYS A 28 5.92 2.62 -2.98
N THR A 29 5.76 1.29 -3.05
CA THR A 29 6.83 0.40 -3.44
C THR A 29 6.29 -0.70 -4.36
N ASP A 30 7.16 -1.34 -5.15
CA ASP A 30 6.70 -2.42 -6.04
C ASP A 30 7.01 -3.76 -5.43
N THR A 31 7.57 -3.72 -4.23
CA THR A 31 7.96 -4.92 -3.51
C THR A 31 6.76 -5.83 -3.32
N GLY A 32 6.95 -7.11 -3.55
CA GLY A 32 5.88 -8.05 -3.41
C GLY A 32 5.06 -8.17 -4.68
N ARG A 33 5.06 -7.11 -5.48
CA ARG A 33 4.34 -7.07 -6.75
C ARG A 33 5.28 -7.44 -7.87
N SER A 34 5.01 -8.55 -8.53
CA SER A 34 5.86 -9.00 -9.63
C SER A 34 5.51 -8.24 -10.91
N ASP A 35 4.48 -7.41 -10.82
CA ASP A 35 4.01 -6.62 -11.96
C ASP A 35 4.69 -5.27 -12.01
N GLY A 36 5.45 -4.98 -10.97
CA GLY A 36 6.15 -3.72 -10.89
C GLY A 36 5.22 -2.56 -10.62
N PHE A 37 4.14 -2.81 -9.90
CA PHE A 37 3.17 -1.76 -9.59
C PHE A 37 3.43 -1.19 -8.20
N LEU A 38 3.32 0.12 -8.10
CA LEU A 38 3.53 0.80 -6.82
C LEU A 38 2.28 0.70 -5.95
N TRP A 39 2.45 0.27 -4.70
CA TRP A 39 1.33 0.11 -3.78
C TRP A 39 1.71 0.53 -2.36
N CYS A 40 0.71 0.54 -1.49
CA CYS A 40 0.88 0.88 -0.08
C CYS A 40 -0.32 0.35 0.69
N SER A 41 -0.17 0.05 1.97
CA SER A 41 -1.28 -0.48 2.74
C SER A 41 -2.00 0.59 3.55
N THR A 42 -3.13 0.20 4.13
CA THR A 42 -3.94 1.10 4.94
C THR A 42 -3.50 1.05 6.39
N THR A 43 -3.13 -0.15 6.82
CA THR A 43 -2.72 -0.40 8.19
C THR A 43 -1.20 -0.55 8.28
N TYR A 44 -0.68 -0.52 9.50
CA TYR A 44 0.75 -0.69 9.72
C TYR A 44 1.14 -2.12 9.38
N ASN A 45 0.62 -3.07 10.14
CA ASN A 45 0.91 -4.48 9.89
C ASN A 45 0.07 -4.97 8.71
N PHE A 46 0.70 -5.08 7.55
CA PHE A 46 0.02 -5.52 6.34
C PHE A 46 -0.08 -7.05 6.29
N GLU A 47 0.83 -7.71 6.99
CA GLU A 47 0.87 -9.17 7.04
C GLU A 47 -0.44 -9.79 7.55
N LYS A 48 -0.97 -9.26 8.65
CA LYS A 48 -2.18 -9.80 9.25
C LYS A 48 -3.47 -9.20 8.67
N ASP A 49 -3.51 -7.88 8.49
CA ASP A 49 -4.71 -7.22 7.97
C ASP A 49 -4.92 -7.53 6.50
N GLY A 50 -3.90 -7.26 5.71
CA GLY A 50 -3.98 -7.53 4.30
C GLY A 50 -4.69 -6.44 3.51
N LYS A 51 -4.95 -5.29 4.14
CA LYS A 51 -5.60 -4.18 3.45
C LYS A 51 -4.58 -3.42 2.61
N TYR A 52 -4.80 -3.40 1.30
CA TYR A 52 -3.89 -2.72 0.39
C TYR A 52 -4.65 -2.00 -0.72
N GLY A 53 -3.89 -1.24 -1.48
CA GLY A 53 -4.43 -0.53 -2.61
C GLY A 53 -3.30 0.03 -3.46
N PHE A 54 -3.57 0.34 -4.70
CA PHE A 54 -2.54 0.88 -5.58
C PHE A 54 -2.51 2.40 -5.48
N CYS A 55 -1.42 3.00 -5.90
CA CYS A 55 -1.28 4.45 -5.83
C CYS A 55 -1.86 5.11 -7.08
N PRO A 56 -2.46 6.31 -6.92
CA PRO A 56 -3.08 7.04 -8.04
C PRO A 56 -2.06 7.76 -8.91
N HIS A 57 -2.42 7.96 -10.18
CA HIS A 57 -1.57 8.63 -11.16
C HIS A 57 -0.22 7.93 -11.25
N GLU A 58 0.82 8.65 -11.66
CA GLU A 58 2.15 8.07 -11.75
C GLU A 58 2.95 8.40 -10.51
N ALA A 59 2.86 9.67 -10.07
CA ALA A 59 3.53 10.19 -8.88
C ALA A 59 5.04 9.98 -8.92
N ARG A 1 -4.32 14.53 0.00
CA ARG A 1 -3.95 13.09 0.10
C ARG A 1 -4.46 12.36 -1.14
N ILE A 2 -4.81 11.08 -0.97
CA ILE A 2 -5.35 10.28 -2.06
C ILE A 2 -6.20 9.16 -1.45
N PRO A 3 -7.44 8.99 -1.94
CA PRO A 3 -8.36 7.99 -1.40
C PRO A 3 -8.04 6.55 -1.80
N VAL A 4 -6.92 6.34 -2.52
CA VAL A 4 -6.52 5.00 -2.96
C VAL A 4 -7.44 4.53 -4.09
N LYS A 5 -7.01 3.56 -4.86
CA LYS A 5 -7.81 3.08 -5.97
C LYS A 5 -8.26 1.64 -5.81
N TYR A 6 -7.68 0.77 -6.61
CA TYR A 6 -8.05 -0.64 -6.62
C TYR A 6 -7.41 -1.41 -5.46
N GLY A 7 -8.09 -2.47 -5.03
CA GLY A 7 -7.60 -3.29 -3.94
C GLY A 7 -8.69 -3.57 -2.93
N ASN A 8 -8.30 -3.84 -1.70
CA ASN A 8 -9.28 -4.14 -0.65
C ASN A 8 -9.26 -3.11 0.47
N ALA A 9 -8.67 -1.95 0.21
CA ALA A 9 -8.60 -0.87 1.19
C ALA A 9 -9.80 0.06 1.05
N ASP A 10 -10.52 -0.10 -0.06
CA ASP A 10 -11.71 0.68 -0.39
C ASP A 10 -11.39 2.16 -0.59
N GLY A 11 -11.53 2.97 0.45
CA GLY A 11 -11.27 4.39 0.32
C GLY A 11 -10.38 4.94 1.41
N GLU A 12 -9.71 4.07 2.18
CA GLU A 12 -8.83 4.52 3.23
C GLU A 12 -7.44 4.81 2.68
N TYR A 13 -6.97 6.05 2.93
CA TYR A 13 -5.67 6.52 2.47
C TYR A 13 -4.50 5.63 2.89
N CYS A 14 -3.36 5.83 2.25
CA CYS A 14 -2.16 5.07 2.55
C CYS A 14 -1.55 5.59 3.84
N LYS A 15 -1.26 4.70 4.78
CA LYS A 15 -0.68 5.12 6.05
C LYS A 15 0.82 4.89 6.02
N PHE A 16 1.55 5.95 6.27
CA PHE A 16 3.00 5.88 6.23
C PHE A 16 3.60 6.12 7.60
N PRO A 17 4.57 5.28 8.01
CA PRO A 17 5.05 4.17 7.21
C PRO A 17 4.32 2.87 7.53
N PHE A 18 4.24 1.97 6.55
CA PHE A 18 3.60 0.69 6.77
C PHE A 18 4.65 -0.41 6.84
N LEU A 19 4.41 -1.39 7.70
CA LEU A 19 5.34 -2.49 7.91
C LEU A 19 5.10 -3.64 6.93
N PHE A 20 6.09 -3.90 6.10
CA PHE A 20 6.02 -4.97 5.11
C PHE A 20 7.18 -5.94 5.32
N ASN A 21 6.89 -7.09 5.92
CA ASN A 21 7.90 -8.11 6.19
C ASN A 21 9.08 -7.56 6.99
N GLY A 22 8.82 -6.61 7.89
CA GLY A 22 9.88 -6.05 8.71
C GLY A 22 10.46 -4.76 8.16
N LYS A 23 9.98 -4.31 7.02
CA LYS A 23 10.47 -3.07 6.42
C LYS A 23 9.36 -2.03 6.36
N GLU A 24 9.65 -0.83 6.82
CA GLU A 24 8.66 0.25 6.80
C GLU A 24 8.79 1.07 5.52
N TYR A 25 7.66 1.43 4.93
CA TYR A 25 7.65 2.23 3.71
C TYR A 25 6.88 3.53 3.90
N ASN A 26 7.53 4.63 3.58
CA ASN A 26 6.90 5.94 3.68
C ASN A 26 6.40 6.37 2.31
N SER A 27 6.34 5.41 1.40
CA SER A 27 5.87 5.65 0.04
C SER A 27 5.45 4.34 -0.61
N CYS A 28 4.74 4.44 -1.73
CA CYS A 28 4.28 3.27 -2.45
C CYS A 28 5.46 2.44 -2.97
N THR A 29 5.37 1.13 -2.82
CA THR A 29 6.43 0.24 -3.28
C THR A 29 5.87 -0.80 -4.24
N ASP A 30 6.75 -1.48 -4.97
CA ASP A 30 6.34 -2.52 -5.91
C ASP A 30 6.68 -3.88 -5.34
N THR A 31 7.20 -3.86 -4.14
CA THR A 31 7.61 -5.08 -3.44
C THR A 31 6.39 -5.99 -3.23
N GLY A 32 6.59 -7.29 -3.31
CA GLY A 32 5.48 -8.21 -3.14
C GLY A 32 4.75 -8.45 -4.44
N ARG A 33 4.95 -7.56 -5.39
CA ARG A 33 4.31 -7.65 -6.69
C ARG A 33 5.31 -8.23 -7.70
N SER A 34 4.85 -8.53 -8.88
CA SER A 34 5.72 -9.07 -9.92
C SER A 34 5.72 -8.18 -11.15
N ASP A 35 4.70 -7.32 -11.25
CA ASP A 35 4.58 -6.41 -12.38
C ASP A 35 5.10 -5.02 -12.05
N GLY A 36 5.78 -4.91 -10.91
CA GLY A 36 6.34 -3.64 -10.49
C GLY A 36 5.30 -2.54 -10.32
N PHE A 37 4.17 -2.88 -9.69
CA PHE A 37 3.12 -1.89 -9.46
C PHE A 37 3.25 -1.30 -8.07
N LEU A 38 3.16 0.02 -8.00
CA LEU A 38 3.27 0.73 -6.73
C LEU A 38 1.97 0.66 -5.94
N TRP A 39 2.05 0.10 -4.74
CA TRP A 39 0.88 -0.01 -3.88
C TRP A 39 1.20 0.50 -2.48
N CYS A 40 0.17 0.60 -1.66
CA CYS A 40 0.32 1.08 -0.29
C CYS A 40 -0.62 0.33 0.63
N SER A 41 -0.40 0.43 1.92
CA SER A 41 -1.28 -0.23 2.88
C SER A 41 -1.98 0.79 3.75
N THR A 42 -3.04 0.36 4.41
CA THR A 42 -3.81 1.23 5.28
C THR A 42 -3.49 0.94 6.73
N THR A 43 -3.23 -0.32 7.01
CA THR A 43 -2.90 -0.76 8.36
C THR A 43 -1.39 -0.66 8.57
N TYR A 44 -0.95 -0.62 9.82
CA TYR A 44 0.48 -0.54 10.09
C TYR A 44 1.15 -1.82 9.62
N ASN A 45 0.74 -2.95 10.19
CA ASN A 45 1.30 -4.21 9.80
C ASN A 45 0.50 -4.80 8.64
N PHE A 46 1.05 -4.70 7.43
CA PHE A 46 0.38 -5.23 6.24
C PHE A 46 0.37 -6.75 6.26
N GLU A 47 1.46 -7.32 6.77
CA GLU A 47 1.62 -8.77 6.86
C GLU A 47 0.49 -9.39 7.69
N LYS A 48 0.07 -8.68 8.73
CA LYS A 48 -0.98 -9.16 9.62
C LYS A 48 -2.39 -8.94 9.06
N ASP A 49 -2.65 -7.74 8.53
CA ASP A 49 -3.99 -7.42 8.00
C ASP A 49 -4.10 -7.71 6.51
N GLY A 50 -3.38 -6.96 5.69
CA GLY A 50 -3.44 -7.20 4.26
C GLY A 50 -4.26 -6.18 3.49
N LYS A 51 -4.63 -5.06 4.12
CA LYS A 51 -5.40 -4.03 3.43
C LYS A 51 -4.46 -3.18 2.57
N TYR A 52 -4.61 -3.27 1.26
CA TYR A 52 -3.78 -2.52 0.35
C TYR A 52 -4.60 -1.90 -0.77
N GLY A 53 -3.96 -0.98 -1.48
CA GLY A 53 -4.59 -0.31 -2.59
C GLY A 53 -3.54 0.28 -3.51
N PHE A 54 -3.91 0.52 -4.76
CA PHE A 54 -2.97 1.08 -5.71
C PHE A 54 -2.97 2.59 -5.64
N CYS A 55 -1.77 3.16 -5.67
CA CYS A 55 -1.60 4.61 -5.57
C CYS A 55 -2.01 5.35 -6.86
N PRO A 56 -1.60 4.90 -8.07
CA PRO A 56 -1.97 5.58 -9.32
C PRO A 56 -3.48 5.68 -9.50
N HIS A 57 -4.01 6.89 -9.43
CA HIS A 57 -5.45 7.12 -9.58
C HIS A 57 -5.89 6.94 -11.03
N GLU A 58 -4.97 7.15 -11.97
CA GLU A 58 -5.29 7.00 -13.38
C GLU A 58 -4.42 5.89 -14.00
N ALA A 59 -4.97 4.68 -14.07
CA ALA A 59 -4.25 3.56 -14.62
C ALA A 59 -4.96 3.00 -15.85
N ARG A 1 -9.22 12.45 1.81
CA ARG A 1 -8.01 11.69 1.44
C ARG A 1 -8.40 10.42 0.69
N ILE A 2 -7.97 10.31 -0.56
CA ILE A 2 -8.29 9.14 -1.36
C ILE A 2 -7.13 8.79 -2.33
N PRO A 3 -5.93 8.54 -1.77
CA PRO A 3 -4.74 8.21 -2.56
C PRO A 3 -4.63 6.71 -2.85
N VAL A 4 -5.77 6.04 -2.91
CA VAL A 4 -5.81 4.61 -3.18
C VAL A 4 -6.74 4.32 -4.36
N LYS A 5 -6.37 3.36 -5.18
CA LYS A 5 -7.15 3.00 -6.35
C LYS A 5 -7.92 1.70 -6.17
N TYR A 6 -7.29 0.59 -6.55
CA TYR A 6 -7.93 -0.71 -6.48
C TYR A 6 -7.46 -1.48 -5.25
N GLY A 7 -8.17 -2.57 -4.96
CA GLY A 7 -7.83 -3.41 -3.81
C GLY A 7 -8.98 -3.50 -2.84
N ASN A 8 -8.67 -3.85 -1.60
CA ASN A 8 -9.71 -4.00 -0.58
C ASN A 8 -9.69 -2.86 0.43
N ALA A 9 -8.86 -1.86 0.20
CA ALA A 9 -8.77 -0.69 1.07
C ALA A 9 -9.75 0.39 0.62
N ASP A 10 -11.04 0.08 0.67
CA ASP A 10 -12.07 1.05 0.24
C ASP A 10 -12.26 2.12 1.31
N GLY A 11 -12.12 3.37 0.92
CA GLY A 11 -12.26 4.47 1.85
C GLY A 11 -10.99 4.71 2.65
N GLU A 12 -10.11 3.72 2.64
CA GLU A 12 -8.85 3.78 3.37
C GLU A 12 -7.80 4.55 2.56
N TYR A 13 -6.80 5.05 3.26
CA TYR A 13 -5.74 5.83 2.65
C TYR A 13 -4.36 5.18 2.84
N CYS A 14 -3.35 5.66 2.11
CA CYS A 14 -2.01 5.08 2.23
C CYS A 14 -1.37 5.48 3.55
N LYS A 15 -1.07 4.49 4.37
CA LYS A 15 -0.46 4.73 5.66
C LYS A 15 1.06 4.78 5.52
N PHE A 16 1.62 5.96 5.74
CA PHE A 16 3.05 6.16 5.64
C PHE A 16 3.63 6.55 6.99
N PRO A 17 4.58 5.76 7.53
CA PRO A 17 5.09 4.55 6.88
C PRO A 17 4.30 3.30 7.26
N PHE A 18 4.45 2.25 6.46
CA PHE A 18 3.78 1.00 6.73
C PHE A 18 4.79 -0.14 6.82
N LEU A 19 4.45 -1.16 7.59
CA LEU A 19 5.34 -2.30 7.80
C LEU A 19 5.08 -3.44 6.81
N PHE A 20 6.12 -3.84 6.09
CA PHE A 20 6.05 -4.91 5.11
C PHE A 20 7.23 -5.87 5.27
N ASN A 21 6.98 -7.03 5.86
CA ASN A 21 8.02 -8.05 6.07
C ASN A 21 9.24 -7.48 6.80
N GLY A 22 9.01 -6.67 7.82
CA GLY A 22 10.10 -6.10 8.59
C GLY A 22 10.68 -4.82 8.01
N LYS A 23 10.10 -4.31 6.94
CA LYS A 23 10.59 -3.08 6.33
C LYS A 23 9.47 -2.06 6.24
N GLU A 24 9.74 -0.84 6.70
CA GLU A 24 8.76 0.23 6.66
C GLU A 24 8.96 1.10 5.43
N TYR A 25 7.86 1.41 4.74
CA TYR A 25 7.90 2.23 3.54
C TYR A 25 7.19 3.54 3.77
N ASN A 26 7.86 4.63 3.43
CA ASN A 26 7.29 5.96 3.60
C ASN A 26 6.59 6.40 2.32
N SER A 27 6.61 5.52 1.33
CA SER A 27 5.96 5.79 0.06
C SER A 27 5.55 4.48 -0.60
N CYS A 28 4.86 4.56 -1.72
CA CYS A 28 4.41 3.38 -2.44
C CYS A 28 5.60 2.55 -2.91
N THR A 29 5.50 1.22 -2.76
CA THR A 29 6.57 0.35 -3.18
C THR A 29 6.04 -0.69 -4.17
N ASP A 30 6.94 -1.32 -4.91
CA ASP A 30 6.55 -2.33 -5.87
C ASP A 30 6.93 -3.71 -5.38
N THR A 31 7.43 -3.75 -4.16
CA THR A 31 7.87 -4.99 -3.54
C THR A 31 6.69 -5.93 -3.37
N GLY A 32 6.92 -7.21 -3.62
CA GLY A 32 5.87 -8.20 -3.50
C GLY A 32 5.13 -8.39 -4.80
N ARG A 33 5.17 -7.37 -5.66
CA ARG A 33 4.52 -7.40 -6.96
C ARG A 33 5.51 -7.89 -8.00
N SER A 34 5.03 -8.36 -9.13
CA SER A 34 5.90 -8.86 -10.18
C SER A 34 6.00 -7.91 -11.35
N ASP A 35 5.04 -6.98 -11.46
CA ASP A 35 5.05 -6.05 -12.57
C ASP A 35 5.46 -4.64 -12.13
N GLY A 36 6.06 -4.55 -10.96
CA GLY A 36 6.51 -3.26 -10.47
C GLY A 36 5.39 -2.25 -10.25
N PHE A 37 4.32 -2.67 -9.60
CA PHE A 37 3.20 -1.75 -9.33
C PHE A 37 3.33 -1.17 -7.94
N LEU A 38 3.17 0.14 -7.83
CA LEU A 38 3.28 0.81 -6.54
C LEU A 38 2.01 0.64 -5.72
N TRP A 39 2.16 0.12 -4.53
CA TRP A 39 1.03 -0.10 -3.64
C TRP A 39 1.36 0.38 -2.22
N CYS A 40 0.36 0.33 -1.35
CA CYS A 40 0.54 0.76 0.03
C CYS A 40 -0.44 0.01 0.95
N SER A 41 -0.27 0.14 2.25
CA SER A 41 -1.18 -0.50 3.20
C SER A 41 -1.87 0.58 4.03
N THR A 42 -2.90 0.20 4.77
CA THR A 42 -3.63 1.17 5.60
C THR A 42 -3.60 0.78 7.08
N THR A 43 -3.49 -0.51 7.34
CA THR A 43 -3.46 -1.00 8.71
C THR A 43 -2.04 -1.07 9.28
N TYR A 44 -1.13 -0.30 8.66
CA TYR A 44 0.28 -0.27 9.06
C TYR A 44 0.96 -1.59 8.68
N ASN A 45 0.67 -2.64 9.45
CA ASN A 45 1.25 -3.94 9.17
C ASN A 45 0.37 -4.66 8.15
N PHE A 46 0.89 -4.80 6.94
CA PHE A 46 0.13 -5.43 5.85
C PHE A 46 -0.28 -6.86 6.19
N GLU A 47 0.72 -7.71 6.46
CA GLU A 47 0.48 -9.13 6.76
C GLU A 47 -0.56 -9.33 7.86
N LYS A 48 -0.51 -8.45 8.86
CA LYS A 48 -1.42 -8.55 9.99
C LYS A 48 -2.89 -8.48 9.57
N ASP A 49 -3.27 -7.43 8.87
CA ASP A 49 -4.66 -7.27 8.44
C ASP A 49 -4.87 -7.66 6.98
N GLY A 50 -4.19 -6.99 6.07
CA GLY A 50 -4.34 -7.32 4.67
C GLY A 50 -4.96 -6.22 3.84
N LYS A 51 -5.09 -5.03 4.39
CA LYS A 51 -5.66 -3.91 3.66
C LYS A 51 -4.60 -3.26 2.78
N TYR A 52 -4.79 -3.35 1.47
CA TYR A 52 -3.85 -2.78 0.54
C TYR A 52 -4.59 -2.12 -0.61
N GLY A 53 -3.88 -1.29 -1.34
CA GLY A 53 -4.45 -0.62 -2.47
C GLY A 53 -3.38 -0.11 -3.39
N PHE A 54 -3.73 0.11 -4.64
CA PHE A 54 -2.76 0.60 -5.60
C PHE A 54 -2.74 2.12 -5.58
N CYS A 55 -1.57 2.70 -5.76
CA CYS A 55 -1.44 4.15 -5.75
C CYS A 55 -1.88 4.73 -7.09
N PRO A 56 -2.39 5.98 -7.10
CA PRO A 56 -2.88 6.64 -8.32
C PRO A 56 -1.77 7.00 -9.32
N HIS A 57 -1.31 5.99 -10.04
CA HIS A 57 -0.27 6.14 -11.05
C HIS A 57 -0.04 4.79 -11.72
N GLU A 58 -1.11 4.26 -12.32
CA GLU A 58 -1.04 2.96 -12.97
C GLU A 58 -0.28 3.04 -14.29
N ALA A 59 -0.74 3.89 -15.19
CA ALA A 59 -0.08 4.06 -16.48
C ALA A 59 -0.40 5.42 -17.08
N ARG A 1 -0.71 12.15 3.48
CA ARG A 1 -1.32 10.81 3.27
C ARG A 1 -2.08 10.78 1.94
N ILE A 2 -1.43 10.28 0.88
CA ILE A 2 -2.06 10.22 -0.44
C ILE A 2 -3.11 9.12 -0.53
N PRO A 3 -4.08 9.31 -1.44
CA PRO A 3 -5.20 8.38 -1.67
C PRO A 3 -4.79 6.98 -2.15
N VAL A 4 -5.79 6.10 -2.19
CA VAL A 4 -5.64 4.72 -2.63
C VAL A 4 -6.68 4.45 -3.73
N LYS A 5 -6.43 3.49 -4.62
CA LYS A 5 -7.40 3.22 -5.67
C LYS A 5 -7.61 1.71 -5.86
N TYR A 6 -6.85 1.12 -6.78
CA TYR A 6 -6.96 -0.31 -7.07
C TYR A 6 -6.51 -1.16 -5.89
N GLY A 7 -7.12 -2.32 -5.74
CA GLY A 7 -6.77 -3.22 -4.66
C GLY A 7 -7.98 -3.67 -3.86
N ASN A 8 -7.77 -4.01 -2.59
CA ASN A 8 -8.85 -4.50 -1.73
C ASN A 8 -9.07 -3.61 -0.50
N ALA A 9 -8.38 -2.48 -0.44
CA ALA A 9 -8.50 -1.54 0.68
C ALA A 9 -9.94 -1.07 0.87
N ASP A 10 -10.26 -0.65 2.09
CA ASP A 10 -11.61 -0.17 2.41
C ASP A 10 -11.84 1.23 1.86
N GLY A 11 -10.94 2.15 2.18
CA GLY A 11 -11.09 3.51 1.69
C GLY A 11 -10.12 4.48 2.32
N GLU A 12 -9.29 4.00 3.24
CA GLU A 12 -8.31 4.87 3.88
C GLU A 12 -7.15 5.15 2.93
N TYR A 13 -6.42 6.21 3.20
CA TYR A 13 -5.29 6.58 2.35
C TYR A 13 -4.04 5.77 2.70
N CYS A 14 -2.97 6.00 1.94
CA CYS A 14 -1.71 5.29 2.14
C CYS A 14 -1.18 5.46 3.55
N LYS A 15 -0.81 4.36 4.18
CA LYS A 15 -0.26 4.39 5.52
C LYS A 15 1.21 4.71 5.45
N PHE A 16 1.58 5.90 5.87
CA PHE A 16 2.97 6.33 5.85
C PHE A 16 3.46 6.66 7.25
N PRO A 17 4.36 5.83 7.80
CA PRO A 17 4.89 4.64 7.14
C PRO A 17 4.10 3.37 7.47
N PHE A 18 4.15 2.40 6.56
CA PHE A 18 3.47 1.13 6.79
C PHE A 18 4.49 0.02 6.95
N LEU A 19 4.15 -0.99 7.72
CA LEU A 19 5.05 -2.10 7.98
C LEU A 19 4.88 -3.21 6.96
N PHE A 20 5.90 -3.42 6.12
CA PHE A 20 5.88 -4.47 5.12
C PHE A 20 6.92 -5.54 5.46
N ASN A 21 6.47 -6.61 6.10
CA ASN A 21 7.33 -7.72 6.51
C ASN A 21 8.58 -7.25 7.27
N GLY A 22 8.44 -6.17 8.04
CA GLY A 22 9.55 -5.67 8.82
C GLY A 22 10.20 -4.42 8.24
N LYS A 23 9.76 -4.00 7.06
CA LYS A 23 10.32 -2.81 6.44
C LYS A 23 9.26 -1.75 6.31
N GLU A 24 9.49 -0.59 6.91
CA GLU A 24 8.53 0.51 6.85
C GLU A 24 8.83 1.46 5.70
N TYR A 25 7.81 1.72 4.89
CA TYR A 25 7.95 2.60 3.73
C TYR A 25 7.25 3.93 3.96
N ASN A 26 7.90 5.02 3.54
CA ASN A 26 7.33 6.36 3.65
C ASN A 26 6.64 6.73 2.34
N SER A 27 6.74 5.83 1.38
CA SER A 27 6.16 6.02 0.07
C SER A 27 5.61 4.69 -0.46
N CYS A 28 5.09 4.70 -1.68
CA CYS A 28 4.56 3.49 -2.28
C CYS A 28 5.70 2.62 -2.78
N THR A 29 5.52 1.31 -2.75
CA THR A 29 6.56 0.40 -3.21
C THR A 29 5.96 -0.64 -4.14
N ASP A 30 6.80 -1.30 -4.91
CA ASP A 30 6.33 -2.32 -5.81
C ASP A 30 6.75 -3.68 -5.30
N THR A 31 7.42 -3.65 -4.15
CA THR A 31 7.90 -4.84 -3.47
C THR A 31 6.73 -5.76 -3.10
N GLY A 32 6.99 -7.05 -3.02
CA GLY A 32 5.93 -7.99 -2.69
C GLY A 32 5.18 -8.45 -3.92
N ARG A 33 4.86 -7.50 -4.79
CA ARG A 33 4.16 -7.80 -6.03
C ARG A 33 5.18 -8.20 -7.09
N SER A 34 4.70 -8.44 -8.32
CA SER A 34 5.59 -8.81 -9.41
C SER A 34 5.02 -8.43 -10.78
N ASP A 35 4.21 -7.35 -10.88
CA ASP A 35 3.64 -7.01 -12.18
C ASP A 35 3.26 -5.55 -12.42
N GLY A 36 4.14 -4.59 -12.15
CA GLY A 36 3.77 -3.20 -12.42
C GLY A 36 3.30 -2.50 -11.18
N PHE A 37 3.33 -3.29 -10.13
CA PHE A 37 3.07 -2.91 -8.79
C PHE A 37 3.37 -1.45 -8.41
N LEU A 38 2.51 -0.90 -7.60
CA LEU A 38 2.64 0.46 -7.06
C LEU A 38 1.66 0.51 -5.89
N TRP A 39 2.06 0.07 -4.71
CA TRP A 39 1.10 0.01 -3.61
C TRP A 39 1.62 0.54 -2.29
N CYS A 40 0.68 0.69 -1.38
CA CYS A 40 0.90 1.15 -0.03
C CYS A 40 -0.11 0.43 0.84
N SER A 41 0.21 0.16 2.09
CA SER A 41 -0.74 -0.52 2.93
C SER A 41 -1.74 0.47 3.50
N THR A 42 -2.88 -0.02 3.95
CA THR A 42 -3.91 0.83 4.50
C THR A 42 -3.89 0.74 6.02
N THR A 43 -3.23 -0.31 6.51
CA THR A 43 -3.14 -0.55 7.94
C THR A 43 -1.69 -0.47 8.41
N TYR A 44 -1.46 -0.80 9.68
CA TYR A 44 -0.13 -0.76 10.25
C TYR A 44 0.69 -1.94 9.74
N ASN A 45 0.21 -3.14 10.04
CA ASN A 45 0.85 -4.36 9.59
C ASN A 45 0.12 -4.90 8.37
N PHE A 46 0.76 -4.77 7.21
CA PHE A 46 0.17 -5.22 5.95
C PHE A 46 -0.14 -6.71 5.92
N GLU A 47 0.85 -7.54 6.26
CA GLU A 47 0.68 -8.99 6.22
C GLU A 47 -0.45 -9.48 7.13
N LYS A 48 -0.56 -8.89 8.32
CA LYS A 48 -1.60 -9.31 9.27
C LYS A 48 -3.00 -8.95 8.81
N ASP A 49 -3.17 -7.73 8.29
CA ASP A 49 -4.48 -7.27 7.85
C ASP A 49 -4.79 -7.71 6.42
N GLY A 50 -3.88 -7.43 5.50
CA GLY A 50 -4.07 -7.82 4.12
C GLY A 50 -4.69 -6.73 3.27
N LYS A 51 -4.95 -5.56 3.86
CA LYS A 51 -5.53 -4.45 3.11
C LYS A 51 -4.46 -3.57 2.47
N TYR A 52 -4.55 -3.41 1.16
CA TYR A 52 -3.61 -2.62 0.41
C TYR A 52 -4.31 -1.98 -0.79
N GLY A 53 -3.59 -1.10 -1.46
CA GLY A 53 -4.11 -0.45 -2.64
C GLY A 53 -3.02 0.24 -3.40
N PHE A 54 -3.25 0.47 -4.68
CA PHE A 54 -2.26 1.11 -5.51
C PHE A 54 -2.44 2.62 -5.47
N CYS A 55 -1.32 3.33 -5.46
CA CYS A 55 -1.34 4.78 -5.40
C CYS A 55 -1.72 5.36 -6.76
N PRO A 56 -2.78 6.18 -6.79
CA PRO A 56 -3.28 6.79 -8.03
C PRO A 56 -2.30 7.74 -8.71
N HIS A 57 -2.29 7.69 -10.04
CA HIS A 57 -1.42 8.54 -10.85
C HIS A 57 -2.22 9.15 -11.99
N GLU A 58 -1.55 9.44 -13.11
CA GLU A 58 -2.24 10.03 -14.26
C GLU A 58 -2.99 8.95 -15.06
N ALA A 59 -2.82 8.94 -16.38
CA ALA A 59 -3.47 7.95 -17.22
C ALA A 59 -2.47 6.99 -17.83
N ARG A 1 -7.11 12.80 2.31
CA ARG A 1 -6.24 11.58 2.29
C ARG A 1 -6.95 10.41 1.59
N ILE A 2 -6.68 10.22 0.30
CA ILE A 2 -7.29 9.13 -0.45
C ILE A 2 -6.48 8.78 -1.73
N PRO A 3 -5.16 8.50 -1.58
CA PRO A 3 -4.29 8.18 -2.71
C PRO A 3 -4.27 6.68 -3.01
N VAL A 4 -5.42 6.04 -2.86
CA VAL A 4 -5.55 4.61 -3.11
C VAL A 4 -6.64 4.38 -4.17
N LYS A 5 -6.50 3.33 -4.98
CA LYS A 5 -7.49 3.05 -6.01
C LYS A 5 -7.83 1.56 -6.07
N TYR A 6 -7.08 0.82 -6.88
CA TYR A 6 -7.31 -0.62 -7.07
C TYR A 6 -7.01 -1.39 -5.79
N GLY A 7 -7.73 -2.49 -5.60
CA GLY A 7 -7.54 -3.33 -4.43
C GLY A 7 -8.81 -3.42 -3.61
N ASN A 8 -8.66 -3.64 -2.31
CA ASN A 8 -9.82 -3.75 -1.44
C ASN A 8 -9.83 -2.66 -0.37
N ALA A 9 -9.04 -1.61 -0.56
CA ALA A 9 -8.97 -0.50 0.38
C ALA A 9 -9.82 0.67 -0.10
N ASP A 10 -11.11 0.44 -0.31
CA ASP A 10 -12.00 1.49 -0.77
C ASP A 10 -12.30 2.45 0.37
N GLY A 11 -11.98 3.72 0.17
CA GLY A 11 -12.19 4.71 1.21
C GLY A 11 -11.03 4.76 2.19
N GLU A 12 -10.10 3.83 2.04
CA GLU A 12 -8.93 3.76 2.90
C GLU A 12 -7.77 4.56 2.34
N TYR A 13 -6.84 4.92 3.21
CA TYR A 13 -5.67 5.70 2.85
C TYR A 13 -4.38 4.91 3.06
N CYS A 14 -3.29 5.41 2.50
CA CYS A 14 -2.00 4.75 2.68
C CYS A 14 -1.43 5.12 4.05
N LYS A 15 -1.17 4.11 4.85
CA LYS A 15 -0.63 4.33 6.19
C LYS A 15 0.88 4.43 6.11
N PHE A 16 1.41 5.62 6.34
CA PHE A 16 2.84 5.86 6.27
C PHE A 16 3.41 6.18 7.63
N PRO A 17 4.42 5.42 8.06
CA PRO A 17 5.00 4.34 7.28
C PRO A 17 4.35 2.99 7.59
N PHE A 18 4.35 2.07 6.62
CA PHE A 18 3.78 0.75 6.84
C PHE A 18 4.88 -0.29 6.88
N LEU A 19 4.64 -1.35 7.62
CA LEU A 19 5.62 -2.42 7.78
C LEU A 19 5.37 -3.56 6.80
N PHE A 20 6.34 -3.79 5.93
CA PHE A 20 6.25 -4.85 4.93
C PHE A 20 7.42 -5.81 5.10
N ASN A 21 7.15 -6.97 5.68
CA ASN A 21 8.18 -7.99 5.91
C ASN A 21 9.35 -7.42 6.73
N GLY A 22 9.05 -6.49 7.63
CA GLY A 22 10.09 -5.91 8.46
C GLY A 22 10.70 -4.63 7.89
N LYS A 23 10.13 -4.10 6.83
CA LYS A 23 10.64 -2.88 6.24
C LYS A 23 9.56 -1.81 6.20
N GLU A 24 9.90 -0.60 6.64
CA GLU A 24 8.93 0.49 6.65
C GLU A 24 9.02 1.32 5.38
N TYR A 25 7.89 1.62 4.78
CA TYR A 25 7.84 2.42 3.57
C TYR A 25 7.12 3.73 3.83
N ASN A 26 7.72 4.83 3.40
CA ASN A 26 7.12 6.14 3.60
C ASN A 26 6.33 6.53 2.37
N SER A 27 6.27 5.62 1.41
CA SER A 27 5.54 5.82 0.18
C SER A 27 5.09 4.47 -0.38
N CYS A 28 4.53 4.47 -1.57
CA CYS A 28 4.08 3.24 -2.20
C CYS A 28 5.27 2.53 -2.84
N THR A 29 5.27 1.20 -2.83
CA THR A 29 6.36 0.43 -3.40
C THR A 29 5.85 -0.63 -4.36
N ASP A 30 6.76 -1.22 -5.13
CA ASP A 30 6.40 -2.27 -6.08
C ASP A 30 6.85 -3.62 -5.55
N THR A 31 7.41 -3.59 -4.34
CA THR A 31 7.91 -4.80 -3.70
C THR A 31 6.79 -5.79 -3.47
N GLY A 32 7.07 -7.07 -3.70
CA GLY A 32 6.08 -8.09 -3.53
C GLY A 32 5.21 -8.23 -4.77
N ARG A 33 5.25 -7.21 -5.62
CA ARG A 33 4.47 -7.19 -6.85
C ARG A 33 5.36 -7.57 -8.03
N SER A 34 4.86 -8.43 -8.88
CA SER A 34 5.61 -8.86 -10.04
C SER A 34 5.42 -7.88 -11.20
N ASP A 35 4.34 -7.11 -11.15
CA ASP A 35 4.04 -6.17 -12.21
C ASP A 35 4.66 -4.80 -11.97
N GLY A 36 5.45 -4.67 -10.92
CA GLY A 36 6.07 -3.41 -10.61
C GLY A 36 5.04 -2.31 -10.37
N PHE A 37 3.96 -2.65 -9.67
CA PHE A 37 2.90 -1.69 -9.41
C PHE A 37 3.05 -1.10 -8.01
N LEU A 38 2.78 0.19 -7.89
CA LEU A 38 2.89 0.88 -6.61
C LEU A 38 1.70 0.58 -5.73
N TRP A 39 1.95 0.06 -4.53
CA TRP A 39 0.87 -0.26 -3.61
C TRP A 39 1.22 0.21 -2.20
N CYS A 40 0.25 0.17 -1.32
CA CYS A 40 0.44 0.57 0.05
C CYS A 40 -0.56 -0.16 0.93
N SER A 41 -0.44 -0.02 2.23
CA SER A 41 -1.37 -0.65 3.15
C SER A 41 -2.10 0.43 3.93
N THR A 42 -3.23 0.08 4.50
CA THR A 42 -4.02 1.02 5.29
C THR A 42 -3.62 0.89 6.75
N THR A 43 -2.84 -0.13 7.03
CA THR A 43 -2.37 -0.41 8.38
C THR A 43 -0.85 -0.44 8.43
N TYR A 44 -0.31 -0.59 9.63
CA TYR A 44 1.13 -0.66 9.80
C TYR A 44 1.63 -2.02 9.34
N ASN A 45 1.36 -3.05 10.15
CA ASN A 45 1.77 -4.40 9.81
C ASN A 45 0.81 -4.96 8.75
N PHE A 46 1.29 -5.07 7.52
CA PHE A 46 0.47 -5.56 6.41
C PHE A 46 -0.09 -6.95 6.69
N GLU A 47 0.77 -7.84 7.15
CA GLU A 47 0.41 -9.23 7.44
C GLU A 47 -0.73 -9.32 8.47
N LYS A 48 -0.65 -8.48 9.49
CA LYS A 48 -1.64 -8.47 10.58
C LYS A 48 -3.06 -8.16 10.09
N ASP A 49 -3.20 -7.17 9.21
CA ASP A 49 -4.51 -6.79 8.72
C ASP A 49 -4.77 -7.33 7.31
N GLY A 50 -3.99 -6.87 6.34
CA GLY A 50 -4.15 -7.36 4.98
C GLY A 50 -4.82 -6.39 4.02
N LYS A 51 -5.07 -5.17 4.45
CA LYS A 51 -5.69 -4.17 3.58
C LYS A 51 -4.64 -3.50 2.71
N TYR A 52 -4.86 -3.49 1.40
CA TYR A 52 -3.92 -2.88 0.47
C TYR A 52 -4.65 -2.18 -0.69
N GLY A 53 -3.89 -1.38 -1.41
CA GLY A 53 -4.41 -0.69 -2.56
C GLY A 53 -3.29 -0.14 -3.40
N PHE A 54 -3.57 0.10 -4.67
CA PHE A 54 -2.54 0.60 -5.58
C PHE A 54 -2.61 2.10 -5.73
N CYS A 55 -1.45 2.71 -5.76
CA CYS A 55 -1.34 4.16 -5.89
C CYS A 55 -0.96 4.51 -7.32
N PRO A 56 -1.43 5.66 -7.83
CA PRO A 56 -1.12 6.09 -9.19
C PRO A 56 0.26 6.75 -9.27
N HIS A 57 0.29 8.05 -9.52
CA HIS A 57 1.54 8.80 -9.62
C HIS A 57 1.45 10.04 -8.75
N GLU A 58 1.53 9.85 -7.44
CA GLU A 58 1.46 10.93 -6.48
C GLU A 58 2.70 11.80 -6.55
N ALA A 59 3.84 11.22 -6.19
CA ALA A 59 5.10 11.94 -6.21
C ALA A 59 6.14 11.17 -6.99
N ARG A 1 -7.21 12.36 3.01
CA ARG A 1 -6.21 11.61 2.23
C ARG A 1 -6.85 10.42 1.54
N ILE A 2 -6.54 10.23 0.25
CA ILE A 2 -7.12 9.13 -0.50
C ILE A 2 -6.27 8.75 -1.75
N PRO A 3 -4.98 8.46 -1.58
CA PRO A 3 -4.10 8.09 -2.70
C PRO A 3 -4.17 6.60 -3.00
N VAL A 4 -5.37 6.04 -2.92
CA VAL A 4 -5.59 4.62 -3.18
C VAL A 4 -6.62 4.46 -4.30
N LYS A 5 -6.40 3.49 -5.17
CA LYS A 5 -7.29 3.26 -6.29
C LYS A 5 -7.93 1.88 -6.24
N TYR A 6 -7.17 0.87 -6.63
CA TYR A 6 -7.66 -0.49 -6.67
C TYR A 6 -7.27 -1.27 -5.40
N GLY A 7 -7.76 -2.49 -5.29
CA GLY A 7 -7.47 -3.32 -4.13
C GLY A 7 -8.66 -3.44 -3.23
N ASN A 8 -8.44 -3.70 -1.95
CA ASN A 8 -9.56 -3.85 -1.04
C ASN A 8 -9.69 -2.65 -0.08
N ALA A 9 -8.79 -1.68 -0.23
CA ALA A 9 -8.81 -0.47 0.58
C ALA A 9 -9.73 0.57 -0.04
N ASP A 10 -11.01 0.24 -0.15
CA ASP A 10 -11.98 1.15 -0.76
C ASP A 10 -12.33 2.28 0.19
N GLY A 11 -11.90 3.49 -0.16
CA GLY A 11 -12.17 4.63 0.68
C GLY A 11 -11.11 4.82 1.75
N GLU A 12 -10.17 3.88 1.80
CA GLU A 12 -9.09 3.93 2.78
C GLU A 12 -7.87 4.67 2.23
N TYR A 13 -7.03 5.15 3.13
CA TYR A 13 -5.85 5.91 2.78
C TYR A 13 -4.56 5.13 3.05
N CYS A 14 -3.44 5.64 2.55
CA CYS A 14 -2.16 4.99 2.75
C CYS A 14 -1.60 5.37 4.11
N LYS A 15 -1.20 4.37 4.89
CA LYS A 15 -0.63 4.63 6.20
C LYS A 15 0.88 4.65 6.11
N PHE A 16 1.47 5.82 6.33
CA PHE A 16 2.91 5.98 6.25
C PHE A 16 3.50 6.29 7.62
N PRO A 17 4.47 5.47 8.07
CA PRO A 17 4.96 4.32 7.33
C PRO A 17 4.21 3.04 7.66
N PHE A 18 4.45 2.01 6.85
CA PHE A 18 3.83 0.72 7.07
C PHE A 18 4.89 -0.38 7.07
N LEU A 19 4.62 -1.46 7.79
CA LEU A 19 5.56 -2.57 7.91
C LEU A 19 5.31 -3.65 6.86
N PHE A 20 6.31 -3.88 6.02
CA PHE A 20 6.21 -4.90 4.98
C PHE A 20 7.40 -5.86 5.06
N ASN A 21 7.18 -7.05 5.59
CA ASN A 21 8.24 -8.06 5.72
C ASN A 21 9.40 -7.54 6.58
N GLY A 22 9.10 -6.59 7.46
CA GLY A 22 10.13 -6.03 8.31
C GLY A 22 10.74 -4.75 7.77
N LYS A 23 10.23 -4.28 6.64
CA LYS A 23 10.73 -3.05 6.04
C LYS A 23 9.64 -1.99 6.07
N GLU A 24 9.97 -0.81 6.58
CA GLU A 24 9.00 0.28 6.67
C GLU A 24 9.10 1.18 5.44
N TYR A 25 7.95 1.52 4.86
CA TYR A 25 7.91 2.38 3.69
C TYR A 25 7.21 3.70 4.01
N ASN A 26 7.79 4.80 3.53
CA ASN A 26 7.20 6.12 3.76
C ASN A 26 6.37 6.52 2.57
N SER A 27 6.27 5.63 1.60
CA SER A 27 5.51 5.86 0.38
C SER A 27 5.11 4.54 -0.24
N CYS A 28 4.56 4.60 -1.45
CA CYS A 28 4.13 3.40 -2.15
C CYS A 28 5.33 2.64 -2.68
N THR A 29 5.22 1.31 -2.75
CA THR A 29 6.30 0.48 -3.25
C THR A 29 5.76 -0.60 -4.18
N ASP A 30 6.63 -1.22 -4.95
CA ASP A 30 6.21 -2.29 -5.87
C ASP A 30 6.74 -3.62 -5.37
N THR A 31 7.33 -3.59 -4.18
CA THR A 31 7.90 -4.78 -3.57
C THR A 31 6.79 -5.78 -3.25
N GLY A 32 7.12 -7.07 -3.35
CA GLY A 32 6.14 -8.09 -3.08
C GLY A 32 5.29 -8.41 -4.29
N ARG A 33 5.24 -7.47 -5.22
CA ARG A 33 4.48 -7.65 -6.45
C ARG A 33 5.39 -8.16 -7.56
N SER A 34 4.82 -8.64 -8.64
CA SER A 34 5.60 -9.16 -9.75
C SER A 34 5.52 -8.25 -10.98
N ASP A 35 4.49 -7.42 -11.06
CA ASP A 35 4.30 -6.56 -12.21
C ASP A 35 4.68 -5.11 -11.94
N GLY A 36 5.44 -4.88 -10.88
CA GLY A 36 5.88 -3.55 -10.55
C GLY A 36 4.74 -2.59 -10.27
N PHE A 37 3.71 -3.08 -9.60
CA PHE A 37 2.56 -2.24 -9.28
C PHE A 37 2.83 -1.48 -7.99
N LEU A 38 2.65 -0.16 -8.04
CA LEU A 38 2.88 0.69 -6.89
C LEU A 38 1.68 0.60 -5.95
N TRP A 39 1.92 0.07 -4.74
CA TRP A 39 0.84 -0.09 -3.77
C TRP A 39 1.24 0.45 -2.40
N CYS A 40 0.27 0.54 -1.51
CA CYS A 40 0.48 1.02 -0.17
C CYS A 40 -0.43 0.24 0.79
N SER A 41 -0.19 0.37 2.07
CA SER A 41 -1.03 -0.31 3.05
C SER A 41 -1.91 0.69 3.77
N THR A 42 -2.99 0.20 4.36
CA THR A 42 -3.91 1.05 5.10
C THR A 42 -3.59 0.93 6.58
N THR A 43 -3.09 -0.23 6.96
CA THR A 43 -2.71 -0.50 8.32
C THR A 43 -1.18 -0.54 8.42
N TYR A 44 -0.65 -0.53 9.63
CA TYR A 44 0.80 -0.57 9.81
C TYR A 44 1.31 -1.96 9.44
N ASN A 45 0.70 -2.98 10.03
CA ASN A 45 1.11 -4.34 9.74
C ASN A 45 0.32 -4.87 8.54
N PHE A 46 0.96 -4.92 7.38
CA PHE A 46 0.30 -5.40 6.18
C PHE A 46 0.16 -6.92 6.20
N GLU A 47 1.13 -7.58 6.80
CA GLU A 47 1.15 -9.03 6.90
C GLU A 47 -0.05 -9.55 7.70
N LYS A 48 -0.37 -8.87 8.79
CA LYS A 48 -1.48 -9.27 9.64
C LYS A 48 -2.85 -8.87 9.08
N ASP A 49 -3.05 -7.57 8.89
CA ASP A 49 -4.31 -7.05 8.41
C ASP A 49 -4.52 -7.32 6.93
N GLY A 50 -3.57 -6.88 6.11
CA GLY A 50 -3.66 -7.12 4.67
C GLY A 50 -4.40 -6.04 3.90
N LYS A 51 -4.59 -4.87 4.50
CA LYS A 51 -5.28 -3.78 3.81
C LYS A 51 -4.33 -3.08 2.85
N TYR A 52 -4.61 -3.20 1.55
CA TYR A 52 -3.75 -2.60 0.55
C TYR A 52 -4.56 -1.99 -0.59
N GLY A 53 -3.85 -1.24 -1.41
CA GLY A 53 -4.45 -0.61 -2.56
C GLY A 53 -3.38 -0.04 -3.46
N PHE A 54 -3.72 0.17 -4.72
CA PHE A 54 -2.75 0.70 -5.66
C PHE A 54 -2.88 2.22 -5.73
N CYS A 55 -1.81 2.91 -5.38
CA CYS A 55 -1.78 4.36 -5.37
C CYS A 55 -2.19 4.92 -6.74
N PRO A 56 -1.46 4.59 -7.83
CA PRO A 56 -1.82 5.07 -9.16
C PRO A 56 -2.80 4.12 -9.85
N HIS A 57 -3.61 4.63 -10.77
CA HIS A 57 -4.56 3.77 -11.47
C HIS A 57 -3.89 3.14 -12.70
N GLU A 58 -3.33 3.97 -13.56
CA GLU A 58 -2.65 3.49 -14.74
C GLU A 58 -1.42 4.35 -15.00
N ALA A 59 -1.52 5.62 -14.64
CA ALA A 59 -0.43 6.58 -14.81
C ALA A 59 -0.57 7.72 -13.81
N ARG A 1 -12.46 7.87 -1.64
CA ARG A 1 -11.60 8.84 -0.94
C ARG A 1 -10.32 9.08 -1.73
N ILE A 2 -10.53 9.46 -3.01
CA ILE A 2 -9.46 9.73 -4.02
C ILE A 2 -8.22 8.79 -3.97
N PRO A 3 -7.12 9.00 -3.14
CA PRO A 3 -5.97 8.08 -3.13
C PRO A 3 -6.35 6.62 -2.89
N VAL A 4 -5.44 5.73 -3.25
CA VAL A 4 -5.63 4.28 -3.15
C VAL A 4 -6.71 3.84 -4.12
N LYS A 5 -6.27 3.19 -5.16
CA LYS A 5 -7.14 2.72 -6.22
C LYS A 5 -7.73 1.34 -5.95
N TYR A 6 -7.51 0.45 -6.90
CA TYR A 6 -8.02 -0.93 -6.86
C TYR A 6 -7.48 -1.72 -5.67
N GLY A 7 -8.27 -2.70 -5.24
CA GLY A 7 -7.90 -3.57 -4.14
C GLY A 7 -9.03 -3.75 -3.15
N ASN A 8 -8.68 -4.11 -1.93
CA ASN A 8 -9.67 -4.36 -0.87
C ASN A 8 -9.43 -3.46 0.35
N ALA A 9 -8.61 -2.44 0.17
CA ALA A 9 -8.23 -1.48 1.22
C ALA A 9 -9.35 -1.12 2.18
N ASP A 10 -8.97 -0.96 3.45
CA ASP A 10 -9.90 -0.60 4.50
C ASP A 10 -10.22 0.89 4.46
N GLY A 11 -9.21 1.71 4.78
CA GLY A 11 -9.38 3.14 4.77
C GLY A 11 -8.32 3.79 3.92
N GLU A 12 -8.73 4.19 2.70
CA GLU A 12 -7.86 4.80 1.69
C GLU A 12 -6.86 5.85 2.20
N TYR A 13 -6.06 6.35 1.25
CA TYR A 13 -4.96 7.28 1.53
C TYR A 13 -3.77 6.45 2.01
N CYS A 14 -2.62 6.64 1.39
CA CYS A 14 -1.43 5.87 1.75
C CYS A 14 -1.05 6.08 3.21
N LYS A 15 -0.88 4.96 3.92
CA LYS A 15 -0.49 5.00 5.32
C LYS A 15 1.02 5.03 5.41
N PHE A 16 1.58 6.22 5.63
CA PHE A 16 3.02 6.38 5.71
C PHE A 16 3.46 6.70 7.13
N PRO A 17 4.36 5.86 7.69
CA PRO A 17 4.91 4.70 7.00
C PRO A 17 4.12 3.42 7.28
N PHE A 18 4.06 2.52 6.30
CA PHE A 18 3.35 1.27 6.49
C PHE A 18 4.35 0.14 6.70
N LEU A 19 3.91 -0.87 7.44
CA LEU A 19 4.78 -2.01 7.76
C LEU A 19 4.61 -3.15 6.77
N PHE A 20 5.69 -3.45 6.06
CA PHE A 20 5.69 -4.56 5.11
C PHE A 20 6.72 -5.60 5.52
N ASN A 21 6.26 -6.63 6.22
CA ASN A 21 7.12 -7.73 6.68
C ASN A 21 8.33 -7.22 7.46
N GLY A 22 8.17 -6.10 8.16
CA GLY A 22 9.27 -5.56 8.95
C GLY A 22 9.99 -4.41 8.27
N LYS A 23 9.55 -4.02 7.10
CA LYS A 23 10.18 -2.93 6.38
C LYS A 23 9.20 -1.76 6.26
N GLU A 24 9.60 -0.60 6.77
CA GLU A 24 8.74 0.57 6.72
C GLU A 24 8.98 1.37 5.45
N TYR A 25 7.90 1.70 4.77
CA TYR A 25 7.98 2.48 3.53
C TYR A 25 7.35 3.85 3.73
N ASN A 26 8.06 4.89 3.35
CA ASN A 26 7.53 6.25 3.47
C ASN A 26 6.93 6.68 2.14
N SER A 27 7.02 5.78 1.18
CA SER A 27 6.48 6.01 -0.15
C SER A 27 5.86 4.73 -0.69
N CYS A 28 5.42 4.76 -1.93
CA CYS A 28 4.82 3.57 -2.55
C CYS A 28 5.91 2.67 -3.11
N THR A 29 5.84 1.39 -2.79
CA THR A 29 6.82 0.44 -3.27
C THR A 29 6.16 -0.58 -4.18
N ASP A 30 6.97 -1.31 -4.94
CA ASP A 30 6.45 -2.32 -5.84
C ASP A 30 6.75 -3.70 -5.28
N THR A 31 7.41 -3.70 -4.14
CA THR A 31 7.80 -4.92 -3.46
C THR A 31 6.58 -5.79 -3.17
N GLY A 32 6.68 -7.07 -3.48
CA GLY A 32 5.58 -7.96 -3.27
C GLY A 32 4.73 -8.10 -4.52
N ARG A 33 4.76 -7.07 -5.36
CA ARG A 33 4.02 -7.07 -6.60
C ARG A 33 4.91 -7.54 -7.75
N SER A 34 4.40 -8.49 -8.53
CA SER A 34 5.16 -9.03 -9.65
C SER A 34 5.11 -8.08 -10.85
N ASP A 35 4.11 -7.21 -10.86
CA ASP A 35 3.92 -6.27 -11.96
C ASP A 35 4.69 -4.98 -11.75
N GLY A 36 5.41 -4.89 -10.65
CA GLY A 36 6.17 -3.69 -10.35
C GLY A 36 5.26 -2.47 -10.18
N PHE A 37 4.12 -2.65 -9.53
CA PHE A 37 3.18 -1.56 -9.31
C PHE A 37 3.38 -0.94 -7.93
N LEU A 38 3.24 0.38 -7.85
CA LEU A 38 3.40 1.10 -6.60
C LEU A 38 2.15 0.97 -5.74
N TRP A 39 2.33 0.45 -4.53
CA TRP A 39 1.20 0.27 -3.64
C TRP A 39 1.55 0.72 -2.22
N CYS A 40 0.53 0.78 -1.38
CA CYS A 40 0.68 1.17 0.02
C CYS A 40 -0.47 0.57 0.80
N SER A 41 -0.20 0.02 1.98
CA SER A 41 -1.28 -0.57 2.77
C SER A 41 -2.10 0.53 3.43
N THR A 42 -3.41 0.28 3.59
CA THR A 42 -4.29 1.24 4.19
C THR A 42 -4.48 0.94 5.68
N THR A 43 -4.00 -0.22 6.10
CA THR A 43 -4.12 -0.63 7.50
C THR A 43 -2.80 -0.52 8.24
N TYR A 44 -2.71 -1.22 9.37
CA TYR A 44 -1.53 -1.23 10.22
C TYR A 44 -0.43 -2.13 9.63
N ASN A 45 -0.75 -3.41 9.47
CA ASN A 45 0.21 -4.37 8.95
C ASN A 45 -0.34 -5.04 7.69
N PHE A 46 0.38 -4.94 6.58
CA PHE A 46 -0.08 -5.56 5.33
C PHE A 46 -0.18 -7.08 5.45
N GLU A 47 0.82 -7.68 6.07
CA GLU A 47 0.87 -9.13 6.24
C GLU A 47 -0.26 -9.62 7.14
N LYS A 48 -0.41 -8.99 8.29
CA LYS A 48 -1.41 -9.39 9.28
C LYS A 48 -2.84 -8.98 8.87
N ASP A 49 -3.03 -7.74 8.43
CA ASP A 49 -4.36 -7.27 8.04
C ASP A 49 -4.75 -7.79 6.66
N GLY A 50 -3.84 -7.65 5.70
CA GLY A 50 -4.10 -8.13 4.35
C GLY A 50 -4.74 -7.11 3.43
N LYS A 51 -4.86 -5.88 3.90
CA LYS A 51 -5.47 -4.83 3.09
C LYS A 51 -4.40 -4.11 2.27
N TYR A 52 -4.74 -3.78 1.03
CA TYR A 52 -3.80 -3.08 0.15
C TYR A 52 -4.55 -2.24 -0.86
N GLY A 53 -3.82 -1.42 -1.57
CA GLY A 53 -4.40 -0.58 -2.58
C GLY A 53 -3.31 0.06 -3.40
N PHE A 54 -3.58 0.32 -4.66
CA PHE A 54 -2.56 0.90 -5.52
C PHE A 54 -2.59 2.42 -5.49
N CYS A 55 -1.42 3.02 -5.42
CA CYS A 55 -1.31 4.47 -5.39
C CYS A 55 -1.79 5.07 -6.71
N PRO A 56 -1.20 4.69 -7.86
CA PRO A 56 -1.61 5.18 -9.15
C PRO A 56 -2.63 4.24 -9.80
N HIS A 57 -3.16 4.60 -10.96
CA HIS A 57 -4.11 3.75 -11.64
C HIS A 57 -3.43 3.06 -12.83
N GLU A 58 -3.27 3.79 -13.91
CA GLU A 58 -2.63 3.28 -15.10
C GLU A 58 -1.76 4.36 -15.73
N ALA A 59 -1.85 5.57 -15.19
CA ALA A 59 -1.07 6.69 -15.66
C ALA A 59 -0.29 7.32 -14.52
N ARG A 1 -2.40 12.92 -1.47
CA ARG A 1 -2.89 11.76 -0.69
C ARG A 1 -4.30 11.39 -1.15
N ILE A 2 -4.38 10.56 -2.18
CA ILE A 2 -5.67 10.16 -2.72
C ILE A 2 -6.33 9.04 -1.92
N PRO A 3 -7.65 8.86 -2.14
CA PRO A 3 -8.47 7.83 -1.47
C PRO A 3 -8.16 6.39 -1.91
N VAL A 4 -6.93 6.15 -2.37
CA VAL A 4 -6.51 4.82 -2.82
C VAL A 4 -7.09 4.50 -4.20
N LYS A 5 -6.40 3.66 -4.95
CA LYS A 5 -6.84 3.28 -6.28
C LYS A 5 -7.67 2.00 -6.23
N TYR A 6 -7.01 0.87 -6.47
CA TYR A 6 -7.69 -0.42 -6.47
C TYR A 6 -7.18 -1.30 -5.32
N GLY A 7 -7.76 -2.49 -5.18
CA GLY A 7 -7.35 -3.41 -4.14
C GLY A 7 -8.52 -3.87 -3.30
N ASN A 8 -8.25 -4.20 -2.05
CA ASN A 8 -9.29 -4.70 -1.15
C ASN A 8 -9.55 -3.72 0.01
N ALA A 9 -8.98 -2.52 -0.10
CA ALA A 9 -9.16 -1.51 0.93
C ALA A 9 -10.50 -0.81 0.81
N ASP A 10 -10.98 -0.27 1.93
CA ASP A 10 -12.27 0.42 1.97
C ASP A 10 -12.20 1.78 1.28
N GLY A 11 -11.55 2.74 1.92
CA GLY A 11 -11.43 4.06 1.34
C GLY A 11 -10.60 5.02 2.17
N GLU A 12 -9.52 4.53 2.76
CA GLU A 12 -8.64 5.36 3.57
C GLU A 12 -7.53 5.96 2.71
N TYR A 13 -6.37 6.19 3.31
CA TYR A 13 -5.23 6.76 2.63
C TYR A 13 -4.03 5.84 2.76
N CYS A 14 -2.98 6.11 1.99
CA CYS A 14 -1.77 5.32 2.06
C CYS A 14 -1.13 5.47 3.43
N LYS A 15 -0.88 4.34 4.09
CA LYS A 15 -0.29 4.36 5.42
C LYS A 15 1.21 4.56 5.30
N PHE A 16 1.67 5.73 5.69
CA PHE A 16 3.09 6.05 5.63
C PHE A 16 3.62 6.34 7.03
N PRO A 17 4.53 5.50 7.52
CA PRO A 17 5.02 4.33 6.81
C PRO A 17 4.25 3.06 7.13
N PHE A 18 4.22 2.12 6.21
CA PHE A 18 3.54 0.85 6.44
C PHE A 18 4.57 -0.25 6.63
N LEU A 19 4.25 -1.21 7.49
CA LEU A 19 5.17 -2.31 7.78
C LEU A 19 5.05 -3.43 6.76
N PHE A 20 6.10 -3.63 5.98
CA PHE A 20 6.13 -4.70 5.00
C PHE A 20 7.25 -5.68 5.35
N ASN A 21 6.88 -6.79 5.98
CA ASN A 21 7.83 -7.82 6.40
C ASN A 21 8.91 -7.27 7.35
N GLY A 22 8.69 -6.08 7.90
CA GLY A 22 9.65 -5.49 8.81
C GLY A 22 10.25 -4.19 8.29
N LYS A 23 9.97 -3.89 7.03
CA LYS A 23 10.49 -2.68 6.42
C LYS A 23 9.36 -1.66 6.25
N GLU A 24 9.50 -0.50 6.88
CA GLU A 24 8.48 0.54 6.78
C GLU A 24 8.75 1.44 5.58
N TYR A 25 7.76 1.59 4.73
CA TYR A 25 7.91 2.42 3.53
C TYR A 25 7.22 3.76 3.70
N ASN A 26 7.96 4.82 3.41
CA ASN A 26 7.43 6.18 3.52
C ASN A 26 6.68 6.56 2.25
N SER A 27 6.71 5.65 1.28
CA SER A 27 6.04 5.85 0.01
C SER A 27 5.54 4.51 -0.52
N CYS A 28 5.03 4.51 -1.74
CA CYS A 28 4.53 3.30 -2.36
C CYS A 28 5.69 2.49 -2.92
N THR A 29 5.58 1.16 -2.86
CA THR A 29 6.64 0.30 -3.38
C THR A 29 6.05 -0.75 -4.31
N ASP A 30 6.88 -1.34 -5.17
CA ASP A 30 6.41 -2.38 -6.08
C ASP A 30 6.86 -3.73 -5.54
N THR A 31 7.43 -3.71 -4.33
CA THR A 31 7.92 -4.90 -3.67
C THR A 31 6.76 -5.87 -3.43
N GLY A 32 6.98 -7.14 -3.74
CA GLY A 32 5.95 -8.13 -3.58
C GLY A 32 5.09 -8.24 -4.81
N ARG A 33 5.12 -7.20 -5.64
CA ARG A 33 4.35 -7.17 -6.87
C ARG A 33 5.22 -7.61 -8.04
N SER A 34 4.63 -8.41 -8.92
CA SER A 34 5.35 -8.89 -10.08
C SER A 34 5.19 -7.91 -11.24
N ASP A 35 4.13 -7.12 -11.17
CA ASP A 35 3.82 -6.14 -12.21
C ASP A 35 4.66 -4.88 -12.08
N GLY A 36 5.34 -4.78 -10.97
CA GLY A 36 6.14 -3.60 -10.71
C GLY A 36 5.25 -2.41 -10.45
N PHE A 37 4.11 -2.66 -9.81
CA PHE A 37 3.15 -1.61 -9.49
C PHE A 37 3.37 -1.12 -8.07
N LEU A 38 3.36 0.19 -7.89
CA LEU A 38 3.55 0.78 -6.57
C LEU A 38 2.26 0.71 -5.76
N TRP A 39 2.36 0.11 -4.58
CA TRP A 39 1.21 -0.04 -3.71
C TRP A 39 1.54 0.44 -2.30
N CYS A 40 0.51 0.54 -1.48
CA CYS A 40 0.69 0.97 -0.10
C CYS A 40 -0.33 0.24 0.76
N SER A 41 0.02 0.00 2.01
CA SER A 41 -0.91 -0.67 2.91
C SER A 41 -1.87 0.35 3.48
N THR A 42 -2.98 -0.13 4.00
CA THR A 42 -3.97 0.75 4.61
C THR A 42 -3.84 0.65 6.12
N THR A 43 -3.48 -0.53 6.58
CA THR A 43 -3.29 -0.77 8.00
C THR A 43 -1.81 -0.68 8.33
N TYR A 44 -1.48 -0.70 9.62
CA TYR A 44 -0.09 -0.62 10.02
C TYR A 44 0.61 -1.95 9.75
N ASN A 45 0.00 -3.04 10.21
CA ASN A 45 0.54 -4.37 9.99
C ASN A 45 -0.11 -4.98 8.76
N PHE A 46 0.64 -5.04 7.66
CA PHE A 46 0.12 -5.59 6.42
C PHE A 46 0.05 -7.11 6.47
N GLU A 47 0.97 -7.72 7.21
CA GLU A 47 1.00 -9.18 7.36
C GLU A 47 -0.25 -9.70 8.06
N LYS A 48 -0.77 -8.92 8.98
CA LYS A 48 -1.96 -9.32 9.74
C LYS A 48 -3.25 -9.04 8.97
N ASP A 49 -3.56 -7.76 8.77
CA ASP A 49 -4.79 -7.37 8.10
C ASP A 49 -4.75 -7.69 6.61
N GLY A 50 -3.67 -7.29 5.96
CA GLY A 50 -3.52 -7.53 4.54
C GLY A 50 -4.30 -6.56 3.70
N LYS A 51 -4.70 -5.43 4.29
CA LYS A 51 -5.44 -4.41 3.55
C LYS A 51 -4.47 -3.55 2.77
N TYR A 52 -4.71 -3.41 1.50
CA TYR A 52 -3.82 -2.64 0.65
C TYR A 52 -4.57 -1.95 -0.47
N GLY A 53 -3.84 -1.11 -1.18
CA GLY A 53 -4.38 -0.41 -2.30
C GLY A 53 -3.26 0.05 -3.19
N PHE A 54 -3.59 0.36 -4.44
CA PHE A 54 -2.57 0.78 -5.37
C PHE A 54 -2.45 2.28 -5.43
N CYS A 55 -1.30 2.75 -5.86
CA CYS A 55 -1.01 4.16 -5.96
C CYS A 55 -1.03 4.59 -7.42
N PRO A 56 -1.01 5.91 -7.71
CA PRO A 56 -1.03 6.41 -9.09
C PRO A 56 0.19 5.95 -9.88
N HIS A 57 -0.07 5.28 -11.00
CA HIS A 57 1.00 4.78 -11.85
C HIS A 57 1.44 5.83 -12.85
N GLU A 58 0.60 6.85 -13.03
CA GLU A 58 0.85 7.93 -13.96
C GLU A 58 2.10 8.71 -13.54
N ALA A 59 1.97 9.47 -12.46
CA ALA A 59 3.08 10.27 -11.95
C ALA A 59 3.01 10.40 -10.43
N ARG A 1 -2.29 12.52 2.61
CA ARG A 1 -2.55 11.06 2.51
C ARG A 1 -3.34 10.76 1.24
N ILE A 2 -2.68 10.13 0.25
CA ILE A 2 -3.33 9.83 -1.02
C ILE A 2 -4.53 8.88 -0.88
N PRO A 3 -5.55 9.14 -1.71
CA PRO A 3 -6.83 8.41 -1.75
C PRO A 3 -6.78 6.89 -1.94
N VAL A 4 -5.76 6.39 -2.65
CA VAL A 4 -5.65 4.95 -2.93
C VAL A 4 -6.71 4.54 -3.97
N LYS A 5 -6.42 3.49 -4.73
CA LYS A 5 -7.34 3.05 -5.77
C LYS A 5 -7.78 1.60 -5.60
N TYR A 6 -7.38 0.77 -6.55
CA TYR A 6 -7.76 -0.63 -6.60
C TYR A 6 -7.14 -1.42 -5.44
N GLY A 7 -7.83 -2.50 -5.08
CA GLY A 7 -7.42 -3.35 -3.97
C GLY A 7 -8.57 -3.53 -3.02
N ASN A 8 -8.29 -3.68 -1.73
CA ASN A 8 -9.37 -3.83 -0.77
C ASN A 8 -9.39 -2.69 0.25
N ALA A 9 -8.70 -1.60 -0.09
CA ALA A 9 -8.63 -0.41 0.76
C ALA A 9 -9.55 0.66 0.19
N ASP A 10 -10.77 0.28 -0.14
CA ASP A 10 -11.73 1.23 -0.71
C ASP A 10 -12.28 2.16 0.37
N GLY A 11 -11.76 3.38 0.40
CA GLY A 11 -12.20 4.35 1.38
C GLY A 11 -11.04 4.88 2.21
N GLU A 12 -10.07 4.02 2.48
CA GLU A 12 -8.91 4.40 3.27
C GLU A 12 -7.79 4.94 2.40
N TYR A 13 -6.77 5.52 3.05
CA TYR A 13 -5.61 6.07 2.34
C TYR A 13 -4.35 5.30 2.69
N CYS A 14 -3.20 5.73 2.18
CA CYS A 14 -1.94 5.06 2.44
C CYS A 14 -1.44 5.30 3.86
N LYS A 15 -0.94 4.24 4.48
CA LYS A 15 -0.39 4.34 5.84
C LYS A 15 1.11 4.52 5.76
N PHE A 16 1.57 5.72 6.10
CA PHE A 16 2.99 6.03 6.05
C PHE A 16 3.51 6.35 7.45
N PRO A 17 4.42 5.52 7.97
CA PRO A 17 4.96 4.36 7.27
C PRO A 17 4.19 3.08 7.58
N PHE A 18 4.34 2.09 6.72
CA PHE A 18 3.68 0.81 6.92
C PHE A 18 4.73 -0.30 6.99
N LEU A 19 4.47 -1.31 7.81
CA LEU A 19 5.40 -2.40 8.00
C LEU A 19 5.20 -3.51 6.97
N PHE A 20 6.24 -3.76 6.18
CA PHE A 20 6.21 -4.80 5.16
C PHE A 20 7.40 -5.72 5.35
N ASN A 21 7.15 -6.89 5.91
CA ASN A 21 8.18 -7.91 6.13
C ASN A 21 9.37 -7.39 6.96
N GLY A 22 9.14 -6.35 7.75
CA GLY A 22 10.22 -5.82 8.57
C GLY A 22 10.74 -4.47 8.13
N LYS A 23 10.14 -3.88 7.10
CA LYS A 23 10.59 -2.59 6.61
C LYS A 23 9.42 -1.61 6.57
N GLU A 24 9.66 -0.38 7.00
CA GLU A 24 8.62 0.65 7.02
C GLU A 24 8.73 1.56 5.80
N TYR A 25 7.68 1.62 4.99
CA TYR A 25 7.67 2.44 3.79
C TYR A 25 6.85 3.70 3.97
N ASN A 26 7.37 4.82 3.49
CA ASN A 26 6.66 6.08 3.56
C ASN A 26 6.25 6.50 2.16
N SER A 27 6.25 5.52 1.26
CA SER A 27 5.90 5.74 -0.14
C SER A 27 5.45 4.43 -0.78
N CYS A 28 4.81 4.51 -1.93
CA CYS A 28 4.36 3.32 -2.64
C CYS A 28 5.56 2.49 -3.08
N THR A 29 5.47 1.18 -2.93
CA THR A 29 6.53 0.29 -3.33
C THR A 29 5.99 -0.79 -4.24
N ASP A 30 6.86 -1.39 -5.05
CA ASP A 30 6.43 -2.45 -5.95
C ASP A 30 6.82 -3.80 -5.37
N THR A 31 7.34 -3.75 -4.16
CA THR A 31 7.80 -4.95 -3.46
C THR A 31 6.63 -5.89 -3.24
N GLY A 32 6.87 -7.16 -3.53
CA GLY A 32 5.85 -8.16 -3.39
C GLY A 32 5.02 -8.29 -4.65
N ARG A 33 5.04 -7.24 -5.46
CA ARG A 33 4.31 -7.20 -6.71
C ARG A 33 5.28 -7.45 -7.87
N SER A 34 5.12 -8.58 -8.53
CA SER A 34 5.97 -8.92 -9.66
C SER A 34 5.49 -8.17 -10.92
N ASP A 35 4.41 -7.41 -10.77
CA ASP A 35 3.85 -6.65 -11.86
C ASP A 35 4.39 -5.23 -11.89
N GLY A 36 5.16 -4.90 -10.87
CA GLY A 36 5.73 -3.57 -10.78
C GLY A 36 4.69 -2.52 -10.44
N PHE A 37 3.58 -2.95 -9.84
CA PHE A 37 2.51 -2.05 -9.47
C PHE A 37 2.83 -1.34 -8.16
N LEU A 38 2.59 -0.03 -8.14
CA LEU A 38 2.84 0.77 -6.94
C LEU A 38 1.69 0.61 -5.96
N TRP A 39 1.98 0.13 -4.76
CA TRP A 39 0.93 -0.06 -3.76
C TRP A 39 1.36 0.44 -2.39
N CYS A 40 0.41 0.48 -1.47
CA CYS A 40 0.67 0.90 -0.11
C CYS A 40 -0.28 0.18 0.84
N SER A 41 0.12 0.03 2.09
CA SER A 41 -0.74 -0.64 3.05
C SER A 41 -1.65 0.38 3.70
N THR A 42 -2.73 -0.11 4.29
CA THR A 42 -3.70 0.74 4.97
C THR A 42 -3.54 0.60 6.47
N THR A 43 -2.99 -0.51 6.89
CA THR A 43 -2.77 -0.77 8.30
C THR A 43 -1.29 -0.69 8.63
N TYR A 44 -0.97 -0.76 9.92
CA TYR A 44 0.41 -0.70 10.35
C TYR A 44 1.17 -1.93 9.86
N ASN A 45 0.60 -3.10 10.07
CA ASN A 45 1.22 -4.34 9.62
C ASN A 45 0.38 -4.95 8.51
N PHE A 46 0.94 -4.99 7.30
CA PHE A 46 0.23 -5.52 6.13
C PHE A 46 0.06 -7.05 6.21
N GLU A 47 1.02 -7.72 6.83
CA GLU A 47 1.01 -9.16 6.95
C GLU A 47 -0.23 -9.70 7.67
N LYS A 48 -0.52 -9.16 8.83
CA LYS A 48 -1.65 -9.62 9.64
C LYS A 48 -3.01 -9.16 9.12
N ASP A 49 -3.08 -7.97 8.53
CA ASP A 49 -4.36 -7.43 8.06
C ASP A 49 -4.58 -7.68 6.58
N GLY A 50 -3.72 -7.12 5.74
CA GLY A 50 -3.86 -7.35 4.31
C GLY A 50 -4.59 -6.26 3.57
N LYS A 51 -4.85 -5.13 4.21
CA LYS A 51 -5.53 -4.03 3.54
C LYS A 51 -4.53 -3.22 2.73
N TYR A 52 -4.73 -3.19 1.41
CA TYR A 52 -3.82 -2.49 0.52
C TYR A 52 -4.56 -1.88 -0.67
N GLY A 53 -3.86 -1.02 -1.37
CA GLY A 53 -4.39 -0.39 -2.55
C GLY A 53 -3.30 0.18 -3.41
N PHE A 54 -3.58 0.37 -4.69
CA PHE A 54 -2.59 0.88 -5.62
C PHE A 54 -2.72 2.39 -5.75
N CYS A 55 -1.60 3.07 -5.94
CA CYS A 55 -1.60 4.52 -6.10
C CYS A 55 -1.35 4.86 -7.56
N PRO A 56 -2.27 5.62 -8.19
CA PRO A 56 -2.15 6.02 -9.59
C PRO A 56 -1.08 7.08 -9.83
N HIS A 57 0.17 6.70 -9.64
CA HIS A 57 1.29 7.61 -9.85
C HIS A 57 2.01 7.26 -11.14
N GLU A 58 2.36 5.98 -11.28
CA GLU A 58 3.06 5.49 -12.46
C GLU A 58 2.17 5.58 -13.70
N ALA A 59 0.90 5.26 -13.53
CA ALA A 59 -0.07 5.31 -14.62
C ALA A 59 -1.48 5.49 -14.09
N ARG A 1 -8.38 12.43 1.55
CA ARG A 1 -7.08 12.24 0.86
C ARG A 1 -7.26 11.48 -0.46
N ILE A 2 -7.98 10.36 -0.39
CA ILE A 2 -8.23 9.47 -1.55
C ILE A 2 -6.97 9.25 -2.42
N PRO A 3 -5.86 8.81 -1.80
CA PRO A 3 -4.60 8.56 -2.50
C PRO A 3 -4.47 7.09 -2.89
N VAL A 4 -5.59 6.40 -2.86
CA VAL A 4 -5.62 4.97 -3.20
C VAL A 4 -6.59 4.74 -4.35
N LYS A 5 -6.19 3.91 -5.30
CA LYS A 5 -7.03 3.59 -6.44
C LYS A 5 -8.05 2.53 -6.03
N TYR A 6 -7.66 1.26 -6.16
CA TYR A 6 -8.54 0.17 -5.78
C TYR A 6 -7.79 -0.93 -5.02
N GLY A 7 -8.45 -2.07 -4.89
CA GLY A 7 -7.90 -3.18 -4.15
C GLY A 7 -8.88 -3.63 -3.10
N ASN A 8 -8.40 -4.03 -1.95
CA ASN A 8 -9.28 -4.48 -0.88
C ASN A 8 -9.29 -3.49 0.29
N ALA A 9 -8.62 -2.36 0.11
CA ALA A 9 -8.54 -1.31 1.14
C ALA A 9 -9.93 -0.77 1.47
N ASP A 10 -10.09 -0.28 2.69
CA ASP A 10 -11.38 0.24 3.16
C ASP A 10 -11.62 1.68 2.71
N GLY A 11 -10.96 2.09 1.63
CA GLY A 11 -11.14 3.43 1.10
C GLY A 11 -10.43 4.50 1.90
N GLU A 12 -9.41 4.10 2.66
CA GLU A 12 -8.66 5.05 3.47
C GLU A 12 -7.46 5.60 2.69
N TYR A 13 -6.58 6.29 3.39
CA TYR A 13 -5.40 6.89 2.80
C TYR A 13 -4.17 5.98 2.97
N CYS A 14 -3.12 6.24 2.19
CA CYS A 14 -1.89 5.47 2.29
C CYS A 14 -1.19 5.84 3.59
N LYS A 15 -1.03 4.85 4.47
CA LYS A 15 -0.39 5.08 5.77
C LYS A 15 1.12 5.04 5.63
N PHE A 16 1.75 6.20 5.81
CA PHE A 16 3.19 6.31 5.69
C PHE A 16 3.82 6.69 7.03
N PRO A 17 4.81 5.90 7.50
CA PRO A 17 5.28 4.71 6.79
C PRO A 17 4.46 3.47 7.15
N PHE A 18 4.35 2.54 6.22
CA PHE A 18 3.60 1.30 6.49
C PHE A 18 4.55 0.14 6.68
N LEU A 19 4.12 -0.84 7.47
CA LEU A 19 4.95 -1.99 7.77
C LEU A 19 4.76 -3.14 6.79
N PHE A 20 5.84 -3.48 6.10
CA PHE A 20 5.86 -4.58 5.15
C PHE A 20 7.05 -5.47 5.44
N ASN A 21 6.81 -6.69 5.92
CA ASN A 21 7.90 -7.62 6.24
C ASN A 21 8.91 -7.04 7.22
N GLY A 22 8.46 -6.14 8.08
CA GLY A 22 9.35 -5.53 9.05
C GLY A 22 10.03 -4.28 8.52
N LYS A 23 9.64 -3.83 7.34
CA LYS A 23 10.22 -2.64 6.74
C LYS A 23 9.14 -1.57 6.58
N GLU A 24 9.47 -0.34 6.91
CA GLU A 24 8.51 0.76 6.82
C GLU A 24 8.74 1.58 5.55
N TYR A 25 7.68 1.77 4.77
CA TYR A 25 7.77 2.54 3.52
C TYR A 25 6.98 3.84 3.61
N ASN A 26 7.59 4.93 3.18
CA ASN A 26 6.93 6.24 3.19
C ASN A 26 6.36 6.58 1.83
N SER A 27 6.17 5.55 1.01
CA SER A 27 5.61 5.72 -0.33
C SER A 27 5.21 4.36 -0.89
N CYS A 28 4.54 4.35 -2.04
CA CYS A 28 4.12 3.09 -2.67
C CYS A 28 5.33 2.36 -3.25
N THR A 29 5.41 1.06 -2.99
CA THR A 29 6.51 0.25 -3.46
C THR A 29 5.99 -0.87 -4.36
N ASP A 30 6.85 -1.44 -5.19
CA ASP A 30 6.45 -2.54 -6.05
C ASP A 30 6.93 -3.85 -5.45
N THR A 31 7.37 -3.79 -4.20
CA THR A 31 7.85 -4.97 -3.49
C THR A 31 6.72 -5.97 -3.30
N GLY A 32 7.02 -7.24 -3.48
CA GLY A 32 6.00 -8.26 -3.33
C GLY A 32 5.20 -8.46 -4.60
N ARG A 33 5.27 -7.47 -5.49
CA ARG A 33 4.56 -7.52 -6.76
C ARG A 33 5.46 -8.13 -7.83
N SER A 34 4.87 -8.66 -8.88
CA SER A 34 5.65 -9.27 -9.95
C SER A 34 5.59 -8.44 -11.23
N ASP A 35 4.68 -7.46 -11.28
CA ASP A 35 4.53 -6.64 -12.45
C ASP A 35 5.03 -5.21 -12.25
N GLY A 36 5.78 -5.00 -11.17
CA GLY A 36 6.33 -3.69 -10.89
C GLY A 36 5.27 -2.62 -10.66
N PHE A 37 4.29 -2.93 -9.83
CA PHE A 37 3.24 -1.96 -9.51
C PHE A 37 3.35 -1.50 -8.07
N LEU A 38 3.36 -0.19 -7.88
CA LEU A 38 3.51 0.40 -6.56
C LEU A 38 2.19 0.37 -5.77
N TRP A 39 2.29 -0.05 -4.51
CA TRP A 39 1.15 -0.15 -3.62
C TRP A 39 1.50 0.30 -2.22
N CYS A 40 0.49 0.38 -1.35
CA CYS A 40 0.68 0.78 0.04
C CYS A 40 -0.35 0.05 0.90
N SER A 41 -0.06 -0.13 2.19
CA SER A 41 -1.04 -0.77 3.04
C SER A 41 -1.86 0.30 3.72
N THR A 42 -3.07 -0.04 4.11
CA THR A 42 -3.95 0.91 4.74
C THR A 42 -3.97 0.71 6.25
N THR A 43 -3.56 -0.48 6.67
CA THR A 43 -3.55 -0.85 8.06
C THR A 43 -2.14 -0.85 8.65
N TYR A 44 -2.03 -1.44 9.85
CA TYR A 44 -0.78 -1.51 10.59
C TYR A 44 0.25 -2.36 9.85
N ASN A 45 -0.01 -3.66 9.75
CA ASN A 45 0.90 -4.57 9.08
C ASN A 45 0.17 -5.27 7.94
N PHE A 46 0.74 -5.21 6.75
CA PHE A 46 0.14 -5.84 5.57
C PHE A 46 -0.05 -7.35 5.76
N GLU A 47 0.90 -7.98 6.44
CA GLU A 47 0.88 -9.41 6.66
C GLU A 47 -0.32 -9.88 7.50
N LYS A 48 -0.53 -9.24 8.65
CA LYS A 48 -1.63 -9.66 9.53
C LYS A 48 -2.98 -9.10 9.11
N ASP A 49 -2.99 -7.90 8.52
CA ASP A 49 -4.25 -7.29 8.12
C ASP A 49 -4.61 -7.67 6.68
N GLY A 50 -3.76 -7.31 5.73
CA GLY A 50 -4.00 -7.66 4.35
C GLY A 50 -4.62 -6.55 3.53
N LYS A 51 -4.80 -5.37 4.11
CA LYS A 51 -5.38 -4.24 3.38
C LYS A 51 -4.34 -3.53 2.53
N TYR A 52 -4.64 -3.35 1.25
CA TYR A 52 -3.72 -2.69 0.35
C TYR A 52 -4.45 -1.92 -0.75
N GLY A 53 -3.71 -1.07 -1.41
CA GLY A 53 -4.23 -0.29 -2.50
C GLY A 53 -3.10 0.29 -3.31
N PHE A 54 -3.37 0.68 -4.55
CA PHE A 54 -2.31 1.20 -5.39
C PHE A 54 -2.34 2.71 -5.46
N CYS A 55 -1.17 3.32 -5.58
CA CYS A 55 -1.08 4.76 -5.70
C CYS A 55 -1.60 5.17 -7.08
N PRO A 56 -2.08 6.42 -7.24
CA PRO A 56 -2.61 6.90 -8.52
C PRO A 56 -1.58 6.83 -9.65
N HIS A 57 -1.57 5.73 -10.38
CA HIS A 57 -0.66 5.53 -11.50
C HIS A 57 -1.43 5.61 -12.81
N GLU A 58 -0.96 4.89 -13.82
CA GLU A 58 -1.64 4.88 -15.11
C GLU A 58 -2.76 3.85 -15.12
N ALA A 59 -3.10 3.33 -16.29
CA ALA A 59 -4.16 2.35 -16.42
C ALA A 59 -3.60 0.93 -16.41
N ARG A 1 -2.78 13.83 -0.20
CA ARG A 1 -2.93 12.44 0.28
C ARG A 1 -3.93 11.69 -0.58
N ILE A 2 -3.43 10.76 -1.39
CA ILE A 2 -4.28 9.98 -2.29
C ILE A 2 -5.25 9.08 -1.53
N PRO A 3 -6.44 8.86 -2.14
CA PRO A 3 -7.50 8.05 -1.56
C PRO A 3 -7.43 6.57 -1.91
N VAL A 4 -6.33 6.15 -2.56
CA VAL A 4 -6.14 4.76 -2.96
C VAL A 4 -7.03 4.40 -4.16
N LYS A 5 -6.53 3.50 -5.00
CA LYS A 5 -7.26 3.10 -6.19
C LYS A 5 -8.09 1.84 -5.95
N TYR A 6 -7.59 0.71 -6.42
CA TYR A 6 -8.31 -0.55 -6.29
C TYR A 6 -7.74 -1.42 -5.17
N GLY A 7 -8.44 -2.51 -4.86
CA GLY A 7 -8.01 -3.40 -3.81
C GLY A 7 -9.09 -3.64 -2.79
N ASN A 8 -8.68 -3.91 -1.55
CA ASN A 8 -9.64 -4.17 -0.47
C ASN A 8 -9.45 -3.19 0.68
N ALA A 9 -8.94 -2.00 0.35
CA ALA A 9 -8.68 -0.95 1.34
C ALA A 9 -9.86 0.01 1.50
N ASP A 10 -10.93 -0.22 0.73
CA ASP A 10 -12.15 0.59 0.78
C ASP A 10 -11.89 2.05 0.39
N GLY A 11 -11.71 2.90 1.39
CA GLY A 11 -11.50 4.31 1.12
C GLY A 11 -10.49 4.97 2.03
N GLU A 12 -9.60 4.18 2.63
CA GLU A 12 -8.57 4.71 3.50
C GLU A 12 -7.43 5.29 2.67
N TYR A 13 -6.48 5.92 3.33
CA TYR A 13 -5.34 6.49 2.64
C TYR A 13 -4.11 5.58 2.78
N CYS A 14 -3.06 5.87 2.03
CA CYS A 14 -1.85 5.08 2.12
C CYS A 14 -1.23 5.28 3.49
N LYS A 15 -0.98 4.19 4.21
CA LYS A 15 -0.42 4.29 5.55
C LYS A 15 1.08 4.43 5.48
N PHE A 16 1.56 5.60 5.90
CA PHE A 16 2.99 5.89 5.89
C PHE A 16 3.45 6.21 7.31
N PRO A 17 4.38 5.42 7.85
CA PRO A 17 4.97 4.27 7.19
C PRO A 17 4.23 2.98 7.49
N PHE A 18 4.27 2.04 6.56
CA PHE A 18 3.62 0.76 6.76
C PHE A 18 4.66 -0.35 6.84
N LEU A 19 4.42 -1.32 7.72
CA LEU A 19 5.35 -2.42 7.95
C LEU A 19 5.16 -3.54 6.93
N PHE A 20 6.18 -3.76 6.11
CA PHE A 20 6.15 -4.80 5.09
C PHE A 20 7.35 -5.71 5.29
N ASN A 21 7.11 -6.88 5.86
CA ASN A 21 8.17 -7.87 6.12
C ASN A 21 9.31 -7.30 6.97
N GLY A 22 9.03 -6.25 7.74
CA GLY A 22 10.05 -5.67 8.59
C GLY A 22 10.53 -4.31 8.13
N LYS A 23 10.11 -3.90 6.94
CA LYS A 23 10.52 -2.60 6.41
C LYS A 23 9.34 -1.63 6.43
N GLU A 24 9.61 -0.42 6.86
CA GLU A 24 8.59 0.62 6.93
C GLU A 24 8.72 1.56 5.75
N TYR A 25 7.73 1.55 4.86
CA TYR A 25 7.77 2.39 3.68
C TYR A 25 7.12 3.73 3.94
N ASN A 26 7.83 4.79 3.59
CA ASN A 26 7.31 6.15 3.74
C ASN A 26 6.66 6.58 2.44
N SER A 27 6.61 5.64 1.51
CA SER A 27 6.03 5.87 0.20
C SER A 27 5.49 4.55 -0.35
N CYS A 28 4.96 4.57 -1.55
CA CYS A 28 4.45 3.35 -2.17
C CYS A 28 5.60 2.54 -2.73
N THR A 29 5.49 1.22 -2.74
CA THR A 29 6.55 0.38 -3.24
C THR A 29 6.00 -0.64 -4.23
N ASP A 30 6.90 -1.31 -4.95
CA ASP A 30 6.50 -2.30 -5.93
C ASP A 30 6.83 -3.69 -5.41
N THR A 31 7.43 -3.70 -4.23
CA THR A 31 7.83 -4.93 -3.55
C THR A 31 6.64 -5.86 -3.34
N GLY A 32 6.87 -7.15 -3.49
CA GLY A 32 5.79 -8.10 -3.34
C GLY A 32 5.07 -8.32 -4.66
N ARG A 33 4.88 -7.25 -5.39
CA ARG A 33 4.23 -7.29 -6.69
C ARG A 33 5.24 -7.75 -7.74
N SER A 34 4.83 -8.59 -8.65
CA SER A 34 5.71 -9.07 -9.70
C SER A 34 5.69 -8.11 -10.90
N ASP A 35 4.62 -7.33 -11.01
CA ASP A 35 4.47 -6.39 -12.11
C ASP A 35 5.17 -5.07 -11.83
N GLY A 36 5.79 -4.96 -10.68
CA GLY A 36 6.47 -3.74 -10.30
C GLY A 36 5.50 -2.58 -10.17
N PHE A 37 4.27 -2.89 -9.76
CA PHE A 37 3.24 -1.87 -9.62
C PHE A 37 3.36 -1.21 -8.24
N LEU A 38 3.13 0.09 -8.21
CA LEU A 38 3.23 0.87 -6.99
C LEU A 38 1.98 0.70 -6.12
N TRP A 39 2.15 0.17 -4.91
CA TRP A 39 1.03 -0.02 -4.00
C TRP A 39 1.37 0.47 -2.59
N CYS A 40 0.39 0.46 -1.72
CA CYS A 40 0.58 0.89 -0.34
C CYS A 40 -0.36 0.13 0.60
N SER A 41 0.01 0.03 1.86
CA SER A 41 -0.82 -0.66 2.83
C SER A 41 -1.81 0.31 3.47
N THR A 42 -2.81 -0.23 4.12
CA THR A 42 -3.83 0.57 4.78
C THR A 42 -3.57 0.63 6.28
N THR A 43 -3.11 -0.49 6.82
CA THR A 43 -2.83 -0.59 8.24
C THR A 43 -1.34 -0.52 8.49
N TYR A 44 -0.95 -0.51 9.76
CA TYR A 44 0.45 -0.44 10.13
C TYR A 44 1.18 -1.73 9.76
N ASN A 45 0.45 -2.85 9.73
CA ASN A 45 1.04 -4.14 9.38
C ASN A 45 0.24 -4.76 8.24
N PHE A 46 0.81 -4.73 7.04
CA PHE A 46 0.13 -5.27 5.86
C PHE A 46 -0.18 -6.77 5.98
N GLU A 47 0.82 -7.55 6.35
CA GLU A 47 0.66 -9.01 6.45
C GLU A 47 -0.49 -9.42 7.37
N LYS A 48 -0.55 -8.80 8.55
CA LYS A 48 -1.58 -9.15 9.54
C LYS A 48 -3.00 -8.81 9.08
N ASP A 49 -3.21 -7.61 8.57
CA ASP A 49 -4.54 -7.19 8.13
C ASP A 49 -4.80 -7.61 6.68
N GLY A 50 -3.97 -7.15 5.76
CA GLY A 50 -4.12 -7.53 4.36
C GLY A 50 -4.79 -6.49 3.51
N LYS A 51 -5.11 -5.34 4.09
CA LYS A 51 -5.76 -4.27 3.34
C LYS A 51 -4.75 -3.47 2.54
N TYR A 52 -4.88 -3.52 1.22
CA TYR A 52 -3.97 -2.81 0.35
C TYR A 52 -4.72 -2.09 -0.76
N GLY A 53 -3.97 -1.28 -1.50
CA GLY A 53 -4.52 -0.57 -2.62
C GLY A 53 -3.42 -0.01 -3.49
N PHE A 54 -3.74 0.30 -4.72
CA PHE A 54 -2.75 0.82 -5.64
C PHE A 54 -2.70 2.34 -5.57
N CYS A 55 -1.50 2.89 -5.75
CA CYS A 55 -1.33 4.33 -5.66
C CYS A 55 -1.56 5.03 -7.00
N PRO A 56 -0.83 4.67 -8.09
CA PRO A 56 -0.99 5.32 -9.38
C PRO A 56 -1.88 4.54 -10.36
N HIS A 57 -2.23 5.21 -11.45
CA HIS A 57 -3.04 4.62 -12.51
C HIS A 57 -2.41 5.00 -13.85
N GLU A 58 -1.08 4.99 -13.87
CA GLU A 58 -0.33 5.38 -15.05
C GLU A 58 0.93 4.52 -15.21
N ALA A 59 0.85 3.27 -14.78
CA ALA A 59 1.98 2.36 -14.88
C ALA A 59 1.54 1.03 -15.47
N ARG A 1 -5.04 13.78 1.41
CA ARG A 1 -4.35 12.46 1.42
C ARG A 1 -5.36 11.32 1.42
N ILE A 2 -5.30 10.49 0.39
CA ILE A 2 -6.19 9.35 0.24
C ILE A 2 -5.71 8.39 -0.87
N PRO A 3 -5.34 8.90 -2.08
CA PRO A 3 -4.86 8.17 -3.26
C PRO A 3 -4.64 6.65 -3.20
N VAL A 4 -5.69 5.92 -2.86
CA VAL A 4 -5.68 4.47 -2.86
C VAL A 4 -6.81 4.04 -3.79
N LYS A 5 -6.56 3.07 -4.65
CA LYS A 5 -7.60 2.67 -5.59
C LYS A 5 -8.02 1.21 -5.42
N TYR A 6 -7.40 0.32 -6.20
CA TYR A 6 -7.76 -1.09 -6.21
C TYR A 6 -7.29 -1.83 -4.97
N GLY A 7 -8.17 -2.67 -4.44
CA GLY A 7 -7.90 -3.46 -3.27
C GLY A 7 -8.93 -3.25 -2.18
N ASN A 8 -8.91 -4.14 -1.22
CA ASN A 8 -9.87 -4.14 -0.09
C ASN A 8 -9.89 -2.84 0.73
N ALA A 9 -8.92 -1.96 0.51
CA ALA A 9 -8.87 -0.68 1.21
C ALA A 9 -9.92 0.27 0.63
N ASP A 10 -10.23 0.06 -0.65
CA ASP A 10 -11.22 0.85 -1.39
C ASP A 10 -10.79 2.31 -1.56
N GLY A 11 -11.06 3.14 -0.57
CA GLY A 11 -10.72 4.53 -0.68
C GLY A 11 -10.05 5.09 0.56
N GLU A 12 -9.34 4.25 1.31
CA GLU A 12 -8.65 4.72 2.51
C GLU A 12 -7.36 5.42 2.09
N TYR A 13 -6.58 5.88 3.05
CA TYR A 13 -5.33 6.55 2.76
C TYR A 13 -4.15 5.62 2.99
N CYS A 14 -3.06 5.85 2.26
CA CYS A 14 -1.87 5.03 2.40
C CYS A 14 -1.25 5.23 3.78
N LYS A 15 -0.92 4.14 4.46
CA LYS A 15 -0.32 4.21 5.78
C LYS A 15 1.18 4.41 5.64
N PHE A 16 1.65 5.62 5.92
CA PHE A 16 3.06 5.93 5.81
C PHE A 16 3.63 6.35 7.16
N PRO A 17 4.61 5.60 7.67
CA PRO A 17 5.17 4.42 7.01
C PRO A 17 4.43 3.14 7.38
N PHE A 18 4.42 2.16 6.49
CA PHE A 18 3.76 0.89 6.78
C PHE A 18 4.80 -0.22 6.89
N LEU A 19 4.44 -1.28 7.61
CA LEU A 19 5.36 -2.40 7.80
C LEU A 19 5.10 -3.53 6.82
N PHE A 20 6.09 -3.78 5.97
CA PHE A 20 6.01 -4.85 4.99
C PHE A 20 7.03 -5.92 5.34
N ASN A 21 6.56 -6.97 6.03
CA ASN A 21 7.41 -8.08 6.45
C ASN A 21 8.62 -7.64 7.28
N GLY A 22 8.59 -6.43 7.82
CA GLY A 22 9.70 -5.96 8.63
C GLY A 22 10.36 -4.70 8.10
N LYS A 23 9.88 -4.19 6.98
CA LYS A 23 10.44 -2.98 6.40
C LYS A 23 9.38 -1.89 6.33
N GLU A 24 9.76 -0.68 6.68
CA GLU A 24 8.82 0.44 6.66
C GLU A 24 9.00 1.31 5.43
N TYR A 25 7.90 1.54 4.72
CA TYR A 25 7.91 2.35 3.52
C TYR A 25 7.22 3.68 3.74
N ASN A 26 7.87 4.76 3.32
CA ASN A 26 7.31 6.11 3.48
C ASN A 26 6.51 6.48 2.25
N SER A 27 6.50 5.59 1.27
CA SER A 27 5.79 5.81 0.03
C SER A 27 5.33 4.48 -0.55
N CYS A 28 4.77 4.52 -1.75
CA CYS A 28 4.29 3.32 -2.41
C CYS A 28 5.48 2.52 -2.95
N THR A 29 5.50 1.22 -2.71
CA THR A 29 6.58 0.37 -3.19
C THR A 29 6.03 -0.67 -4.16
N ASP A 30 6.91 -1.24 -5.00
CA ASP A 30 6.48 -2.26 -5.95
C ASP A 30 6.88 -3.63 -5.43
N THR A 31 7.45 -3.64 -4.22
CA THR A 31 7.91 -4.87 -3.58
C THR A 31 6.77 -5.85 -3.39
N GLY A 32 7.02 -7.13 -3.63
CA GLY A 32 5.99 -8.13 -3.49
C GLY A 32 5.19 -8.27 -4.78
N ARG A 33 5.23 -7.20 -5.57
CA ARG A 33 4.53 -7.16 -6.86
C ARG A 33 5.53 -7.50 -7.97
N SER A 34 5.02 -7.77 -9.16
CA SER A 34 5.88 -8.10 -10.29
C SER A 34 5.53 -7.22 -11.50
N ASP A 35 4.45 -6.46 -11.38
CA ASP A 35 3.99 -5.60 -12.45
C ASP A 35 4.54 -4.19 -12.31
N GLY A 36 5.37 -3.99 -11.30
CA GLY A 36 5.93 -2.68 -11.05
C GLY A 36 4.89 -1.68 -10.61
N PHE A 37 3.81 -2.17 -10.01
CA PHE A 37 2.73 -1.30 -9.56
C PHE A 37 2.94 -0.87 -8.12
N LEU A 38 2.64 0.40 -7.86
CA LEU A 38 2.79 0.96 -6.54
C LEU A 38 1.61 0.61 -5.64
N TRP A 39 1.90 0.09 -4.46
CA TRP A 39 0.85 -0.26 -3.50
C TRP A 39 1.25 0.20 -2.11
N CYS A 40 0.32 0.10 -1.18
CA CYS A 40 0.56 0.50 0.19
C CYS A 40 -0.44 -0.20 1.11
N SER A 41 -0.12 -0.28 2.39
CA SER A 41 -1.03 -0.90 3.33
C SER A 41 -1.87 0.17 4.01
N THR A 42 -2.95 -0.24 4.63
CA THR A 42 -3.84 0.68 5.31
C THR A 42 -3.83 0.45 6.81
N THR A 43 -3.49 -0.76 7.20
CA THR A 43 -3.45 -1.13 8.60
C THR A 43 -2.02 -1.19 9.14
N TYR A 44 -1.11 -0.46 8.48
CA TYR A 44 0.31 -0.42 8.87
C TYR A 44 0.97 -1.77 8.59
N ASN A 45 0.69 -2.76 9.43
CA ASN A 45 1.25 -4.09 9.26
C ASN A 45 0.42 -4.86 8.24
N PHE A 46 1.00 -5.10 7.06
CA PHE A 46 0.30 -5.81 5.99
C PHE A 46 0.03 -7.27 6.39
N GLU A 47 0.96 -7.85 7.12
CA GLU A 47 0.84 -9.23 7.58
C GLU A 47 -0.32 -9.39 8.55
N LYS A 48 -0.48 -8.39 9.41
CA LYS A 48 -1.54 -8.40 10.44
C LYS A 48 -2.95 -8.45 9.84
N ASP A 49 -3.37 -7.36 9.20
CA ASP A 49 -4.71 -7.28 8.62
C ASP A 49 -4.74 -7.73 7.16
N GLY A 50 -3.90 -7.11 6.34
CA GLY A 50 -3.86 -7.47 4.94
C GLY A 50 -4.55 -6.46 4.05
N LYS A 51 -4.82 -5.27 4.58
CA LYS A 51 -5.45 -4.22 3.80
C LYS A 51 -4.43 -3.54 2.90
N TYR A 52 -4.72 -3.52 1.61
CA TYR A 52 -3.82 -2.93 0.64
C TYR A 52 -4.61 -2.21 -0.45
N GLY A 53 -3.90 -1.36 -1.17
CA GLY A 53 -4.51 -0.62 -2.25
C GLY A 53 -3.46 -0.08 -3.17
N PHE A 54 -3.79 0.03 -4.44
CA PHE A 54 -2.84 0.51 -5.41
C PHE A 54 -2.91 2.01 -5.57
N CYS A 55 -1.75 2.64 -5.57
CA CYS A 55 -1.65 4.08 -5.72
C CYS A 55 -1.05 4.41 -7.10
N PRO A 56 -1.90 4.58 -8.12
CA PRO A 56 -1.46 4.87 -9.48
C PRO A 56 -1.19 6.36 -9.72
N HIS A 57 -1.09 7.10 -8.61
CA HIS A 57 -0.83 8.55 -8.61
C HIS A 57 -1.50 9.28 -9.78
N GLU A 58 -0.76 10.17 -10.42
CA GLU A 58 -1.28 10.94 -11.53
C GLU A 58 -0.78 10.40 -12.88
N ALA A 59 -1.64 10.47 -13.88
CA ALA A 59 -1.31 10.02 -15.22
C ALA A 59 -1.69 11.08 -16.23
N ARG A 1 1.07 11.16 -1.65
CA ARG A 1 0.07 10.32 -0.94
C ARG A 1 -1.22 10.25 -1.75
N ILE A 2 -1.95 9.16 -1.58
CA ILE A 2 -3.19 8.95 -2.30
C ILE A 2 -4.17 8.18 -1.41
N PRO A 3 -5.48 8.49 -1.50
CA PRO A 3 -6.51 7.82 -0.68
C PRO A 3 -6.74 6.36 -1.06
N VAL A 4 -5.85 5.83 -1.90
CA VAL A 4 -5.92 4.44 -2.38
C VAL A 4 -7.02 4.31 -3.42
N LYS A 5 -6.81 3.44 -4.40
CA LYS A 5 -7.80 3.27 -5.45
C LYS A 5 -8.39 1.87 -5.46
N TYR A 6 -7.79 0.98 -6.24
CA TYR A 6 -8.28 -0.38 -6.38
C TYR A 6 -7.69 -1.31 -5.33
N GLY A 7 -8.50 -2.28 -4.91
CA GLY A 7 -8.09 -3.26 -3.92
C GLY A 7 -9.12 -3.39 -2.81
N ASN A 8 -8.91 -4.39 -1.97
CA ASN A 8 -9.82 -4.69 -0.85
C ASN A 8 -10.04 -3.53 0.13
N ALA A 9 -9.25 -2.46 0.01
CA ALA A 9 -9.39 -1.29 0.88
C ALA A 9 -10.63 -0.48 0.53
N ASP A 10 -10.88 0.57 1.28
CA ASP A 10 -12.03 1.44 1.04
C ASP A 10 -11.56 2.78 0.46
N GLY A 11 -11.36 3.75 1.34
CA GLY A 11 -10.93 5.05 0.88
C GLY A 11 -9.98 5.74 1.86
N GLU A 12 -9.25 4.95 2.66
CA GLU A 12 -8.31 5.51 3.60
C GLU A 12 -6.96 5.65 2.91
N TYR A 13 -6.32 6.80 3.04
CA TYR A 13 -5.03 7.01 2.39
C TYR A 13 -3.97 6.07 2.92
N CYS A 14 -2.92 5.89 2.13
CA CYS A 14 -1.81 5.02 2.48
C CYS A 14 -1.28 5.31 3.87
N LYS A 15 -0.92 4.26 4.59
CA LYS A 15 -0.38 4.38 5.93
C LYS A 15 1.13 4.56 5.83
N PHE A 16 1.60 5.76 6.13
CA PHE A 16 3.02 6.06 6.05
C PHE A 16 3.59 6.43 7.41
N PRO A 17 4.58 5.66 7.88
CA PRO A 17 5.12 4.52 7.15
C PRO A 17 4.42 3.21 7.50
N PHE A 18 4.37 2.28 6.57
CA PHE A 18 3.74 0.99 6.83
C PHE A 18 4.80 -0.08 7.00
N LEU A 19 4.41 -1.19 7.63
CA LEU A 19 5.35 -2.28 7.89
C LEU A 19 5.24 -3.39 6.85
N PHE A 20 6.34 -3.62 6.15
CA PHE A 20 6.40 -4.68 5.14
C PHE A 20 7.69 -5.47 5.34
N ASN A 21 7.57 -6.68 5.83
CA ASN A 21 8.73 -7.55 6.08
C ASN A 21 9.72 -6.88 7.02
N GLY A 22 9.21 -6.09 7.96
CA GLY A 22 10.07 -5.42 8.92
C GLY A 22 10.64 -4.11 8.40
N LYS A 23 10.17 -3.66 7.25
CA LYS A 23 10.65 -2.41 6.67
C LYS A 23 9.52 -1.41 6.56
N GLU A 24 9.76 -0.18 7.00
CA GLU A 24 8.75 0.87 6.96
C GLU A 24 8.86 1.69 5.67
N TYR A 25 7.74 1.85 4.99
CA TYR A 25 7.73 2.62 3.74
C TYR A 25 6.91 3.89 3.88
N ASN A 26 7.47 5.02 3.45
CA ASN A 26 6.76 6.29 3.49
C ASN A 26 6.29 6.64 2.09
N SER A 27 6.32 5.63 1.23
CA SER A 27 5.90 5.77 -0.16
C SER A 27 5.37 4.44 -0.66
N CYS A 28 4.77 4.45 -1.85
CA CYS A 28 4.24 3.21 -2.42
C CYS A 28 5.38 2.45 -3.12
N THR A 29 5.52 1.19 -2.78
CA THR A 29 6.57 0.36 -3.35
C THR A 29 6.00 -0.74 -4.24
N ASP A 30 6.85 -1.36 -5.04
CA ASP A 30 6.43 -2.45 -5.92
C ASP A 30 6.92 -3.77 -5.35
N THR A 31 7.45 -3.69 -4.13
CA THR A 31 7.97 -4.86 -3.43
C THR A 31 6.85 -5.86 -3.18
N GLY A 32 7.13 -7.13 -3.44
CA GLY A 32 6.14 -8.15 -3.23
C GLY A 32 5.29 -8.39 -4.46
N ARG A 33 5.25 -7.39 -5.34
CA ARG A 33 4.48 -7.49 -6.58
C ARG A 33 5.34 -8.04 -7.70
N SER A 34 4.72 -8.68 -8.67
CA SER A 34 5.44 -9.24 -9.81
C SER A 34 5.46 -8.25 -10.96
N ASP A 35 4.41 -7.45 -11.09
CA ASP A 35 4.29 -6.50 -12.18
C ASP A 35 4.88 -5.12 -11.86
N GLY A 36 5.58 -5.01 -10.75
CA GLY A 36 6.20 -3.75 -10.38
C GLY A 36 5.19 -2.63 -10.20
N PHE A 37 4.10 -2.90 -9.50
CA PHE A 37 3.08 -1.87 -9.25
C PHE A 37 3.29 -1.26 -7.88
N LEU A 38 3.17 0.05 -7.80
CA LEU A 38 3.35 0.77 -6.54
C LEU A 38 2.09 0.62 -5.71
N TRP A 39 2.23 0.07 -4.51
CA TRP A 39 1.09 -0.14 -3.63
C TRP A 39 1.42 0.31 -2.21
N CYS A 40 0.42 0.29 -1.35
CA CYS A 40 0.56 0.67 0.03
C CYS A 40 -0.48 -0.07 0.86
N SER A 41 -0.30 -0.10 2.17
CA SER A 41 -1.27 -0.78 3.02
C SER A 41 -2.15 0.25 3.71
N THR A 42 -3.29 -0.20 4.21
CA THR A 42 -4.22 0.70 4.86
C THR A 42 -4.38 0.33 6.34
N THR A 43 -3.52 -0.54 6.81
CA THR A 43 -3.57 -1.00 8.19
C THR A 43 -2.18 -1.11 8.80
N TYR A 44 -1.20 -0.43 8.20
CA TYR A 44 0.20 -0.45 8.64
C TYR A 44 0.84 -1.83 8.36
N ASN A 45 0.46 -2.84 9.13
CA ASN A 45 1.00 -4.18 8.94
C ASN A 45 0.15 -4.90 7.90
N PHE A 46 0.73 -5.14 6.72
CA PHE A 46 0.01 -5.80 5.63
C PHE A 46 -0.08 -7.31 5.81
N GLU A 47 0.89 -7.89 6.51
CA GLU A 47 0.93 -9.34 6.71
C GLU A 47 -0.30 -9.89 7.42
N LYS A 48 -0.60 -9.36 8.61
CA LYS A 48 -1.73 -9.86 9.39
C LYS A 48 -3.09 -9.29 8.96
N ASP A 49 -3.11 -8.06 8.45
CA ASP A 49 -4.38 -7.44 8.05
C ASP A 49 -4.72 -7.78 6.60
N GLY A 50 -3.79 -7.51 5.68
CA GLY A 50 -4.03 -7.82 4.28
C GLY A 50 -4.69 -6.70 3.50
N LYS A 51 -4.77 -5.51 4.10
CA LYS A 51 -5.38 -4.37 3.43
C LYS A 51 -4.36 -3.70 2.51
N TYR A 52 -4.74 -3.50 1.25
CA TYR A 52 -3.85 -2.88 0.30
C TYR A 52 -4.64 -2.12 -0.77
N GLY A 53 -3.88 -1.51 -1.65
CA GLY A 53 -4.46 -0.76 -2.73
C GLY A 53 -3.35 -0.24 -3.62
N PHE A 54 -3.69 0.22 -4.80
CA PHE A 54 -2.68 0.71 -5.72
C PHE A 54 -2.60 2.23 -5.69
N CYS A 55 -1.41 2.75 -5.99
CA CYS A 55 -1.16 4.19 -5.99
C CYS A 55 -0.83 4.70 -7.38
N PRO A 56 -1.84 4.83 -8.27
CA PRO A 56 -1.63 5.33 -9.62
C PRO A 56 -1.78 6.85 -9.69
N HIS A 57 -1.48 7.44 -10.83
CA HIS A 57 -1.61 8.88 -10.99
C HIS A 57 -2.79 9.17 -11.91
N GLU A 58 -3.91 9.56 -11.31
CA GLU A 58 -5.13 9.87 -12.03
C GLU A 58 -4.90 10.91 -13.11
N ALA A 59 -5.36 10.57 -14.32
CA ALA A 59 -5.26 11.44 -15.47
C ALA A 59 -6.53 11.36 -16.31
N ARG A 1 -5.14 14.96 0.17
CA ARG A 1 -4.71 13.54 0.18
C ARG A 1 -5.30 12.78 -1.00
N ILE A 2 -4.43 12.08 -1.73
CA ILE A 2 -4.87 11.30 -2.87
C ILE A 2 -5.64 10.06 -2.41
N PRO A 3 -6.50 9.52 -3.30
CA PRO A 3 -7.32 8.37 -3.01
C PRO A 3 -6.66 7.03 -3.35
N VAL A 4 -6.98 6.01 -2.56
CA VAL A 4 -6.47 4.66 -2.80
C VAL A 4 -7.23 4.07 -3.96
N LYS A 5 -6.57 3.26 -4.76
CA LYS A 5 -7.17 2.69 -5.95
C LYS A 5 -7.66 1.26 -5.76
N TYR A 6 -7.26 0.43 -6.70
CA TYR A 6 -7.65 -0.97 -6.74
C TYR A 6 -7.11 -1.76 -5.55
N GLY A 7 -7.82 -2.82 -5.19
CA GLY A 7 -7.45 -3.65 -4.08
C GLY A 7 -8.64 -3.95 -3.20
N ASN A 8 -8.40 -4.17 -1.91
CA ASN A 8 -9.50 -4.47 -0.99
C ASN A 8 -9.76 -3.32 -0.02
N ALA A 9 -9.18 -2.16 -0.33
CA ALA A 9 -9.37 -0.97 0.50
C ALA A 9 -10.49 -0.10 -0.07
N ASP A 10 -11.17 0.65 0.80
CA ASP A 10 -12.27 1.52 0.38
C ASP A 10 -11.72 2.83 -0.15
N GLY A 11 -11.25 3.67 0.76
CA GLY A 11 -10.71 4.95 0.38
C GLY A 11 -9.79 5.53 1.44
N GLU A 12 -9.34 4.70 2.38
CA GLU A 12 -8.45 5.14 3.44
C GLU A 12 -7.06 5.42 2.90
N TYR A 13 -6.54 6.61 3.19
CA TYR A 13 -5.25 7.04 2.74
C TYR A 13 -4.12 6.08 3.14
N CYS A 14 -3.12 5.96 2.26
CA CYS A 14 -1.97 5.09 2.49
C CYS A 14 -1.33 5.32 3.86
N LYS A 15 -0.78 4.26 4.43
CA LYS A 15 -0.13 4.33 5.73
C LYS A 15 1.35 4.67 5.54
N PHE A 16 1.74 5.86 5.98
CA PHE A 16 3.13 6.30 5.85
C PHE A 16 3.71 6.62 7.22
N PRO A 17 4.63 5.80 7.73
CA PRO A 17 5.11 4.61 7.03
C PRO A 17 4.35 3.34 7.40
N PHE A 18 4.33 2.38 6.49
CA PHE A 18 3.67 1.11 6.75
C PHE A 18 4.70 0.01 6.88
N LEU A 19 4.33 -1.08 7.54
CA LEU A 19 5.26 -2.18 7.75
C LEU A 19 5.00 -3.33 6.78
N PHE A 20 5.99 -3.61 5.96
CA PHE A 20 5.91 -4.69 4.98
C PHE A 20 6.99 -5.72 5.26
N ASN A 21 6.59 -6.85 5.85
CA ASN A 21 7.52 -7.94 6.16
C ASN A 21 8.72 -7.48 7.01
N GLY A 22 8.57 -6.37 7.72
CA GLY A 22 9.65 -5.88 8.56
C GLY A 22 10.35 -4.66 8.00
N LYS A 23 9.84 -4.13 6.89
CA LYS A 23 10.44 -2.95 6.27
C LYS A 23 9.41 -1.83 6.21
N GLU A 24 9.79 -0.63 6.64
CA GLU A 24 8.89 0.52 6.64
C GLU A 24 9.04 1.34 5.36
N TYR A 25 7.91 1.71 4.77
CA TYR A 25 7.91 2.49 3.55
C TYR A 25 7.25 3.85 3.75
N ASN A 26 7.88 4.89 3.25
CA ASN A 26 7.33 6.24 3.37
C ASN A 26 6.56 6.61 2.12
N SER A 27 6.50 5.68 1.18
CA SER A 27 5.79 5.90 -0.07
C SER A 27 5.29 4.58 -0.64
N CYS A 28 4.73 4.63 -1.84
CA CYS A 28 4.23 3.44 -2.50
C CYS A 28 5.39 2.60 -3.03
N THR A 29 5.31 1.29 -2.90
CA THR A 29 6.37 0.42 -3.37
C THR A 29 5.82 -0.67 -4.30
N ASP A 30 6.72 -1.30 -5.06
CA ASP A 30 6.32 -2.37 -5.97
C ASP A 30 6.77 -3.71 -5.41
N THR A 31 7.32 -3.66 -4.21
CA THR A 31 7.81 -4.86 -3.54
C THR A 31 6.64 -5.78 -3.22
N GLY A 32 6.89 -7.08 -3.20
CA GLY A 32 5.82 -8.02 -2.94
C GLY A 32 5.10 -8.38 -4.22
N ARG A 33 5.06 -7.42 -5.13
CA ARG A 33 4.44 -7.61 -6.42
C ARG A 33 5.49 -8.10 -7.41
N SER A 34 5.09 -8.39 -8.63
CA SER A 34 6.05 -8.87 -9.61
C SER A 34 6.09 -7.99 -10.86
N ASP A 35 4.97 -7.36 -11.20
CA ASP A 35 4.92 -6.51 -12.38
C ASP A 35 5.20 -5.05 -12.08
N GLY A 36 5.71 -4.79 -10.89
CA GLY A 36 6.07 -3.45 -10.49
C GLY A 36 4.90 -2.50 -10.34
N PHE A 37 3.93 -2.84 -9.51
CA PHE A 37 2.80 -1.95 -9.27
C PHE A 37 2.94 -1.28 -7.91
N LEU A 38 2.74 0.02 -7.86
CA LEU A 38 2.88 0.76 -6.61
C LEU A 38 1.66 0.58 -5.71
N TRP A 39 1.90 0.09 -4.51
CA TRP A 39 0.82 -0.13 -3.55
C TRP A 39 1.21 0.40 -2.18
N CYS A 40 0.24 0.40 -1.28
CA CYS A 40 0.42 0.85 0.09
C CYS A 40 -0.62 0.16 0.96
N SER A 41 -0.37 0.02 2.25
CA SER A 41 -1.34 -0.63 3.12
C SER A 41 -2.09 0.43 3.91
N THR A 42 -3.24 0.04 4.46
CA THR A 42 -4.05 0.96 5.23
C THR A 42 -3.74 0.83 6.72
N THR A 43 -3.38 -0.39 7.12
CA THR A 43 -3.07 -0.67 8.50
C THR A 43 -1.57 -0.62 8.78
N TYR A 44 -1.20 -1.12 9.95
CA TYR A 44 0.19 -1.14 10.39
C TYR A 44 1.01 -2.14 9.59
N ASN A 45 0.70 -3.42 9.75
CA ASN A 45 1.44 -4.47 9.08
C ASN A 45 0.55 -5.22 8.10
N PHE A 46 0.85 -5.09 6.81
CA PHE A 46 0.09 -5.77 5.75
C PHE A 46 0.12 -7.29 5.90
N GLU A 47 1.22 -7.79 6.46
CA GLU A 47 1.42 -9.23 6.68
C GLU A 47 0.25 -9.89 7.42
N LYS A 48 -0.26 -9.23 8.45
CA LYS A 48 -1.35 -9.79 9.24
C LYS A 48 -2.72 -9.22 8.87
N ASP A 49 -2.78 -7.94 8.54
CA ASP A 49 -4.06 -7.29 8.22
C ASP A 49 -4.51 -7.60 6.80
N GLY A 50 -3.62 -7.39 5.84
CA GLY A 50 -3.96 -7.66 4.45
C GLY A 50 -4.70 -6.53 3.75
N LYS A 51 -4.84 -5.38 4.43
CA LYS A 51 -5.53 -4.23 3.83
C LYS A 51 -4.55 -3.41 3.01
N TYR A 52 -4.82 -3.26 1.72
CA TYR A 52 -3.95 -2.52 0.84
C TYR A 52 -4.71 -1.95 -0.34
N GLY A 53 -4.00 -1.17 -1.13
CA GLY A 53 -4.55 -0.57 -2.32
C GLY A 53 -3.46 0.03 -3.16
N PHE A 54 -3.74 0.28 -4.42
CA PHE A 54 -2.75 0.84 -5.31
C PHE A 54 -2.82 2.36 -5.30
N CYS A 55 -1.71 3.00 -5.58
CA CYS A 55 -1.67 4.46 -5.60
C CYS A 55 -2.05 5.00 -6.98
N PRO A 56 -1.35 4.58 -8.05
CA PRO A 56 -1.66 5.03 -9.40
C PRO A 56 -2.60 4.04 -10.10
N HIS A 57 -2.77 4.19 -11.41
CA HIS A 57 -3.63 3.29 -12.17
C HIS A 57 -2.79 2.25 -12.89
N GLU A 58 -3.40 1.53 -13.82
CA GLU A 58 -2.68 0.50 -14.57
C GLU A 58 -1.81 1.13 -15.65
N ALA A 59 -0.52 1.27 -15.33
CA ALA A 59 0.45 1.86 -16.25
C ALA A 59 1.87 1.56 -15.77
N ARG A 1 -8.18 13.76 1.41
CA ARG A 1 -7.39 12.57 0.98
C ARG A 1 -8.32 11.37 0.81
N ILE A 2 -8.64 11.02 -0.42
CA ILE A 2 -9.53 9.88 -0.69
C ILE A 2 -9.10 9.11 -1.96
N PRO A 3 -7.85 8.61 -1.98
CA PRO A 3 -7.26 7.92 -3.12
C PRO A 3 -7.38 6.39 -3.03
N VAL A 4 -6.28 5.72 -3.37
CA VAL A 4 -6.18 4.25 -3.39
C VAL A 4 -7.10 3.66 -4.45
N LYS A 5 -6.50 2.86 -5.33
CA LYS A 5 -7.24 2.23 -6.41
C LYS A 5 -7.70 0.82 -6.08
N TYR A 6 -7.21 -0.14 -6.85
CA TYR A 6 -7.59 -1.55 -6.70
C TYR A 6 -7.06 -2.15 -5.40
N GLY A 7 -7.73 -3.22 -4.96
CA GLY A 7 -7.38 -3.91 -3.74
C GLY A 7 -8.56 -4.00 -2.80
N ASN A 8 -8.30 -4.16 -1.53
CA ASN A 8 -9.38 -4.26 -0.54
C ASN A 8 -9.46 -3.04 0.37
N ALA A 9 -8.64 -2.02 0.08
CA ALA A 9 -8.65 -0.79 0.85
C ALA A 9 -9.64 0.19 0.21
N ASP A 10 -10.88 0.18 0.69
CA ASP A 10 -11.90 1.05 0.11
C ASP A 10 -11.95 2.41 0.79
N GLY A 11 -11.49 3.43 0.09
CA GLY A 11 -11.53 4.79 0.61
C GLY A 11 -10.40 5.14 1.56
N GLU A 12 -9.83 4.16 2.24
CA GLU A 12 -8.76 4.44 3.18
C GLU A 12 -7.44 4.71 2.46
N TYR A 13 -6.97 5.93 2.62
CA TYR A 13 -5.74 6.43 2.03
C TYR A 13 -4.50 5.67 2.54
N CYS A 14 -3.34 5.92 1.92
CA CYS A 14 -2.11 5.25 2.32
C CYS A 14 -1.64 5.73 3.68
N LYS A 15 -1.15 4.80 4.50
CA LYS A 15 -0.66 5.14 5.82
C LYS A 15 0.87 5.02 5.86
N PHE A 16 1.54 6.16 5.89
CA PHE A 16 3.01 6.19 5.91
C PHE A 16 3.53 6.58 7.28
N PRO A 17 4.50 5.81 7.82
CA PRO A 17 5.07 4.64 7.15
C PRO A 17 4.31 3.35 7.47
N PHE A 18 4.50 2.35 6.63
CA PHE A 18 3.84 1.07 6.83
C PHE A 18 4.86 -0.05 6.96
N LEU A 19 4.47 -1.16 7.56
CA LEU A 19 5.36 -2.28 7.76
C LEU A 19 5.06 -3.41 6.80
N PHE A 20 5.95 -3.63 5.84
CA PHE A 20 5.80 -4.70 4.88
C PHE A 20 6.68 -5.87 5.28
N ASN A 21 6.08 -6.79 6.01
CA ASN A 21 6.75 -8.00 6.49
C ASN A 21 8.15 -7.74 7.07
N GLY A 22 8.32 -6.60 7.73
CA GLY A 22 9.60 -6.29 8.34
C GLY A 22 10.29 -5.07 7.78
N LYS A 23 9.82 -4.55 6.66
CA LYS A 23 10.44 -3.37 6.05
C LYS A 23 9.47 -2.20 6.08
N GLU A 24 9.94 -1.03 6.52
CA GLU A 24 9.09 0.15 6.61
C GLU A 24 9.22 1.03 5.35
N TYR A 25 8.09 1.50 4.84
CA TYR A 25 8.09 2.33 3.64
C TYR A 25 7.43 3.68 3.91
N ASN A 26 8.09 4.74 3.49
CA ASN A 26 7.57 6.10 3.66
C ASN A 26 6.85 6.54 2.39
N SER A 27 6.63 5.58 1.50
CA SER A 27 5.98 5.80 0.23
C SER A 27 5.51 4.47 -0.35
N CYS A 28 4.91 4.52 -1.52
CA CYS A 28 4.43 3.30 -2.16
C CYS A 28 5.59 2.53 -2.80
N THR A 29 5.53 1.20 -2.76
CA THR A 29 6.58 0.36 -3.31
C THR A 29 6.00 -0.68 -4.25
N ASP A 30 6.85 -1.27 -5.10
CA ASP A 30 6.39 -2.30 -6.01
C ASP A 30 6.83 -3.66 -5.50
N THR A 31 7.42 -3.65 -4.31
CA THR A 31 7.91 -4.85 -3.68
C THR A 31 6.79 -5.87 -3.52
N GLY A 32 7.07 -7.12 -3.87
CA GLY A 32 6.07 -8.15 -3.77
C GLY A 32 5.23 -8.22 -5.03
N ARG A 33 5.21 -7.12 -5.77
CA ARG A 33 4.45 -7.01 -7.01
C ARG A 33 5.37 -7.19 -8.20
N SER A 34 5.11 -8.20 -9.01
CA SER A 34 5.92 -8.46 -10.19
C SER A 34 5.47 -7.57 -11.35
N ASP A 35 4.31 -6.92 -11.19
CA ASP A 35 3.78 -6.05 -12.23
C ASP A 35 4.36 -4.65 -12.15
N GLY A 36 5.20 -4.44 -11.16
CA GLY A 36 5.80 -3.13 -10.96
C GLY A 36 4.79 -2.11 -10.48
N PHE A 37 3.70 -2.59 -9.89
CA PHE A 37 2.65 -1.72 -9.38
C PHE A 37 2.99 -1.24 -7.98
N LEU A 38 3.01 0.07 -7.79
CA LEU A 38 3.30 0.63 -6.48
C LEU A 38 2.06 0.55 -5.62
N TRP A 39 2.22 0.04 -4.41
CA TRP A 39 1.09 -0.10 -3.50
C TRP A 39 1.45 0.39 -2.11
N CYS A 40 0.43 0.46 -1.27
CA CYS A 40 0.58 0.88 0.11
C CYS A 40 -0.45 0.13 0.94
N SER A 41 -0.24 0.00 2.22
CA SER A 41 -1.20 -0.69 3.06
C SER A 41 -2.14 0.32 3.73
N THR A 42 -3.09 -0.19 4.49
CA THR A 42 -4.05 0.68 5.17
C THR A 42 -3.74 0.74 6.65
N THR A 43 -3.39 -0.41 7.22
CA THR A 43 -3.07 -0.50 8.63
C THR A 43 -1.58 -0.28 8.85
N TYR A 44 -1.04 -0.82 9.93
CA TYR A 44 0.39 -0.68 10.21
C TYR A 44 1.15 -1.86 9.64
N ASN A 45 0.77 -3.07 10.05
CA ASN A 45 1.42 -4.28 9.57
C ASN A 45 0.59 -4.88 8.43
N PHE A 46 1.15 -4.88 7.23
CA PHE A 46 0.46 -5.40 6.05
C PHE A 46 0.01 -6.85 6.23
N GLU A 47 0.91 -7.72 6.67
CA GLU A 47 0.60 -9.13 6.85
C GLU A 47 -0.56 -9.34 7.82
N LYS A 48 -0.47 -8.68 8.96
CA LYS A 48 -1.47 -8.78 10.03
C LYS A 48 -2.91 -8.57 9.52
N ASP A 49 -3.18 -7.43 8.91
CA ASP A 49 -4.53 -7.13 8.42
C ASP A 49 -4.75 -7.57 6.98
N GLY A 50 -3.84 -7.20 6.09
CA GLY A 50 -3.97 -7.57 4.69
C GLY A 50 -4.65 -6.49 3.86
N LYS A 51 -4.77 -5.29 4.43
CA LYS A 51 -5.40 -4.18 3.74
C LYS A 51 -4.38 -3.41 2.93
N TYR A 52 -4.60 -3.34 1.62
CA TYR A 52 -3.68 -2.64 0.73
C TYR A 52 -4.42 -2.07 -0.47
N GLY A 53 -3.73 -1.23 -1.21
CA GLY A 53 -4.29 -0.63 -2.40
C GLY A 53 -3.21 0.06 -3.21
N PHE A 54 -3.45 0.26 -4.50
CA PHE A 54 -2.47 0.91 -5.35
C PHE A 54 -2.62 2.42 -5.24
N CYS A 55 -1.51 3.14 -5.20
CA CYS A 55 -1.56 4.58 -5.02
C CYS A 55 -1.08 5.43 -6.22
N PRO A 56 0.18 5.26 -6.70
CA PRO A 56 0.72 6.10 -7.81
C PRO A 56 0.09 5.81 -9.17
N HIS A 57 -1.19 6.14 -9.30
CA HIS A 57 -1.94 5.97 -10.53
C HIS A 57 -2.74 7.25 -10.75
N GLU A 58 -3.83 7.36 -10.00
CA GLU A 58 -4.70 8.50 -10.03
C GLU A 58 -5.46 8.56 -8.70
N ALA A 59 -5.87 9.76 -8.29
CA ALA A 59 -6.59 9.92 -7.04
C ALA A 59 -8.09 9.82 -7.26
N ARG A 1 -4.04 13.24 1.05
CA ARG A 1 -3.80 11.80 1.35
C ARG A 1 -4.97 10.94 0.87
N ILE A 2 -4.91 10.53 -0.39
CA ILE A 2 -5.93 9.69 -0.98
C ILE A 2 -5.36 8.97 -2.22
N PRO A 3 -4.22 8.28 -2.07
CA PRO A 3 -3.54 7.60 -3.17
C PRO A 3 -3.91 6.12 -3.28
N VAL A 4 -5.17 5.79 -3.05
CA VAL A 4 -5.59 4.40 -3.15
C VAL A 4 -6.70 4.27 -4.17
N LYS A 5 -6.57 3.32 -5.09
CA LYS A 5 -7.58 3.12 -6.13
C LYS A 5 -8.05 1.68 -6.16
N TYR A 6 -7.18 0.77 -6.59
CA TYR A 6 -7.53 -0.64 -6.71
C TYR A 6 -7.23 -1.41 -5.43
N GLY A 7 -7.74 -2.63 -5.36
CA GLY A 7 -7.57 -3.46 -4.19
C GLY A 7 -8.85 -3.55 -3.42
N ASN A 8 -8.77 -3.84 -2.13
CA ASN A 8 -10.00 -3.94 -1.32
C ASN A 8 -10.28 -2.63 -0.59
N ALA A 9 -9.28 -1.76 -0.55
CA ALA A 9 -9.41 -0.44 0.07
C ALA A 9 -10.05 0.52 -0.93
N ASP A 10 -11.03 1.30 -0.48
CA ASP A 10 -11.69 2.25 -1.36
C ASP A 10 -11.79 3.63 -0.71
N GLY A 11 -11.80 3.64 0.61
CA GLY A 11 -11.86 4.88 1.35
C GLY A 11 -10.66 5.06 2.22
N GLU A 12 -9.96 3.95 2.46
CA GLU A 12 -8.76 3.94 3.28
C GLU A 12 -7.62 4.64 2.55
N TYR A 13 -6.83 5.40 3.30
CA TYR A 13 -5.69 6.11 2.73
C TYR A 13 -4.41 5.35 3.03
N CYS A 14 -3.33 5.68 2.34
CA CYS A 14 -2.07 5.00 2.53
C CYS A 14 -1.48 5.25 3.91
N LYS A 15 -0.90 4.20 4.49
CA LYS A 15 -0.26 4.30 5.79
C LYS A 15 1.22 4.58 5.61
N PHE A 16 1.62 5.80 5.88
CA PHE A 16 3.01 6.20 5.72
C PHE A 16 3.62 6.58 7.07
N PRO A 17 4.54 5.75 7.60
CA PRO A 17 4.99 4.52 6.96
C PRO A 17 4.20 3.28 7.37
N PHE A 18 4.40 2.20 6.64
CA PHE A 18 3.74 0.94 6.94
C PHE A 18 4.78 -0.19 7.01
N LEU A 19 4.45 -1.24 7.74
CA LEU A 19 5.38 -2.36 7.94
C LEU A 19 5.18 -3.48 6.91
N PHE A 20 6.23 -3.77 6.14
CA PHE A 20 6.19 -4.84 5.15
C PHE A 20 7.43 -5.72 5.33
N ASN A 21 7.24 -6.91 5.87
CA ASN A 21 8.35 -7.85 6.09
C ASN A 21 9.47 -7.24 6.96
N GLY A 22 9.11 -6.25 7.77
CA GLY A 22 10.09 -5.61 8.62
C GLY A 22 10.62 -4.30 8.06
N LYS A 23 10.17 -3.93 6.87
CA LYS A 23 10.62 -2.68 6.27
C LYS A 23 9.47 -1.67 6.26
N GLU A 24 9.75 -0.46 6.71
CA GLU A 24 8.73 0.58 6.75
C GLU A 24 8.82 1.48 5.52
N TYR A 25 7.74 1.54 4.76
CA TYR A 25 7.70 2.36 3.55
C TYR A 25 6.98 3.65 3.81
N ASN A 26 7.65 4.75 3.50
CA ASN A 26 7.08 6.07 3.69
C ASN A 26 6.39 6.52 2.41
N SER A 27 6.27 5.59 1.47
CA SER A 27 5.65 5.83 0.18
C SER A 27 5.13 4.51 -0.39
N CYS A 28 4.65 4.56 -1.63
CA CYS A 28 4.14 3.35 -2.28
C CYS A 28 5.30 2.55 -2.87
N THR A 29 5.29 1.25 -2.65
CA THR A 29 6.35 0.39 -3.16
C THR A 29 5.79 -0.64 -4.12
N ASP A 30 6.67 -1.26 -4.90
CA ASP A 30 6.27 -2.29 -5.85
C ASP A 30 6.76 -3.64 -5.37
N THR A 31 7.27 -3.65 -4.14
CA THR A 31 7.81 -4.86 -3.54
C THR A 31 6.69 -5.88 -3.33
N GLY A 32 6.98 -7.15 -3.58
CA GLY A 32 5.98 -8.17 -3.43
C GLY A 32 5.15 -8.32 -4.68
N ARG A 33 5.21 -7.33 -5.55
CA ARG A 33 4.47 -7.34 -6.81
C ARG A 33 5.38 -7.80 -7.94
N SER A 34 4.83 -8.60 -8.84
CA SER A 34 5.60 -9.12 -9.97
C SER A 34 5.57 -8.15 -11.16
N ASP A 35 4.55 -7.30 -11.22
CA ASP A 35 4.43 -6.36 -12.34
C ASP A 35 4.80 -4.93 -11.95
N GLY A 36 5.52 -4.77 -10.84
CA GLY A 36 5.94 -3.46 -10.41
C GLY A 36 4.81 -2.48 -10.19
N PHE A 37 3.80 -2.88 -9.43
CA PHE A 37 2.68 -2.00 -9.14
C PHE A 37 2.86 -1.33 -7.79
N LEU A 38 2.68 -0.02 -7.76
CA LEU A 38 2.84 0.73 -6.52
C LEU A 38 1.62 0.56 -5.63
N TRP A 39 1.84 0.04 -4.43
CA TRP A 39 0.76 -0.17 -3.49
C TRP A 39 1.13 0.36 -2.12
N CYS A 40 0.16 0.42 -1.23
CA CYS A 40 0.36 0.90 0.11
C CYS A 40 -0.58 0.19 1.07
N SER A 41 -0.12 -0.06 2.29
CA SER A 41 -0.95 -0.73 3.28
C SER A 41 -1.83 0.29 3.98
N THR A 42 -2.86 -0.20 4.64
CA THR A 42 -3.78 0.65 5.37
C THR A 42 -3.38 0.69 6.83
N THR A 43 -3.03 -0.47 7.35
CA THR A 43 -2.62 -0.61 8.74
C THR A 43 -1.10 -0.60 8.83
N TYR A 44 -0.56 -0.88 10.01
CA TYR A 44 0.88 -0.92 10.19
C TYR A 44 1.42 -2.22 9.62
N ASN A 45 1.13 -3.34 10.28
CA ASN A 45 1.59 -4.64 9.81
C ASN A 45 0.68 -5.10 8.67
N PHE A 46 1.19 -5.01 7.44
CA PHE A 46 0.42 -5.39 6.26
C PHE A 46 0.02 -6.87 6.26
N GLU A 47 0.99 -7.74 6.42
CA GLU A 47 0.75 -9.19 6.43
C GLU A 47 -0.34 -9.60 7.41
N LYS A 48 -0.24 -9.06 8.61
CA LYS A 48 -1.18 -9.38 9.68
C LYS A 48 -2.62 -8.93 9.37
N ASP A 49 -2.78 -7.74 8.79
CA ASP A 49 -4.11 -7.23 8.49
C ASP A 49 -4.57 -7.60 7.08
N GLY A 50 -3.79 -7.26 6.08
CA GLY A 50 -4.14 -7.60 4.70
C GLY A 50 -4.89 -6.53 3.95
N LYS A 51 -4.89 -5.30 4.46
CA LYS A 51 -5.56 -4.19 3.79
C LYS A 51 -4.56 -3.43 2.92
N TYR A 52 -4.89 -3.27 1.64
CA TYR A 52 -3.99 -2.61 0.71
C TYR A 52 -4.74 -1.95 -0.43
N GLY A 53 -3.99 -1.28 -1.28
CA GLY A 53 -4.54 -0.64 -2.44
C GLY A 53 -3.44 -0.08 -3.32
N PHE A 54 -3.72 0.11 -4.59
CA PHE A 54 -2.70 0.62 -5.49
C PHE A 54 -2.76 2.12 -5.63
N CYS A 55 -1.58 2.73 -5.71
CA CYS A 55 -1.45 4.16 -5.83
C CYS A 55 -1.47 4.58 -7.30
N PRO A 56 -1.86 5.84 -7.59
CA PRO A 56 -1.91 6.34 -8.96
C PRO A 56 -0.52 6.55 -9.54
N HIS A 57 -0.07 5.58 -10.35
CA HIS A 57 1.24 5.66 -10.96
C HIS A 57 1.14 6.38 -12.30
N GLU A 58 2.08 7.30 -12.53
CA GLU A 58 2.13 8.07 -13.77
C GLU A 58 2.62 7.21 -14.93
N ALA A 59 2.36 7.69 -16.15
CA ALA A 59 2.78 6.97 -17.35
C ALA A 59 3.99 7.62 -17.98
N ARG A 1 -0.96 13.95 -2.16
CA ARG A 1 -1.14 12.66 -1.45
C ARG A 1 -2.36 11.94 -2.01
N ILE A 2 -2.17 11.17 -3.09
CA ILE A 2 -3.28 10.45 -3.73
C ILE A 2 -3.84 9.36 -2.83
N PRO A 3 -5.13 9.03 -3.00
CA PRO A 3 -5.81 8.00 -2.20
C PRO A 3 -5.50 6.57 -2.66
N VAL A 4 -6.38 5.65 -2.27
CA VAL A 4 -6.24 4.24 -2.63
C VAL A 4 -7.28 3.88 -3.70
N LYS A 5 -6.91 3.02 -4.64
CA LYS A 5 -7.81 2.63 -5.71
C LYS A 5 -8.22 1.17 -5.66
N TYR A 6 -7.47 0.34 -6.38
CA TYR A 6 -7.77 -1.09 -6.48
C TYR A 6 -7.20 -1.88 -5.31
N GLY A 7 -7.70 -3.10 -5.14
CA GLY A 7 -7.29 -3.97 -4.07
C GLY A 7 -8.44 -4.30 -3.17
N ASN A 8 -8.15 -4.69 -1.93
CA ASN A 8 -9.23 -5.04 -0.99
C ASN A 8 -9.55 -3.88 -0.03
N ALA A 9 -9.05 -2.70 -0.36
CA ALA A 9 -9.30 -1.50 0.43
C ALA A 9 -10.42 -0.69 -0.22
N ASP A 10 -10.87 0.38 0.44
CA ASP A 10 -11.94 1.20 -0.12
C ASP A 10 -11.33 2.41 -0.85
N GLY A 11 -11.30 3.54 -0.16
CA GLY A 11 -10.75 4.74 -0.74
C GLY A 11 -9.99 5.55 0.29
N GLU A 12 -9.36 4.86 1.24
CA GLU A 12 -8.60 5.52 2.29
C GLU A 12 -7.25 5.99 1.75
N TYR A 13 -6.36 6.38 2.66
CA TYR A 13 -5.05 6.84 2.28
C TYR A 13 -3.99 5.82 2.67
N CYS A 14 -2.83 5.87 2.02
CA CYS A 14 -1.75 4.94 2.33
C CYS A 14 -1.14 5.31 3.66
N LYS A 15 -1.13 4.35 4.58
CA LYS A 15 -0.58 4.59 5.91
C LYS A 15 0.95 4.54 5.88
N PHE A 16 1.57 5.64 6.25
CA PHE A 16 3.03 5.71 6.26
C PHE A 16 3.55 6.03 7.66
N PRO A 17 4.55 5.27 8.12
CA PRO A 17 5.12 4.16 7.36
C PRO A 17 4.39 2.85 7.63
N PHE A 18 4.38 1.97 6.65
CA PHE A 18 3.73 0.68 6.83
C PHE A 18 4.79 -0.42 6.92
N LEU A 19 4.46 -1.49 7.63
CA LEU A 19 5.40 -2.59 7.84
C LEU A 19 5.23 -3.71 6.83
N PHE A 20 6.29 -3.97 6.07
CA PHE A 20 6.30 -5.05 5.09
C PHE A 20 7.50 -5.95 5.34
N ASN A 21 7.26 -7.11 5.94
CA ASN A 21 8.33 -8.07 6.25
C ASN A 21 9.42 -7.45 7.11
N GLY A 22 9.05 -6.50 7.96
CA GLY A 22 10.01 -5.86 8.83
C GLY A 22 10.60 -4.60 8.24
N LYS A 23 10.23 -4.26 7.02
CA LYS A 23 10.74 -3.07 6.38
C LYS A 23 9.65 -1.99 6.36
N GLU A 24 10.03 -0.76 6.68
CA GLU A 24 9.08 0.35 6.71
C GLU A 24 9.12 1.16 5.43
N TYR A 25 7.96 1.51 4.91
CA TYR A 25 7.84 2.29 3.69
C TYR A 25 7.06 3.57 3.93
N ASN A 26 7.65 4.69 3.56
CA ASN A 26 7.00 5.98 3.71
C ASN A 26 6.39 6.41 2.39
N SER A 27 6.32 5.44 1.47
CA SER A 27 5.75 5.66 0.15
C SER A 27 5.33 4.32 -0.44
N CYS A 28 4.77 4.33 -1.62
CA CYS A 28 4.34 3.09 -2.26
C CYS A 28 5.55 2.34 -2.81
N THR A 29 5.47 1.02 -2.76
CA THR A 29 6.54 0.18 -3.26
C THR A 29 5.97 -0.90 -4.17
N ASP A 30 6.80 -1.47 -5.03
CA ASP A 30 6.34 -2.53 -5.93
C ASP A 30 6.86 -3.87 -5.44
N THR A 31 7.39 -3.86 -4.21
CA THR A 31 7.92 -5.07 -3.57
C THR A 31 6.81 -6.09 -3.42
N GLY A 32 7.15 -7.37 -3.55
CA GLY A 32 6.15 -8.41 -3.44
C GLY A 32 5.55 -8.72 -4.79
N ARG A 33 4.86 -7.75 -5.36
CA ARG A 33 4.27 -7.89 -6.68
C ARG A 33 5.34 -7.70 -7.75
N SER A 34 4.97 -7.83 -9.01
CA SER A 34 5.95 -7.67 -10.10
C SER A 34 5.33 -7.01 -11.32
N ASP A 35 4.30 -6.18 -11.09
CA ASP A 35 3.64 -5.50 -12.19
C ASP A 35 4.10 -4.07 -12.36
N GLY A 36 5.05 -3.67 -11.54
CA GLY A 36 5.56 -2.32 -11.61
C GLY A 36 4.62 -1.30 -10.99
N PHE A 37 3.37 -1.70 -10.75
CA PHE A 37 2.38 -0.82 -10.16
C PHE A 37 2.67 -0.70 -8.66
N LEU A 38 2.67 0.52 -8.16
CA LEU A 38 2.98 0.76 -6.75
C LEU A 38 1.77 0.48 -5.86
N TRP A 39 2.01 -0.17 -4.73
CA TRP A 39 0.94 -0.45 -3.79
C TRP A 39 1.30 0.08 -2.41
N CYS A 40 0.33 0.10 -1.52
CA CYS A 40 0.54 0.60 -0.18
C CYS A 40 -0.42 -0.06 0.79
N SER A 41 -0.11 0.00 2.07
CA SER A 41 -0.97 -0.57 3.09
C SER A 41 -1.86 0.51 3.68
N THR A 42 -2.93 0.09 4.34
CA THR A 42 -3.86 1.00 4.96
C THR A 42 -3.64 0.98 6.47
N THR A 43 -2.93 -0.05 6.92
CA THR A 43 -2.62 -0.23 8.33
C THR A 43 -1.10 -0.31 8.52
N TYR A 44 -0.64 -0.25 9.76
CA TYR A 44 0.77 -0.35 10.03
C TYR A 44 1.19 -1.80 9.87
N ASN A 45 0.41 -2.70 10.45
CA ASN A 45 0.66 -4.12 10.35
C ASN A 45 -0.04 -4.64 9.10
N PHE A 46 0.73 -4.90 8.05
CA PHE A 46 0.16 -5.40 6.79
C PHE A 46 0.02 -6.93 6.83
N GLU A 47 0.88 -7.56 7.59
CA GLU A 47 0.88 -9.02 7.73
C GLU A 47 -0.46 -9.54 8.27
N LYS A 48 -0.89 -8.95 9.38
CA LYS A 48 -2.14 -9.36 10.03
C LYS A 48 -3.38 -8.79 9.36
N ASP A 49 -3.39 -7.48 9.12
CA ASP A 49 -4.55 -6.82 8.52
C ASP A 49 -4.69 -7.16 7.05
N GLY A 50 -3.65 -6.88 6.29
CA GLY A 50 -3.67 -7.18 4.86
C GLY A 50 -4.48 -6.21 4.04
N LYS A 51 -4.71 -5.00 4.55
CA LYS A 51 -5.46 -3.99 3.80
C LYS A 51 -4.52 -3.25 2.87
N TYR A 52 -4.67 -3.46 1.58
CA TYR A 52 -3.80 -2.80 0.61
C TYR A 52 -4.58 -2.26 -0.56
N GLY A 53 -3.90 -1.45 -1.34
CA GLY A 53 -4.48 -0.88 -2.51
C GLY A 53 -3.43 -0.21 -3.35
N PHE A 54 -3.78 0.13 -4.57
CA PHE A 54 -2.82 0.76 -5.47
C PHE A 54 -2.98 2.27 -5.38
N CYS A 55 -1.86 2.98 -5.34
CA CYS A 55 -1.90 4.44 -5.20
C CYS A 55 -1.74 5.21 -6.53
N PRO A 56 -0.92 4.75 -7.52
CA PRO A 56 -0.73 5.50 -8.76
C PRO A 56 -1.98 5.53 -9.64
N HIS A 57 -2.33 6.73 -10.07
CA HIS A 57 -3.49 6.93 -10.94
C HIS A 57 -3.01 7.44 -12.30
N GLU A 58 -2.28 8.54 -12.27
CA GLU A 58 -1.74 9.14 -13.47
C GLU A 58 -0.30 9.61 -13.22
N ALA A 59 0.56 8.67 -12.88
CA ALA A 59 1.95 8.97 -12.61
C ALA A 59 2.85 8.52 -13.75
N ARG A 1 -9.38 13.51 -2.04
CA ARG A 1 -8.41 12.62 -1.36
C ARG A 1 -7.88 11.56 -2.33
N ILE A 2 -8.70 10.51 -2.55
CA ILE A 2 -8.38 9.39 -3.45
C ILE A 2 -6.91 8.91 -3.35
N PRO A 3 -6.49 8.47 -2.16
CA PRO A 3 -5.11 8.02 -1.94
C PRO A 3 -4.90 6.57 -2.37
N VAL A 4 -5.96 5.78 -2.30
CA VAL A 4 -5.91 4.37 -2.68
C VAL A 4 -6.99 4.08 -3.73
N LYS A 5 -6.74 3.14 -4.64
CA LYS A 5 -7.73 2.84 -5.67
C LYS A 5 -8.07 1.34 -5.71
N TYR A 6 -7.27 0.57 -6.45
CA TYR A 6 -7.50 -0.86 -6.61
C TYR A 6 -7.06 -1.66 -5.38
N GLY A 7 -7.71 -2.80 -5.16
CA GLY A 7 -7.38 -3.66 -4.05
C GLY A 7 -8.60 -3.94 -3.18
N ASN A 8 -8.36 -4.31 -1.92
CA ASN A 8 -9.46 -4.62 -1.00
C ASN A 8 -9.71 -3.49 0.00
N ALA A 9 -9.16 -2.32 -0.31
CA ALA A 9 -9.34 -1.14 0.53
C ALA A 9 -10.50 -0.29 0.00
N ASP A 10 -10.86 0.76 0.73
CA ASP A 10 -11.96 1.62 0.30
C ASP A 10 -11.46 3.00 -0.11
N GLY A 11 -11.39 3.91 0.85
CA GLY A 11 -10.93 5.24 0.56
C GLY A 11 -10.04 5.82 1.64
N GLU A 12 -9.29 4.96 2.31
CA GLU A 12 -8.38 5.37 3.37
C GLU A 12 -7.03 5.72 2.78
N TYR A 13 -6.37 6.73 3.35
CA TYR A 13 -5.08 7.16 2.92
C TYR A 13 -4.04 6.08 3.15
N CYS A 14 -3.03 6.02 2.30
CA CYS A 14 -1.96 5.04 2.44
C CYS A 14 -1.32 5.17 3.82
N LYS A 15 -1.05 4.04 4.46
CA LYS A 15 -0.46 4.07 5.78
C LYS A 15 1.04 4.32 5.67
N PHE A 16 1.46 5.52 6.05
CA PHE A 16 2.86 5.89 5.95
C PHE A 16 3.42 6.23 7.33
N PRO A 17 4.43 5.46 7.78
CA PRO A 17 5.00 4.35 7.04
C PRO A 17 4.34 3.02 7.37
N PHE A 18 4.18 2.16 6.37
CA PHE A 18 3.59 0.84 6.61
C PHE A 18 4.68 -0.22 6.71
N LEU A 19 4.41 -1.23 7.52
CA LEU A 19 5.36 -2.31 7.74
C LEU A 19 5.17 -3.45 6.75
N PHE A 20 6.21 -3.70 5.96
CA PHE A 20 6.20 -4.78 4.98
C PHE A 20 7.38 -5.70 5.22
N ASN A 21 7.13 -6.90 5.75
CA ASN A 21 8.18 -7.89 6.03
C ASN A 21 9.25 -7.34 6.96
N GLY A 22 8.92 -6.28 7.70
CA GLY A 22 9.88 -5.71 8.62
C GLY A 22 10.44 -4.37 8.16
N LYS A 23 10.05 -3.93 6.97
CA LYS A 23 10.51 -2.66 6.44
C LYS A 23 9.36 -1.67 6.31
N GLU A 24 9.55 -0.46 6.81
CA GLU A 24 8.52 0.56 6.73
C GLU A 24 8.74 1.46 5.52
N TYR A 25 7.70 1.60 4.72
CA TYR A 25 7.76 2.42 3.51
C TYR A 25 7.03 3.75 3.71
N ASN A 26 7.66 4.83 3.26
CA ASN A 26 7.06 6.16 3.37
C ASN A 26 6.27 6.50 2.11
N SER A 27 6.23 5.56 1.18
CA SER A 27 5.53 5.75 -0.08
C SER A 27 5.09 4.40 -0.66
N CYS A 28 4.54 4.43 -1.86
CA CYS A 28 4.11 3.19 -2.52
C CYS A 28 5.32 2.45 -3.08
N THR A 29 5.40 1.16 -2.82
CA THR A 29 6.50 0.35 -3.32
C THR A 29 5.99 -0.73 -4.26
N ASP A 30 6.88 -1.29 -5.07
CA ASP A 30 6.49 -2.36 -6.00
C ASP A 30 6.90 -3.71 -5.45
N THR A 31 7.50 -3.68 -4.26
CA THR A 31 7.98 -4.88 -3.60
C THR A 31 6.86 -5.90 -3.43
N GLY A 32 7.16 -7.15 -3.69
CA GLY A 32 6.16 -8.18 -3.58
C GLY A 32 5.40 -8.38 -4.88
N ARG A 33 5.19 -7.27 -5.59
CA ARG A 33 4.49 -7.28 -6.87
C ARG A 33 5.45 -7.63 -8.01
N SER A 34 4.97 -8.35 -9.00
CA SER A 34 5.80 -8.73 -10.14
C SER A 34 5.61 -7.77 -11.32
N ASP A 35 4.52 -7.01 -11.28
CA ASP A 35 4.21 -6.09 -12.35
C ASP A 35 4.85 -4.72 -12.15
N GLY A 36 5.54 -4.57 -11.04
CA GLY A 36 6.18 -3.30 -10.75
C GLY A 36 5.16 -2.20 -10.47
N PHE A 37 4.10 -2.55 -9.75
CA PHE A 37 3.05 -1.57 -9.42
C PHE A 37 3.25 -1.07 -8.00
N LEU A 38 3.06 0.23 -7.82
CA LEU A 38 3.21 0.85 -6.51
C LEU A 38 1.97 0.63 -5.65
N TRP A 39 2.16 0.02 -4.50
CA TRP A 39 1.04 -0.23 -3.59
C TRP A 39 1.35 0.24 -2.18
N CYS A 40 0.34 0.23 -1.34
CA CYS A 40 0.47 0.64 0.06
C CYS A 40 -0.58 -0.08 0.87
N SER A 41 -0.39 -0.19 2.19
CA SER A 41 -1.38 -0.85 3.01
C SER A 41 -2.22 0.17 3.74
N THR A 42 -3.38 -0.24 4.24
CA THR A 42 -4.24 0.66 4.96
C THR A 42 -3.95 0.56 6.45
N THR A 43 -3.42 -0.58 6.85
CA THR A 43 -3.08 -0.83 8.24
C THR A 43 -1.57 -0.73 8.45
N TYR A 44 -1.15 -0.77 9.72
CA TYR A 44 0.27 -0.67 10.06
C TYR A 44 1.05 -1.85 9.49
N ASN A 45 0.58 -3.06 9.76
CA ASN A 45 1.23 -4.26 9.28
C ASN A 45 0.38 -4.90 8.19
N PHE A 46 0.94 -5.02 6.99
CA PHE A 46 0.21 -5.61 5.87
C PHE A 46 -0.09 -7.10 6.12
N GLU A 47 0.84 -7.80 6.75
CA GLU A 47 0.68 -9.22 7.04
C GLU A 47 -0.48 -9.48 8.00
N LYS A 48 -0.46 -8.75 9.11
CA LYS A 48 -1.46 -8.89 10.17
C LYS A 48 -2.90 -8.70 9.67
N ASP A 49 -3.21 -7.52 9.14
CA ASP A 49 -4.57 -7.26 8.68
C ASP A 49 -4.79 -7.71 7.24
N GLY A 50 -4.01 -7.16 6.31
CA GLY A 50 -4.13 -7.55 4.93
C GLY A 50 -4.79 -6.50 4.04
N LYS A 51 -4.99 -5.30 4.57
CA LYS A 51 -5.60 -4.23 3.80
C LYS A 51 -4.57 -3.54 2.92
N TYR A 52 -4.83 -3.47 1.61
CA TYR A 52 -3.88 -2.84 0.71
C TYR A 52 -4.60 -2.22 -0.47
N GLY A 53 -3.83 -1.48 -1.26
CA GLY A 53 -4.33 -0.85 -2.44
C GLY A 53 -3.20 -0.27 -3.25
N PHE A 54 -3.48 0.09 -4.50
CA PHE A 54 -2.43 0.63 -5.35
C PHE A 54 -2.50 2.15 -5.41
N CYS A 55 -1.33 2.77 -5.62
CA CYS A 55 -1.26 4.22 -5.74
C CYS A 55 -2.06 4.67 -6.96
N PRO A 56 -2.68 5.86 -6.93
CA PRO A 56 -3.51 6.36 -8.04
C PRO A 56 -2.73 6.78 -9.30
N HIS A 57 -1.69 6.04 -9.64
CA HIS A 57 -0.89 6.32 -10.82
C HIS A 57 -0.23 5.05 -11.36
N GLU A 58 -0.95 4.37 -12.25
CA GLU A 58 -0.46 3.14 -12.86
C GLU A 58 0.63 3.47 -13.89
N ALA A 59 0.40 4.53 -14.64
CA ALA A 59 1.35 4.99 -15.65
C ALA A 59 1.19 6.48 -15.87
N ARG A 1 -0.81 12.49 1.96
CA ARG A 1 -1.49 11.18 1.89
C ARG A 1 -2.19 11.03 0.53
N ILE A 2 -1.57 10.28 -0.38
CA ILE A 2 -2.13 10.10 -1.72
C ILE A 2 -3.27 9.09 -1.75
N PRO A 3 -4.14 9.24 -2.77
CA PRO A 3 -5.31 8.37 -3.01
C PRO A 3 -4.97 6.89 -3.22
N VAL A 4 -6.02 6.07 -3.31
CA VAL A 4 -5.88 4.64 -3.52
C VAL A 4 -6.70 4.23 -4.75
N LYS A 5 -6.22 3.23 -5.47
CA LYS A 5 -6.89 2.77 -6.67
C LYS A 5 -7.63 1.45 -6.46
N TYR A 6 -6.94 0.35 -6.76
CA TYR A 6 -7.51 -0.98 -6.65
C TYR A 6 -7.07 -1.67 -5.37
N GLY A 7 -7.75 -2.77 -5.04
CA GLY A 7 -7.44 -3.54 -3.85
C GLY A 7 -8.63 -3.74 -2.95
N ASN A 8 -8.36 -4.00 -1.68
CA ASN A 8 -9.42 -4.26 -0.70
C ASN A 8 -9.40 -3.25 0.44
N ALA A 9 -8.57 -2.20 0.32
CA ALA A 9 -8.46 -1.18 1.36
C ALA A 9 -9.82 -0.57 1.71
N ASP A 10 -10.03 -0.32 3.00
CA ASP A 10 -11.28 0.24 3.51
C ASP A 10 -11.71 1.49 2.77
N GLY A 11 -10.77 2.35 2.46
CA GLY A 11 -11.09 3.58 1.77
C GLY A 11 -10.18 4.71 2.18
N GLU A 12 -9.29 4.42 3.13
CA GLU A 12 -8.34 5.41 3.61
C GLU A 12 -7.17 5.50 2.64
N TYR A 13 -6.48 6.63 2.65
CA TYR A 13 -5.36 6.82 1.76
C TYR A 13 -4.12 6.12 2.30
N CYS A 14 -3.05 6.08 1.50
CA CYS A 14 -1.80 5.42 1.87
C CYS A 14 -1.28 5.90 3.21
N LYS A 15 -1.05 4.97 4.12
CA LYS A 15 -0.53 5.29 5.44
C LYS A 15 0.98 5.12 5.45
N PHE A 16 1.69 6.23 5.63
CA PHE A 16 3.14 6.20 5.67
C PHE A 16 3.63 6.59 7.07
N PRO A 17 4.54 5.78 7.65
CA PRO A 17 5.06 4.57 7.03
C PRO A 17 4.26 3.32 7.38
N PHE A 18 4.25 2.33 6.51
CA PHE A 18 3.54 1.09 6.77
C PHE A 18 4.54 -0.06 6.89
N LEU A 19 4.13 -1.14 7.55
CA LEU A 19 5.01 -2.28 7.75
C LEU A 19 4.79 -3.38 6.72
N PHE A 20 5.87 -3.73 6.02
CA PHE A 20 5.82 -4.78 5.02
C PHE A 20 6.94 -5.79 5.26
N ASN A 21 6.60 -6.94 5.81
CA ASN A 21 7.59 -7.98 6.09
C ASN A 21 8.72 -7.47 6.98
N GLY A 22 8.41 -6.52 7.85
CA GLY A 22 9.43 -5.98 8.75
C GLY A 22 10.15 -4.76 8.19
N LYS A 23 9.56 -4.12 7.18
CA LYS A 23 10.18 -2.94 6.59
C LYS A 23 9.13 -1.83 6.45
N GLU A 24 9.46 -0.64 6.93
CA GLU A 24 8.53 0.48 6.86
C GLU A 24 8.77 1.33 5.61
N TYR A 25 7.70 1.61 4.88
CA TYR A 25 7.79 2.40 3.67
C TYR A 25 7.07 3.73 3.82
N ASN A 26 7.74 4.80 3.45
CA ASN A 26 7.17 6.14 3.50
C ASN A 26 6.70 6.56 2.13
N SER A 27 6.55 5.57 1.26
CA SER A 27 6.12 5.77 -0.11
C SER A 27 5.57 4.46 -0.66
N CYS A 28 5.01 4.49 -1.86
CA CYS A 28 4.47 3.29 -2.47
C CYS A 28 5.59 2.44 -3.04
N THR A 29 5.55 1.14 -2.81
CA THR A 29 6.59 0.26 -3.31
C THR A 29 6.00 -0.81 -4.22
N ASP A 30 6.83 -1.39 -5.08
CA ASP A 30 6.37 -2.45 -5.98
C ASP A 30 6.85 -3.80 -5.44
N THR A 31 7.42 -3.75 -4.23
CA THR A 31 7.93 -4.94 -3.57
C THR A 31 6.79 -5.92 -3.30
N GLY A 32 7.05 -7.20 -3.50
CA GLY A 32 6.02 -8.19 -3.31
C GLY A 32 5.28 -8.44 -4.61
N ARG A 33 5.23 -7.39 -5.43
CA ARG A 33 4.59 -7.45 -6.73
C ARG A 33 5.64 -7.76 -7.79
N SER A 34 5.22 -8.00 -9.01
CA SER A 34 6.17 -8.31 -10.08
C SER A 34 5.83 -7.55 -11.36
N ASP A 35 4.78 -6.73 -11.30
CA ASP A 35 4.33 -5.97 -12.45
C ASP A 35 4.64 -4.48 -12.31
N GLY A 36 5.62 -4.16 -11.46
CA GLY A 36 5.97 -2.76 -11.27
C GLY A 36 4.81 -1.93 -10.73
N PHE A 37 3.90 -2.56 -10.01
CA PHE A 37 2.75 -1.86 -9.46
C PHE A 37 3.02 -1.43 -8.03
N LEU A 38 3.08 -0.12 -7.83
CA LEU A 38 3.34 0.44 -6.52
C LEU A 38 2.06 0.39 -5.69
N TRP A 39 2.21 -0.07 -4.45
CA TRP A 39 1.08 -0.19 -3.55
C TRP A 39 1.43 0.34 -2.17
N CYS A 40 0.43 0.39 -1.30
CA CYS A 40 0.61 0.87 0.05
C CYS A 40 -0.37 0.15 0.97
N SER A 41 -0.15 0.23 2.28
CA SER A 41 -1.05 -0.40 3.23
C SER A 41 -1.94 0.65 3.88
N THR A 42 -3.02 0.19 4.50
CA THR A 42 -3.97 1.06 5.16
C THR A 42 -4.03 0.77 6.66
N THR A 43 -3.71 -0.46 7.03
CA THR A 43 -3.74 -0.89 8.42
C THR A 43 -2.34 -0.97 9.01
N TYR A 44 -1.35 -0.39 8.30
CA TYR A 44 0.04 -0.42 8.73
C TYR A 44 0.63 -1.81 8.56
N ASN A 45 0.12 -2.79 9.31
CA ASN A 45 0.59 -4.16 9.21
C ASN A 45 -0.15 -4.86 8.07
N PHE A 46 0.53 -5.04 6.95
CA PHE A 46 -0.08 -5.66 5.77
C PHE A 46 -0.18 -7.18 5.91
N GLU A 47 0.74 -7.78 6.63
CA GLU A 47 0.78 -9.20 6.82
C GLU A 47 -0.39 -9.78 7.60
N LYS A 48 -0.72 -9.16 8.73
CA LYS A 48 -1.81 -9.68 9.57
C LYS A 48 -3.18 -9.18 9.14
N ASP A 49 -3.28 -7.91 8.75
CA ASP A 49 -4.57 -7.36 8.33
C ASP A 49 -4.87 -7.67 6.86
N GLY A 50 -3.97 -7.28 5.97
CA GLY A 50 -4.16 -7.56 4.57
C GLY A 50 -4.85 -6.46 3.80
N LYS A 51 -5.00 -5.28 4.40
CA LYS A 51 -5.64 -4.17 3.72
C LYS A 51 -4.60 -3.36 2.94
N TYR A 52 -4.77 -3.31 1.63
CA TYR A 52 -3.84 -2.60 0.76
C TYR A 52 -4.55 -2.00 -0.43
N GLY A 53 -3.80 -1.24 -1.21
CA GLY A 53 -4.33 -0.62 -2.39
C GLY A 53 -3.22 -0.07 -3.26
N PHE A 54 -3.48 0.11 -4.54
CA PHE A 54 -2.47 0.63 -5.45
C PHE A 54 -2.51 2.14 -5.52
N CYS A 55 -1.35 2.75 -5.70
CA CYS A 55 -1.27 4.20 -5.78
C CYS A 55 -1.42 4.62 -7.24
N PRO A 56 -2.37 5.52 -7.53
CA PRO A 56 -2.62 5.99 -8.90
C PRO A 56 -1.44 6.77 -9.46
N HIS A 57 -0.78 6.20 -10.45
CA HIS A 57 0.36 6.85 -11.07
C HIS A 57 -0.02 7.36 -12.46
N GLU A 58 0.68 8.38 -12.91
CA GLU A 58 0.40 8.97 -14.20
C GLU A 58 1.23 8.27 -15.29
N ALA A 59 2.45 7.89 -14.92
CA ALA A 59 3.36 7.20 -15.83
C ALA A 59 4.50 6.53 -15.06
N ARG A 1 -1.22 12.47 2.68
CA ARG A 1 -1.69 11.08 2.78
C ARG A 1 -2.58 10.74 1.57
N ILE A 2 -1.94 10.26 0.50
CA ILE A 2 -2.65 9.90 -0.73
C ILE A 2 -3.68 8.81 -0.51
N PRO A 3 -4.70 8.81 -1.37
CA PRO A 3 -5.81 7.84 -1.33
C PRO A 3 -5.44 6.43 -1.77
N VAL A 4 -6.47 5.60 -1.93
CA VAL A 4 -6.33 4.23 -2.38
C VAL A 4 -7.26 4.02 -3.57
N LYS A 5 -6.90 3.15 -4.50
CA LYS A 5 -7.75 2.94 -5.67
C LYS A 5 -8.08 1.46 -5.90
N TYR A 6 -7.13 0.71 -6.42
CA TYR A 6 -7.38 -0.70 -6.72
C TYR A 6 -6.83 -1.61 -5.64
N GLY A 7 -7.47 -2.76 -5.49
CA GLY A 7 -7.07 -3.72 -4.48
C GLY A 7 -8.25 -4.19 -3.67
N ASN A 8 -8.01 -4.64 -2.45
CA ASN A 8 -9.10 -5.11 -1.60
C ASN A 8 -9.46 -4.10 -0.52
N ALA A 9 -9.02 -2.85 -0.71
CA ALA A 9 -9.30 -1.77 0.22
C ALA A 9 -10.39 -0.88 -0.37
N ASP A 10 -10.78 0.15 0.37
CA ASP A 10 -11.79 1.08 -0.10
C ASP A 10 -11.19 2.46 -0.28
N GLY A 11 -11.98 3.49 -0.04
CA GLY A 11 -11.50 4.85 -0.19
C GLY A 11 -10.67 5.33 1.00
N GLU A 12 -9.68 4.53 1.40
CA GLU A 12 -8.81 4.89 2.50
C GLU A 12 -7.61 5.65 1.99
N TYR A 13 -6.62 5.85 2.84
CA TYR A 13 -5.42 6.57 2.45
C TYR A 13 -4.19 5.80 2.94
N CYS A 14 -3.12 5.86 2.15
CA CYS A 14 -1.88 5.15 2.47
C CYS A 14 -1.33 5.50 3.84
N LYS A 15 -0.89 4.47 4.55
CA LYS A 15 -0.30 4.63 5.87
C LYS A 15 1.22 4.77 5.72
N PHE A 16 1.74 5.93 6.08
CA PHE A 16 3.18 6.16 5.97
C PHE A 16 3.78 6.52 7.32
N PRO A 17 4.76 5.73 7.78
CA PRO A 17 5.26 4.57 7.04
C PRO A 17 4.47 3.31 7.35
N PHE A 18 4.60 2.30 6.49
CA PHE A 18 3.90 1.04 6.71
C PHE A 18 4.92 -0.09 6.80
N LEU A 19 4.58 -1.11 7.57
CA LEU A 19 5.47 -2.25 7.79
C LEU A 19 5.23 -3.37 6.79
N PHE A 20 6.30 -3.73 6.09
CA PHE A 20 6.25 -4.82 5.13
C PHE A 20 7.41 -5.77 5.38
N ASN A 21 7.12 -6.92 5.98
CA ASN A 21 8.14 -7.93 6.27
C ASN A 21 9.32 -7.37 7.07
N GLY A 22 9.05 -6.44 7.96
CA GLY A 22 10.10 -5.86 8.79
C GLY A 22 10.67 -4.57 8.26
N LYS A 23 10.28 -4.17 7.06
CA LYS A 23 10.79 -2.93 6.49
C LYS A 23 9.70 -1.88 6.46
N GLU A 24 10.07 -0.63 6.71
CA GLU A 24 9.12 0.48 6.72
C GLU A 24 9.23 1.29 5.43
N TYR A 25 8.08 1.60 4.84
CA TYR A 25 8.07 2.37 3.60
C TYR A 25 7.41 3.73 3.80
N ASN A 26 8.14 4.77 3.42
CA ASN A 26 7.63 6.14 3.53
C ASN A 26 6.87 6.50 2.27
N SER A 27 6.93 5.62 1.30
CA SER A 27 6.25 5.81 0.03
C SER A 27 5.73 4.47 -0.47
N CYS A 28 5.05 4.49 -1.60
CA CYS A 28 4.50 3.27 -2.18
C CYS A 28 5.61 2.47 -2.87
N THR A 29 5.59 1.16 -2.68
CA THR A 29 6.60 0.30 -3.27
C THR A 29 5.96 -0.76 -4.16
N ASP A 30 6.75 -1.36 -5.06
CA ASP A 30 6.26 -2.41 -5.93
C ASP A 30 6.71 -3.76 -5.41
N THR A 31 7.23 -3.75 -4.19
CA THR A 31 7.72 -4.97 -3.54
C THR A 31 6.56 -5.94 -3.32
N GLY A 32 6.78 -7.20 -3.64
CA GLY A 32 5.73 -8.19 -3.49
C GLY A 32 4.85 -8.27 -4.73
N ARG A 33 4.90 -7.22 -5.53
CA ARG A 33 4.12 -7.13 -6.76
C ARG A 33 5.01 -7.45 -7.97
N SER A 34 4.52 -8.31 -8.85
CA SER A 34 5.29 -8.68 -10.03
C SER A 34 4.98 -7.74 -11.20
N ASP A 35 3.96 -6.92 -11.05
CA ASP A 35 3.55 -6.01 -12.11
C ASP A 35 4.22 -4.64 -12.00
N GLY A 36 5.05 -4.48 -10.99
CA GLY A 36 5.73 -3.22 -10.78
C GLY A 36 4.76 -2.10 -10.40
N PHE A 37 3.71 -2.45 -9.67
CA PHE A 37 2.73 -1.45 -9.26
C PHE A 37 2.99 -1.01 -7.84
N LEU A 38 2.95 0.30 -7.61
CA LEU A 38 3.19 0.86 -6.29
C LEU A 38 1.94 0.71 -5.42
N TRP A 39 2.10 0.09 -4.27
CA TRP A 39 0.99 -0.12 -3.36
C TRP A 39 1.36 0.36 -1.96
N CYS A 40 0.38 0.36 -1.07
CA CYS A 40 0.58 0.78 0.31
C CYS A 40 -0.41 0.06 1.20
N SER A 41 -0.17 0.07 2.50
CA SER A 41 -1.09 -0.57 3.42
C SER A 41 -1.84 0.50 4.19
N THR A 42 -2.95 0.13 4.78
CA THR A 42 -3.77 1.07 5.53
C THR A 42 -3.72 0.74 7.02
N THR A 43 -3.22 -0.45 7.33
CA THR A 43 -3.12 -0.90 8.71
C THR A 43 -1.68 -1.02 9.16
N TYR A 44 -0.80 -0.23 8.55
CA TYR A 44 0.63 -0.25 8.86
C TYR A 44 1.24 -1.59 8.44
N ASN A 45 1.00 -2.63 9.23
CA ASN A 45 1.51 -3.96 8.92
C ASN A 45 0.52 -4.65 8.00
N PHE A 46 0.96 -4.94 6.79
CA PHE A 46 0.12 -5.59 5.77
C PHE A 46 -0.33 -6.98 6.20
N GLU A 47 0.62 -7.77 6.66
CA GLU A 47 0.38 -9.16 7.07
C GLU A 47 -0.73 -9.34 8.11
N LYS A 48 -0.71 -8.53 9.16
CA LYS A 48 -1.68 -8.68 10.25
C LYS A 48 -3.14 -8.42 9.83
N ASP A 49 -3.40 -7.48 8.92
CA ASP A 49 -4.77 -7.20 8.50
C ASP A 49 -5.07 -7.76 7.12
N GLY A 50 -4.28 -7.37 6.13
CA GLY A 50 -4.49 -7.87 4.79
C GLY A 50 -5.09 -6.87 3.84
N LYS A 51 -5.26 -5.63 4.27
CA LYS A 51 -5.82 -4.60 3.41
C LYS A 51 -4.73 -3.82 2.70
N TYR A 52 -4.77 -3.82 1.38
CA TYR A 52 -3.79 -3.13 0.58
C TYR A 52 -4.48 -2.46 -0.60
N GLY A 53 -3.80 -1.49 -1.20
CA GLY A 53 -4.35 -0.82 -2.35
C GLY A 53 -3.27 -0.09 -3.13
N PHE A 54 -3.58 0.26 -4.36
CA PHE A 54 -2.62 0.94 -5.20
C PHE A 54 -2.80 2.44 -5.08
N CYS A 55 -1.69 3.13 -4.87
CA CYS A 55 -1.68 4.59 -4.71
C CYS A 55 -1.98 5.31 -6.02
N PRO A 56 -1.26 5.02 -7.13
CA PRO A 56 -1.51 5.69 -8.40
C PRO A 56 -2.87 5.35 -9.01
N HIS A 57 -3.60 6.38 -9.40
CA HIS A 57 -4.90 6.21 -10.02
C HIS A 57 -4.70 5.79 -11.46
N GLU A 58 -3.74 6.45 -12.11
CA GLU A 58 -3.39 6.18 -13.48
C GLU A 58 -1.89 5.89 -13.57
N ALA A 59 -1.47 5.24 -14.63
CA ALA A 59 -0.06 4.92 -14.81
C ALA A 59 0.31 4.92 -16.28
#